data_8RZJ
#
_entry.id   8RZJ
#
_cell.length_a   218.781
_cell.length_b   106.120
_cell.length_c   164.695
_cell.angle_alpha   90.000
_cell.angle_beta   113.924
_cell.angle_gamma   90.000
#
_symmetry.space_group_name_H-M   'C 1 2 1'
#
loop_
_entity.id
_entity.type
_entity.pdbx_description
1 polymer 'Conserved hypothetical periplasmic protein'
2 non-polymer (1~{R},5~{R},8~{S})-6-oxa-3-azabicyclo[3.2.1]octan-8-ol
3 non-polymer 'CHLORIDE ION'
4 non-polymer 1,2-ETHANEDIOL
5 non-polymer 'TRIETHYLENE GLYCOL'
6 non-polymer 'L(+)-TARTARIC ACID'
7 non-polymer 'SODIUM ION'
8 non-polymer DI(HYDROXYETHYL)ETHER
9 water water
#
_entity_poly.entity_id   1
_entity_poly.type   'polypeptide(L)'
_entity_poly.pdbx_seq_one_letter_code
;MGSSHHHHHHGSLDSPDPIVLENGKLNINIDSKTGCFSVTEKTSGHVWKSDPWENAAGLLTLTDSKGKKQTVNISKSKKI
EVSKTAKNTVSLKFIDPVFEDGSVAKGVSIATELRLDPNNAQLDVEVTEHRSGNFTLYDLRYPARAFSLKTDEDKGAAVI
PQKQGVICPSYIFPMNGGRFCKWDDATYNNKSQGSLELFNNGTGLTMPWWGTYNEKSAVMGIVDVSARPHMQYNINNNGQ
YLFNAKGVMSPYQRIVFLDPIWKLDQEKGKMRISYHFIPGGDYVDMAKVYQKEAKARGHFVSLQEKLKRNPNVNKLPGAI
YFGIYGGYPHYVNMPGMAFTFDELKNIIKTIHDDLRVDKAFVHAWGTFSNFVPHNYPISEALGGPEKLKAAVDLAKSYGY
LYSSYHAYSPMLENDPNFTTDLMQRDAEGKLMNTGSRWARVDPKFQKGLAQKNIEKEISYLGLEADITDITFAAYRENGK
EGRIELAKYIDSFNLVNGTEHGQEQWIPYFDMFEGMTYLEDRPLSVISHPAPLFNLVYHEAIANFGKIQDPDNEVTANGD
FRIKALRSMLFGRGTTIFFAPYEFEGMRPMIEMARDLVSPVHKETFYSELKSHEYLSADYKVQRSRFSSGTEVIANLGPV
AQKIEGGISIPGYGYRIQMKDGSLKTGHFQVSLHMD
;
_entity_poly.pdbx_strand_id   A,B,C,D
#
loop_
_chem_comp.id
_chem_comp.type
_chem_comp.name
_chem_comp.formula
A1H36 non-polymer (1~{R},5~{R},8~{S})-6-oxa-3-azabicyclo[3.2.1]octan-8-ol 'C6 H11 N O2'
CL non-polymer 'CHLORIDE ION' 'Cl -1'
EDO non-polymer 1,2-ETHANEDIOL 'C2 H6 O2'
NA non-polymer 'SODIUM ION' 'Na 1'
PEG non-polymer DI(HYDROXYETHYL)ETHER 'C4 H10 O3'
PGE non-polymer 'TRIETHYLENE GLYCOL' 'C6 H14 O4'
TLA non-polymer 'L(+)-TARTARIC ACID' 'C4 H6 O6'
#
# COMPACT_ATOMS: atom_id res chain seq x y z
N PRO A 18 -39.11 31.93 -5.54
CA PRO A 18 -39.14 31.01 -6.70
C PRO A 18 -40.17 31.45 -7.74
N ILE A 19 -39.70 31.79 -8.94
CA ILE A 19 -40.56 32.27 -10.03
C ILE A 19 -41.32 31.09 -10.62
N VAL A 20 -42.60 31.31 -10.91
CA VAL A 20 -43.47 30.27 -11.44
C VAL A 20 -44.01 30.71 -12.79
N LEU A 21 -43.88 29.84 -13.79
CA LEU A 21 -44.65 29.90 -15.01
C LEU A 21 -45.65 28.74 -15.00
N GLU A 22 -46.88 28.99 -15.46
CA GLU A 22 -47.92 27.99 -15.31
C GLU A 22 -48.96 28.16 -16.40
N ASN A 23 -49.47 27.03 -16.89
CA ASN A 23 -50.70 27.02 -17.67
C ASN A 23 -51.53 25.83 -17.18
N GLY A 24 -52.53 25.43 -17.96
CA GLY A 24 -53.39 24.34 -17.53
C GLY A 24 -52.70 22.98 -17.50
N LYS A 25 -51.58 22.84 -18.21
CA LYS A 25 -50.93 21.55 -18.36
C LYS A 25 -49.60 21.43 -17.63
N LEU A 26 -48.89 22.55 -17.40
CA LEU A 26 -47.57 22.48 -16.82
C LEU A 26 -47.41 23.57 -15.75
N ASN A 27 -46.61 23.25 -14.74
CA ASN A 27 -46.13 24.23 -13.78
C ASN A 27 -44.61 24.23 -13.79
N ILE A 28 -44.02 25.36 -14.16
CA ILE A 28 -42.56 25.53 -14.21
C ILE A 28 -42.13 26.29 -12.96
N ASN A 29 -41.29 25.68 -12.15
CA ASN A 29 -40.81 26.30 -10.92
C ASN A 29 -39.33 26.62 -11.08
N ILE A 30 -38.99 27.91 -11.01
CA ILE A 30 -37.61 28.36 -11.23
C ILE A 30 -37.06 28.93 -9.94
N ASP A 31 -35.86 28.50 -9.58
CA ASP A 31 -35.17 28.96 -8.38
C ASP A 31 -34.41 30.25 -8.67
N SER A 32 -34.70 31.30 -7.87
CA SER A 32 -34.09 32.62 -8.06
C SER A 32 -32.60 32.64 -7.75
N LYS A 33 -32.13 31.76 -6.85
CA LYS A 33 -30.72 31.79 -6.47
C LYS A 33 -29.84 31.07 -7.49
N THR A 34 -30.32 29.95 -8.06
CA THR A 34 -29.50 29.13 -8.95
C THR A 34 -29.91 29.20 -10.42
N GLY A 35 -31.16 29.54 -10.72
CA GLY A 35 -31.68 29.43 -12.07
C GLY A 35 -32.15 28.04 -12.45
N CYS A 36 -31.93 27.04 -11.59
CA CYS A 36 -32.47 25.71 -11.83
C CYS A 36 -33.99 25.75 -11.88
N PHE A 37 -34.58 24.82 -12.64
CA PHE A 37 -36.03 24.78 -12.69
C PHE A 37 -36.52 23.35 -12.67
N SER A 38 -37.70 23.17 -12.07
CA SER A 38 -38.44 21.93 -12.13
C SER A 38 -39.70 22.14 -12.96
N VAL A 39 -40.20 21.04 -13.53
CA VAL A 39 -41.40 21.05 -14.35
C VAL A 39 -42.36 20.02 -13.79
N THR A 40 -43.53 20.47 -13.36
CA THR A 40 -44.59 19.58 -12.91
C THR A 40 -45.57 19.37 -14.05
N GLU A 41 -45.74 18.12 -14.46
CA GLU A 41 -46.69 17.79 -15.51
C GLU A 41 -48.01 17.45 -14.83
N LYS A 42 -48.98 18.36 -14.95
CA LYS A 42 -50.13 18.37 -14.05
C LYS A 42 -51.13 17.24 -14.31
N THR A 43 -51.13 16.64 -15.51
CA THR A 43 -52.08 15.56 -15.77
C THR A 43 -51.71 14.31 -14.98
N SER A 44 -50.43 13.91 -15.02
CA SER A 44 -49.95 12.80 -14.22
C SER A 44 -49.50 13.22 -12.83
N GLY A 45 -49.15 14.49 -12.64
CA GLY A 45 -48.53 14.92 -11.41
C GLY A 45 -47.04 14.63 -11.31
N HIS A 46 -46.41 14.13 -12.36
CA HIS A 46 -44.98 13.86 -12.28
C HIS A 46 -44.21 15.17 -12.27
N VAL A 47 -43.19 15.23 -11.42
CA VAL A 47 -42.31 16.40 -11.33
C VAL A 47 -40.95 16.02 -11.92
N TRP A 48 -40.53 16.76 -12.94
CA TRP A 48 -39.17 16.67 -13.46
C TRP A 48 -38.27 17.58 -12.62
N LYS A 49 -37.34 16.99 -11.90
CA LYS A 49 -36.50 17.79 -11.01
C LYS A 49 -35.33 18.38 -11.76
N SER A 50 -34.71 19.41 -11.17
CA SER A 50 -33.49 19.95 -11.73
C SER A 50 -32.30 19.09 -11.31
N ASP A 51 -31.10 19.49 -11.75
CA ASP A 51 -29.85 18.74 -11.56
C ASP A 51 -29.79 18.10 -10.18
N PRO A 52 -29.94 16.78 -10.08
CA PRO A 52 -29.93 16.14 -8.76
C PRO A 52 -28.55 16.08 -8.12
N TRP A 53 -27.49 16.39 -8.85
CA TRP A 53 -26.13 16.19 -8.35
C TRP A 53 -25.56 17.43 -7.69
N GLU A 54 -25.50 18.55 -8.42
CA GLU A 54 -24.82 19.75 -7.97
C GLU A 54 -25.70 21.00 -8.00
N ASN A 55 -27.00 20.85 -8.24
CA ASN A 55 -27.90 22.01 -8.39
C ASN A 55 -27.38 23.00 -9.42
N ALA A 56 -26.89 22.48 -10.55
CA ALA A 56 -26.33 23.29 -11.62
C ALA A 56 -27.39 23.53 -12.69
N ALA A 57 -27.70 24.81 -12.92
CA ALA A 57 -28.58 25.14 -14.04
C ALA A 57 -27.91 24.86 -15.38
N GLY A 58 -26.58 24.99 -15.43
CA GLY A 58 -25.81 24.79 -16.65
C GLY A 58 -24.36 24.53 -16.33
N LEU A 59 -23.66 23.92 -17.29
CA LEU A 59 -22.25 23.57 -17.13
C LEU A 59 -21.46 24.18 -18.28
N LEU A 60 -20.60 25.14 -17.96
CA LEU A 60 -19.90 25.94 -18.96
C LEU A 60 -18.42 25.56 -18.97
N THR A 61 -17.93 25.22 -20.15
CA THR A 61 -16.53 24.91 -20.37
C THR A 61 -15.83 26.11 -20.98
N LEU A 62 -14.86 26.67 -20.27
CA LEU A 62 -14.15 27.87 -20.68
C LEU A 62 -12.72 27.85 -20.16
N THR A 63 -11.89 28.70 -20.75
CA THR A 63 -10.51 28.84 -20.30
C THR A 63 -10.44 29.80 -19.12
N ASP A 64 -9.46 29.57 -18.25
CA ASP A 64 -9.28 30.41 -17.07
C ASP A 64 -8.24 31.50 -17.37
N SER A 65 -7.86 32.25 -16.33
CA SER A 65 -6.89 33.34 -16.49
C SER A 65 -5.52 32.85 -16.95
N LYS A 66 -5.20 31.58 -16.70
CA LYS A 66 -3.96 30.97 -17.16
C LYS A 66 -4.14 30.18 -18.45
N GLY A 67 -5.34 30.22 -19.05
CA GLY A 67 -5.57 29.52 -20.31
C GLY A 67 -5.89 28.05 -20.19
N LYS A 68 -6.25 27.56 -19.01
CA LYS A 68 -6.60 26.15 -18.84
C LYS A 68 -8.10 25.97 -19.02
N LYS A 69 -8.47 25.00 -19.87
CA LYS A 69 -9.88 24.64 -19.99
C LYS A 69 -10.41 24.17 -18.65
N GLN A 70 -11.53 24.75 -18.23
CA GLN A 70 -12.21 24.31 -17.01
C GLN A 70 -13.72 24.30 -17.26
N THR A 71 -14.42 23.49 -16.48
CA THR A 71 -15.88 23.39 -16.53
C THR A 71 -16.46 23.86 -15.21
N VAL A 72 -17.38 24.82 -15.27
CA VAL A 72 -17.92 25.46 -14.07
C VAL A 72 -19.44 25.30 -14.02
N ASN A 73 -19.95 25.26 -12.79
CA ASN A 73 -21.38 25.33 -12.51
C ASN A 73 -21.81 26.80 -12.59
N ILE A 74 -22.57 27.16 -13.63
CA ILE A 74 -22.95 28.56 -13.78
C ILE A 74 -23.91 29.05 -12.72
N SER A 75 -24.54 28.14 -11.96
CA SER A 75 -25.30 28.56 -10.78
C SER A 75 -24.40 29.07 -9.66
N LYS A 76 -23.08 28.93 -9.78
CA LYS A 76 -22.13 29.51 -8.84
C LYS A 76 -21.62 30.87 -9.31
N SER A 77 -22.28 31.50 -10.28
CA SER A 77 -21.78 32.76 -10.80
C SER A 77 -21.94 33.86 -9.76
N LYS A 78 -21.11 34.91 -9.89
CA LYS A 78 -21.13 36.00 -8.92
C LYS A 78 -22.51 36.65 -8.82
N LYS A 79 -23.19 36.83 -9.96
CA LYS A 79 -24.54 37.40 -9.99
C LYS A 79 -25.43 36.56 -10.89
N ILE A 80 -26.63 36.25 -10.41
CA ILE A 80 -27.65 35.55 -11.18
C ILE A 80 -28.94 36.33 -11.08
N GLU A 81 -29.49 36.71 -12.23
CA GLU A 81 -30.72 37.48 -12.31
C GLU A 81 -31.82 36.62 -12.94
N VAL A 82 -32.94 36.48 -12.25
CA VAL A 82 -34.07 35.71 -12.75
C VAL A 82 -35.29 36.60 -12.63
N SER A 83 -35.83 37.03 -13.77
CA SER A 83 -36.96 37.93 -13.79
C SER A 83 -38.02 37.43 -14.76
N LYS A 84 -39.28 37.51 -14.33
CA LYS A 84 -40.40 37.23 -15.23
C LYS A 84 -40.58 38.44 -16.14
N THR A 85 -40.19 38.30 -17.41
CA THR A 85 -40.12 39.44 -18.31
C THR A 85 -41.26 39.49 -19.31
N ALA A 86 -42.14 38.50 -19.30
CA ALA A 86 -43.40 38.54 -20.03
C ALA A 86 -44.35 37.58 -19.33
N LYS A 87 -45.57 37.48 -19.84
CA LYS A 87 -46.57 36.61 -19.21
C LYS A 87 -46.04 35.17 -19.09
N ASN A 88 -45.39 34.66 -20.13
CA ASN A 88 -44.95 33.27 -20.12
C ASN A 88 -43.47 33.15 -20.46
N THR A 89 -42.68 34.16 -20.10
CA THR A 89 -41.25 34.13 -20.30
C THR A 89 -40.52 34.47 -19.01
N VAL A 90 -39.55 33.64 -18.66
CA VAL A 90 -38.59 33.96 -17.62
C VAL A 90 -37.24 34.17 -18.28
N SER A 91 -36.57 35.25 -17.94
N SER A 91 -36.59 35.27 -17.96
CA SER A 91 -35.26 35.59 -18.47
CA SER A 91 -35.26 35.58 -18.46
C SER A 91 -34.23 35.40 -17.37
C SER A 91 -34.26 35.34 -17.35
N LEU A 92 -33.15 34.69 -17.70
CA LEU A 92 -32.10 34.39 -16.74
C LEU A 92 -30.79 34.94 -17.27
N LYS A 93 -30.01 35.53 -16.37
CA LYS A 93 -28.65 35.96 -16.69
C LYS A 93 -27.70 35.46 -15.63
N PHE A 94 -26.62 34.82 -16.07
CA PHE A 94 -25.53 34.31 -15.22
C PHE A 94 -24.29 35.14 -15.50
N ILE A 95 -23.87 35.94 -14.52
CA ILE A 95 -22.82 36.93 -14.69
C ILE A 95 -21.61 36.54 -13.85
N ASP A 96 -20.45 36.44 -14.50
CA ASP A 96 -19.16 36.23 -13.85
C ASP A 96 -19.11 34.87 -13.14
N PRO A 97 -18.85 33.80 -13.87
CA PRO A 97 -18.70 32.49 -13.25
C PRO A 97 -17.45 32.44 -12.39
N VAL A 98 -17.48 31.55 -11.40
CA VAL A 98 -16.41 31.39 -10.44
C VAL A 98 -15.75 30.04 -10.68
N PHE A 99 -14.41 30.04 -10.74
CA PHE A 99 -13.65 28.84 -11.00
C PHE A 99 -13.46 28.03 -9.72
N GLU A 100 -12.79 26.88 -9.86
CA GLU A 100 -12.56 26.00 -8.73
C GLU A 100 -11.63 26.64 -7.71
N ASP A 101 -10.61 27.35 -8.17
CA ASP A 101 -9.69 27.98 -7.24
C ASP A 101 -10.33 29.16 -6.51
N GLY A 102 -11.44 29.69 -7.01
CA GLY A 102 -12.06 30.89 -6.46
C GLY A 102 -11.86 32.14 -7.30
N SER A 103 -11.03 32.08 -8.34
CA SER A 103 -10.90 33.20 -9.27
C SER A 103 -12.20 33.39 -10.05
N VAL A 104 -12.45 34.63 -10.45
CA VAL A 104 -13.67 35.01 -11.15
C VAL A 104 -13.37 35.16 -12.63
N ALA A 105 -14.31 34.68 -13.47
CA ALA A 105 -14.27 34.95 -14.91
C ALA A 105 -15.00 36.28 -15.17
N LYS A 106 -14.32 37.36 -14.79
CA LYS A 106 -14.89 38.70 -14.93
C LYS A 106 -15.19 39.01 -16.40
N GLY A 107 -16.41 39.48 -16.67
CA GLY A 107 -16.83 39.82 -18.02
C GLY A 107 -17.50 38.70 -18.79
N VAL A 108 -17.57 37.50 -18.25
CA VAL A 108 -18.26 36.40 -18.91
C VAL A 108 -19.71 36.40 -18.45
N SER A 109 -20.63 36.21 -19.39
CA SER A 109 -22.03 36.09 -19.00
C SER A 109 -22.78 35.17 -19.96
N ILE A 110 -23.86 34.58 -19.45
CA ILE A 110 -24.74 33.72 -20.21
C ILE A 110 -26.16 34.18 -19.95
N ALA A 111 -26.91 34.46 -21.02
CA ALA A 111 -28.32 34.80 -20.89
C ALA A 111 -29.16 33.71 -21.53
N THR A 112 -30.23 33.32 -20.83
CA THR A 112 -31.15 32.29 -21.31
C THR A 112 -32.59 32.76 -21.13
N GLU A 113 -33.51 32.00 -21.70
CA GLU A 113 -34.94 32.25 -21.54
C GLU A 113 -35.67 30.92 -21.44
N LEU A 114 -36.71 30.91 -20.60
CA LEU A 114 -37.68 29.82 -20.55
C LEU A 114 -39.03 30.40 -20.97
N ARG A 115 -39.63 29.81 -22.00
CA ARG A 115 -40.86 30.33 -22.59
C ARG A 115 -41.89 29.21 -22.59
N LEU A 116 -42.90 29.33 -21.72
CA LEU A 116 -43.97 28.35 -21.68
C LEU A 116 -45.03 28.72 -22.70
N ASP A 117 -45.48 27.74 -23.46
CA ASP A 117 -46.55 27.97 -24.39
C ASP A 117 -47.84 28.31 -23.63
N PRO A 118 -48.61 29.30 -24.11
CA PRO A 118 -49.85 29.67 -23.40
C PRO A 118 -50.82 28.51 -23.17
N ASN A 119 -50.97 27.61 -24.14
CA ASN A 119 -52.00 26.58 -24.07
C ASN A 119 -51.47 25.16 -23.97
N ASN A 120 -50.34 24.85 -24.60
CA ASN A 120 -49.86 23.49 -24.72
C ASN A 120 -48.74 23.19 -23.73
N ALA A 121 -48.53 21.90 -23.50
CA ALA A 121 -47.47 21.42 -22.61
C ALA A 121 -46.15 21.42 -23.40
N GLN A 122 -45.74 22.63 -23.76
CA GLN A 122 -44.48 22.88 -24.46
C GLN A 122 -43.75 24.00 -23.75
N LEU A 123 -42.44 23.81 -23.58
CA LEU A 123 -41.57 24.79 -22.95
C LEU A 123 -40.35 24.97 -23.85
N ASP A 124 -40.14 26.17 -24.37
CA ASP A 124 -38.94 26.46 -25.13
C ASP A 124 -37.85 26.95 -24.19
N VAL A 125 -36.63 26.45 -24.42
CA VAL A 125 -35.45 26.84 -23.65
C VAL A 125 -34.39 27.31 -24.64
N GLU A 126 -33.85 28.51 -24.42
CA GLU A 126 -32.93 29.07 -25.40
C GLU A 126 -31.80 29.80 -24.70
N VAL A 127 -30.59 29.57 -25.19
CA VAL A 127 -29.44 30.38 -24.83
C VAL A 127 -29.43 31.57 -25.79
N THR A 128 -29.85 32.74 -25.28
CA THR A 128 -30.03 33.91 -26.12
C THR A 128 -28.76 34.73 -26.30
N GLU A 129 -27.82 34.65 -25.38
CA GLU A 129 -26.65 35.51 -25.47
C GLU A 129 -25.55 34.98 -24.55
N HIS A 130 -24.32 35.00 -25.06
CA HIS A 130 -23.14 34.71 -24.27
C HIS A 130 -22.06 35.74 -24.57
N ARG A 131 -21.38 36.21 -23.52
CA ARG A 131 -20.26 37.14 -23.64
C ARG A 131 -19.03 36.51 -23.03
N SER A 132 -17.90 36.61 -23.75
N SER A 132 -17.89 36.62 -23.74
CA SER A 132 -16.66 35.92 -23.40
CA SER A 132 -16.69 35.90 -23.35
C SER A 132 -15.67 36.78 -22.63
C SER A 132 -15.64 36.77 -22.64
N GLY A 133 -15.69 38.10 -22.81
CA GLY A 133 -14.65 38.91 -22.22
C GLY A 133 -13.31 38.55 -22.84
N ASN A 134 -12.28 38.41 -22.00
CA ASN A 134 -10.96 37.97 -22.45
C ASN A 134 -10.79 36.45 -22.40
N PHE A 135 -11.81 35.72 -21.96
CA PHE A 135 -11.75 34.27 -21.94
C PHE A 135 -12.32 33.70 -23.24
N THR A 136 -12.23 32.39 -23.39
CA THR A 136 -12.81 31.68 -24.52
C THR A 136 -13.84 30.68 -24.02
N LEU A 137 -15.04 30.72 -24.59
CA LEU A 137 -16.12 29.83 -24.20
C LEU A 137 -16.21 28.67 -25.19
N TYR A 138 -16.37 27.46 -24.65
CA TYR A 138 -16.42 26.27 -25.48
C TYR A 138 -17.81 25.66 -25.34
N ASP A 139 -17.99 24.64 -24.51
CA ASP A 139 -19.24 23.92 -24.40
C ASP A 139 -20.11 24.49 -23.30
N LEU A 140 -21.41 24.56 -23.58
CA LEU A 140 -22.42 24.87 -22.57
C LEU A 140 -23.44 23.74 -22.56
N ARG A 141 -23.53 23.04 -21.44
CA ARG A 141 -24.63 22.11 -21.20
C ARG A 141 -25.78 22.91 -20.58
N TYR A 142 -26.85 23.10 -21.33
CA TYR A 142 -27.98 23.85 -20.80
C TYR A 142 -29.29 23.40 -21.45
N PRO A 143 -30.29 22.99 -20.65
CA PRO A 143 -30.20 22.89 -19.19
C PRO A 143 -29.44 21.63 -18.77
N ALA A 144 -28.75 21.70 -17.63
CA ALA A 144 -27.81 20.66 -17.21
C ALA A 144 -28.53 19.58 -16.41
N ARG A 145 -28.33 18.33 -16.81
CA ARG A 145 -28.81 17.16 -16.08
C ARG A 145 -30.28 17.33 -15.68
N ALA A 146 -31.07 17.80 -16.64
CA ALA A 146 -32.49 18.05 -16.49
C ALA A 146 -33.27 16.83 -16.97
N PHE A 147 -34.55 16.79 -16.56
CA PHE A 147 -35.48 15.74 -16.98
C PHE A 147 -34.92 14.35 -16.74
N SER A 148 -34.28 14.17 -15.59
CA SER A 148 -33.60 12.91 -15.32
C SER A 148 -34.55 11.87 -14.75
N LEU A 149 -34.12 10.62 -14.86
CA LEU A 149 -34.77 9.47 -14.25
C LEU A 149 -33.87 8.93 -13.16
N LYS A 150 -34.46 8.55 -12.03
CA LYS A 150 -33.72 7.99 -10.91
C LYS A 150 -33.61 6.49 -11.10
N THR A 151 -32.38 5.99 -11.25
CA THR A 151 -32.15 4.60 -11.58
C THR A 151 -32.78 3.66 -10.56
N ASP A 152 -33.51 2.66 -11.05
CA ASP A 152 -34.20 1.65 -10.26
C ASP A 152 -35.33 2.24 -9.43
N GLU A 153 -35.68 3.50 -9.66
CA GLU A 153 -36.85 4.11 -9.05
C GLU A 153 -37.89 4.44 -10.10
N ASP A 154 -37.57 5.35 -11.03
CA ASP A 154 -38.32 5.44 -12.27
C ASP A 154 -38.10 4.19 -13.11
N LYS A 155 -39.18 3.56 -13.56
CA LYS A 155 -39.11 2.46 -14.52
C LYS A 155 -39.50 3.04 -15.87
N GLY A 156 -38.51 3.22 -16.73
CA GLY A 156 -38.70 3.90 -17.99
C GLY A 156 -37.41 3.87 -18.76
N ALA A 157 -37.14 4.91 -19.54
CA ALA A 157 -35.98 4.85 -20.40
C ALA A 157 -35.67 6.23 -20.95
N ALA A 158 -34.39 6.43 -21.29
CA ALA A 158 -33.99 7.45 -22.24
C ALA A 158 -34.29 6.98 -23.65
N VAL A 159 -34.58 7.94 -24.53
CA VAL A 159 -34.97 7.68 -25.91
C VAL A 159 -34.02 8.45 -26.81
N ILE A 160 -33.25 7.73 -27.63
CA ILE A 160 -32.16 8.32 -28.40
C ILE A 160 -32.22 7.86 -29.85
N PRO A 161 -32.46 8.76 -30.82
CA PRO A 161 -32.48 8.38 -32.24
C PRO A 161 -31.07 8.24 -32.82
N GLN A 162 -30.29 7.34 -32.21
CA GLN A 162 -28.99 6.91 -32.70
C GLN A 162 -29.22 5.97 -33.88
N LYS A 163 -28.99 6.46 -35.09
CA LYS A 163 -29.31 5.79 -36.35
C LYS A 163 -30.79 5.40 -36.35
N GLN A 164 -31.13 4.11 -36.51
CA GLN A 164 -32.55 3.74 -36.46
C GLN A 164 -33.18 4.08 -35.11
N GLY A 165 -32.42 4.02 -34.02
CA GLY A 165 -32.93 4.41 -32.71
C GLY A 165 -32.75 3.36 -31.62
N VAL A 166 -32.61 3.84 -30.37
CA VAL A 166 -32.49 2.95 -29.21
C VAL A 166 -33.25 3.58 -28.05
N ILE A 167 -33.62 2.74 -27.09
CA ILE A 167 -34.00 3.19 -25.76
C ILE A 167 -33.04 2.58 -24.75
N CYS A 168 -32.84 3.29 -23.63
CA CYS A 168 -31.93 2.89 -22.55
C CYS A 168 -32.70 2.83 -21.24
N PRO A 169 -33.10 1.65 -20.79
CA PRO A 169 -33.88 1.54 -19.55
C PRO A 169 -33.15 2.18 -18.36
N SER A 170 -33.97 2.76 -17.48
CA SER A 170 -33.50 3.44 -16.27
C SER A 170 -33.53 2.54 -15.05
N TYR A 171 -33.44 1.23 -15.25
CA TYR A 171 -33.55 0.26 -14.17
C TYR A 171 -32.99 -1.06 -14.69
N ILE A 172 -32.51 -1.90 -13.75
CA ILE A 172 -31.97 -3.21 -14.12
C ILE A 172 -33.11 -4.22 -14.20
N PHE A 173 -33.00 -5.17 -15.12
CA PHE A 173 -34.08 -6.04 -15.51
C PHE A 173 -33.50 -7.39 -15.91
N PRO A 174 -34.28 -8.46 -15.91
CA PRO A 174 -33.72 -9.78 -16.25
C PRO A 174 -33.33 -9.85 -17.72
N MET A 175 -32.21 -10.51 -17.99
CA MET A 175 -31.77 -10.73 -19.36
C MET A 175 -30.74 -11.85 -19.32
N ASN A 176 -30.24 -12.22 -20.49
CA ASN A 176 -29.22 -13.26 -20.55
C ASN A 176 -28.05 -12.90 -19.64
N GLY A 177 -27.50 -13.91 -18.96
CA GLY A 177 -26.47 -13.66 -17.97
C GLY A 177 -25.28 -12.90 -18.52
N GLY A 178 -24.83 -13.25 -19.73
CA GLY A 178 -23.72 -12.53 -20.33
C GLY A 178 -24.06 -11.09 -20.67
N ARG A 179 -25.22 -10.88 -21.31
CA ARG A 179 -25.70 -9.52 -21.54
C ARG A 179 -25.81 -8.74 -20.24
N PHE A 180 -26.38 -9.38 -19.21
CA PHE A 180 -26.60 -8.73 -17.92
C PHE A 180 -25.29 -8.21 -17.33
N CYS A 181 -24.24 -9.03 -17.39
CA CYS A 181 -22.96 -8.59 -16.83
C CYS A 181 -22.40 -7.40 -17.61
N LYS A 182 -22.47 -7.44 -18.95
CA LYS A 182 -21.96 -6.31 -19.73
C LYS A 182 -22.83 -5.06 -19.53
N TRP A 183 -24.15 -5.25 -19.49
CA TRP A 183 -25.09 -4.15 -19.27
C TRP A 183 -24.80 -3.42 -17.96
N ASP A 184 -24.89 -4.15 -16.85
CA ASP A 184 -24.71 -3.55 -15.54
C ASP A 184 -23.32 -2.94 -15.39
N ASP A 185 -22.28 -3.65 -15.86
CA ASP A 185 -20.92 -3.11 -15.74
C ASP A 185 -20.80 -1.76 -16.45
N ALA A 186 -21.45 -1.63 -17.61
CA ALA A 186 -21.36 -0.37 -18.36
C ALA A 186 -21.98 0.80 -17.61
N THR A 187 -22.97 0.55 -16.77
CA THR A 187 -23.54 1.66 -16.02
C THR A 187 -22.62 2.15 -14.91
N TYR A 188 -21.51 1.45 -14.65
CA TYR A 188 -20.53 1.84 -13.63
C TYR A 188 -19.18 2.24 -14.24
N ASN A 189 -19.08 2.41 -15.55
CA ASN A 189 -17.82 2.84 -16.13
C ASN A 189 -18.13 3.79 -17.28
N ASN A 190 -17.09 4.16 -18.03
CA ASN A 190 -17.24 5.25 -18.98
C ASN A 190 -18.06 4.88 -20.19
N LYS A 191 -18.47 3.61 -20.32
CA LYS A 191 -19.31 3.28 -21.46
C LYS A 191 -20.68 3.93 -21.38
N SER A 192 -21.11 4.39 -20.21
CA SER A 192 -22.45 4.95 -20.06
C SER A 192 -22.46 6.47 -19.99
N GLN A 193 -21.37 7.14 -20.36
CA GLN A 193 -21.38 8.60 -20.44
C GLN A 193 -20.60 9.01 -21.68
N GLY A 194 -21.00 10.13 -22.27
CA GLY A 194 -20.34 10.64 -23.47
C GLY A 194 -21.27 11.57 -24.22
N SER A 195 -20.94 11.81 -25.49
CA SER A 195 -21.79 12.66 -26.33
C SER A 195 -21.86 12.10 -27.73
N LEU A 196 -22.96 12.42 -28.43
CA LEU A 196 -23.16 12.07 -29.83
C LEU A 196 -23.47 13.34 -30.62
N GLU A 197 -23.27 13.28 -31.94
CA GLU A 197 -23.57 14.40 -32.82
C GLU A 197 -24.78 14.10 -33.70
N LEU A 198 -25.31 15.16 -34.31
CA LEU A 198 -26.47 15.06 -35.19
C LEU A 198 -26.06 14.83 -36.64
N PHE A 199 -26.77 13.91 -37.28
CA PHE A 199 -26.85 13.81 -38.75
C PHE A 199 -25.56 13.29 -39.38
N ASN A 200 -24.92 12.34 -38.71
CA ASN A 200 -23.83 11.62 -39.35
C ASN A 200 -24.25 10.17 -39.57
N ASN A 201 -23.46 9.46 -40.38
CA ASN A 201 -23.67 8.06 -40.66
C ASN A 201 -22.85 7.16 -39.75
N GLY A 202 -22.26 7.72 -38.70
CA GLY A 202 -21.48 6.97 -37.74
C GLY A 202 -22.24 6.66 -36.47
N THR A 203 -21.76 7.13 -35.33
CA THR A 203 -22.36 6.82 -34.04
C THR A 203 -23.52 7.74 -33.67
N GLY A 204 -23.86 8.71 -34.52
CA GLY A 204 -24.69 9.83 -34.11
C GLY A 204 -26.18 9.69 -34.39
N LEU A 205 -26.87 10.82 -34.22
CA LEU A 205 -28.32 10.91 -34.25
C LEU A 205 -28.82 11.22 -35.65
N THR A 206 -29.95 10.61 -36.01
CA THR A 206 -30.57 10.86 -37.29
C THR A 206 -31.81 11.74 -37.19
N MET A 207 -32.23 12.10 -35.98
CA MET A 207 -33.33 13.05 -35.81
C MET A 207 -32.95 13.99 -34.69
N PRO A 208 -33.33 15.26 -34.78
CA PRO A 208 -32.88 16.28 -33.82
C PRO A 208 -33.73 16.33 -32.56
N TRP A 209 -33.92 15.19 -31.91
CA TRP A 209 -34.67 15.13 -30.66
C TRP A 209 -34.20 13.97 -29.80
N TRP A 210 -34.55 14.02 -28.52
CA TRP A 210 -34.30 12.93 -27.58
C TRP A 210 -35.19 13.15 -26.38
N GLY A 211 -35.30 12.14 -25.53
CA GLY A 211 -36.26 12.26 -24.44
C GLY A 211 -36.05 11.25 -23.35
N THR A 212 -36.85 11.40 -22.30
CA THR A 212 -36.90 10.47 -21.18
C THR A 212 -38.35 10.22 -20.80
N TYR A 213 -38.64 9.02 -20.31
CA TYR A 213 -39.98 8.75 -19.82
C TYR A 213 -39.91 7.79 -18.65
N ASN A 214 -40.91 7.90 -17.77
CA ASN A 214 -41.14 6.86 -16.78
C ASN A 214 -42.57 6.34 -16.93
N GLU A 215 -43.10 5.70 -15.88
CA GLU A 215 -44.42 5.11 -16.00
C GLU A 215 -45.53 6.14 -15.99
N LYS A 216 -45.24 7.38 -15.59
CA LYS A 216 -46.26 8.42 -15.49
C LYS A 216 -46.25 9.39 -16.67
N SER A 217 -45.07 9.76 -17.15
CA SER A 217 -44.97 10.90 -18.05
C SER A 217 -43.72 10.77 -18.90
N ALA A 218 -43.72 11.48 -20.03
CA ALA A 218 -42.59 11.52 -20.95
C ALA A 218 -42.28 12.98 -21.29
N VAL A 219 -41.01 13.27 -21.55
CA VAL A 219 -40.58 14.57 -22.05
C VAL A 219 -39.60 14.33 -23.18
N MET A 220 -39.72 15.14 -24.23
N MET A 220 -39.70 15.14 -24.23
CA MET A 220 -38.78 15.11 -25.35
CA MET A 220 -38.77 15.08 -25.34
C MET A 220 -38.40 16.53 -25.69
C MET A 220 -38.45 16.50 -25.78
N GLY A 221 -37.21 16.69 -26.27
CA GLY A 221 -36.77 17.99 -26.71
C GLY A 221 -36.44 17.99 -28.18
N ILE A 222 -36.96 18.95 -28.93
CA ILE A 222 -36.66 19.11 -30.36
C ILE A 222 -35.71 20.29 -30.53
N VAL A 223 -34.58 20.04 -31.15
CA VAL A 223 -33.55 21.06 -31.38
C VAL A 223 -33.96 21.93 -32.55
N ASP A 224 -33.80 23.24 -32.39
CA ASP A 224 -34.07 24.20 -33.45
C ASP A 224 -33.38 23.79 -34.75
N VAL A 225 -34.07 24.03 -35.88
CA VAL A 225 -33.59 23.57 -37.17
C VAL A 225 -32.26 24.24 -37.52
N SER A 226 -32.01 25.43 -37.00
CA SER A 226 -30.79 26.14 -37.34
C SER A 226 -29.59 25.74 -36.49
N ALA A 227 -29.76 24.88 -35.49
CA ALA A 227 -28.70 24.63 -34.51
C ALA A 227 -28.13 23.22 -34.65
N ARG A 228 -26.91 23.05 -34.13
CA ARG A 228 -26.23 21.75 -34.14
C ARG A 228 -25.54 21.49 -32.80
N PRO A 229 -26.30 21.43 -31.71
CA PRO A 229 -25.70 20.98 -30.46
C PRO A 229 -25.30 19.53 -30.56
N HIS A 230 -24.45 19.10 -29.64
CA HIS A 230 -24.24 17.69 -29.37
C HIS A 230 -25.20 17.25 -28.27
N MET A 231 -25.29 15.94 -28.06
CA MET A 231 -26.14 15.38 -27.01
C MET A 231 -25.27 14.60 -26.03
N GLN A 232 -25.22 15.08 -24.79
CA GLN A 232 -24.56 14.35 -23.72
C GLN A 232 -25.51 13.29 -23.18
N TYR A 233 -24.99 12.08 -22.97
CA TYR A 233 -25.79 11.03 -22.38
C TYR A 233 -25.14 10.58 -21.07
N ASN A 234 -25.99 10.06 -20.18
CA ASN A 234 -25.55 9.52 -18.90
C ASN A 234 -26.55 8.41 -18.57
N ILE A 235 -26.16 7.16 -18.78
CA ILE A 235 -27.13 6.08 -18.66
C ILE A 235 -26.91 5.31 -17.36
N ASN A 236 -27.63 5.71 -16.31
CA ASN A 236 -27.61 5.09 -14.98
C ASN A 236 -26.25 5.23 -14.30
N ASN A 237 -25.41 6.15 -14.77
CA ASN A 237 -24.11 6.39 -14.17
C ASN A 237 -24.25 7.34 -13.00
N ASN A 238 -23.50 7.10 -11.93
CA ASN A 238 -23.51 7.97 -10.75
C ASN A 238 -22.49 9.11 -10.83
N GLY A 239 -21.94 9.40 -12.00
CA GLY A 239 -20.95 10.48 -12.12
C GLY A 239 -19.55 10.16 -11.64
N GLN A 240 -19.23 8.87 -11.43
CA GLN A 240 -17.88 8.50 -11.03
C GLN A 240 -16.83 9.09 -11.98
N TYR A 241 -17.18 9.24 -13.26
CA TYR A 241 -16.25 9.83 -14.22
C TYR A 241 -15.83 11.25 -13.86
N LEU A 242 -16.62 11.95 -13.05
CA LEU A 242 -16.23 13.28 -12.62
C LEU A 242 -15.15 13.24 -11.56
N PHE A 243 -14.93 12.07 -10.93
CA PHE A 243 -14.08 11.99 -9.77
C PHE A 243 -12.90 11.06 -9.93
N ASN A 244 -12.81 10.30 -11.03
CA ASN A 244 -11.72 9.35 -11.17
C ASN A 244 -10.36 10.03 -11.13
N ALA A 245 -10.24 11.22 -11.74
CA ALA A 245 -8.95 11.90 -11.74
C ALA A 245 -8.59 12.41 -10.34
N LYS A 246 -9.58 12.73 -9.52
CA LYS A 246 -9.33 13.07 -8.13
C LYS A 246 -9.11 11.84 -7.26
N GLY A 247 -9.36 10.63 -7.76
CA GLY A 247 -9.20 9.45 -6.91
C GLY A 247 -10.09 9.43 -5.69
N VAL A 248 -11.35 9.82 -5.84
CA VAL A 248 -12.35 9.73 -4.77
C VAL A 248 -13.60 9.08 -5.34
N MET A 249 -14.44 8.57 -4.46
CA MET A 249 -15.71 7.96 -4.84
C MET A 249 -16.79 9.03 -5.07
N SER A 250 -17.64 8.80 -6.07
CA SER A 250 -18.73 9.73 -6.33
C SER A 250 -19.75 9.72 -5.19
N PRO A 251 -20.20 10.89 -4.73
CA PRO A 251 -21.30 10.95 -3.77
C PRO A 251 -22.68 11.00 -4.39
N TYR A 252 -22.79 10.90 -5.71
CA TYR A 252 -24.03 11.17 -6.41
C TYR A 252 -24.84 9.89 -6.64
N GLN A 253 -26.12 10.08 -6.93
CA GLN A 253 -27.04 9.00 -7.23
C GLN A 253 -26.96 8.62 -8.70
N ARG A 254 -27.13 7.33 -8.97
CA ARG A 254 -27.28 6.84 -10.33
C ARG A 254 -28.56 7.39 -10.95
N ILE A 255 -28.41 8.03 -12.12
CA ILE A 255 -29.53 8.63 -12.84
C ILE A 255 -29.29 8.48 -14.33
N VAL A 256 -30.36 8.72 -15.09
CA VAL A 256 -30.34 8.79 -16.54
C VAL A 256 -30.64 10.22 -16.92
N PHE A 257 -29.78 10.83 -17.76
CA PHE A 257 -30.12 12.11 -18.33
C PHE A 257 -29.51 12.24 -19.72
N LEU A 258 -30.10 13.12 -20.52
CA LEU A 258 -29.61 13.56 -21.82
C LEU A 258 -29.62 15.08 -21.85
N ASP A 259 -28.49 15.68 -22.22
CA ASP A 259 -28.35 17.13 -22.20
C ASP A 259 -27.97 17.68 -23.57
N PRO A 260 -28.45 18.86 -23.95
CA PRO A 260 -27.86 19.54 -25.10
C PRO A 260 -26.47 20.06 -24.76
N ILE A 261 -25.56 19.97 -25.72
CA ILE A 261 -24.25 20.60 -25.60
C ILE A 261 -24.20 21.68 -26.67
N TRP A 262 -24.35 22.93 -26.26
CA TRP A 262 -24.22 24.05 -27.19
C TRP A 262 -22.75 24.35 -27.40
N LYS A 263 -22.30 24.33 -28.65
CA LYS A 263 -20.89 24.56 -28.99
C LYS A 263 -20.69 26.05 -29.19
N LEU A 264 -20.49 26.76 -28.07
CA LEU A 264 -20.46 28.22 -28.10
C LEU A 264 -19.38 28.76 -29.02
N ASP A 265 -18.27 28.02 -29.19
CA ASP A 265 -17.20 28.47 -30.07
C ASP A 265 -17.53 28.29 -31.56
N GLN A 266 -18.64 27.62 -31.90
CA GLN A 266 -18.90 27.25 -33.30
C GLN A 266 -20.30 27.66 -33.74
N GLU A 267 -21.25 27.67 -32.81
CA GLU A 267 -22.66 27.68 -33.17
C GLU A 267 -23.07 29.06 -33.66
N LYS A 268 -23.61 29.12 -34.88
CA LYS A 268 -24.16 30.36 -35.43
C LYS A 268 -25.67 30.39 -35.48
N GLY A 269 -26.36 29.29 -35.18
CA GLY A 269 -27.82 29.26 -35.22
C GLY A 269 -28.45 29.68 -33.90
N LYS A 270 -29.77 29.53 -33.85
CA LYS A 270 -30.53 29.82 -32.65
C LYS A 270 -30.44 28.64 -31.68
N MET A 271 -29.92 28.90 -30.48
CA MET A 271 -29.62 27.85 -29.51
C MET A 271 -30.86 27.55 -28.67
N ARG A 272 -31.84 26.96 -29.33
CA ARG A 272 -33.17 26.74 -28.76
C ARG A 272 -33.50 25.26 -28.82
N ILE A 273 -34.11 24.75 -27.76
CA ILE A 273 -34.66 23.40 -27.75
C ILE A 273 -36.08 23.48 -27.20
N SER A 274 -37.02 22.85 -27.92
CA SER A 274 -38.45 22.87 -27.56
C SER A 274 -38.78 21.56 -26.87
N TYR A 275 -39.10 21.63 -25.59
CA TYR A 275 -39.51 20.46 -24.83
C TYR A 275 -41.01 20.27 -24.89
N HIS A 276 -41.43 19.05 -25.21
CA HIS A 276 -42.82 18.65 -25.25
C HIS A 276 -43.07 17.61 -24.15
N PHE A 277 -44.18 17.76 -23.44
CA PHE A 277 -44.50 16.96 -22.27
C PHE A 277 -45.74 16.13 -22.54
N ILE A 278 -45.64 14.82 -22.38
CA ILE A 278 -46.71 13.92 -22.80
C ILE A 278 -47.12 13.05 -21.61
N PRO A 279 -48.30 13.28 -21.01
CA PRO A 279 -48.77 12.38 -19.95
C PRO A 279 -48.96 10.96 -20.46
N GLY A 280 -48.44 9.99 -19.71
CA GLY A 280 -48.50 8.59 -20.08
C GLY A 280 -47.76 8.22 -21.36
N GLY A 281 -46.88 9.08 -21.85
CA GLY A 281 -46.25 8.82 -23.12
C GLY A 281 -44.99 7.96 -23.00
N ASP A 282 -44.55 7.43 -24.13
CA ASP A 282 -43.24 6.78 -24.22
C ASP A 282 -42.62 7.16 -25.57
N TYR A 283 -41.71 6.30 -26.04
CA TYR A 283 -40.94 6.65 -27.24
C TYR A 283 -41.82 6.74 -28.48
N VAL A 284 -42.91 5.97 -28.51
CA VAL A 284 -43.84 6.05 -29.64
C VAL A 284 -44.46 7.45 -29.72
N ASP A 285 -44.96 7.95 -28.60
CA ASP A 285 -45.58 9.28 -28.56
C ASP A 285 -44.57 10.36 -28.93
N MET A 286 -43.33 10.24 -28.44
CA MET A 286 -42.31 11.21 -28.81
C MET A 286 -42.10 11.22 -30.30
N ALA A 287 -42.01 10.03 -30.91
CA ALA A 287 -41.77 9.95 -32.34
C ALA A 287 -42.90 10.61 -33.12
N LYS A 288 -44.15 10.39 -32.70
CA LYS A 288 -45.28 10.99 -33.38
C LYS A 288 -45.33 12.50 -33.18
N VAL A 289 -44.84 13.00 -32.04
CA VAL A 289 -44.69 14.45 -31.88
C VAL A 289 -43.66 14.98 -32.88
N TYR A 290 -42.52 14.29 -33.01
CA TYR A 290 -41.54 14.77 -33.98
C TYR A 290 -42.06 14.63 -35.40
N GLN A 291 -42.88 13.62 -35.69
CA GLN A 291 -43.39 13.43 -37.04
C GLN A 291 -44.14 14.67 -37.53
N LYS A 292 -44.86 15.34 -36.64
CA LYS A 292 -45.52 16.59 -37.00
C LYS A 292 -44.48 17.65 -37.39
N GLU A 293 -43.38 17.74 -36.64
CA GLU A 293 -42.36 18.74 -36.93
C GLU A 293 -41.59 18.39 -38.21
N ALA A 294 -41.47 17.09 -38.49
CA ALA A 294 -40.77 16.66 -39.70
C ALA A 294 -41.54 17.05 -40.95
N LYS A 295 -42.88 16.97 -40.88
CA LYS A 295 -43.71 17.47 -41.98
C LYS A 295 -43.59 18.99 -42.11
N ALA A 296 -43.59 19.72 -41.00
CA ALA A 296 -43.41 21.16 -41.06
C ALA A 296 -42.05 21.54 -41.66
N ARG A 297 -41.02 20.72 -41.43
CA ARG A 297 -39.70 21.02 -41.93
C ARG A 297 -39.54 20.67 -43.41
N GLY A 298 -40.51 20.00 -44.01
CA GLY A 298 -40.43 19.64 -45.42
C GLY A 298 -39.75 18.31 -45.72
N HIS A 299 -39.35 17.55 -44.71
CA HIS A 299 -38.68 16.27 -44.95
C HIS A 299 -39.63 15.18 -45.45
N PHE A 300 -40.92 15.30 -45.17
CA PHE A 300 -41.84 14.17 -45.27
C PHE A 300 -42.52 14.19 -46.63
N VAL A 301 -42.02 13.39 -47.55
CA VAL A 301 -42.63 13.19 -48.86
C VAL A 301 -42.98 11.72 -48.94
N SER A 302 -44.28 11.41 -48.91
CA SER A 302 -44.71 10.04 -48.66
C SER A 302 -44.42 9.13 -49.84
N LEU A 303 -44.24 7.85 -49.54
CA LEU A 303 -44.06 6.86 -50.60
C LEU A 303 -45.25 6.81 -51.54
N GLN A 304 -46.45 7.18 -51.06
CA GLN A 304 -47.59 7.15 -51.95
C GLN A 304 -47.51 8.26 -53.00
N GLU A 305 -47.00 9.43 -52.61
CA GLU A 305 -46.80 10.48 -53.61
C GLU A 305 -45.66 10.08 -54.56
N LYS A 306 -44.61 9.46 -54.03
CA LYS A 306 -43.55 8.99 -54.91
C LYS A 306 -44.07 7.93 -55.89
N LEU A 307 -45.03 7.12 -55.46
CA LEU A 307 -45.62 6.12 -56.37
C LEU A 307 -46.49 6.79 -57.43
N LYS A 308 -47.26 7.81 -57.03
CA LYS A 308 -48.02 8.58 -58.00
C LYS A 308 -47.10 9.15 -59.07
N ARG A 309 -45.92 9.62 -58.66
CA ARG A 309 -45.00 10.18 -59.65
C ARG A 309 -44.35 9.10 -60.51
N ASN A 310 -44.14 7.91 -59.97
CA ASN A 310 -43.37 6.86 -60.65
C ASN A 310 -43.97 5.50 -60.31
N PRO A 311 -44.81 4.93 -61.17
CA PRO A 311 -45.42 3.62 -60.89
C PRO A 311 -44.43 2.51 -60.55
N ASN A 312 -43.16 2.61 -60.99
CA ASN A 312 -42.22 1.53 -60.73
C ASN A 312 -41.78 1.47 -59.27
N VAL A 313 -42.14 2.46 -58.46
CA VAL A 313 -41.90 2.36 -57.03
C VAL A 313 -42.53 1.08 -56.48
N ASN A 314 -43.59 0.59 -57.12
CA ASN A 314 -44.28 -0.59 -56.64
C ASN A 314 -43.54 -1.88 -56.98
N LYS A 315 -42.38 -1.78 -57.60
CA LYS A 315 -41.48 -2.92 -57.70
C LYS A 315 -40.68 -3.13 -56.42
N LEU A 316 -40.75 -2.20 -55.46
CA LEU A 316 -40.00 -2.31 -54.21
C LEU A 316 -40.70 -3.16 -53.15
N PRO A 317 -42.02 -3.05 -52.95
CA PRO A 317 -42.66 -3.83 -51.88
C PRO A 317 -42.49 -5.33 -52.07
N GLY A 318 -41.96 -5.99 -51.05
CA GLY A 318 -41.66 -7.41 -51.13
C GLY A 318 -40.38 -7.75 -51.88
N ALA A 319 -39.60 -6.77 -52.28
CA ALA A 319 -38.34 -7.04 -52.97
C ALA A 319 -37.21 -7.27 -51.97
N ILE A 320 -36.41 -8.29 -52.25
CA ILE A 320 -35.13 -8.47 -51.56
C ILE A 320 -34.09 -7.62 -52.27
N TYR A 321 -33.31 -6.89 -51.48
CA TYR A 321 -32.20 -6.10 -52.00
C TYR A 321 -30.98 -7.00 -52.09
N PHE A 322 -30.53 -7.30 -53.30
CA PHE A 322 -29.35 -8.12 -53.55
C PHE A 322 -28.18 -7.23 -53.94
N GLY A 323 -27.13 -7.26 -53.13
CA GLY A 323 -25.87 -6.65 -53.50
C GLY A 323 -24.87 -7.70 -53.93
N ILE A 324 -24.57 -7.73 -55.22
CA ILE A 324 -23.57 -8.64 -55.75
C ILE A 324 -22.26 -7.87 -55.76
N TYR A 325 -21.38 -8.18 -54.81
CA TYR A 325 -20.20 -7.36 -54.55
C TYR A 325 -19.00 -7.96 -55.27
N GLY A 326 -18.60 -7.34 -56.38
CA GLY A 326 -17.47 -7.81 -57.17
C GLY A 326 -16.11 -7.21 -56.83
N GLY A 327 -15.93 -6.75 -55.58
CA GLY A 327 -14.68 -6.12 -55.19
C GLY A 327 -14.55 -4.68 -55.62
N TYR A 328 -15.55 -4.14 -56.27
CA TYR A 328 -15.64 -2.77 -56.76
C TYR A 328 -16.58 -2.00 -55.85
N PRO A 329 -16.33 -0.73 -55.49
CA PRO A 329 -15.36 0.22 -56.07
C PRO A 329 -13.92 0.12 -55.59
N HIS A 330 -13.67 -0.76 -54.63
CA HIS A 330 -12.36 -0.83 -53.98
C HIS A 330 -11.27 -1.23 -54.96
N TYR A 331 -11.59 -2.11 -55.90
CA TYR A 331 -10.62 -2.57 -56.88
C TYR A 331 -11.36 -2.76 -58.20
N VAL A 332 -10.63 -2.61 -59.30
CA VAL A 332 -11.17 -2.84 -60.63
C VAL A 332 -10.80 -4.26 -61.04
N ASN A 333 -11.81 -5.04 -61.43
CA ASN A 333 -11.67 -6.44 -61.88
C ASN A 333 -10.75 -7.24 -60.96
N MET A 334 -11.10 -7.30 -59.69
CA MET A 334 -10.25 -8.01 -58.76
C MET A 334 -10.39 -9.52 -58.91
N PRO A 335 -9.28 -10.26 -59.05
CA PRO A 335 -9.37 -11.72 -59.18
C PRO A 335 -9.99 -12.35 -57.95
N GLY A 336 -10.94 -13.26 -58.18
CA GLY A 336 -11.60 -13.95 -57.10
C GLY A 336 -12.81 -13.23 -56.52
N MET A 337 -13.09 -12.01 -56.98
CA MET A 337 -14.20 -11.22 -56.45
C MET A 337 -15.04 -10.69 -57.60
N ALA A 338 -14.40 -10.15 -58.64
CA ALA A 338 -15.13 -9.59 -59.77
C ALA A 338 -15.99 -10.65 -60.44
N PHE A 339 -17.17 -10.25 -60.85
CA PHE A 339 -18.03 -11.10 -61.66
C PHE A 339 -17.99 -10.63 -63.10
N THR A 340 -18.15 -11.58 -64.03
CA THR A 340 -18.44 -11.22 -65.40
C THR A 340 -19.93 -10.92 -65.56
N PHE A 341 -20.27 -10.26 -66.67
CA PHE A 341 -21.68 -9.97 -66.94
C PHE A 341 -22.48 -11.24 -67.22
N ASP A 342 -21.87 -12.23 -67.86
CA ASP A 342 -22.54 -13.53 -67.98
C ASP A 342 -22.79 -14.15 -66.61
N GLU A 343 -21.83 -14.03 -65.69
CA GLU A 343 -22.06 -14.56 -64.34
C GLU A 343 -23.14 -13.77 -63.62
N LEU A 344 -23.14 -12.45 -63.75
CA LEU A 344 -24.22 -11.64 -63.20
C LEU A 344 -25.58 -12.11 -63.72
N LYS A 345 -25.70 -12.30 -65.03
CA LYS A 345 -26.96 -12.73 -65.63
C LYS A 345 -27.41 -14.07 -65.08
N ASN A 346 -26.47 -14.97 -64.80
CA ASN A 346 -26.86 -16.29 -64.32
C ASN A 346 -27.30 -16.24 -62.86
N ILE A 347 -26.72 -15.36 -62.05
CA ILE A 347 -27.17 -15.18 -60.67
C ILE A 347 -28.59 -14.65 -60.65
N ILE A 348 -28.88 -13.67 -61.52
CA ILE A 348 -30.23 -13.14 -61.67
C ILE A 348 -31.19 -14.24 -62.11
N LYS A 349 -30.81 -15.01 -63.13
CA LYS A 349 -31.67 -16.09 -63.58
C LYS A 349 -31.94 -17.07 -62.44
N THR A 350 -30.90 -17.45 -61.69
CA THR A 350 -31.09 -18.40 -60.61
C THR A 350 -31.99 -17.86 -59.52
N ILE A 351 -31.83 -16.57 -59.17
CA ILE A 351 -32.67 -15.95 -58.16
C ILE A 351 -34.14 -16.06 -58.53
N HIS A 352 -34.45 -15.87 -59.81
CA HIS A 352 -35.83 -15.88 -60.27
C HIS A 352 -36.34 -17.30 -60.52
N ASP A 353 -35.67 -18.05 -61.39
CA ASP A 353 -36.20 -19.32 -61.88
C ASP A 353 -36.07 -20.43 -60.84
N ASP A 354 -34.98 -20.45 -60.11
CA ASP A 354 -34.72 -21.50 -59.15
CA ASP A 354 -34.69 -21.50 -59.15
C ASP A 354 -35.15 -21.13 -57.74
N LEU A 355 -34.77 -19.95 -57.27
CA LEU A 355 -35.16 -19.53 -55.93
C LEU A 355 -36.54 -18.88 -55.88
N ARG A 356 -37.19 -18.66 -57.03
CA ARG A 356 -38.58 -18.21 -57.08
C ARG A 356 -38.78 -16.87 -56.36
N VAL A 357 -37.80 -15.99 -56.47
CA VAL A 357 -37.92 -14.66 -55.87
C VAL A 357 -38.78 -13.79 -56.79
N ASP A 358 -39.92 -13.34 -56.29
CA ASP A 358 -40.86 -12.66 -57.17
C ASP A 358 -40.48 -11.21 -57.42
N LYS A 359 -39.84 -10.54 -56.46
CA LYS A 359 -39.47 -9.13 -56.58
C LYS A 359 -38.07 -8.93 -56.03
N ALA A 360 -37.29 -8.05 -56.66
CA ALA A 360 -35.91 -7.93 -56.24
C ALA A 360 -35.35 -6.60 -56.73
N PHE A 361 -34.39 -6.08 -55.97
CA PHE A 361 -33.58 -4.95 -56.41
C PHE A 361 -32.16 -5.51 -56.55
N VAL A 362 -31.72 -5.69 -57.79
CA VAL A 362 -30.39 -6.24 -58.07
C VAL A 362 -29.41 -5.08 -58.20
N HIS A 363 -28.37 -5.10 -57.38
CA HIS A 363 -27.40 -4.01 -57.30
C HIS A 363 -26.01 -4.60 -57.56
N ALA A 364 -25.48 -4.33 -58.75
CA ALA A 364 -24.24 -4.96 -59.22
C ALA A 364 -23.05 -4.04 -58.95
N TRP A 365 -22.17 -4.46 -58.02
CA TRP A 365 -21.00 -3.67 -57.61
C TRP A 365 -19.79 -4.08 -58.46
N GLY A 366 -19.57 -3.39 -59.56
CA GLY A 366 -18.48 -3.74 -60.45
C GLY A 366 -18.87 -3.90 -61.90
N THR A 367 -19.16 -2.79 -62.56
CA THR A 367 -19.56 -2.82 -63.96
C THR A 367 -18.72 -1.90 -64.84
N PHE A 368 -17.84 -1.09 -64.26
CA PHE A 368 -17.05 -0.11 -64.98
C PHE A 368 -15.57 -0.45 -64.86
N SER A 369 -14.80 -0.04 -65.88
CA SER A 369 -13.37 -0.34 -65.92
C SER A 369 -12.50 0.82 -65.42
N ASN A 370 -13.11 1.93 -65.03
CA ASN A 370 -12.41 2.98 -64.30
C ASN A 370 -12.88 2.99 -62.84
N PHE A 371 -12.03 3.54 -61.98
CA PHE A 371 -12.44 3.77 -60.60
C PHE A 371 -13.43 4.91 -60.52
N VAL A 372 -14.39 4.79 -59.61
CA VAL A 372 -15.17 5.97 -59.24
C VAL A 372 -14.20 7.05 -58.80
N PRO A 373 -14.46 8.35 -59.04
CA PRO A 373 -15.74 8.93 -59.45
C PRO A 373 -15.99 8.97 -60.97
N HIS A 374 -15.24 8.19 -61.75
CA HIS A 374 -15.47 8.08 -63.20
C HIS A 374 -16.18 6.76 -63.49
N ASN A 375 -17.52 6.81 -63.48
CA ASN A 375 -18.37 5.62 -63.51
C ASN A 375 -18.62 5.15 -64.95
N TYR A 376 -17.53 4.82 -65.65
CA TYR A 376 -17.58 4.50 -67.07
C TYR A 376 -16.18 4.06 -67.49
N PRO A 377 -16.02 3.37 -68.63
CA PRO A 377 -17.10 2.84 -69.46
C PRO A 377 -17.55 1.53 -68.87
N ILE A 378 -18.67 0.98 -69.36
CA ILE A 378 -19.02 -0.39 -69.02
C ILE A 378 -17.88 -1.30 -69.43
N SER A 379 -17.43 -2.14 -68.51
CA SER A 379 -16.14 -2.80 -68.65
C SER A 379 -16.11 -3.79 -69.81
N GLU A 380 -15.13 -3.64 -70.70
CA GLU A 380 -14.90 -4.65 -71.72
C GLU A 380 -14.40 -5.95 -71.10
N ALA A 381 -13.51 -5.85 -70.10
CA ALA A 381 -12.94 -7.06 -69.50
C ALA A 381 -14.01 -7.95 -68.88
N LEU A 382 -15.09 -7.35 -68.37
CA LEU A 382 -16.18 -8.14 -67.80
C LEU A 382 -17.16 -8.63 -68.85
N GLY A 383 -17.01 -8.23 -70.12
CA GLY A 383 -17.91 -8.70 -71.15
C GLY A 383 -18.46 -7.66 -72.09
N GLY A 384 -18.32 -6.37 -71.76
CA GLY A 384 -18.75 -5.33 -72.64
C GLY A 384 -20.20 -4.91 -72.46
N PRO A 385 -20.60 -3.81 -73.10
CA PRO A 385 -21.95 -3.26 -72.87
C PRO A 385 -23.07 -4.20 -73.27
N GLU A 386 -22.92 -4.93 -74.37
CA GLU A 386 -24.01 -5.79 -74.82
C GLU A 386 -24.33 -6.88 -73.81
N LYS A 387 -23.30 -7.45 -73.18
CA LYS A 387 -23.54 -8.50 -72.19
C LYS A 387 -24.11 -7.93 -70.89
N LEU A 388 -23.70 -6.73 -70.49
CA LEU A 388 -24.36 -6.11 -69.35
C LEU A 388 -25.84 -5.88 -69.66
N LYS A 389 -26.14 -5.41 -70.87
CA LYS A 389 -27.52 -5.15 -71.25
C LYS A 389 -28.35 -6.45 -71.24
N ALA A 390 -27.74 -7.56 -71.64
CA ALA A 390 -28.45 -8.84 -71.54
C ALA A 390 -28.79 -9.16 -70.08
N ALA A 391 -27.91 -8.85 -69.14
CA ALA A 391 -28.21 -9.08 -67.74
C ALA A 391 -29.33 -8.18 -67.27
N VAL A 392 -29.27 -6.88 -67.62
CA VAL A 392 -30.30 -5.96 -67.18
C VAL A 392 -31.64 -6.27 -67.85
N ASP A 393 -31.62 -6.66 -69.13
CA ASP A 393 -32.86 -6.98 -69.82
C ASP A 393 -33.54 -8.19 -69.20
N LEU A 394 -32.76 -9.19 -68.76
CA LEU A 394 -33.34 -10.33 -68.08
C LEU A 394 -33.97 -9.90 -66.77
N ALA A 395 -33.26 -9.09 -65.99
CA ALA A 395 -33.81 -8.58 -64.74
C ALA A 395 -35.11 -7.82 -64.97
N LYS A 396 -35.14 -6.96 -66.00
CA LYS A 396 -36.35 -6.21 -66.32
C LYS A 396 -37.48 -7.12 -66.79
N SER A 397 -37.15 -8.21 -67.49
CA SER A 397 -38.22 -9.12 -67.92
C SER A 397 -38.86 -9.84 -66.73
N TYR A 398 -38.16 -9.90 -65.60
CA TYR A 398 -38.73 -10.43 -64.37
C TYR A 398 -39.50 -9.38 -63.56
N GLY A 399 -39.43 -8.11 -63.94
CA GLY A 399 -39.97 -7.07 -63.09
C GLY A 399 -39.04 -6.65 -61.97
N TYR A 400 -37.77 -7.03 -62.03
CA TYR A 400 -36.79 -6.62 -61.04
C TYR A 400 -36.30 -5.21 -61.32
N LEU A 401 -35.94 -4.50 -60.25
CA LEU A 401 -35.13 -3.29 -60.38
C LEU A 401 -33.67 -3.66 -60.47
N TYR A 402 -32.90 -2.81 -61.16
CA TYR A 402 -31.47 -3.00 -61.33
C TYR A 402 -30.75 -1.66 -61.21
N SER A 403 -29.60 -1.66 -60.56
CA SER A 403 -28.66 -0.54 -60.65
C SER A 403 -27.24 -1.06 -60.59
N SER A 404 -26.35 -0.40 -61.33
CA SER A 404 -24.93 -0.58 -61.06
C SER A 404 -24.56 0.18 -59.79
N TYR A 405 -23.36 -0.10 -59.28
CA TYR A 405 -22.79 0.75 -58.23
C TYR A 405 -22.35 2.07 -58.85
N HIS A 406 -22.70 3.18 -58.19
CA HIS A 406 -22.28 4.52 -58.59
C HIS A 406 -21.77 5.29 -57.37
N ALA A 407 -20.69 6.05 -57.57
CA ALA A 407 -20.28 7.00 -56.54
C ALA A 407 -19.56 8.17 -57.20
N TYR A 408 -19.88 9.38 -56.75
CA TYR A 408 -19.26 10.57 -57.32
C TYR A 408 -18.41 11.35 -56.33
N SER A 409 -18.26 10.84 -55.12
CA SER A 409 -17.51 11.45 -54.03
C SER A 409 -16.10 10.89 -53.77
N PRO A 410 -15.75 9.66 -54.17
CA PRO A 410 -14.42 9.15 -53.82
C PRO A 410 -13.30 9.78 -54.62
N MET A 411 -12.10 9.69 -54.06
CA MET A 411 -10.88 9.96 -54.79
C MET A 411 -9.82 9.04 -54.17
N LEU A 412 -9.54 7.92 -54.84
CA LEU A 412 -8.89 6.77 -54.25
C LEU A 412 -7.40 6.73 -54.58
N GLU A 413 -6.58 6.45 -53.56
CA GLU A 413 -5.13 6.37 -53.72
C GLU A 413 -4.72 5.41 -54.84
N ASN A 414 -5.42 4.29 -55.01
CA ASN A 414 -5.00 3.30 -55.98
C ASN A 414 -5.56 3.54 -57.38
N ASP A 415 -6.30 4.64 -57.57
CA ASP A 415 -6.82 5.03 -58.90
C ASP A 415 -5.69 5.65 -59.71
N PRO A 416 -5.39 5.13 -60.90
CA PRO A 416 -4.39 5.80 -61.75
C PRO A 416 -4.75 7.24 -62.07
N ASN A 417 -6.03 7.58 -62.03
CA ASN A 417 -6.47 8.95 -62.30
C ASN A 417 -6.51 9.80 -61.05
N PHE A 418 -6.03 9.29 -59.92
CA PHE A 418 -6.07 10.06 -58.68
C PHE A 418 -5.48 11.44 -58.90
N THR A 419 -6.16 12.44 -58.36
CA THR A 419 -5.67 13.81 -58.33
C THR A 419 -6.33 14.52 -57.18
N THR A 420 -5.63 15.48 -56.59
CA THR A 420 -6.22 16.34 -55.57
C THR A 420 -7.00 17.50 -56.16
N ASP A 421 -7.10 17.59 -57.50
CA ASP A 421 -7.76 18.73 -58.14
C ASP A 421 -9.18 18.93 -57.65
N LEU A 422 -9.93 17.84 -57.48
CA LEU A 422 -11.34 17.94 -57.09
C LEU A 422 -11.56 17.79 -55.59
N MET A 423 -10.48 17.73 -54.79
CA MET A 423 -10.64 17.71 -53.35
C MET A 423 -10.76 19.13 -52.81
N GLN A 424 -11.48 19.28 -51.70
CA GLN A 424 -11.62 20.58 -51.08
C GLN A 424 -10.42 20.89 -50.19
N ARG A 425 -10.07 22.17 -50.13
CA ARG A 425 -9.04 22.68 -49.23
C ARG A 425 -9.64 23.68 -48.26
N ASP A 426 -9.05 23.77 -47.08
CA ASP A 426 -9.54 24.71 -46.07
C ASP A 426 -8.79 26.04 -46.22
N ALA A 427 -9.04 26.97 -45.29
CA ALA A 427 -8.48 28.32 -45.38
C ALA A 427 -6.96 28.34 -45.37
N GLU A 428 -6.31 27.35 -44.76
CA GLU A 428 -4.86 27.31 -44.80
C GLU A 428 -4.32 26.60 -46.03
N GLY A 429 -5.19 26.20 -46.95
CA GLY A 429 -4.76 25.48 -48.13
C GLY A 429 -4.59 24.01 -47.92
N LYS A 430 -5.02 23.48 -46.78
CA LYS A 430 -4.84 22.07 -46.46
C LYS A 430 -5.96 21.26 -47.08
N LEU A 431 -5.60 20.11 -47.63
CA LEU A 431 -6.61 19.18 -48.12
C LEU A 431 -7.53 18.77 -46.98
N MET A 432 -8.80 18.67 -47.30
CA MET A 432 -9.80 18.15 -46.39
C MET A 432 -10.13 16.71 -46.79
N ASN A 433 -10.52 15.92 -45.80
CA ASN A 433 -10.90 14.53 -46.01
C ASN A 433 -9.72 13.66 -46.48
N THR A 434 -8.50 14.03 -46.13
CA THR A 434 -7.39 13.11 -46.38
C THR A 434 -7.57 11.80 -45.62
N GLY A 435 -8.35 11.82 -44.55
CA GLY A 435 -8.60 10.63 -43.77
C GLY A 435 -9.86 9.87 -44.13
N SER A 436 -10.55 10.24 -45.21
CA SER A 436 -11.85 9.64 -45.55
C SER A 436 -11.94 9.51 -47.08
N ARG A 437 -11.37 8.42 -47.59
CA ARG A 437 -11.14 8.31 -49.02
C ARG A 437 -12.43 8.27 -49.84
N TRP A 438 -13.56 7.85 -49.24
CA TRP A 438 -14.79 7.72 -50.01
C TRP A 438 -15.53 9.03 -50.15
N ALA A 439 -15.11 10.08 -49.44
CA ALA A 439 -15.80 11.37 -49.46
C ALA A 439 -14.76 12.48 -49.62
N ARG A 440 -14.03 12.48 -50.72
CA ARG A 440 -12.98 13.47 -50.97
C ARG A 440 -13.33 14.50 -52.04
N VAL A 441 -14.20 14.18 -53.00
CA VAL A 441 -14.52 15.14 -54.05
C VAL A 441 -15.45 16.20 -53.47
N ASP A 442 -15.06 17.46 -53.61
CA ASP A 442 -15.94 18.55 -53.18
C ASP A 442 -17.33 18.35 -53.78
N PRO A 443 -18.39 18.34 -52.96
CA PRO A 443 -19.75 18.17 -53.53
C PRO A 443 -20.09 19.15 -54.64
N LYS A 444 -19.45 20.32 -54.66
CA LYS A 444 -19.74 21.27 -55.75
C LYS A 444 -19.34 20.74 -57.13
N PHE A 445 -18.56 19.67 -57.20
CA PHE A 445 -18.21 19.06 -58.48
C PHE A 445 -19.06 17.84 -58.80
N GLN A 446 -19.83 17.32 -57.84
CA GLN A 446 -20.33 15.96 -57.98
C GLN A 446 -21.44 15.83 -59.01
N LYS A 447 -22.32 16.84 -59.16
CA LYS A 447 -23.29 16.78 -60.25
C LYS A 447 -22.59 16.72 -61.61
N GLY A 448 -21.57 17.55 -61.80
CA GLY A 448 -20.80 17.50 -63.04
C GLY A 448 -20.24 16.11 -63.32
N LEU A 449 -19.75 15.43 -62.28
CA LEU A 449 -19.22 14.09 -62.45
C LEU A 449 -20.31 13.10 -62.83
N ALA A 450 -21.50 13.23 -62.24
CA ALA A 450 -22.60 12.34 -62.59
C ALA A 450 -23.07 12.58 -64.02
N GLN A 451 -23.05 13.85 -64.45
CA GLN A 451 -23.43 14.20 -65.83
C GLN A 451 -22.55 13.57 -66.89
N LYS A 452 -21.33 13.16 -66.55
CA LYS A 452 -20.42 12.60 -67.56
C LYS A 452 -21.02 11.37 -68.23
N ASN A 453 -21.66 10.48 -67.47
CA ASN A 453 -22.11 9.23 -68.05
C ASN A 453 -23.49 8.76 -67.64
N ILE A 454 -24.10 9.30 -66.58
CA ILE A 454 -25.30 8.64 -66.05
C ILE A 454 -26.44 8.66 -67.06
N GLU A 455 -26.55 9.73 -67.85
CA GLU A 455 -27.59 9.74 -68.88
C GLU A 455 -27.29 8.77 -70.01
N LYS A 456 -26.01 8.56 -70.33
CA LYS A 456 -25.68 7.54 -71.33
C LYS A 456 -26.00 6.15 -70.82
N GLU A 457 -25.78 5.90 -69.53
CA GLU A 457 -26.08 4.57 -68.99
C GLU A 457 -27.59 4.35 -68.91
N ILE A 458 -28.33 5.38 -68.49
CA ILE A 458 -29.78 5.26 -68.41
C ILE A 458 -30.35 4.89 -69.77
N SER A 459 -29.93 5.59 -70.82
CA SER A 459 -30.56 5.37 -72.12
C SER A 459 -30.08 4.07 -72.77
N TYR A 460 -28.80 3.71 -72.60
CA TYR A 460 -28.31 2.48 -73.22
C TYR A 460 -28.89 1.23 -72.55
N LEU A 461 -28.91 1.21 -71.22
CA LEU A 461 -29.41 0.04 -70.50
C LEU A 461 -30.91 0.10 -70.27
N GLY A 462 -31.55 1.22 -70.59
CA GLY A 462 -32.98 1.34 -70.34
C GLY A 462 -33.29 1.29 -68.86
N LEU A 463 -32.47 1.94 -68.03
CA LEU A 463 -32.56 1.81 -66.59
C LEU A 463 -33.89 2.35 -66.07
N GLU A 464 -34.42 1.66 -65.05
CA GLU A 464 -35.58 2.10 -64.32
C GLU A 464 -35.24 2.53 -62.89
N ALA A 465 -34.00 2.35 -62.47
CA ALA A 465 -33.62 2.50 -61.07
C ALA A 465 -32.19 3.02 -60.99
N ASP A 466 -31.86 3.56 -59.82
CA ASP A 466 -30.49 4.01 -59.56
C ASP A 466 -30.22 3.97 -58.07
N ILE A 467 -28.99 3.64 -57.70
CA ILE A 467 -28.51 3.76 -56.33
C ILE A 467 -27.18 4.50 -56.37
N THR A 468 -27.05 5.53 -55.53
CA THR A 468 -25.86 6.34 -55.45
C THR A 468 -25.27 6.22 -54.05
N ASP A 469 -23.97 5.92 -53.98
CA ASP A 469 -23.27 5.67 -52.73
C ASP A 469 -22.78 6.98 -52.09
N ILE A 470 -22.66 6.94 -50.76
CA ILE A 470 -21.84 7.84 -49.94
C ILE A 470 -22.38 9.25 -49.76
N THR A 471 -22.70 9.93 -50.87
CA THR A 471 -22.86 11.40 -50.82
C THR A 471 -23.97 11.83 -49.86
N PHE A 472 -24.96 10.98 -49.64
CA PHE A 472 -26.13 11.38 -48.85
C PHE A 472 -26.23 10.60 -47.55
N ALA A 473 -25.11 10.08 -47.04
CA ALA A 473 -25.10 9.34 -45.79
C ALA A 473 -25.14 10.26 -44.57
N ALA A 474 -24.87 11.55 -44.74
CA ALA A 474 -24.83 12.50 -43.64
C ALA A 474 -25.50 13.79 -44.09
N TYR A 475 -25.66 14.75 -43.18
CA TYR A 475 -26.16 16.08 -43.54
C TYR A 475 -25.33 17.12 -42.80
N ARG A 476 -24.19 17.47 -43.36
CA ARG A 476 -23.35 18.54 -42.82
C ARG A 476 -23.55 19.82 -43.62
N GLU A 477 -23.24 20.95 -42.98
CA GLU A 477 -23.40 22.24 -43.65
C GLU A 477 -22.42 22.37 -44.83
N ASN A 478 -21.16 22.02 -44.61
CA ASN A 478 -20.16 22.18 -45.65
C ASN A 478 -20.51 21.31 -46.84
N GLY A 479 -20.72 21.94 -47.99
CA GLY A 479 -20.98 21.23 -49.23
C GLY A 479 -22.43 20.85 -49.47
N LYS A 480 -23.34 21.21 -48.56
CA LYS A 480 -24.70 20.73 -48.74
C LYS A 480 -25.34 21.28 -50.01
N GLU A 481 -24.92 22.47 -50.47
CA GLU A 481 -25.50 23.01 -51.69
C GLU A 481 -25.13 22.16 -52.90
N GLY A 482 -23.87 21.72 -52.96
CA GLY A 482 -23.48 20.79 -54.01
C GLY A 482 -24.23 19.47 -53.92
N ARG A 483 -24.45 18.98 -52.70
CA ARG A 483 -25.18 17.72 -52.54
C ARG A 483 -26.63 17.86 -52.99
N ILE A 484 -27.27 18.99 -52.66
CA ILE A 484 -28.65 19.22 -53.08
C ILE A 484 -28.72 19.26 -54.60
N GLU A 485 -27.75 19.93 -55.22
CA GLU A 485 -27.65 20.00 -56.67
C GLU A 485 -27.59 18.59 -57.28
N LEU A 486 -26.76 17.72 -56.72
CA LEU A 486 -26.68 16.35 -57.21
C LEU A 486 -27.98 15.59 -56.98
N ALA A 487 -28.58 15.73 -55.79
CA ALA A 487 -29.84 15.04 -55.51
C ALA A 487 -30.95 15.49 -56.44
N LYS A 488 -31.02 16.80 -56.73
CA LYS A 488 -32.04 17.31 -57.66
C LYS A 488 -31.83 16.77 -59.06
N TYR A 489 -30.57 16.67 -59.50
CA TYR A 489 -30.25 16.12 -60.81
C TYR A 489 -30.70 14.65 -60.90
N ILE A 490 -30.30 13.84 -59.92
CA ILE A 490 -30.71 12.43 -59.89
C ILE A 490 -32.23 12.31 -59.85
N ASP A 491 -32.88 13.11 -59.00
CA ASP A 491 -34.33 13.03 -58.89
C ASP A 491 -35.02 13.47 -60.18
N SER A 492 -34.37 14.32 -60.99
CA SER A 492 -35.03 14.78 -62.22
C SER A 492 -35.21 13.65 -63.24
N PHE A 493 -34.45 12.56 -63.12
CA PHE A 493 -34.64 11.44 -64.02
C PHE A 493 -35.89 10.62 -63.73
N ASN A 494 -36.47 10.75 -62.54
CA ASN A 494 -37.66 10.00 -62.11
C ASN A 494 -37.45 8.49 -62.23
N LEU A 495 -36.32 8.02 -61.69
CA LEU A 495 -36.06 6.61 -61.51
C LEU A 495 -36.37 6.21 -60.07
N VAL A 496 -36.70 4.93 -59.86
CA VAL A 496 -36.76 4.38 -58.51
C VAL A 496 -35.33 4.45 -57.96
N ASN A 497 -35.09 5.30 -56.98
CA ASN A 497 -33.70 5.55 -56.64
C ASN A 497 -33.45 5.40 -55.14
N GLY A 498 -32.26 4.91 -54.83
CA GLY A 498 -31.84 4.71 -53.47
C GLY A 498 -30.48 5.35 -53.24
N THR A 499 -30.08 5.37 -51.98
CA THR A 499 -28.78 5.91 -51.62
C THR A 499 -28.33 5.27 -50.32
N GLU A 500 -27.03 5.35 -50.07
CA GLU A 500 -26.44 4.76 -48.87
C GLU A 500 -26.83 5.55 -47.63
N HIS A 501 -27.44 4.84 -46.68
CA HIS A 501 -27.71 5.29 -45.31
C HIS A 501 -28.82 6.33 -45.27
N GLY A 502 -28.61 7.47 -45.94
CA GLY A 502 -29.60 8.53 -45.95
C GLY A 502 -29.62 9.33 -44.66
N GLN A 503 -30.38 10.44 -44.72
CA GLN A 503 -30.71 11.30 -43.60
C GLN A 503 -32.08 11.90 -43.88
N GLU A 504 -32.76 12.37 -42.84
CA GLU A 504 -34.11 12.89 -43.03
C GLU A 504 -34.15 13.99 -44.09
N GLN A 505 -33.10 14.79 -44.19
CA GLN A 505 -33.13 15.91 -45.14
C GLN A 505 -33.15 15.45 -46.59
N TRP A 506 -32.75 14.20 -46.86
CA TRP A 506 -32.69 13.67 -48.22
C TRP A 506 -33.94 12.87 -48.61
N ILE A 507 -34.87 12.64 -47.66
CA ILE A 507 -36.07 11.87 -47.98
C ILE A 507 -36.81 12.39 -49.21
N PRO A 508 -36.95 13.71 -49.44
CA PRO A 508 -37.71 14.16 -50.63
C PRO A 508 -37.18 13.65 -51.96
N TYR A 509 -35.93 13.23 -52.03
CA TYR A 509 -35.26 12.97 -53.29
C TYR A 509 -35.08 11.49 -53.60
N PHE A 510 -35.37 10.60 -52.66
CA PHE A 510 -35.06 9.18 -52.82
C PHE A 510 -36.30 8.36 -52.47
N ASP A 511 -36.34 7.15 -53.03
CA ASP A 511 -37.37 6.20 -52.63
C ASP A 511 -36.90 5.25 -51.53
N MET A 512 -35.60 4.94 -51.46
CA MET A 512 -35.13 3.98 -50.48
C MET A 512 -33.75 4.36 -49.97
N PHE A 513 -33.51 4.01 -48.71
CA PHE A 513 -32.23 4.16 -48.03
C PHE A 513 -31.65 2.78 -47.78
N GLU A 514 -30.41 2.56 -48.18
CA GLU A 514 -29.70 1.32 -47.86
C GLU A 514 -28.99 1.54 -46.53
N GLY A 515 -29.56 0.97 -45.47
CA GLY A 515 -29.10 1.23 -44.12
C GLY A 515 -30.16 1.94 -43.29
N MET A 516 -29.73 2.94 -42.51
CA MET A 516 -30.54 3.52 -41.44
C MET A 516 -31.00 2.42 -40.46
N THR A 517 -30.03 1.59 -40.06
CA THR A 517 -30.26 0.54 -39.07
C THR A 517 -29.32 0.77 -37.90
N TYR A 518 -28.26 -0.03 -37.76
CA TYR A 518 -27.37 0.00 -36.59
C TYR A 518 -25.92 -0.25 -37.00
N LEU A 519 -25.00 0.57 -36.47
CA LEU A 519 -23.60 0.16 -36.48
C LEU A 519 -23.43 -1.13 -35.67
N GLU A 520 -22.37 -1.88 -35.97
CA GLU A 520 -22.09 -3.07 -35.17
C GLU A 520 -21.46 -2.69 -33.84
N ASP A 521 -20.38 -1.92 -33.87
CA ASP A 521 -19.73 -1.42 -32.67
C ASP A 521 -20.12 0.04 -32.52
N ARG A 522 -20.72 0.38 -31.38
CA ARG A 522 -21.27 1.71 -31.21
C ARG A 522 -21.38 2.01 -29.73
N PRO A 523 -21.22 3.28 -29.34
CA PRO A 523 -21.53 3.66 -27.97
C PRO A 523 -22.96 3.25 -27.64
N LEU A 524 -23.17 2.78 -26.41
CA LEU A 524 -24.44 2.37 -25.83
C LEU A 524 -24.89 0.97 -26.27
N SER A 525 -24.13 0.26 -27.11
CA SER A 525 -24.64 -1.01 -27.62
C SER A 525 -24.93 -2.00 -26.51
N VAL A 526 -24.15 -2.01 -25.41
CA VAL A 526 -24.40 -2.97 -24.35
C VAL A 526 -25.42 -2.46 -23.33
N ILE A 527 -25.93 -1.24 -23.48
CA ILE A 527 -26.88 -0.70 -22.51
C ILE A 527 -28.07 -0.06 -23.22
N SER A 528 -28.50 -0.65 -24.34
CA SER A 528 -29.63 -0.12 -25.06
C SER A 528 -30.34 -1.23 -25.81
N HIS A 529 -31.60 -1.00 -26.10
CA HIS A 529 -32.37 -1.86 -26.99
C HIS A 529 -32.71 -1.12 -28.26
N PRO A 530 -32.48 -1.72 -29.42
CA PRO A 530 -32.99 -1.14 -30.66
C PRO A 530 -34.50 -0.91 -30.55
N ALA A 531 -34.92 0.28 -31.02
CA ALA A 531 -36.28 0.75 -31.14
C ALA A 531 -36.42 1.41 -32.51
N PRO A 532 -37.53 1.22 -33.19
CA PRO A 532 -37.67 1.75 -34.56
C PRO A 532 -38.09 3.23 -34.56
N LEU A 533 -37.26 4.07 -33.93
CA LEU A 533 -37.61 5.49 -33.79
C LEU A 533 -37.70 6.17 -35.15
N PHE A 534 -36.68 5.98 -36.00
CA PHE A 534 -36.70 6.63 -37.30
C PHE A 534 -37.91 6.16 -38.11
N ASN A 535 -38.18 4.84 -38.09
CA ASN A 535 -39.30 4.36 -38.90
C ASN A 535 -40.64 4.70 -38.27
N LEU A 536 -40.69 4.85 -36.94
CA LEU A 536 -41.92 5.35 -36.32
C LEU A 536 -42.26 6.74 -36.84
N VAL A 537 -41.25 7.48 -37.28
CA VAL A 537 -41.49 8.80 -37.89
C VAL A 537 -41.70 8.69 -39.39
N TYR A 538 -40.84 7.95 -40.08
CA TYR A 538 -40.65 8.13 -41.51
C TYR A 538 -40.99 6.92 -42.38
N HIS A 539 -41.55 5.85 -41.82
CA HIS A 539 -41.75 4.63 -42.61
C HIS A 539 -42.64 4.89 -43.84
N GLU A 540 -43.65 5.77 -43.72
CA GLU A 540 -44.50 6.11 -44.86
C GLU A 540 -43.77 6.90 -45.93
N ALA A 541 -42.61 7.45 -45.61
CA ALA A 541 -41.93 8.42 -46.47
C ALA A 541 -40.68 7.87 -47.14
N ILE A 542 -39.99 6.93 -46.52
CA ILE A 542 -38.78 6.37 -47.12
C ILE A 542 -38.72 4.90 -46.75
N ALA A 543 -38.40 4.05 -47.71
CA ALA A 543 -38.17 2.64 -47.47
C ALA A 543 -36.72 2.44 -47.09
N ASN A 544 -36.45 1.52 -46.18
CA ASN A 544 -35.05 1.25 -45.88
C ASN A 544 -34.80 -0.25 -45.92
N PHE A 545 -33.53 -0.59 -46.15
CA PHE A 545 -33.04 -1.96 -46.23
C PHE A 545 -31.82 -2.06 -45.31
N GLY A 546 -31.41 -3.29 -45.04
CA GLY A 546 -30.23 -3.49 -44.21
C GLY A 546 -28.99 -2.91 -44.87
N LYS A 547 -28.02 -2.53 -44.03
CA LYS A 547 -26.76 -1.97 -44.50
C LYS A 547 -25.88 -3.06 -45.13
N ILE A 548 -25.17 -2.71 -46.20
CA ILE A 548 -24.39 -3.72 -46.93
C ILE A 548 -23.25 -4.30 -46.10
N GLN A 549 -22.63 -3.52 -45.19
CA GLN A 549 -21.55 -4.07 -44.38
C GLN A 549 -22.05 -5.02 -43.29
N ASP A 550 -23.34 -4.96 -42.97
CA ASP A 550 -23.94 -5.77 -41.90
C ASP A 550 -25.21 -6.42 -42.43
N PRO A 551 -25.11 -7.17 -43.52
CA PRO A 551 -26.33 -7.65 -44.19
C PRO A 551 -26.93 -8.82 -43.42
N ASP A 552 -28.10 -9.26 -43.88
CA ASP A 552 -28.84 -10.30 -43.17
C ASP A 552 -28.20 -11.68 -43.29
N ASN A 553 -27.28 -11.87 -44.22
CA ASN A 553 -26.55 -13.13 -44.36
C ASN A 553 -25.26 -13.20 -43.54
N GLU A 554 -24.88 -12.13 -42.84
CA GLU A 554 -23.68 -12.15 -42.02
C GLU A 554 -24.07 -12.17 -40.54
N VAL A 555 -23.28 -12.87 -39.73
CA VAL A 555 -23.50 -12.97 -38.29
C VAL A 555 -22.63 -11.92 -37.61
N THR A 556 -23.25 -10.98 -36.90
CA THR A 556 -22.52 -9.84 -36.35
C THR A 556 -23.06 -9.50 -34.97
N ALA A 557 -22.53 -8.42 -34.40
CA ALA A 557 -23.03 -7.92 -33.13
C ALA A 557 -24.53 -7.66 -33.18
N ASN A 558 -25.07 -7.36 -34.36
CA ASN A 558 -26.49 -7.08 -34.51
C ASN A 558 -27.32 -8.32 -34.82
N GLY A 559 -26.71 -9.49 -34.86
CA GLY A 559 -27.46 -10.74 -34.90
C GLY A 559 -27.09 -11.58 -36.09
N ASP A 560 -27.72 -12.75 -36.15
CA ASP A 560 -27.64 -13.65 -37.28
C ASP A 560 -28.89 -13.44 -38.14
N PHE A 561 -29.14 -14.37 -39.07
CA PHE A 561 -30.30 -14.22 -39.94
C PHE A 561 -31.61 -14.33 -39.17
N ARG A 562 -31.68 -15.25 -38.20
CA ARG A 562 -32.87 -15.38 -37.36
C ARG A 562 -33.26 -14.02 -36.77
N ILE A 563 -32.34 -13.40 -36.02
CA ILE A 563 -32.63 -12.14 -35.34
C ILE A 563 -32.92 -11.03 -36.34
N LYS A 564 -32.12 -10.94 -37.41
CA LYS A 564 -32.26 -9.82 -38.33
C LYS A 564 -33.55 -9.92 -39.14
N ALA A 565 -33.95 -11.12 -39.54
CA ALA A 565 -35.20 -11.27 -40.29
C ALA A 565 -36.39 -10.88 -39.42
N LEU A 566 -36.40 -11.32 -38.16
CA LEU A 566 -37.49 -10.95 -37.27
C LEU A 566 -37.50 -9.45 -36.99
N ARG A 567 -36.34 -8.86 -36.73
CA ARG A 567 -36.29 -7.42 -36.48
C ARG A 567 -36.77 -6.63 -37.71
N SER A 568 -36.44 -7.13 -38.91
N SER A 568 -36.46 -7.12 -38.92
CA SER A 568 -36.85 -6.47 -40.15
CA SER A 568 -36.85 -6.39 -40.11
C SER A 568 -38.35 -6.28 -40.20
C SER A 568 -38.37 -6.30 -40.27
N MET A 569 -39.10 -7.33 -39.83
CA MET A 569 -40.56 -7.25 -39.90
C MET A 569 -41.13 -6.37 -38.80
N LEU A 570 -40.51 -6.40 -37.62
CA LEU A 570 -40.93 -5.53 -36.52
C LEU A 570 -40.67 -4.06 -36.85
N PHE A 571 -39.53 -3.77 -37.48
CA PHE A 571 -39.13 -2.40 -37.73
C PHE A 571 -39.59 -1.87 -39.10
N GLY A 572 -40.02 -2.76 -39.98
CA GLY A 572 -40.54 -2.33 -41.26
C GLY A 572 -39.49 -2.07 -42.34
N ARG A 573 -38.38 -2.81 -42.33
CA ARG A 573 -37.37 -2.68 -43.36
C ARG A 573 -37.31 -3.93 -44.24
N GLY A 574 -36.63 -3.78 -45.39
CA GLY A 574 -36.51 -4.88 -46.32
C GLY A 574 -35.21 -5.67 -46.13
N THR A 575 -35.22 -6.89 -46.64
CA THR A 575 -34.05 -7.77 -46.55
C THR A 575 -32.91 -7.30 -47.44
N THR A 576 -31.70 -7.40 -46.91
CA THR A 576 -30.48 -7.15 -47.68
C THR A 576 -29.64 -8.41 -47.67
N ILE A 577 -29.36 -8.94 -48.87
CA ILE A 577 -28.44 -10.04 -49.07
C ILE A 577 -27.24 -9.48 -49.84
N PHE A 578 -26.09 -9.37 -49.17
CA PHE A 578 -24.89 -8.75 -49.75
C PHE A 578 -23.76 -9.76 -49.73
N PHE A 579 -23.28 -10.16 -50.91
CA PHE A 579 -22.37 -11.29 -50.98
C PHE A 579 -21.38 -11.11 -52.12
N ALA A 580 -20.18 -11.62 -51.92
CA ALA A 580 -19.26 -11.87 -53.01
C ALA A 580 -19.79 -13.03 -53.86
N PRO A 581 -19.55 -13.01 -55.18
CA PRO A 581 -20.13 -14.06 -56.04
C PRO A 581 -19.84 -15.48 -55.59
N TYR A 582 -18.62 -15.76 -55.08
CA TYR A 582 -18.29 -17.13 -54.72
C TYR A 582 -19.17 -17.66 -53.59
N GLU A 583 -19.79 -16.77 -52.82
CA GLU A 583 -20.64 -17.19 -51.71
C GLU A 583 -22.06 -17.58 -52.14
N PHE A 584 -22.41 -17.42 -53.42
CA PHE A 584 -23.82 -17.43 -53.80
C PHE A 584 -24.55 -18.70 -53.38
N GLU A 585 -23.94 -19.87 -53.60
CA GLU A 585 -24.62 -21.10 -53.20
C GLU A 585 -24.93 -21.12 -51.72
N GLY A 586 -24.08 -20.50 -50.88
CA GLY A 586 -24.38 -20.45 -49.46
C GLY A 586 -25.49 -19.50 -49.10
N MET A 587 -25.87 -18.61 -50.01
CA MET A 587 -26.96 -17.68 -49.77
C MET A 587 -28.33 -18.30 -49.99
N ARG A 588 -28.41 -19.42 -50.73
CA ARG A 588 -29.71 -20.00 -51.11
C ARG A 588 -30.66 -20.18 -49.93
N PRO A 589 -30.27 -20.82 -48.81
CA PRO A 589 -31.24 -20.99 -47.71
C PRO A 589 -31.73 -19.68 -47.11
N MET A 590 -30.90 -18.64 -47.04
CA MET A 590 -31.40 -17.39 -46.48
C MET A 590 -32.27 -16.61 -47.46
N ILE A 591 -31.97 -16.69 -48.76
CA ILE A 591 -32.86 -16.12 -49.75
C ILE A 591 -34.24 -16.79 -49.67
N GLU A 592 -34.26 -18.11 -49.58
CA GLU A 592 -35.54 -18.82 -49.50
C GLU A 592 -36.31 -18.44 -48.25
N MET A 593 -35.62 -18.34 -47.11
CA MET A 593 -36.32 -18.02 -45.87
C MET A 593 -36.82 -16.58 -45.89
N ALA A 594 -36.00 -15.64 -46.39
CA ALA A 594 -36.47 -14.27 -46.55
C ALA A 594 -37.67 -14.20 -47.50
N ARG A 595 -37.61 -14.95 -48.60
CA ARG A 595 -38.73 -15.03 -49.55
C ARG A 595 -40.02 -15.50 -48.90
N ASP A 596 -39.95 -16.49 -48.00
CA ASP A 596 -41.16 -17.07 -47.46
C ASP A 596 -41.69 -16.30 -46.26
N LEU A 597 -40.83 -15.67 -45.48
CA LEU A 597 -41.25 -15.04 -44.23
C LEU A 597 -41.27 -13.51 -44.34
N VAL A 598 -40.16 -12.89 -44.74
CA VAL A 598 -40.04 -11.44 -44.66
C VAL A 598 -40.73 -10.77 -45.83
N SER A 599 -40.50 -11.28 -47.06
CA SER A 599 -41.01 -10.60 -48.25
C SER A 599 -42.52 -10.36 -48.24
N PRO A 600 -43.38 -11.32 -47.88
CA PRO A 600 -44.82 -11.01 -47.88
C PRO A 600 -45.20 -9.98 -46.84
N VAL A 601 -44.48 -9.92 -45.72
CA VAL A 601 -44.79 -8.93 -44.68
C VAL A 601 -44.29 -7.56 -45.08
N HIS A 602 -43.07 -7.48 -45.62
CA HIS A 602 -42.55 -6.24 -46.17
C HIS A 602 -43.45 -5.72 -47.28
N LYS A 603 -43.95 -6.61 -48.15
CA LYS A 603 -44.83 -6.19 -49.23
C LYS A 603 -46.11 -5.55 -48.69
N GLU A 604 -46.69 -6.15 -47.66
CA GLU A 604 -47.97 -5.65 -47.16
C GLU A 604 -47.81 -4.33 -46.42
N THR A 605 -46.73 -4.17 -45.66
CA THR A 605 -46.55 -3.02 -44.76
C THR A 605 -45.81 -1.86 -45.40
N PHE A 606 -45.34 -2.04 -46.65
CA PHE A 606 -44.38 -1.11 -47.26
C PHE A 606 -44.84 0.35 -47.22
N TYR A 607 -46.07 0.63 -47.64
CA TYR A 607 -46.53 2.02 -47.75
C TYR A 607 -47.13 2.56 -46.45
N SER A 608 -47.25 1.73 -45.43
CA SER A 608 -48.07 2.04 -44.27
C SER A 608 -47.28 2.80 -43.21
N GLU A 609 -48.02 3.34 -42.24
CA GLU A 609 -47.40 3.91 -41.06
C GLU A 609 -47.11 2.82 -40.05
N LEU A 610 -45.93 2.88 -39.44
CA LEU A 610 -45.66 2.06 -38.26
C LEU A 610 -46.34 2.79 -37.11
N LYS A 611 -47.52 2.31 -36.73
CA LYS A 611 -48.38 3.04 -35.81
C LYS A 611 -47.88 2.94 -34.38
N SER A 612 -47.34 1.79 -33.99
CA SER A 612 -46.92 1.59 -32.60
C SER A 612 -45.95 0.43 -32.54
N HIS A 613 -45.06 0.49 -31.55
CA HIS A 613 -44.16 -0.58 -31.19
C HIS A 613 -44.19 -0.74 -29.69
N GLU A 614 -44.06 -1.98 -29.21
CA GLU A 614 -44.13 -2.31 -27.79
C GLU A 614 -43.12 -3.41 -27.47
N TYR A 615 -42.53 -3.33 -26.28
CA TYR A 615 -41.78 -4.44 -25.71
C TYR A 615 -42.73 -5.19 -24.79
N LEU A 616 -42.91 -6.49 -25.03
CA LEU A 616 -43.90 -7.26 -24.28
C LEU A 616 -43.29 -8.19 -23.23
N SER A 617 -41.97 -8.33 -23.18
CA SER A 617 -41.32 -9.15 -22.16
C SER A 617 -40.39 -8.29 -21.32
N ALA A 618 -40.11 -8.77 -20.11
CA ALA A 618 -39.26 -8.02 -19.16
C ALA A 618 -37.83 -7.89 -19.64
N ASP A 619 -37.36 -8.83 -20.45
CA ASP A 619 -36.04 -8.74 -21.05
C ASP A 619 -36.05 -8.01 -22.40
N TYR A 620 -37.19 -7.46 -22.81
CA TYR A 620 -37.34 -6.66 -24.02
C TYR A 620 -37.14 -7.45 -25.32
N LYS A 621 -37.12 -8.79 -25.25
CA LYS A 621 -36.89 -9.60 -26.45
C LYS A 621 -38.16 -9.89 -27.23
N VAL A 622 -39.31 -9.93 -26.58
CA VAL A 622 -40.58 -10.10 -27.28
C VAL A 622 -41.15 -8.72 -27.58
N GLN A 623 -41.51 -8.49 -28.85
CA GLN A 623 -41.95 -7.17 -29.29
C GLN A 623 -43.15 -7.29 -30.22
N ARG A 624 -43.91 -6.19 -30.31
CA ARG A 624 -45.13 -6.10 -31.13
C ARG A 624 -45.14 -4.80 -31.91
N SER A 625 -45.30 -4.89 -33.23
CA SER A 625 -45.44 -3.73 -34.09
C SER A 625 -46.78 -3.79 -34.82
N ARG A 626 -47.43 -2.64 -34.94
CA ARG A 626 -48.71 -2.53 -35.63
C ARG A 626 -48.58 -1.53 -36.77
N PHE A 627 -48.95 -1.96 -37.96
CA PHE A 627 -48.83 -1.14 -39.16
C PHE A 627 -50.21 -0.73 -39.65
N SER A 628 -50.29 0.46 -40.21
CA SER A 628 -51.59 0.97 -40.66
C SER A 628 -52.14 0.21 -41.86
N SER A 629 -51.41 -0.76 -42.40
CA SER A 629 -51.99 -1.66 -43.39
C SER A 629 -52.89 -2.73 -42.78
N GLY A 630 -53.05 -2.74 -41.46
CA GLY A 630 -53.77 -3.80 -40.80
C GLY A 630 -52.90 -4.99 -40.44
N THR A 631 -51.59 -4.81 -40.34
CA THR A 631 -50.65 -5.90 -40.08
C THR A 631 -50.11 -5.75 -38.67
N GLU A 632 -50.13 -6.83 -37.91
CA GLU A 632 -49.50 -6.88 -36.59
C GLU A 632 -48.40 -7.91 -36.59
N VAL A 633 -47.18 -7.48 -36.21
CA VAL A 633 -46.01 -8.36 -36.14
C VAL A 633 -45.63 -8.52 -34.68
N ILE A 634 -45.69 -9.74 -34.17
CA ILE A 634 -45.09 -10.09 -32.88
C ILE A 634 -43.90 -11.00 -33.15
N ALA A 635 -42.76 -10.71 -32.53
CA ALA A 635 -41.60 -11.57 -32.67
C ALA A 635 -40.83 -11.64 -31.36
N ASN A 636 -40.12 -12.75 -31.19
CA ASN A 636 -39.34 -13.05 -30.00
C ASN A 636 -37.90 -13.18 -30.47
N LEU A 637 -37.08 -12.18 -30.17
CA LEU A 637 -35.70 -12.13 -30.64
C LEU A 637 -34.73 -12.85 -29.71
N GLY A 638 -35.24 -13.64 -28.76
CA GLY A 638 -34.41 -14.38 -27.84
C GLY A 638 -34.63 -15.88 -27.95
N PRO A 639 -33.79 -16.66 -27.29
CA PRO A 639 -33.80 -18.12 -27.51
C PRO A 639 -34.93 -18.89 -26.84
N VAL A 640 -35.59 -18.34 -25.81
CA VAL A 640 -36.54 -19.10 -25.01
C VAL A 640 -37.95 -18.62 -25.35
N ALA A 641 -38.88 -19.57 -25.42
CA ALA A 641 -40.29 -19.24 -25.60
C ALA A 641 -40.77 -18.38 -24.43
N GLN A 642 -41.64 -17.41 -24.73
CA GLN A 642 -42.16 -16.53 -23.69
C GLN A 642 -43.63 -16.24 -23.96
N LYS A 643 -44.38 -16.04 -22.89
CA LYS A 643 -45.81 -15.80 -22.99
C LYS A 643 -46.11 -14.30 -22.92
N ILE A 644 -47.14 -13.90 -23.66
CA ILE A 644 -47.65 -12.53 -23.62
C ILE A 644 -49.09 -12.59 -23.12
N GLU A 645 -49.80 -11.46 -23.24
CA GLU A 645 -51.17 -11.36 -22.73
C GLU A 645 -52.05 -12.44 -23.35
N GLY A 646 -52.98 -12.96 -22.54
CA GLY A 646 -53.81 -14.07 -22.93
C GLY A 646 -53.14 -15.42 -22.80
N GLY A 647 -51.93 -15.47 -22.26
CA GLY A 647 -51.20 -16.73 -22.22
C GLY A 647 -50.74 -17.24 -23.58
N ILE A 648 -50.72 -16.39 -24.59
CA ILE A 648 -50.18 -16.78 -25.89
C ILE A 648 -48.67 -16.93 -25.76
N SER A 649 -48.12 -17.98 -26.35
CA SER A 649 -46.69 -18.24 -26.26
C SER A 649 -46.03 -17.92 -27.60
N ILE A 650 -44.95 -17.15 -27.56
CA ILE A 650 -44.15 -16.85 -28.73
C ILE A 650 -42.86 -17.65 -28.64
N PRO A 651 -42.59 -18.57 -29.57
CA PRO A 651 -41.38 -19.40 -29.48
C PRO A 651 -40.12 -18.56 -29.55
N GLY A 652 -39.04 -19.10 -28.99
CA GLY A 652 -37.74 -18.50 -29.20
C GLY A 652 -37.45 -18.37 -30.68
N TYR A 653 -36.88 -17.20 -31.06
CA TYR A 653 -36.65 -16.85 -32.46
C TYR A 653 -37.89 -17.11 -33.31
N GLY A 654 -39.06 -16.74 -32.75
CA GLY A 654 -40.34 -17.04 -33.33
C GLY A 654 -41.17 -15.80 -33.58
N TYR A 655 -42.34 -16.01 -34.19
CA TYR A 655 -43.15 -14.89 -34.66
C TYR A 655 -44.62 -15.30 -34.64
N ARG A 656 -45.47 -14.29 -34.52
CA ARG A 656 -46.91 -14.45 -34.61
C ARG A 656 -47.42 -13.20 -35.32
N ILE A 657 -47.87 -13.35 -36.55
CA ILE A 657 -48.12 -12.23 -37.45
C ILE A 657 -49.54 -12.29 -37.95
N GLN A 658 -50.32 -11.25 -37.67
CA GLN A 658 -51.67 -11.12 -38.19
C GLN A 658 -51.61 -10.32 -39.47
N MET A 659 -52.00 -10.93 -40.58
CA MET A 659 -52.01 -10.29 -41.89
C MET A 659 -53.36 -9.62 -42.17
N LYS A 660 -53.31 -8.62 -43.06
CA LYS A 660 -54.53 -7.95 -43.51
C LYS A 660 -55.58 -8.94 -44.03
N ASP A 661 -55.15 -10.01 -44.70
CA ASP A 661 -56.14 -10.97 -45.21
C ASP A 661 -56.69 -11.90 -44.14
N GLY A 662 -56.38 -11.67 -42.86
CA GLY A 662 -56.93 -12.45 -41.78
C GLY A 662 -56.13 -13.67 -41.40
N SER A 663 -55.13 -14.03 -42.20
CA SER A 663 -54.29 -15.18 -41.86
C SER A 663 -53.39 -14.85 -40.68
N LEU A 664 -53.06 -15.88 -39.93
CA LEU A 664 -52.14 -15.77 -38.82
C LEU A 664 -50.90 -16.59 -39.17
N LYS A 665 -49.79 -15.92 -39.40
CA LYS A 665 -48.51 -16.59 -39.66
C LYS A 665 -47.81 -16.82 -38.33
N THR A 666 -47.57 -18.09 -38.00
CA THR A 666 -46.80 -18.46 -36.82
C THR A 666 -45.71 -19.45 -37.20
N GLY A 667 -44.62 -19.42 -36.44
CA GLY A 667 -43.47 -20.24 -36.78
C GLY A 667 -42.26 -19.77 -36.01
N HIS A 668 -41.10 -20.35 -36.36
CA HIS A 668 -39.88 -19.99 -35.66
C HIS A 668 -38.70 -20.57 -36.42
N PHE A 669 -37.54 -19.97 -36.17
CA PHE A 669 -36.29 -20.48 -36.72
C PHE A 669 -35.73 -21.59 -35.85
N GLN A 670 -35.02 -22.52 -36.48
CA GLN A 670 -34.48 -23.68 -35.79
C GLN A 670 -33.10 -23.96 -36.33
N VAL A 671 -32.12 -24.12 -35.44
CA VAL A 671 -30.78 -24.56 -35.80
C VAL A 671 -30.69 -26.06 -35.56
N SER A 672 -30.27 -26.81 -36.57
CA SER A 672 -30.18 -28.25 -36.46
C SER A 672 -28.79 -28.71 -36.85
N LEU A 673 -28.35 -29.81 -36.23
CA LEU A 673 -27.04 -30.41 -36.47
C LEU A 673 -27.24 -31.65 -37.32
N HIS A 674 -26.64 -31.65 -38.50
N HIS A 674 -26.59 -31.67 -38.48
CA HIS A 674 -26.70 -32.78 -39.43
CA HIS A 674 -26.69 -32.75 -39.45
C HIS A 674 -25.40 -33.56 -39.32
C HIS A 674 -25.41 -33.59 -39.39
N MET A 675 -25.45 -34.68 -38.63
CA MET A 675 -24.30 -35.58 -38.51
C MET A 675 -24.50 -36.72 -39.49
N ASP A 676 -23.68 -36.77 -40.54
CA ASP A 676 -23.88 -37.75 -41.59
C ASP A 676 -23.80 -39.17 -41.07
N PRO B 18 29.40 0.17 -43.97
CA PRO B 18 28.43 -0.52 -43.11
C PRO B 18 29.08 -1.57 -42.18
N ILE B 19 28.63 -1.62 -40.93
CA ILE B 19 29.09 -2.63 -40.00
C ILE B 19 28.31 -3.91 -40.25
N VAL B 20 28.99 -5.06 -40.16
CA VAL B 20 28.38 -6.35 -40.48
C VAL B 20 28.54 -7.31 -39.31
N LEU B 21 27.42 -7.85 -38.83
CA LEU B 21 27.40 -9.00 -37.94
C LEU B 21 26.89 -10.19 -38.73
N GLU B 22 27.55 -11.33 -38.57
CA GLU B 22 27.19 -12.47 -39.41
C GLU B 22 27.56 -13.76 -38.70
N ASN B 23 26.69 -14.75 -38.83
CA ASN B 23 27.02 -16.14 -38.51
C ASN B 23 26.63 -17.02 -39.70
N GLY B 24 26.43 -18.31 -39.45
CA GLY B 24 26.09 -19.20 -40.55
C GLY B 24 24.69 -19.03 -41.09
N LYS B 25 23.84 -18.28 -40.40
CA LYS B 25 22.44 -18.22 -40.82
C LYS B 25 21.95 -16.81 -41.16
N LEU B 26 22.55 -15.78 -40.58
CA LEU B 26 22.07 -14.42 -40.75
C LEU B 26 23.24 -13.49 -41.03
N ASN B 27 22.96 -12.45 -41.82
CA ASN B 27 23.87 -11.33 -42.03
C ASN B 27 23.13 -10.06 -41.59
N ILE B 28 23.73 -9.33 -40.65
CA ILE B 28 23.15 -8.07 -40.16
C ILE B 28 23.98 -6.93 -40.75
N ASN B 29 23.36 -6.10 -41.58
CA ASN B 29 24.02 -4.92 -42.14
C ASN B 29 23.55 -3.70 -41.36
N ILE B 30 24.46 -3.09 -40.60
CA ILE B 30 24.16 -1.88 -39.83
C ILE B 30 24.71 -0.67 -40.56
N ASP B 31 23.86 0.32 -40.79
CA ASP B 31 24.24 1.57 -41.45
C ASP B 31 24.91 2.49 -40.43
N SER B 32 26.18 2.83 -40.67
CA SER B 32 26.91 3.64 -39.71
C SER B 32 26.44 5.09 -39.70
N LYS B 33 25.77 5.55 -40.75
CA LYS B 33 25.31 6.92 -40.77
C LYS B 33 23.97 7.10 -40.05
N THR B 34 23.10 6.08 -40.05
CA THR B 34 21.77 6.20 -39.47
C THR B 34 21.50 5.26 -38.30
N GLY B 35 22.27 4.19 -38.15
CA GLY B 35 21.96 3.18 -37.17
C GLY B 35 20.93 2.17 -37.61
N CYS B 36 20.25 2.39 -38.74
CA CYS B 36 19.31 1.40 -39.25
C CYS B 36 20.03 0.11 -39.62
N PHE B 37 19.32 -1.01 -39.48
CA PHE B 37 19.90 -2.28 -39.84
C PHE B 37 18.92 -3.12 -40.65
N SER B 38 19.47 -3.99 -41.48
CA SER B 38 18.72 -4.99 -42.20
C SER B 38 19.23 -6.38 -41.83
N VAL B 39 18.39 -7.39 -42.00
CA VAL B 39 18.75 -8.76 -41.67
C VAL B 39 18.50 -9.64 -42.90
N THR B 40 19.55 -10.28 -43.39
CA THR B 40 19.46 -11.24 -44.47
C THR B 40 19.35 -12.63 -43.88
N GLU B 41 18.26 -13.31 -44.16
CA GLU B 41 18.16 -14.72 -43.83
C GLU B 41 18.81 -15.49 -44.96
N LYS B 42 19.99 -16.06 -44.68
CA LYS B 42 20.86 -16.51 -45.77
C LYS B 42 20.31 -17.71 -46.51
N THR B 43 19.50 -18.55 -45.86
CA THR B 43 19.05 -19.74 -46.58
C THR B 43 17.94 -19.42 -47.60
N SER B 44 17.07 -18.44 -47.32
CA SER B 44 16.02 -18.07 -48.27
C SER B 44 16.40 -16.87 -49.13
N GLY B 45 17.42 -16.11 -48.75
CA GLY B 45 17.72 -14.85 -49.39
C GLY B 45 16.82 -13.70 -49.01
N HIS B 46 15.84 -13.91 -48.13
CA HIS B 46 14.93 -12.83 -47.78
C HIS B 46 15.67 -11.78 -46.96
N VAL B 47 15.46 -10.50 -47.30
CA VAL B 47 16.10 -9.40 -46.59
C VAL B 47 15.03 -8.65 -45.82
N TRP B 48 15.07 -8.71 -44.48
CA TRP B 48 14.21 -7.86 -43.67
C TRP B 48 14.78 -6.45 -43.65
N LYS B 49 13.95 -5.46 -43.95
CA LYS B 49 14.42 -4.10 -44.18
C LYS B 49 14.25 -3.21 -42.94
N SER B 50 15.06 -2.16 -42.90
CA SER B 50 14.82 -1.09 -41.94
C SER B 50 13.64 -0.25 -42.42
N ASP B 51 13.24 0.73 -41.59
CA ASP B 51 12.09 1.61 -41.83
C ASP B 51 11.97 2.06 -43.29
N PRO B 52 11.00 1.54 -44.03
CA PRO B 52 10.88 1.94 -45.44
C PRO B 52 10.36 3.36 -45.64
N TRP B 53 9.78 3.98 -44.62
CA TRP B 53 9.15 5.29 -44.81
C TRP B 53 10.17 6.42 -44.69
N GLU B 54 10.85 6.49 -43.54
CA GLU B 54 11.72 7.61 -43.20
C GLU B 54 13.15 7.19 -42.87
N ASN B 55 13.50 5.92 -42.99
CA ASN B 55 14.85 5.46 -42.67
C ASN B 55 15.23 5.82 -41.25
N ALA B 56 14.29 5.65 -40.33
CA ALA B 56 14.49 5.93 -38.91
C ALA B 56 14.90 4.66 -38.19
N ALA B 57 16.03 4.71 -37.48
CA ALA B 57 16.36 3.60 -36.59
C ALA B 57 15.39 3.52 -35.42
N GLY B 58 14.89 4.67 -34.96
CA GLY B 58 13.97 4.70 -33.85
C GLY B 58 13.21 6.01 -33.82
N LEU B 59 12.08 5.99 -33.12
CA LEU B 59 11.21 7.16 -33.03
C LEU B 59 11.03 7.48 -31.55
N LEU B 60 11.57 8.61 -31.13
CA LEU B 60 11.61 9.01 -29.73
C LEU B 60 10.62 10.14 -29.50
N THR B 61 9.74 9.98 -28.52
CA THR B 61 8.82 11.03 -28.11
C THR B 61 9.37 11.71 -26.85
N LEU B 62 9.51 13.03 -26.90
CA LEU B 62 10.10 13.78 -25.79
C LEU B 62 9.57 15.21 -25.77
N THR B 63 9.77 15.86 -24.63
CA THR B 63 9.43 17.28 -24.51
C THR B 63 10.51 18.15 -25.16
N ASP B 64 10.09 19.25 -25.77
CA ASP B 64 11.04 20.20 -26.33
C ASP B 64 11.34 21.31 -25.32
N SER B 65 12.14 22.29 -25.72
CA SER B 65 12.53 23.35 -24.79
C SER B 65 11.33 24.17 -24.32
N LYS B 66 10.30 24.27 -25.16
CA LYS B 66 9.05 24.89 -24.78
C LYS B 66 8.08 23.92 -24.12
N GLY B 67 8.51 22.67 -23.89
CA GLY B 67 7.75 21.72 -23.10
C GLY B 67 6.71 20.92 -23.85
N LYS B 68 6.50 21.17 -25.14
CA LYS B 68 5.52 20.41 -25.92
C LYS B 68 6.10 19.06 -26.33
N LYS B 69 5.27 18.02 -26.25
CA LYS B 69 5.68 16.70 -26.70
C LYS B 69 5.94 16.69 -28.20
N GLN B 70 7.08 16.13 -28.61
CA GLN B 70 7.44 15.96 -30.02
C GLN B 70 7.98 14.55 -30.24
N THR B 71 7.87 14.05 -31.46
CA THR B 71 8.36 12.72 -31.84
C THR B 71 9.41 12.87 -32.94
N VAL B 72 10.63 12.41 -32.67
CA VAL B 72 11.75 12.67 -33.55
C VAL B 72 12.35 11.37 -34.07
N ASN B 73 12.99 11.46 -35.23
CA ASN B 73 13.75 10.37 -35.81
C ASN B 73 15.15 10.41 -35.22
N ILE B 74 15.50 9.41 -34.41
CA ILE B 74 16.80 9.46 -33.76
C ILE B 74 17.96 9.31 -34.74
N SER B 75 17.70 8.88 -35.97
CA SER B 75 18.73 8.87 -37.00
C SER B 75 19.06 10.26 -37.52
N LYS B 76 18.32 11.29 -37.12
CA LYS B 76 18.67 12.66 -37.43
C LYS B 76 19.43 13.34 -36.28
N SER B 77 19.90 12.57 -35.30
CA SER B 77 20.66 13.13 -34.18
C SER B 77 21.95 13.78 -34.68
N LYS B 78 22.47 14.72 -33.88
CA LYS B 78 23.68 15.44 -34.27
C LYS B 78 24.88 14.50 -34.40
N LYS B 79 24.97 13.51 -33.52
CA LYS B 79 26.06 12.54 -33.54
C LYS B 79 25.49 11.13 -33.41
N ILE B 80 25.91 10.24 -34.32
CA ILE B 80 25.55 8.83 -34.28
C ILE B 80 26.84 8.03 -34.27
N GLU B 81 27.02 7.22 -33.23
CA GLU B 81 28.18 6.35 -33.08
C GLU B 81 27.75 4.91 -33.25
N VAL B 82 28.40 4.20 -34.16
CA VAL B 82 28.12 2.78 -34.42
C VAL B 82 29.46 2.06 -34.50
N SER B 83 29.69 1.11 -33.60
CA SER B 83 30.97 0.42 -33.57
C SER B 83 30.77 -1.02 -33.09
N LYS B 84 31.59 -1.91 -33.63
CA LYS B 84 31.60 -3.31 -33.19
C LYS B 84 32.45 -3.41 -31.93
N THR B 85 31.79 -3.53 -30.77
CA THR B 85 32.46 -3.60 -29.49
C THR B 85 32.79 -5.01 -29.05
N ALA B 86 32.31 -6.01 -29.79
CA ALA B 86 32.64 -7.41 -29.55
C ALA B 86 32.46 -8.14 -30.88
N LYS B 87 32.77 -9.44 -30.89
CA LYS B 87 32.67 -10.21 -32.14
C LYS B 87 31.25 -10.19 -32.69
N ASN B 88 30.27 -10.38 -31.81
CA ASN B 88 28.88 -10.47 -32.23
C ASN B 88 28.03 -9.39 -31.58
N THR B 89 28.63 -8.23 -31.30
CA THR B 89 27.92 -7.13 -30.66
C THR B 89 28.27 -5.83 -31.36
N VAL B 90 27.25 -5.10 -31.76
CA VAL B 90 27.41 -3.73 -32.25
C VAL B 90 26.74 -2.80 -31.25
N SER B 91 27.48 -1.79 -30.81
CA SER B 91 26.93 -0.78 -29.92
C SER B 91 26.59 0.47 -30.72
N LEU B 92 25.47 1.09 -30.38
CA LEU B 92 25.01 2.28 -31.07
C LEU B 92 24.69 3.36 -30.05
N LYS B 93 24.96 4.61 -30.42
CA LYS B 93 24.65 5.73 -29.55
C LYS B 93 24.12 6.85 -30.43
N PHE B 94 22.96 7.38 -30.05
CA PHE B 94 22.31 8.48 -30.74
C PHE B 94 22.36 9.66 -29.79
N ILE B 95 23.11 10.70 -30.17
CA ILE B 95 23.45 11.80 -29.27
C ILE B 95 22.84 13.08 -29.81
N ASP B 96 22.09 13.77 -28.95
CA ASP B 96 21.49 15.08 -29.22
C ASP B 96 20.53 15.01 -30.41
N PRO B 97 19.34 14.45 -30.22
CA PRO B 97 18.35 14.45 -31.31
C PRO B 97 18.00 15.87 -31.73
N VAL B 98 17.44 16.00 -32.92
CA VAL B 98 17.13 17.29 -33.50
C VAL B 98 15.61 17.39 -33.69
N PHE B 99 15.03 18.50 -33.24
CA PHE B 99 13.60 18.71 -33.37
C PHE B 99 13.24 19.16 -34.78
N GLU B 100 11.93 19.18 -35.06
CA GLU B 100 11.46 19.53 -36.39
C GLU B 100 11.79 20.98 -36.75
N ASP B 101 11.91 21.85 -35.75
CA ASP B 101 12.23 23.25 -36.01
C ASP B 101 13.72 23.51 -36.09
N GLY B 102 14.56 22.46 -35.99
CA GLY B 102 15.99 22.64 -36.09
C GLY B 102 16.72 22.84 -34.77
N SER B 103 16.00 23.08 -33.68
CA SER B 103 16.64 23.11 -32.37
C SER B 103 17.04 21.71 -31.94
N VAL B 104 17.83 21.64 -30.86
CA VAL B 104 18.53 20.43 -30.47
C VAL B 104 18.17 20.10 -29.03
N ALA B 105 17.85 18.83 -28.77
CA ALA B 105 17.80 18.31 -27.41
C ALA B 105 19.25 18.02 -26.97
N LYS B 106 19.98 19.10 -26.68
CA LYS B 106 21.33 18.95 -26.17
C LYS B 106 21.31 18.20 -24.85
N GLY B 107 22.10 17.14 -24.76
CA GLY B 107 22.17 16.35 -23.56
C GLY B 107 21.32 15.10 -23.55
N VAL B 108 20.53 14.86 -24.58
CA VAL B 108 19.75 13.62 -24.69
C VAL B 108 20.56 12.62 -25.50
N SER B 109 20.58 11.38 -25.03
CA SER B 109 21.27 10.32 -25.75
C SER B 109 20.56 9.00 -25.51
N ILE B 110 20.56 8.15 -26.54
CA ILE B 110 20.01 6.80 -26.48
C ILE B 110 21.13 5.84 -26.88
N ALA B 111 21.40 4.87 -26.03
CA ALA B 111 22.41 3.84 -26.29
C ALA B 111 21.71 2.50 -26.46
N THR B 112 22.06 1.80 -27.54
CA THR B 112 21.47 0.49 -27.85
C THR B 112 22.58 -0.49 -28.22
N GLU B 113 22.19 -1.75 -28.34
CA GLU B 113 23.09 -2.84 -28.70
C GLU B 113 22.35 -3.85 -29.55
N LEU B 114 23.06 -4.40 -30.54
CA LEU B 114 22.58 -5.51 -31.36
C LEU B 114 23.54 -6.67 -31.14
N ARG B 115 23.01 -7.80 -30.68
CA ARG B 115 23.84 -8.95 -30.31
C ARG B 115 23.37 -10.16 -31.09
N LEU B 116 24.20 -10.64 -32.01
CA LEU B 116 23.91 -11.81 -32.82
C LEU B 116 24.36 -13.07 -32.09
N ASP B 117 23.44 -14.03 -31.92
CA ASP B 117 23.82 -15.33 -31.38
C ASP B 117 24.94 -15.93 -32.22
N PRO B 118 25.99 -16.47 -31.61
CA PRO B 118 27.08 -17.03 -32.42
C PRO B 118 26.64 -18.16 -33.35
N ASN B 119 25.61 -18.91 -32.98
CA ASN B 119 25.19 -20.10 -33.71
C ASN B 119 23.80 -19.99 -34.32
N ASN B 120 22.83 -19.48 -33.59
CA ASN B 120 21.45 -19.58 -34.02
C ASN B 120 21.03 -18.32 -34.77
N ALA B 121 19.89 -18.44 -35.46
CA ALA B 121 19.33 -17.33 -36.22
C ALA B 121 18.53 -16.45 -35.25
N GLN B 122 19.26 -15.83 -34.33
CA GLN B 122 18.67 -15.03 -33.27
C GLN B 122 19.47 -13.76 -33.09
N LEU B 123 18.79 -12.62 -33.06
CA LEU B 123 19.37 -11.30 -32.85
C LEU B 123 18.70 -10.66 -31.65
N ASP B 124 19.50 -10.30 -30.64
CA ASP B 124 19.00 -9.53 -29.51
C ASP B 124 19.14 -8.04 -29.79
N VAL B 125 18.10 -7.28 -29.46
CA VAL B 125 18.09 -5.83 -29.62
C VAL B 125 17.74 -5.22 -28.27
N GLU B 126 18.59 -4.32 -27.77
CA GLU B 126 18.40 -3.81 -26.42
C GLU B 126 18.67 -2.33 -26.35
N VAL B 127 17.78 -1.59 -25.70
CA VAL B 127 18.04 -0.20 -25.31
C VAL B 127 18.78 -0.25 -23.97
N THR B 128 20.08 0.06 -23.99
CA THR B 128 20.90 -0.18 -22.81
C THR B 128 20.98 1.00 -21.87
N GLU B 129 20.87 2.22 -22.38
CA GLU B 129 20.90 3.40 -21.53
C GLU B 129 20.23 4.54 -22.26
N HIS B 130 19.60 5.43 -21.50
CA HIS B 130 19.04 6.65 -22.07
C HIS B 130 19.30 7.81 -21.12
N ARG B 131 19.76 8.93 -21.67
CA ARG B 131 20.04 10.14 -20.92
C ARG B 131 19.08 11.23 -21.41
N SER B 132 18.43 11.91 -20.47
CA SER B 132 17.36 12.84 -20.82
C SER B 132 17.71 14.30 -20.62
N GLY B 133 18.85 14.62 -20.00
CA GLY B 133 19.24 16.00 -19.79
C GLY B 133 18.16 16.78 -19.08
N ASN B 134 17.89 17.99 -19.58
CA ASN B 134 16.81 18.82 -19.05
C ASN B 134 15.47 18.50 -19.68
N PHE B 135 15.42 17.53 -20.58
CA PHE B 135 14.18 17.15 -21.24
C PHE B 135 13.57 15.94 -20.54
N THR B 136 12.35 15.60 -20.94
CA THR B 136 11.67 14.42 -20.44
C THR B 136 11.39 13.47 -21.60
N LEU B 137 11.82 12.21 -21.45
CA LEU B 137 11.66 11.19 -22.47
C LEU B 137 10.43 10.33 -22.20
N TYR B 138 9.67 10.04 -23.26
CA TYR B 138 8.46 9.25 -23.12
C TYR B 138 8.63 7.98 -23.95
N ASP B 139 7.99 7.85 -25.09
CA ASP B 139 8.02 6.60 -25.84
C ASP B 139 9.24 6.52 -26.74
N LEU B 140 9.76 5.31 -26.91
CA LEU B 140 10.80 5.03 -27.90
C LEU B 140 10.38 3.78 -28.67
N ARG B 141 10.05 3.97 -29.94
CA ARG B 141 9.88 2.85 -30.86
C ARG B 141 11.27 2.47 -31.36
N TYR B 142 11.75 1.31 -30.96
CA TYR B 142 13.07 0.84 -31.38
C TYR B 142 13.05 -0.68 -31.40
N PRO B 143 13.35 -1.32 -32.54
CA PRO B 143 13.63 -0.65 -33.81
C PRO B 143 12.35 -0.13 -34.46
N ALA B 144 12.43 0.98 -35.20
CA ALA B 144 11.23 1.61 -35.75
C ALA B 144 10.88 0.99 -37.09
N ARG B 145 9.62 0.57 -37.22
CA ARG B 145 9.05 0.11 -38.49
C ARG B 145 9.93 -0.93 -39.18
N ALA B 146 10.50 -1.83 -38.39
CA ALA B 146 11.38 -2.90 -38.86
C ALA B 146 10.58 -4.16 -39.19
N PHE B 147 11.23 -5.06 -39.95
CA PHE B 147 10.68 -6.38 -40.31
C PHE B 147 9.31 -6.25 -40.99
N SER B 148 9.17 -5.24 -41.83
CA SER B 148 7.85 -4.97 -42.40
C SER B 148 7.56 -5.91 -43.56
N LEU B 149 6.27 -6.06 -43.85
CA LEU B 149 5.81 -6.70 -45.07
C LEU B 149 5.28 -5.64 -46.02
N LYS B 150 5.51 -5.84 -47.31
CA LYS B 150 4.97 -4.96 -48.35
C LYS B 150 3.57 -5.42 -48.73
N THR B 151 2.58 -4.55 -48.51
CA THR B 151 1.18 -4.90 -48.75
C THR B 151 0.95 -5.28 -50.20
N ASP B 152 0.26 -6.40 -50.42
CA ASP B 152 -0.07 -6.96 -51.73
C ASP B 152 1.16 -7.37 -52.54
N GLU B 153 2.31 -7.46 -51.90
CA GLU B 153 3.48 -8.12 -52.50
C GLU B 153 3.87 -9.33 -51.66
N ASP B 154 4.26 -9.12 -50.40
CA ASP B 154 4.34 -10.22 -49.47
C ASP B 154 2.96 -10.82 -49.24
N LYS B 155 2.85 -12.13 -49.31
CA LYS B 155 1.62 -12.86 -49.05
C LYS B 155 1.82 -13.61 -47.74
N GLY B 156 1.59 -12.90 -46.63
CA GLY B 156 1.81 -13.42 -45.30
C GLY B 156 0.96 -12.63 -44.32
N ALA B 157 1.49 -12.32 -43.14
CA ALA B 157 0.64 -11.74 -42.12
C ALA B 157 1.48 -11.23 -40.95
N ALA B 158 0.94 -10.25 -40.24
CA ALA B 158 1.39 -9.99 -38.89
C ALA B 158 0.75 -11.02 -37.96
N VAL B 159 1.45 -11.35 -36.89
CA VAL B 159 1.01 -12.35 -35.93
C VAL B 159 0.98 -11.69 -34.57
N ILE B 160 -0.19 -11.63 -33.94
CA ILE B 160 -0.39 -10.87 -32.72
C ILE B 160 -1.16 -11.72 -31.73
N PRO B 161 -0.58 -12.06 -30.57
CA PRO B 161 -1.31 -12.85 -29.55
C PRO B 161 -2.25 -11.97 -28.72
N GLN B 162 -3.14 -11.28 -29.42
CA GLN B 162 -4.21 -10.53 -28.78
C GLN B 162 -5.24 -11.52 -28.24
N LYS B 163 -5.30 -11.64 -26.92
CA LYS B 163 -6.07 -12.66 -26.24
C LYS B 163 -5.71 -14.02 -26.85
N GLN B 164 -6.67 -14.79 -27.39
CA GLN B 164 -6.30 -16.10 -27.94
C GLN B 164 -5.35 -15.95 -29.13
N GLY B 165 -5.44 -14.85 -29.87
CA GLY B 165 -4.52 -14.55 -30.95
C GLY B 165 -5.19 -14.30 -32.29
N VAL B 166 -4.54 -13.47 -33.12
CA VAL B 166 -5.01 -13.16 -34.48
C VAL B 166 -3.81 -13.08 -35.42
N ILE B 167 -4.05 -13.32 -36.70
CA ILE B 167 -3.14 -12.91 -37.75
C ILE B 167 -3.80 -11.83 -38.59
N CYS B 168 -2.97 -10.94 -39.12
CA CYS B 168 -3.40 -9.88 -40.02
C CYS B 168 -2.73 -10.02 -41.38
N PRO B 169 -3.43 -10.56 -42.39
CA PRO B 169 -2.81 -10.78 -43.71
C PRO B 169 -2.31 -9.49 -44.34
N SER B 170 -1.22 -9.61 -45.11
CA SER B 170 -0.53 -8.47 -45.69
C SER B 170 -0.97 -8.18 -47.13
N TYR B 171 -2.21 -8.51 -47.48
CA TYR B 171 -2.69 -8.40 -48.84
C TYR B 171 -4.20 -8.55 -48.79
N ILE B 172 -4.86 -8.10 -49.85
CA ILE B 172 -6.32 -8.20 -49.94
C ILE B 172 -6.67 -9.52 -50.64
N PHE B 173 -7.76 -10.14 -50.20
CA PHE B 173 -8.12 -11.50 -50.59
C PHE B 173 -9.64 -11.58 -50.66
N PRO B 174 -10.19 -12.61 -51.31
CA PRO B 174 -11.65 -12.68 -51.41
C PRO B 174 -12.28 -12.94 -50.06
N MET B 175 -13.44 -12.33 -49.82
CA MET B 175 -14.22 -12.57 -48.62
C MET B 175 -15.63 -12.03 -48.85
N ASN B 176 -16.52 -12.27 -47.89
CA ASN B 176 -17.85 -11.71 -47.98
C ASN B 176 -17.79 -10.21 -48.25
N GLY B 177 -18.68 -9.74 -49.12
CA GLY B 177 -18.62 -8.36 -49.59
C GLY B 177 -18.70 -7.34 -48.46
N GLY B 178 -19.54 -7.60 -47.46
CA GLY B 178 -19.61 -6.69 -46.32
C GLY B 178 -18.32 -6.66 -45.52
N ARG B 179 -17.77 -7.85 -45.21
CA ARG B 179 -16.49 -7.92 -44.53
C ARG B 179 -15.39 -7.28 -45.35
N PHE B 180 -15.43 -7.46 -46.66
CA PHE B 180 -14.41 -6.90 -47.54
C PHE B 180 -14.40 -5.38 -47.46
N CYS B 181 -15.57 -4.76 -47.55
CA CYS B 181 -15.63 -3.30 -47.48
C CYS B 181 -15.03 -2.79 -46.17
N LYS B 182 -15.39 -3.40 -45.03
CA LYS B 182 -14.87 -2.97 -43.74
C LYS B 182 -13.38 -3.22 -43.62
N TRP B 183 -12.93 -4.39 -44.11
CA TRP B 183 -11.51 -4.74 -44.09
C TRP B 183 -10.67 -3.72 -44.84
N ASP B 184 -10.98 -3.52 -46.12
CA ASP B 184 -10.20 -2.62 -46.95
C ASP B 184 -10.24 -1.19 -46.44
N ASP B 185 -11.42 -0.73 -46.00
CA ASP B 185 -11.54 0.64 -45.50
C ASP B 185 -10.66 0.86 -44.28
N ALA B 186 -10.58 -0.15 -43.41
CA ALA B 186 -9.80 -0.04 -42.19
C ALA B 186 -8.31 0.08 -42.47
N THR B 187 -7.83 -0.52 -43.57
CA THR B 187 -6.41 -0.39 -43.90
C THR B 187 -6.08 1.01 -44.39
N TYR B 188 -7.08 1.86 -44.62
CA TYR B 188 -6.84 3.23 -45.04
C TYR B 188 -7.15 4.27 -43.98
N ASN B 189 -7.77 3.91 -42.87
CA ASN B 189 -8.03 4.94 -41.87
C ASN B 189 -7.35 4.54 -40.57
N ASN B 190 -7.76 5.12 -39.45
CA ASN B 190 -7.04 4.91 -38.20
C ASN B 190 -7.34 3.56 -37.55
N LYS B 191 -8.22 2.73 -38.11
CA LYS B 191 -8.45 1.45 -37.46
C LYS B 191 -7.25 0.53 -37.56
N SER B 192 -6.34 0.76 -38.51
CA SER B 192 -5.19 -0.11 -38.76
C SER B 192 -3.90 0.39 -38.12
N GLN B 193 -3.96 1.36 -37.22
CA GLN B 193 -2.75 1.81 -36.52
C GLN B 193 -3.10 2.10 -35.07
N GLY B 194 -2.18 1.79 -34.17
CA GLY B 194 -2.42 1.97 -32.75
C GLY B 194 -1.44 1.13 -31.95
N SER B 195 -1.74 0.98 -30.67
CA SER B 195 -0.88 0.18 -29.80
C SER B 195 -1.72 -0.67 -28.86
N LEU B 196 -1.09 -1.76 -28.40
CA LEU B 196 -1.65 -2.69 -27.43
C LEU B 196 -0.68 -2.88 -26.28
N GLU B 197 -1.19 -3.33 -25.13
CA GLU B 197 -0.38 -3.60 -23.95
C GLU B 197 -0.28 -5.09 -23.69
N LEU B 198 0.68 -5.44 -22.83
CA LEU B 198 0.93 -6.83 -22.47
C LEU B 198 0.13 -7.21 -21.23
N PHE B 199 -0.51 -8.39 -21.27
CA PHE B 199 -1.01 -9.12 -20.10
C PHE B 199 -2.22 -8.44 -19.45
N ASN B 200 -3.16 -7.98 -20.25
CA ASN B 200 -4.43 -7.52 -19.70
C ASN B 200 -5.55 -8.41 -20.24
N ASN B 201 -6.74 -8.25 -19.66
CA ASN B 201 -7.92 -8.97 -20.10
C ASN B 201 -8.79 -8.16 -21.04
N GLY B 202 -8.30 -7.01 -21.47
CA GLY B 202 -9.03 -6.17 -22.40
C GLY B 202 -8.55 -6.42 -23.82
N THR B 203 -8.02 -5.39 -24.46
CA THR B 203 -7.68 -5.46 -25.87
C THR B 203 -6.28 -6.00 -26.12
N GLY B 204 -5.53 -6.35 -25.08
CA GLY B 204 -4.09 -6.51 -25.19
C GLY B 204 -3.62 -7.95 -25.40
N LEU B 205 -2.32 -8.12 -25.24
CA LEU B 205 -1.61 -9.35 -25.57
C LEU B 205 -1.52 -10.26 -24.35
N THR B 206 -1.53 -11.57 -24.62
CA THR B 206 -1.41 -12.57 -23.57
C THR B 206 -0.09 -13.30 -23.60
N MET B 207 0.78 -12.98 -24.55
CA MET B 207 2.11 -13.57 -24.59
C MET B 207 3.08 -12.49 -25.05
N PRO B 208 4.30 -12.46 -24.53
CA PRO B 208 5.22 -11.35 -24.82
C PRO B 208 6.00 -11.53 -26.13
N TRP B 209 5.28 -11.78 -27.23
CA TRP B 209 5.94 -11.90 -28.52
C TRP B 209 4.99 -11.44 -29.61
N TRP B 210 5.55 -11.18 -30.79
CA TRP B 210 4.78 -10.85 -31.99
C TRP B 210 5.71 -11.02 -33.19
N GLY B 211 5.12 -11.07 -34.38
CA GLY B 211 6.01 -11.27 -35.52
C GLY B 211 5.33 -11.02 -36.84
N THR B 212 6.09 -11.27 -37.91
CA THR B 212 5.64 -11.10 -39.28
C THR B 212 6.23 -12.23 -40.13
N TYR B 213 5.49 -12.62 -41.17
CA TYR B 213 6.02 -13.62 -42.07
C TYR B 213 5.47 -13.40 -43.47
N ASN B 214 6.26 -13.80 -44.46
CA ASN B 214 5.76 -13.91 -45.81
C ASN B 214 5.93 -15.35 -46.26
N GLU B 215 5.81 -15.60 -47.56
CA GLU B 215 5.93 -16.96 -48.06
C GLU B 215 7.33 -17.53 -47.90
N LYS B 216 8.34 -16.68 -47.70
CA LYS B 216 9.71 -17.18 -47.60
C LYS B 216 10.17 -17.42 -46.16
N SER B 217 9.85 -16.51 -45.23
CA SER B 217 10.42 -16.63 -43.90
C SER B 217 9.59 -15.87 -42.87
N ALA B 218 9.90 -16.15 -41.61
CA ALA B 218 9.20 -15.55 -40.49
C ALA B 218 10.20 -14.94 -39.54
N VAL B 219 9.75 -13.91 -38.81
CA VAL B 219 10.52 -13.35 -37.71
C VAL B 219 9.55 -13.07 -36.57
N MET B 220 10.00 -13.33 -35.35
CA MET B 220 9.24 -12.96 -34.17
C MET B 220 10.21 -12.41 -33.13
N GLY B 221 9.72 -11.48 -32.33
CA GLY B 221 10.47 -10.94 -31.22
C GLY B 221 9.83 -11.36 -29.90
N ILE B 222 10.67 -11.81 -28.97
CA ILE B 222 10.24 -12.20 -27.62
C ILE B 222 10.77 -11.14 -26.66
N VAL B 223 9.87 -10.49 -25.96
CA VAL B 223 10.24 -9.44 -25.02
C VAL B 223 10.83 -10.03 -23.75
N ASP B 224 11.89 -9.40 -23.25
CA ASP B 224 12.53 -9.82 -22.01
C ASP B 224 11.51 -9.92 -20.89
N VAL B 225 11.66 -10.95 -20.05
CA VAL B 225 10.68 -11.22 -19.01
C VAL B 225 10.54 -10.06 -18.02
N SER B 226 11.54 -9.17 -17.96
CA SER B 226 11.53 -8.08 -17.01
C SER B 226 10.94 -6.78 -17.56
N ALA B 227 10.58 -6.73 -18.84
CA ALA B 227 10.19 -5.48 -19.48
C ALA B 227 8.71 -5.49 -19.83
N ARG B 228 8.15 -4.29 -19.98
CA ARG B 228 6.75 -4.14 -20.39
C ARG B 228 6.61 -3.04 -21.45
N PRO B 229 7.16 -3.27 -22.64
CA PRO B 229 6.85 -2.39 -23.76
C PRO B 229 5.39 -2.57 -24.18
N HIS B 230 4.90 -1.58 -24.91
CA HIS B 230 3.69 -1.72 -25.68
C HIS B 230 4.05 -2.17 -27.09
N MET B 231 3.05 -2.54 -27.86
CA MET B 231 3.27 -2.98 -29.24
C MET B 231 2.49 -2.06 -30.17
N GLN B 232 3.21 -1.30 -30.99
CA GLN B 232 2.60 -0.52 -32.05
C GLN B 232 2.29 -1.42 -33.23
N TYR B 233 1.11 -1.25 -33.82
CA TYR B 233 0.76 -2.01 -35.03
C TYR B 233 0.43 -1.06 -36.17
N ASN B 234 0.71 -1.53 -37.38
CA ASN B 234 0.37 -0.81 -38.60
C ASN B 234 0.02 -1.89 -39.61
N ILE B 235 -1.27 -2.03 -39.90
CA ILE B 235 -1.77 -3.13 -40.72
C ILE B 235 -2.18 -2.67 -42.11
N ASN B 236 -1.23 -2.70 -43.05
CA ASN B 236 -1.42 -2.32 -44.45
C ASN B 236 -1.71 -0.83 -44.63
N ASN B 237 -1.46 -0.03 -43.60
CA ASN B 237 -1.65 1.42 -43.66
C ASN B 237 -0.41 2.09 -44.25
N ASN B 238 -0.64 3.12 -45.07
CA ASN B 238 0.46 3.84 -45.72
C ASN B 238 0.92 5.06 -44.93
N GLY B 239 0.55 5.15 -43.65
CA GLY B 239 0.98 6.27 -42.84
C GLY B 239 0.20 7.55 -43.06
N GLN B 240 -0.98 7.47 -43.70
CA GLN B 240 -1.79 8.68 -43.88
C GLN B 240 -2.08 9.33 -42.53
N TYR B 241 -2.18 8.55 -41.45
CA TYR B 241 -2.42 9.13 -40.14
C TYR B 241 -1.32 10.11 -39.74
N LEU B 242 -0.13 9.99 -40.32
CA LEU B 242 0.93 10.93 -40.00
C LEU B 242 0.75 12.28 -40.70
N PHE B 243 -0.15 12.36 -41.68
CA PHE B 243 -0.24 13.55 -42.49
C PHE B 243 -1.61 14.22 -42.46
N ASN B 244 -2.59 13.63 -41.77
CA ASN B 244 -3.93 14.20 -41.76
C ASN B 244 -3.97 15.60 -41.15
N ALA B 245 -3.23 15.82 -40.05
CA ALA B 245 -3.18 17.16 -39.46
C ALA B 245 -2.49 18.17 -40.36
N LYS B 246 -1.54 17.73 -41.18
CA LYS B 246 -0.95 18.63 -42.16
C LYS B 246 -1.83 18.82 -43.40
N GLY B 247 -2.83 17.97 -43.59
CA GLY B 247 -3.63 18.04 -44.82
C GLY B 247 -2.89 17.77 -46.11
N VAL B 248 -2.00 16.77 -46.12
CA VAL B 248 -1.35 16.32 -47.35
C VAL B 248 -1.54 14.82 -47.47
N MET B 249 -1.36 14.30 -48.69
CA MET B 249 -1.48 12.87 -48.93
C MET B 249 -0.17 12.19 -48.56
N SER B 250 -0.26 11.03 -47.92
CA SER B 250 0.97 10.32 -47.57
C SER B 250 1.73 9.94 -48.83
N PRO B 251 3.05 10.12 -48.84
CA PRO B 251 3.87 9.60 -49.95
C PRO B 251 4.43 8.22 -49.71
N TYR B 252 4.01 7.53 -48.65
CA TYR B 252 4.60 6.26 -48.27
C TYR B 252 3.82 5.08 -48.86
N GLN B 253 4.44 3.91 -48.81
CA GLN B 253 3.84 2.67 -49.28
C GLN B 253 3.07 1.96 -48.18
N ARG B 254 1.98 1.29 -48.56
CA ARG B 254 1.25 0.45 -47.63
C ARG B 254 2.13 -0.71 -47.16
N ILE B 255 2.32 -0.82 -45.84
CA ILE B 255 3.12 -1.88 -45.25
C ILE B 255 2.46 -2.39 -43.97
N VAL B 256 2.93 -3.55 -43.52
CA VAL B 256 2.59 -4.14 -42.23
C VAL B 256 3.82 -4.09 -41.34
N PHE B 257 3.71 -3.48 -40.16
CA PHE B 257 4.79 -3.61 -39.18
C PHE B 257 4.22 -3.62 -37.78
N LEU B 258 5.03 -4.17 -36.87
CA LEU B 258 4.78 -4.22 -35.43
C LEU B 258 6.04 -3.75 -34.72
N ASP B 259 5.92 -2.75 -33.83
CA ASP B 259 7.09 -2.17 -33.17
C ASP B 259 6.98 -2.28 -31.66
N PRO B 260 8.09 -2.57 -30.96
CA PRO B 260 8.11 -2.35 -29.51
C PRO B 260 8.07 -0.86 -29.20
N ILE B 261 7.24 -0.49 -28.23
CA ILE B 261 7.22 0.85 -27.67
C ILE B 261 7.79 0.76 -26.26
N TRP B 262 9.03 1.20 -26.09
CA TRP B 262 9.66 1.24 -24.78
C TRP B 262 9.20 2.49 -24.05
N LYS B 263 8.57 2.34 -22.90
CA LYS B 263 8.06 3.48 -22.13
C LYS B 263 9.19 3.97 -21.24
N LEU B 264 10.02 4.86 -21.79
CA LEU B 264 11.23 5.27 -21.08
C LEU B 264 10.90 5.94 -19.75
N ASP B 265 9.73 6.58 -19.66
CA ASP B 265 9.31 7.25 -18.43
C ASP B 265 8.92 6.28 -17.33
N GLN B 266 8.65 5.01 -17.66
CA GLN B 266 8.15 4.04 -16.70
C GLN B 266 9.01 2.80 -16.56
N GLU B 267 9.78 2.43 -17.58
CA GLU B 267 10.38 1.10 -17.65
C GLU B 267 11.62 1.02 -16.77
N LYS B 268 11.61 0.05 -15.85
CA LYS B 268 12.78 -0.24 -15.03
C LYS B 268 13.34 -1.64 -15.28
N GLY B 269 12.77 -2.40 -16.20
CA GLY B 269 13.33 -3.67 -16.60
C GLY B 269 14.36 -3.52 -17.71
N LYS B 270 14.81 -4.67 -18.19
CA LYS B 270 15.81 -4.72 -19.26
C LYS B 270 15.11 -4.61 -20.60
N MET B 271 15.42 -3.56 -21.35
CA MET B 271 14.67 -3.24 -22.56
C MET B 271 15.26 -4.01 -23.76
N ARG B 272 15.06 -5.32 -23.69
CA ARG B 272 15.60 -6.26 -24.67
C ARG B 272 14.46 -7.00 -25.35
N ILE B 273 14.57 -7.15 -26.67
CA ILE B 273 13.69 -8.03 -27.43
C ILE B 273 14.57 -8.98 -28.24
N SER B 274 14.22 -10.26 -28.23
CA SER B 274 15.00 -11.32 -28.89
C SER B 274 14.26 -11.72 -30.15
N TYR B 275 14.87 -11.44 -31.31
CA TYR B 275 14.26 -11.78 -32.58
C TYR B 275 14.72 -13.15 -33.04
N HIS B 276 13.77 -14.01 -33.40
CA HIS B 276 14.05 -15.34 -33.91
C HIS B 276 13.59 -15.42 -35.37
N PHE B 277 14.45 -15.95 -36.23
CA PHE B 277 14.23 -15.95 -37.67
C PHE B 277 14.00 -17.39 -38.13
N ILE B 278 12.83 -17.65 -38.72
CA ILE B 278 12.43 -19.02 -39.04
C ILE B 278 12.21 -19.16 -40.54
N PRO B 279 13.10 -19.88 -41.24
CA PRO B 279 12.91 -20.08 -42.69
C PRO B 279 11.64 -20.85 -42.96
N GLY B 280 10.82 -20.34 -43.89
CA GLY B 280 9.56 -20.97 -44.22
C GLY B 280 8.56 -21.04 -43.09
N GLY B 281 8.74 -20.27 -42.01
CA GLY B 281 7.86 -20.38 -40.86
C GLY B 281 6.61 -19.51 -40.97
N ASP B 282 5.62 -19.82 -40.15
CA ASP B 282 4.44 -18.98 -40.02
C ASP B 282 4.05 -18.92 -38.54
N TYR B 283 2.81 -18.55 -38.26
CA TYR B 283 2.39 -18.34 -36.88
C TYR B 283 2.55 -19.61 -36.04
N VAL B 284 2.40 -20.80 -36.65
CA VAL B 284 2.54 -22.05 -35.88
C VAL B 284 3.97 -22.21 -35.37
N ASP B 285 4.94 -21.99 -36.26
CA ASP B 285 6.34 -22.11 -35.88
C ASP B 285 6.73 -21.05 -34.87
N MET B 286 6.13 -19.85 -34.97
CA MET B 286 6.39 -18.83 -33.95
C MET B 286 5.90 -19.31 -32.60
N ALA B 287 4.67 -19.83 -32.54
CA ALA B 287 4.16 -20.32 -31.27
C ALA B 287 5.05 -21.41 -30.67
N LYS B 288 5.56 -22.31 -31.52
CA LYS B 288 6.38 -23.40 -30.97
C LYS B 288 7.70 -22.87 -30.46
N VAL B 289 8.25 -21.85 -31.10
CA VAL B 289 9.47 -21.22 -30.58
C VAL B 289 9.19 -20.58 -29.22
N TYR B 290 8.09 -19.81 -29.11
CA TYR B 290 7.80 -19.24 -27.80
C TYR B 290 7.50 -20.34 -26.78
N GLN B 291 6.91 -21.45 -27.22
CA GLN B 291 6.62 -22.54 -26.29
C GLN B 291 7.87 -22.97 -25.52
N LYS B 292 9.03 -23.00 -26.19
CA LYS B 292 10.26 -23.39 -25.50
C LYS B 292 10.62 -22.36 -24.43
N GLU B 293 10.46 -21.07 -24.75
CA GLU B 293 10.69 -20.02 -23.78
C GLU B 293 9.66 -20.07 -22.66
N ALA B 294 8.39 -20.34 -22.99
CA ALA B 294 7.35 -20.49 -21.98
C ALA B 294 7.74 -21.54 -20.94
N LYS B 295 8.26 -22.67 -21.38
CA LYS B 295 8.73 -23.69 -20.42
C LYS B 295 9.90 -23.19 -19.58
N ALA B 296 10.85 -22.48 -20.21
CA ALA B 296 12.00 -21.98 -19.47
C ALA B 296 11.61 -20.97 -18.39
N ARG B 297 10.56 -20.18 -18.65
CA ARG B 297 10.06 -19.18 -17.72
C ARG B 297 9.22 -19.78 -16.60
N GLY B 298 8.89 -21.07 -16.67
CA GLY B 298 8.16 -21.71 -15.60
C GLY B 298 6.65 -21.65 -15.71
N HIS B 299 6.10 -21.10 -16.80
CA HIS B 299 4.65 -21.00 -16.95
C HIS B 299 4.03 -22.37 -17.25
N PHE B 300 4.78 -23.26 -17.89
CA PHE B 300 4.23 -24.47 -18.46
C PHE B 300 4.18 -25.54 -17.39
N VAL B 301 2.98 -25.87 -16.91
CA VAL B 301 2.77 -27.01 -16.04
C VAL B 301 1.67 -27.84 -16.70
N SER B 302 2.03 -29.02 -17.20
CA SER B 302 1.13 -29.75 -18.08
C SER B 302 -0.12 -30.23 -17.35
N LEU B 303 -1.19 -30.41 -18.11
CA LEU B 303 -2.40 -31.02 -17.57
C LEU B 303 -2.16 -32.45 -17.09
N GLN B 304 -1.20 -33.15 -17.68
CA GLN B 304 -0.91 -34.51 -17.19
C GLN B 304 -0.28 -34.47 -15.80
N GLU B 305 0.62 -33.52 -15.54
CA GLU B 305 1.11 -33.35 -14.17
C GLU B 305 -0.02 -32.97 -13.23
N LYS B 306 -0.90 -32.07 -13.67
CA LYS B 306 -2.02 -31.68 -12.83
C LYS B 306 -2.96 -32.85 -12.57
N LEU B 307 -3.12 -33.72 -13.57
CA LEU B 307 -3.96 -34.90 -13.40
C LEU B 307 -3.33 -35.88 -12.42
N LYS B 308 -2.02 -36.08 -12.49
CA LYS B 308 -1.34 -36.94 -11.52
C LYS B 308 -1.57 -36.42 -10.10
N ARG B 309 -1.53 -35.10 -9.91
CA ARG B 309 -1.76 -34.54 -8.59
C ARG B 309 -3.22 -34.63 -8.17
N ASN B 310 -4.16 -34.54 -9.11
CA ASN B 310 -5.59 -34.55 -8.79
C ASN B 310 -6.33 -35.35 -9.86
N PRO B 311 -6.71 -36.60 -9.57
CA PRO B 311 -7.43 -37.38 -10.57
C PRO B 311 -8.76 -36.78 -10.98
N ASN B 312 -9.35 -35.89 -10.17
CA ASN B 312 -10.60 -35.24 -10.55
C ASN B 312 -10.42 -34.28 -11.73
N VAL B 313 -9.19 -34.02 -12.15
CA VAL B 313 -9.00 -33.27 -13.39
C VAL B 313 -9.68 -34.00 -14.55
N ASN B 314 -9.78 -35.32 -14.47
CA ASN B 314 -10.35 -36.06 -15.59
C ASN B 314 -11.87 -35.94 -15.66
N LYS B 315 -12.50 -35.15 -14.80
CA LYS B 315 -13.90 -34.78 -14.95
C LYS B 315 -14.09 -33.63 -15.93
N LEU B 316 -13.00 -33.02 -16.41
CA LEU B 316 -13.02 -31.89 -17.34
C LEU B 316 -13.10 -32.30 -18.81
N PRO B 317 -12.35 -33.31 -19.29
CA PRO B 317 -12.44 -33.66 -20.72
C PRO B 317 -13.86 -34.03 -21.12
N GLY B 318 -14.37 -33.37 -22.16
CA GLY B 318 -15.72 -33.59 -22.62
C GLY B 318 -16.80 -32.97 -21.76
N ALA B 319 -16.45 -32.10 -20.82
CA ALA B 319 -17.44 -31.46 -19.96
C ALA B 319 -17.89 -30.14 -20.59
N ILE B 320 -19.18 -29.87 -20.49
CA ILE B 320 -19.73 -28.57 -20.84
C ILE B 320 -19.68 -27.70 -19.58
N TYR B 321 -19.16 -26.49 -19.73
CA TYR B 321 -19.14 -25.53 -18.65
C TYR B 321 -20.47 -24.76 -18.61
N PHE B 322 -21.21 -24.91 -17.51
CA PHE B 322 -22.51 -24.28 -17.32
C PHE B 322 -22.39 -23.21 -16.25
N GLY B 323 -22.69 -21.97 -16.63
CA GLY B 323 -22.82 -20.90 -15.65
C GLY B 323 -24.29 -20.59 -15.49
N ILE B 324 -24.85 -20.85 -14.31
CA ILE B 324 -26.24 -20.52 -14.03
C ILE B 324 -26.21 -19.16 -13.35
N TYR B 325 -26.62 -18.13 -14.08
CA TYR B 325 -26.37 -16.75 -13.65
C TYR B 325 -27.63 -16.22 -12.97
N GLY B 326 -27.54 -16.05 -11.66
CA GLY B 326 -28.68 -15.60 -10.87
C GLY B 326 -28.63 -14.14 -10.47
N GLY B 327 -27.95 -13.30 -11.26
CA GLY B 327 -27.93 -11.88 -10.98
C GLY B 327 -26.87 -11.44 -10.00
N TYR B 328 -26.12 -12.36 -9.45
CA TYR B 328 -25.03 -12.27 -8.49
C TYR B 328 -23.71 -12.49 -9.22
N PRO B 329 -22.64 -11.74 -8.89
CA PRO B 329 -22.42 -10.85 -7.76
C PRO B 329 -23.02 -9.45 -7.85
N HIS B 330 -23.57 -9.13 -9.02
CA HIS B 330 -24.07 -7.79 -9.27
C HIS B 330 -25.18 -7.39 -8.29
N TYR B 331 -26.01 -8.35 -7.90
CA TYR B 331 -27.14 -8.09 -7.00
C TYR B 331 -27.32 -9.29 -6.10
N VAL B 332 -27.89 -9.05 -4.92
CA VAL B 332 -28.22 -10.12 -3.98
C VAL B 332 -29.70 -10.43 -4.15
N ASN B 333 -29.99 -11.68 -4.50
CA ASN B 333 -31.36 -12.19 -4.64
C ASN B 333 -32.22 -11.28 -5.53
N MET B 334 -31.73 -11.02 -6.73
CA MET B 334 -32.47 -10.14 -7.64
C MET B 334 -33.73 -10.82 -8.16
N PRO B 335 -34.90 -10.19 -8.03
CA PRO B 335 -36.14 -10.82 -8.52
C PRO B 335 -36.12 -11.03 -10.02
N GLY B 336 -36.55 -12.21 -10.46
CA GLY B 336 -36.52 -12.53 -11.87
C GLY B 336 -35.20 -13.02 -12.40
N MET B 337 -34.15 -13.04 -11.59
CA MET B 337 -32.87 -13.61 -12.02
C MET B 337 -32.34 -14.65 -11.03
N ALA B 338 -32.46 -14.40 -9.74
CA ALA B 338 -31.92 -15.31 -8.74
C ALA B 338 -32.63 -16.66 -8.82
N PHE B 339 -31.87 -17.73 -8.64
CA PHE B 339 -32.41 -19.07 -8.53
C PHE B 339 -32.42 -19.51 -7.07
N THR B 340 -33.43 -20.28 -6.70
CA THR B 340 -33.36 -20.98 -5.43
C THR B 340 -32.49 -22.22 -5.59
N PHE B 341 -32.10 -22.79 -4.44
CA PHE B 341 -31.27 -23.99 -4.50
C PHE B 341 -32.06 -25.19 -4.99
N ASP B 342 -33.37 -25.22 -4.73
CA ASP B 342 -34.21 -26.26 -5.33
C ASP B 342 -34.27 -26.11 -6.84
N GLU B 343 -34.31 -24.86 -7.34
CA GLU B 343 -34.30 -24.67 -8.79
C GLU B 343 -32.94 -25.03 -9.37
N LEU B 344 -31.87 -24.68 -8.66
CA LEU B 344 -30.53 -25.11 -9.06
C LEU B 344 -30.45 -26.62 -9.19
N LYS B 345 -30.96 -27.33 -8.19
CA LYS B 345 -30.90 -28.80 -8.23
C LYS B 345 -31.68 -29.34 -9.41
N ASN B 346 -32.86 -28.77 -9.68
CA ASN B 346 -33.67 -29.26 -10.80
C ASN B 346 -33.01 -29.01 -12.14
N ILE B 347 -32.27 -27.90 -12.28
CA ILE B 347 -31.54 -27.65 -13.52
C ILE B 347 -30.45 -28.69 -13.71
N ILE B 348 -29.71 -29.00 -12.65
CA ILE B 348 -28.66 -30.03 -12.72
C ILE B 348 -29.26 -31.39 -13.10
N LYS B 349 -30.38 -31.74 -12.50
CA LYS B 349 -31.02 -33.01 -12.82
C LYS B 349 -31.44 -33.08 -14.29
N THR B 350 -32.02 -31.99 -14.80
CA THR B 350 -32.48 -31.98 -16.19
C THR B 350 -31.30 -32.11 -17.16
N ILE B 351 -30.19 -31.41 -16.87
CA ILE B 351 -28.99 -31.48 -17.70
C ILE B 351 -28.49 -32.93 -17.80
N HIS B 352 -28.54 -33.66 -16.69
CA HIS B 352 -28.06 -35.03 -16.68
C HIS B 352 -29.11 -36.02 -17.20
N ASP B 353 -30.34 -35.97 -16.68
CA ASP B 353 -31.33 -36.99 -17.01
C ASP B 353 -32.00 -36.72 -18.36
N ASP B 354 -32.45 -35.48 -18.61
CA ASP B 354 -33.12 -35.17 -19.88
C ASP B 354 -32.11 -35.00 -21.01
N LEU B 355 -31.09 -34.17 -20.79
CA LEU B 355 -30.18 -33.78 -21.87
C LEU B 355 -28.99 -34.73 -22.01
N ARG B 356 -28.88 -35.72 -21.12
CA ARG B 356 -27.90 -36.80 -21.25
C ARG B 356 -26.47 -36.25 -21.32
N VAL B 357 -26.21 -35.18 -20.57
CA VAL B 357 -24.87 -34.62 -20.51
C VAL B 357 -24.04 -35.48 -19.57
N ASP B 358 -22.95 -36.05 -20.08
CA ASP B 358 -22.22 -37.03 -19.29
C ASP B 358 -21.23 -36.38 -18.34
N LYS B 359 -20.70 -35.21 -18.69
CA LYS B 359 -19.70 -34.53 -17.90
C LYS B 359 -20.00 -33.04 -17.93
N ALA B 360 -19.84 -32.36 -16.81
CA ALA B 360 -20.24 -30.98 -16.71
C ALA B 360 -19.45 -30.31 -15.59
N PHE B 361 -19.22 -29.01 -15.76
CA PHE B 361 -18.75 -28.13 -14.70
C PHE B 361 -19.91 -27.18 -14.41
N VAL B 362 -20.56 -27.35 -13.27
CA VAL B 362 -21.71 -26.54 -12.91
C VAL B 362 -21.23 -25.38 -12.05
N HIS B 363 -21.45 -24.15 -12.52
CA HIS B 363 -20.97 -22.95 -11.86
C HIS B 363 -22.17 -22.10 -11.49
N ALA B 364 -22.48 -21.99 -10.19
CA ALA B 364 -23.70 -21.35 -9.73
C ALA B 364 -23.41 -19.93 -9.24
N TRP B 365 -23.88 -18.94 -9.98
CA TRP B 365 -23.64 -17.53 -9.66
C TRP B 365 -24.79 -17.02 -8.79
N GLY B 366 -24.59 -17.06 -7.48
CA GLY B 366 -25.58 -16.56 -6.56
C GLY B 366 -25.95 -17.55 -5.48
N THR B 367 -25.05 -17.76 -4.53
CA THR B 367 -25.30 -18.67 -3.43
C THR B 367 -25.16 -18.04 -2.06
N PHE B 368 -24.77 -16.76 -1.98
CA PHE B 368 -24.49 -16.10 -0.72
C PHE B 368 -25.40 -14.89 -0.55
N SER B 369 -25.69 -14.54 0.71
CA SER B 369 -26.58 -13.44 1.01
C SER B 369 -25.84 -12.14 1.31
N ASN B 370 -24.51 -12.13 1.25
CA ASN B 370 -23.74 -10.90 1.26
C ASN B 370 -23.10 -10.69 -0.10
N PHE B 371 -22.78 -9.44 -0.39
CA PHE B 371 -21.99 -9.12 -1.57
C PHE B 371 -20.56 -9.58 -1.40
N VAL B 372 -19.97 -10.03 -2.50
CA VAL B 372 -18.52 -10.22 -2.56
C VAL B 372 -17.90 -8.86 -2.24
N PRO B 373 -16.73 -8.80 -1.58
CA PRO B 373 -15.82 -9.92 -1.28
C PRO B 373 -16.13 -10.74 -0.02
N HIS B 374 -17.33 -10.64 0.55
CA HIS B 374 -17.70 -11.47 1.70
C HIS B 374 -18.60 -12.59 1.17
N ASN B 375 -17.97 -13.71 0.84
CA ASN B 375 -18.58 -14.82 0.11
C ASN B 375 -19.29 -15.79 1.06
N TYR B 376 -20.24 -15.24 1.83
CA TYR B 376 -20.90 -15.99 2.90
C TYR B 376 -22.00 -15.12 3.51
N PRO B 377 -22.97 -15.70 4.22
CA PRO B 377 -23.17 -17.15 4.37
C PRO B 377 -23.92 -17.70 3.19
N ILE B 378 -24.04 -19.03 3.10
CA ILE B 378 -24.97 -19.60 2.14
C ILE B 378 -26.35 -19.01 2.41
N SER B 379 -27.01 -18.52 1.36
CA SER B 379 -28.19 -17.68 1.53
C SER B 379 -29.36 -18.46 2.12
N GLU B 380 -29.92 -17.97 3.22
CA GLU B 380 -31.15 -18.55 3.74
C GLU B 380 -32.31 -18.29 2.80
N ALA B 381 -32.38 -17.09 2.21
CA ALA B 381 -33.51 -16.78 1.33
C ALA B 381 -33.56 -17.71 0.13
N LEU B 382 -32.41 -18.19 -0.35
CA LEU B 382 -32.42 -19.13 -1.47
C LEU B 382 -32.72 -20.57 -1.06
N GLY B 383 -32.83 -20.85 0.24
CA GLY B 383 -33.14 -22.20 0.69
C GLY B 383 -32.24 -22.73 1.79
N GLY B 384 -31.06 -22.13 1.94
CA GLY B 384 -30.18 -22.44 3.05
C GLY B 384 -29.13 -23.48 2.74
N PRO B 385 -28.18 -23.68 3.67
CA PRO B 385 -27.07 -24.61 3.41
C PRO B 385 -27.49 -26.01 3.00
N GLU B 386 -28.49 -26.59 3.66
CA GLU B 386 -28.84 -27.98 3.37
C GLU B 386 -29.41 -28.14 1.96
N LYS B 387 -30.18 -27.16 1.48
CA LYS B 387 -30.69 -27.23 0.12
C LYS B 387 -29.57 -27.05 -0.91
N LEU B 388 -28.59 -26.20 -0.62
CA LEU B 388 -27.47 -26.08 -1.55
C LEU B 388 -26.64 -27.35 -1.56
N LYS B 389 -26.42 -27.94 -0.38
CA LYS B 389 -25.69 -29.19 -0.29
C LYS B 389 -26.38 -30.30 -1.08
N ALA B 390 -27.73 -30.33 -1.03
CA ALA B 390 -28.46 -31.34 -1.80
C ALA B 390 -28.24 -31.17 -3.30
N ALA B 391 -28.22 -29.91 -3.78
CA ALA B 391 -27.92 -29.67 -5.19
C ALA B 391 -26.49 -30.08 -5.53
N VAL B 392 -25.53 -29.79 -4.64
CA VAL B 392 -24.13 -30.15 -4.91
C VAL B 392 -23.94 -31.66 -4.85
N ASP B 393 -24.61 -32.32 -3.89
CA ASP B 393 -24.53 -33.78 -3.78
C ASP B 393 -25.09 -34.46 -5.01
N LEU B 394 -26.16 -33.90 -5.59
CA LEU B 394 -26.70 -34.44 -6.83
C LEU B 394 -25.68 -34.36 -7.96
N ALA B 395 -25.05 -33.18 -8.13
CA ALA B 395 -24.00 -33.03 -9.15
C ALA B 395 -22.85 -34.00 -8.92
N LYS B 396 -22.42 -34.19 -7.66
CA LYS B 396 -21.31 -35.10 -7.41
C LYS B 396 -21.70 -36.54 -7.71
N SER B 397 -22.97 -36.91 -7.49
CA SER B 397 -23.39 -38.27 -7.84
C SER B 397 -23.38 -38.50 -9.34
N TYR B 398 -23.46 -37.43 -10.14
CA TYR B 398 -23.31 -37.55 -11.58
C TYR B 398 -21.86 -37.51 -12.03
N GLY B 399 -20.91 -37.31 -11.11
CA GLY B 399 -19.54 -37.07 -11.52
C GLY B 399 -19.29 -35.68 -12.04
N TYR B 400 -20.18 -34.73 -11.77
CA TYR B 400 -19.99 -33.34 -12.23
C TYR B 400 -19.08 -32.58 -11.27
N LEU B 401 -18.36 -31.62 -11.82
CA LEU B 401 -17.71 -30.60 -11.02
C LEU B 401 -18.72 -29.51 -10.66
N TYR B 402 -18.57 -28.95 -9.45
CA TYR B 402 -19.41 -27.85 -8.97
C TYR B 402 -18.56 -26.78 -8.31
N SER B 403 -18.90 -25.52 -8.57
CA SER B 403 -18.40 -24.40 -7.79
C SER B 403 -19.45 -23.30 -7.71
N SER B 404 -19.51 -22.61 -6.58
CA SER B 404 -20.25 -21.36 -6.50
C SER B 404 -19.42 -20.24 -7.14
N TYR B 405 -20.06 -19.08 -7.34
CA TYR B 405 -19.30 -17.89 -7.71
C TYR B 405 -18.54 -17.36 -6.51
N HIS B 406 -17.25 -17.06 -6.69
CA HIS B 406 -16.40 -16.45 -5.66
C HIS B 406 -15.62 -15.27 -6.23
N ALA B 407 -15.46 -14.22 -5.42
CA ALA B 407 -14.56 -13.14 -5.79
C ALA B 407 -14.11 -12.41 -4.53
N TYR B 408 -12.82 -12.08 -4.48
CA TYR B 408 -12.23 -11.42 -3.33
C TYR B 408 -11.72 -10.02 -3.65
N SER B 409 -11.83 -9.58 -4.90
CA SER B 409 -11.38 -8.29 -5.41
C SER B 409 -12.43 -7.17 -5.49
N PRO B 410 -13.73 -7.44 -5.56
CA PRO B 410 -14.68 -6.33 -5.76
C PRO B 410 -14.88 -5.52 -4.50
N MET B 411 -15.38 -4.29 -4.70
CA MET B 411 -15.83 -3.42 -3.62
C MET B 411 -16.93 -2.56 -4.24
N LEU B 412 -18.18 -2.97 -4.02
CA LEU B 412 -19.32 -2.54 -4.82
C LEU B 412 -20.08 -1.40 -4.16
N GLU B 413 -20.44 -0.40 -4.97
CA GLU B 413 -21.17 0.77 -4.48
C GLU B 413 -22.47 0.37 -3.80
N ASN B 414 -23.11 -0.69 -4.26
CA ASN B 414 -24.40 -1.06 -3.71
C ASN B 414 -24.28 -2.04 -2.54
N ASP B 415 -23.06 -2.34 -2.11
CA ASP B 415 -22.83 -3.18 -0.93
C ASP B 415 -22.96 -2.33 0.34
N PRO B 416 -23.80 -2.73 1.30
CA PRO B 416 -23.84 -2.01 2.59
C PRO B 416 -22.50 -2.00 3.30
N ASN B 417 -21.65 -3.00 3.06
CA ASN B 417 -20.34 -3.11 3.71
C ASN B 417 -19.24 -2.39 2.95
N PHE B 418 -19.59 -1.54 1.97
CA PHE B 418 -18.59 -0.84 1.17
C PHE B 418 -17.70 0.02 2.05
N THR B 419 -16.39 -0.01 1.78
CA THR B 419 -15.44 0.84 2.47
C THR B 419 -14.22 1.03 1.58
N THR B 420 -13.65 2.23 1.64
CA THR B 420 -12.40 2.47 0.92
C THR B 420 -11.19 1.92 1.66
N ASP B 421 -11.39 1.38 2.87
CA ASP B 421 -10.25 0.92 3.67
C ASP B 421 -9.54 -0.25 3.02
N LEU B 422 -10.28 -1.08 2.29
CA LEU B 422 -9.67 -2.20 1.58
C LEU B 422 -9.16 -1.82 0.20
N MET B 423 -9.23 -0.54 -0.18
CA MET B 423 -8.78 -0.13 -1.51
C MET B 423 -7.34 0.35 -1.47
N GLN B 424 -6.70 0.33 -2.63
CA GLN B 424 -5.33 0.76 -2.76
C GLN B 424 -5.26 2.23 -3.17
N ARG B 425 -4.21 2.91 -2.73
CA ARG B 425 -3.95 4.30 -3.07
C ARG B 425 -2.59 4.42 -3.76
N ASP B 426 -2.48 5.39 -4.68
CA ASP B 426 -1.27 5.57 -5.47
C ASP B 426 -0.32 6.53 -4.76
N ALA B 427 0.77 6.91 -5.43
CA ALA B 427 1.81 7.70 -4.79
C ALA B 427 1.31 9.07 -4.35
N GLU B 428 0.21 9.54 -4.93
CA GLU B 428 -0.39 10.81 -4.53
C GLU B 428 -1.38 10.64 -3.39
N GLY B 429 -1.60 9.41 -2.94
CA GLY B 429 -2.61 9.15 -1.94
C GLY B 429 -4.01 9.05 -2.48
N LYS B 430 -4.19 9.01 -3.81
CA LYS B 430 -5.52 8.93 -4.40
C LYS B 430 -5.93 7.47 -4.59
N LEU B 431 -7.23 7.19 -4.38
CA LEU B 431 -7.74 5.84 -4.55
C LEU B 431 -7.54 5.36 -5.98
N MET B 432 -7.16 4.09 -6.12
CA MET B 432 -7.02 3.45 -7.40
C MET B 432 -8.25 2.62 -7.70
N ASN B 433 -8.54 2.46 -9.00
CA ASN B 433 -9.66 1.66 -9.49
C ASN B 433 -11.01 2.23 -9.04
N THR B 434 -11.09 3.55 -8.85
CA THR B 434 -12.40 4.14 -8.61
C THR B 434 -13.34 3.85 -9.77
N GLY B 435 -12.82 3.69 -10.98
CA GLY B 435 -13.67 3.41 -12.12
C GLY B 435 -13.69 1.95 -12.52
N SER B 436 -13.28 1.04 -11.63
CA SER B 436 -13.26 -0.39 -11.95
C SER B 436 -13.68 -1.19 -10.71
N ARG B 437 -15.01 -1.25 -10.50
CA ARG B 437 -15.58 -1.75 -9.25
C ARG B 437 -15.17 -3.20 -8.96
N TRP B 438 -14.88 -4.00 -9.98
CA TRP B 438 -14.62 -5.42 -9.73
C TRP B 438 -13.19 -5.69 -9.26
N ALA B 439 -12.30 -4.71 -9.30
CA ALA B 439 -10.90 -4.89 -8.93
C ALA B 439 -10.44 -3.76 -8.01
N ARG B 440 -11.23 -3.47 -6.99
CA ARG B 440 -10.92 -2.37 -6.06
C ARG B 440 -10.18 -2.80 -4.82
N VAL B 441 -10.33 -4.05 -4.37
CA VAL B 441 -9.63 -4.51 -3.18
C VAL B 441 -8.16 -4.73 -3.52
N ASP B 442 -7.28 -4.18 -2.68
CA ASP B 442 -5.83 -4.38 -2.84
C ASP B 442 -5.52 -5.87 -2.78
N PRO B 443 -4.78 -6.41 -3.75
CA PRO B 443 -4.48 -7.86 -3.71
C PRO B 443 -3.81 -8.30 -2.42
N LYS B 444 -3.11 -7.40 -1.72
CA LYS B 444 -2.46 -7.81 -0.48
C LYS B 444 -3.47 -8.14 0.62
N PHE B 445 -4.75 -7.80 0.44
CA PHE B 445 -5.81 -8.13 1.40
C PHE B 445 -6.58 -9.40 1.02
N GLN B 446 -6.42 -9.91 -0.20
CA GLN B 446 -7.43 -10.81 -0.74
C GLN B 446 -7.31 -12.23 -0.20
N LYS B 447 -6.10 -12.72 0.11
CA LYS B 447 -6.00 -14.02 0.78
C LYS B 447 -6.74 -14.02 2.11
N GLY B 448 -6.55 -12.97 2.92
CA GLY B 448 -7.32 -12.85 4.15
C GLY B 448 -8.82 -12.89 3.93
N LEU B 449 -9.31 -12.28 2.85
CA LEU B 449 -10.74 -12.34 2.56
C LEU B 449 -11.17 -13.75 2.17
N ALA B 450 -10.37 -14.43 1.35
CA ALA B 450 -10.70 -15.81 1.00
C ALA B 450 -10.69 -16.70 2.22
N GLN B 451 -9.76 -16.46 3.16
CA GLN B 451 -9.64 -17.27 4.35
C GLN B 451 -10.88 -17.22 5.24
N LYS B 452 -11.76 -16.23 5.05
CA LYS B 452 -12.87 -16.08 5.97
C LYS B 452 -13.88 -17.21 5.87
N ASN B 453 -14.04 -17.83 4.69
CA ASN B 453 -15.08 -18.85 4.59
C ASN B 453 -14.78 -19.96 3.60
N ILE B 454 -13.75 -19.81 2.75
CA ILE B 454 -13.58 -20.78 1.67
C ILE B 454 -13.36 -22.19 2.24
N GLU B 455 -12.60 -22.30 3.34
CA GLU B 455 -12.37 -23.62 3.93
C GLU B 455 -13.63 -24.18 4.58
N LYS B 456 -14.46 -23.32 5.17
CA LYS B 456 -15.76 -23.76 5.69
C LYS B 456 -16.66 -24.27 4.56
N GLU B 457 -16.70 -23.57 3.42
CA GLU B 457 -17.56 -24.02 2.32
C GLU B 457 -17.06 -25.33 1.72
N ILE B 458 -15.74 -25.46 1.54
CA ILE B 458 -15.19 -26.71 1.03
C ILE B 458 -15.56 -27.86 1.95
N SER B 459 -15.41 -27.65 3.26
CA SER B 459 -15.68 -28.71 4.22
C SER B 459 -17.17 -29.05 4.25
N TYR B 460 -18.03 -28.03 4.33
CA TYR B 460 -19.45 -28.31 4.47
C TYR B 460 -20.03 -28.96 3.21
N LEU B 461 -19.76 -28.39 2.04
CA LEU B 461 -20.34 -28.93 0.82
C LEU B 461 -19.54 -30.10 0.26
N GLY B 462 -18.35 -30.38 0.79
CA GLY B 462 -17.53 -31.45 0.27
C GLY B 462 -17.08 -31.13 -1.14
N LEU B 463 -16.59 -29.90 -1.35
CA LEU B 463 -16.27 -29.42 -2.69
C LEU B 463 -15.10 -30.16 -3.29
N GLU B 464 -15.16 -30.37 -4.60
CA GLU B 464 -14.05 -30.93 -5.35
C GLU B 464 -13.48 -29.92 -6.33
N ALA B 465 -14.09 -28.76 -6.45
CA ALA B 465 -13.72 -27.79 -7.47
C ALA B 465 -13.93 -26.39 -6.92
N ASP B 466 -13.27 -25.43 -7.57
CA ASP B 466 -13.42 -24.01 -7.25
C ASP B 466 -13.16 -23.18 -8.49
N ILE B 467 -13.94 -22.13 -8.70
CA ILE B 467 -13.62 -21.09 -9.68
C ILE B 467 -13.60 -19.76 -8.96
N THR B 468 -12.54 -18.98 -9.21
CA THR B 468 -12.37 -17.67 -8.60
C THR B 468 -12.34 -16.60 -9.69
N ASP B 469 -13.13 -15.54 -9.50
CA ASP B 469 -13.33 -14.51 -10.52
C ASP B 469 -12.30 -13.38 -10.40
N ILE B 470 -12.09 -12.69 -11.54
CA ILE B 470 -11.43 -11.38 -11.66
C ILE B 470 -9.93 -11.37 -11.38
N THR B 471 -9.50 -11.89 -10.22
CA THR B 471 -8.19 -11.51 -9.69
C THR B 471 -7.05 -11.94 -10.61
N PHE B 472 -7.24 -13.03 -11.37
CA PHE B 472 -6.18 -13.60 -12.18
C PHE B 472 -6.43 -13.40 -13.68
N ALA B 473 -7.20 -12.36 -14.03
CA ALA B 473 -7.50 -12.08 -15.42
C ALA B 473 -6.41 -11.27 -16.11
N ALA B 474 -5.50 -10.66 -15.35
CA ALA B 474 -4.39 -9.90 -15.90
C ALA B 474 -3.12 -10.27 -15.14
N TYR B 475 -1.97 -9.79 -15.64
CA TYR B 475 -0.71 -9.92 -14.92
C TYR B 475 0.01 -8.57 -14.92
N ARG B 476 -0.39 -7.70 -13.99
CA ARG B 476 0.29 -6.43 -13.78
C ARG B 476 1.30 -6.56 -12.65
N GLU B 477 2.34 -5.71 -12.72
CA GLU B 477 3.35 -5.68 -11.66
C GLU B 477 2.74 -5.27 -10.33
N ASN B 478 1.94 -4.22 -10.32
CA ASN B 478 1.41 -3.70 -9.08
C ASN B 478 0.43 -4.68 -8.46
N GLY B 479 0.72 -5.12 -7.24
CA GLY B 479 -0.13 -6.07 -6.57
C GLY B 479 0.15 -7.52 -6.86
N LYS B 480 1.19 -7.83 -7.65
CA LYS B 480 1.37 -9.23 -8.05
C LYS B 480 1.70 -10.12 -6.86
N GLU B 481 2.41 -9.61 -5.86
CA GLU B 481 2.75 -10.41 -4.69
C GLU B 481 1.50 -10.85 -3.95
N GLY B 482 0.51 -9.97 -3.86
CA GLY B 482 -0.74 -10.35 -3.23
C GLY B 482 -1.52 -11.35 -4.05
N ARG B 483 -1.47 -11.22 -5.38
CA ARG B 483 -2.18 -12.17 -6.22
C ARG B 483 -1.53 -13.56 -6.16
N ILE B 484 -0.19 -13.61 -6.19
CA ILE B 484 0.51 -14.88 -6.04
C ILE B 484 0.18 -15.53 -4.70
N GLU B 485 0.13 -14.73 -3.64
CA GLU B 485 -0.25 -15.24 -2.33
C GLU B 485 -1.62 -15.92 -2.37
N LEU B 486 -2.62 -15.25 -2.97
CA LEU B 486 -3.95 -15.84 -3.09
C LEU B 486 -3.93 -17.09 -3.97
N ALA B 487 -3.26 -17.01 -5.13
CA ALA B 487 -3.12 -18.17 -6.00
C ALA B 487 -2.54 -19.37 -5.25
N LYS B 488 -1.48 -19.15 -4.47
CA LYS B 488 -0.88 -20.25 -3.72
C LYS B 488 -1.86 -20.82 -2.70
N TYR B 489 -2.63 -19.94 -2.06
CA TYR B 489 -3.59 -20.39 -1.06
C TYR B 489 -4.67 -21.28 -1.67
N ILE B 490 -5.30 -20.82 -2.77
CA ILE B 490 -6.32 -21.61 -3.44
C ILE B 490 -5.74 -22.94 -3.93
N ASP B 491 -4.57 -22.87 -4.56
CA ASP B 491 -3.96 -24.08 -5.13
C ASP B 491 -3.63 -25.11 -4.06
N SER B 492 -3.41 -24.66 -2.82
CA SER B 492 -3.04 -25.60 -1.76
C SER B 492 -4.18 -26.55 -1.41
N PHE B 493 -5.43 -26.21 -1.75
CA PHE B 493 -6.54 -27.10 -1.47
C PHE B 493 -6.61 -28.30 -2.41
N ASN B 494 -5.81 -28.29 -3.48
CA ASN B 494 -5.83 -29.35 -4.50
C ASN B 494 -7.24 -29.66 -4.99
N LEU B 495 -7.97 -28.61 -5.35
CA LEU B 495 -9.26 -28.77 -6.03
C LEU B 495 -9.04 -28.59 -7.52
N VAL B 496 -9.97 -29.17 -8.31
CA VAL B 496 -9.99 -28.84 -9.73
C VAL B 496 -10.42 -27.39 -9.83
N ASN B 497 -9.52 -26.49 -10.21
CA ASN B 497 -9.87 -25.08 -10.07
C ASN B 497 -9.68 -24.31 -11.36
N GLY B 498 -10.46 -23.23 -11.47
CA GLY B 498 -10.45 -22.39 -12.64
C GLY B 498 -10.52 -20.94 -12.24
N THR B 499 -10.28 -20.07 -13.21
CA THR B 499 -10.38 -18.66 -12.93
C THR B 499 -10.79 -17.93 -14.20
N GLU B 500 -11.31 -16.72 -14.02
CA GLU B 500 -11.72 -15.89 -15.14
C GLU B 500 -10.53 -15.50 -16.00
N HIS B 501 -10.61 -15.81 -17.30
CA HIS B 501 -9.70 -15.32 -18.34
C HIS B 501 -8.31 -15.92 -18.24
N GLY B 502 -7.59 -15.65 -17.14
CA GLY B 502 -6.26 -16.18 -16.96
C GLY B 502 -5.21 -15.39 -17.71
N GLN B 503 -3.95 -15.67 -17.35
CA GLN B 503 -2.76 -15.26 -18.07
C GLN B 503 -1.73 -16.36 -17.91
N GLU B 504 -0.70 -16.34 -18.78
CA GLU B 504 0.29 -17.41 -18.76
C GLU B 504 0.98 -17.53 -17.41
N GLN B 505 1.15 -16.42 -16.69
CA GLN B 505 1.82 -16.49 -15.40
C GLN B 505 1.03 -17.27 -14.37
N TRP B 506 -0.27 -17.47 -14.58
CA TRP B 506 -1.11 -18.16 -13.61
C TRP B 506 -1.29 -19.65 -13.92
N ILE B 507 -0.84 -20.11 -15.09
CA ILE B 507 -1.04 -21.49 -15.51
C ILE B 507 -0.59 -22.48 -14.44
N PRO B 508 0.50 -22.27 -13.69
CA PRO B 508 0.88 -23.27 -12.69
C PRO B 508 -0.14 -23.50 -11.59
N TYR B 509 -1.07 -22.58 -11.39
CA TYR B 509 -1.96 -22.62 -10.23
C TYR B 509 -3.37 -23.07 -10.54
N PHE B 510 -3.73 -23.24 -11.82
CA PHE B 510 -5.11 -23.51 -12.18
C PHE B 510 -5.16 -24.65 -13.19
N ASP B 511 -6.33 -25.29 -13.24
CA ASP B 511 -6.62 -26.32 -14.22
C ASP B 511 -7.35 -25.78 -15.45
N MET B 512 -8.17 -24.74 -15.30
CA MET B 512 -8.92 -24.22 -16.44
C MET B 512 -9.02 -22.70 -16.38
N PHE B 513 -9.11 -22.08 -17.54
CA PHE B 513 -9.39 -20.66 -17.70
C PHE B 513 -10.78 -20.49 -18.32
N GLU B 514 -11.63 -19.67 -17.72
CA GLU B 514 -12.90 -19.29 -18.34
C GLU B 514 -12.60 -18.06 -19.19
N GLY B 515 -12.50 -18.27 -20.50
CA GLY B 515 -12.13 -17.21 -21.42
C GLY B 515 -10.83 -17.55 -22.16
N MET B 516 -9.98 -16.54 -22.31
CA MET B 516 -8.82 -16.62 -23.21
C MET B 516 -9.30 -16.93 -24.63
N THR B 517 -10.33 -16.19 -25.06
CA THR B 517 -10.85 -16.30 -26.40
C THR B 517 -10.74 -14.93 -27.05
N TYR B 518 -11.84 -14.17 -27.19
CA TYR B 518 -11.87 -12.92 -27.96
C TYR B 518 -12.83 -11.93 -27.31
N LEU B 519 -12.42 -10.66 -27.26
CA LEU B 519 -13.40 -9.60 -27.01
C LEU B 519 -14.35 -9.51 -28.20
N GLU B 520 -15.56 -9.03 -27.95
CA GLU B 520 -16.49 -8.79 -29.04
C GLU B 520 -16.11 -7.52 -29.82
N ASP B 521 -15.93 -6.40 -29.10
CA ASP B 521 -15.48 -5.15 -29.70
C ASP B 521 -14.01 -4.99 -29.36
N ARG B 522 -13.17 -4.88 -30.39
CA ARG B 522 -11.72 -4.93 -30.15
C ARG B 522 -11.02 -4.30 -31.34
N PRO B 523 -9.93 -3.56 -31.09
CA PRO B 523 -9.05 -3.16 -32.19
C PRO B 523 -8.66 -4.37 -33.03
N LEU B 524 -8.59 -4.15 -34.34
CA LEU B 524 -8.20 -5.09 -35.39
C LEU B 524 -9.29 -6.09 -35.78
N SER B 525 -10.50 -6.04 -35.19
CA SER B 525 -11.46 -7.10 -35.46
C SER B 525 -11.85 -7.17 -36.93
N VAL B 526 -11.91 -6.03 -37.64
CA VAL B 526 -12.32 -6.09 -39.05
C VAL B 526 -11.15 -6.35 -40.00
N ILE B 527 -9.91 -6.44 -39.50
CA ILE B 527 -8.74 -6.70 -40.33
C ILE B 527 -7.86 -7.79 -39.74
N SER B 528 -8.46 -8.80 -39.13
CA SER B 528 -7.69 -9.92 -38.61
C SER B 528 -8.55 -11.17 -38.67
N HIS B 529 -7.88 -12.32 -38.56
CA HIS B 529 -8.54 -13.60 -38.44
C HIS B 529 -8.18 -14.21 -37.09
N PRO B 530 -9.14 -14.70 -36.31
CA PRO B 530 -8.78 -15.47 -35.11
C PRO B 530 -7.84 -16.62 -35.48
N ALA B 531 -6.83 -16.81 -34.64
CA ALA B 531 -5.84 -17.89 -34.79
C ALA B 531 -5.54 -18.38 -33.37
N PRO B 532 -5.38 -19.72 -33.18
CA PRO B 532 -5.22 -20.26 -31.81
C PRO B 532 -3.80 -20.16 -31.30
N LEU B 533 -3.28 -18.92 -31.23
CA LEU B 533 -1.88 -18.72 -30.85
C LEU B 533 -1.62 -19.15 -29.41
N PHE B 534 -2.49 -18.72 -28.49
CA PHE B 534 -2.30 -19.11 -27.09
C PHE B 534 -2.38 -20.63 -26.93
N ASN B 535 -3.36 -21.28 -27.57
CA ASN B 535 -3.47 -22.72 -27.39
C ASN B 535 -2.37 -23.47 -28.14
N LEU B 536 -1.90 -22.94 -29.27
CA LEU B 536 -0.72 -23.53 -29.92
C LEU B 536 0.46 -23.61 -28.97
N VAL B 537 0.53 -22.70 -28.01
CA VAL B 537 1.57 -22.75 -26.99
C VAL B 537 1.16 -23.64 -25.81
N TYR B 538 -0.03 -23.40 -25.25
CA TYR B 538 -0.35 -23.82 -23.90
C TYR B 538 -1.48 -24.85 -23.78
N HIS B 539 -2.02 -25.37 -24.89
CA HIS B 539 -3.17 -26.28 -24.77
C HIS B 539 -2.87 -27.50 -23.89
N GLU B 540 -1.62 -27.96 -23.85
CA GLU B 540 -1.24 -29.09 -22.99
C GLU B 540 -1.24 -28.74 -21.52
N ALA B 541 -1.21 -27.44 -21.18
CA ALA B 541 -0.96 -26.98 -19.82
C ALA B 541 -2.16 -26.31 -19.16
N ILE B 542 -3.13 -25.86 -19.93
CA ILE B 542 -4.29 -25.19 -19.34
C ILE B 542 -5.48 -25.42 -20.26
N ALA B 543 -6.60 -25.82 -19.68
CA ALA B 543 -7.83 -25.96 -20.43
C ALA B 543 -8.54 -24.62 -20.43
N ASN B 544 -9.11 -24.25 -21.56
CA ASN B 544 -9.92 -23.05 -21.57
C ASN B 544 -11.32 -23.36 -22.10
N PHE B 545 -12.24 -22.47 -21.76
CA PHE B 545 -13.65 -22.53 -22.09
C PHE B 545 -14.06 -21.13 -22.54
N GLY B 546 -15.23 -21.02 -23.17
CA GLY B 546 -15.69 -19.72 -23.62
C GLY B 546 -15.92 -18.77 -22.46
N LYS B 547 -15.82 -17.47 -22.78
CA LYS B 547 -16.03 -16.42 -21.79
C LYS B 547 -17.51 -16.28 -21.49
N ILE B 548 -17.85 -16.06 -20.22
CA ILE B 548 -19.25 -16.01 -19.82
C ILE B 548 -20.00 -14.83 -20.48
N GLN B 549 -19.34 -13.71 -20.75
CA GLN B 549 -20.06 -12.61 -21.40
C GLN B 549 -20.33 -12.86 -22.88
N ASP B 550 -19.62 -13.79 -23.49
CA ASP B 550 -19.76 -14.11 -24.91
C ASP B 550 -19.88 -15.62 -25.08
N PRO B 551 -20.88 -16.23 -24.49
CA PRO B 551 -20.93 -17.70 -24.44
C PRO B 551 -21.48 -18.29 -25.73
N ASP B 552 -21.41 -19.61 -25.82
CA ASP B 552 -21.77 -20.24 -27.08
C ASP B 552 -23.28 -20.16 -27.36
N ASN B 553 -24.10 -19.81 -26.37
CA ASN B 553 -25.53 -19.63 -26.60
C ASN B 553 -25.92 -18.21 -27.02
N GLU B 554 -24.99 -17.27 -27.10
CA GLU B 554 -25.31 -15.92 -27.49
C GLU B 554 -24.83 -15.64 -28.91
N VAL B 555 -25.55 -14.79 -29.63
CA VAL B 555 -25.15 -14.37 -30.98
C VAL B 555 -24.45 -13.01 -30.87
N THR B 556 -23.19 -12.94 -31.30
CA THR B 556 -22.36 -11.76 -31.06
C THR B 556 -21.44 -11.54 -32.26
N ALA B 557 -20.61 -10.50 -32.15
CA ALA B 557 -19.61 -10.25 -33.18
C ALA B 557 -18.74 -11.49 -33.43
N ASN B 558 -18.59 -12.36 -32.44
CA ASN B 558 -17.74 -13.55 -32.60
C ASN B 558 -18.49 -14.78 -33.10
N GLY B 559 -19.78 -14.64 -33.40
CA GLY B 559 -20.54 -15.66 -34.10
C GLY B 559 -21.72 -16.16 -33.30
N ASP B 560 -22.44 -17.09 -33.93
CA ASP B 560 -23.56 -17.79 -33.34
C ASP B 560 -23.09 -19.17 -32.87
N PHE B 561 -24.03 -20.06 -32.56
CA PHE B 561 -23.62 -21.36 -32.06
C PHE B 561 -22.86 -22.14 -33.13
N ARG B 562 -23.29 -22.05 -34.38
CA ARG B 562 -22.63 -22.76 -35.48
C ARG B 562 -21.15 -22.43 -35.54
N ILE B 563 -20.85 -21.13 -35.58
CA ILE B 563 -19.47 -20.68 -35.70
C ILE B 563 -18.70 -21.02 -34.45
N LYS B 564 -19.29 -20.77 -33.28
CA LYS B 564 -18.53 -20.95 -32.05
C LYS B 564 -18.25 -22.41 -31.77
N ALA B 565 -19.21 -23.29 -32.06
CA ALA B 565 -18.96 -24.72 -31.84
C ALA B 565 -17.82 -25.21 -32.73
N LEU B 566 -17.82 -24.81 -34.00
CA LEU B 566 -16.79 -25.26 -34.91
C LEU B 566 -15.42 -24.69 -34.53
N ARG B 567 -15.37 -23.39 -34.19
CA ARG B 567 -14.10 -22.82 -33.74
C ARG B 567 -13.63 -23.48 -32.45
N SER B 568 -14.55 -23.84 -31.55
CA SER B 568 -14.19 -24.58 -30.33
C SER B 568 -13.34 -25.80 -30.63
N MET B 569 -13.77 -26.61 -31.60
CA MET B 569 -13.05 -27.85 -31.90
C MET B 569 -11.73 -27.57 -32.60
N LEU B 570 -11.70 -26.57 -33.48
CA LEU B 570 -10.45 -26.18 -34.14
C LEU B 570 -9.43 -25.69 -33.14
N PHE B 571 -9.86 -24.87 -32.17
CA PHE B 571 -8.93 -24.22 -31.25
C PHE B 571 -8.66 -25.04 -29.99
N GLY B 572 -9.48 -26.05 -29.72
CA GLY B 572 -9.26 -26.89 -28.56
C GLY B 572 -9.81 -26.36 -27.25
N ARG B 573 -10.90 -25.60 -27.29
CA ARG B 573 -11.53 -25.11 -26.07
C ARG B 573 -12.85 -25.84 -25.82
N GLY B 574 -13.31 -25.79 -24.56
CA GLY B 574 -14.57 -26.39 -24.20
C GLY B 574 -15.76 -25.45 -24.35
N THR B 575 -16.94 -26.06 -24.37
CA THR B 575 -18.19 -25.33 -24.56
C THR B 575 -18.58 -24.58 -23.28
N THR B 576 -19.07 -23.34 -23.46
CA THR B 576 -19.61 -22.55 -22.35
C THR B 576 -21.08 -22.24 -22.64
N ILE B 577 -21.96 -22.58 -21.70
CA ILE B 577 -23.38 -22.25 -21.77
C ILE B 577 -23.68 -21.41 -20.54
N PHE B 578 -23.94 -20.12 -20.75
CA PHE B 578 -24.07 -19.14 -19.66
C PHE B 578 -25.41 -18.44 -19.80
N PHE B 579 -26.27 -18.59 -18.79
CA PHE B 579 -27.67 -18.24 -18.98
C PHE B 579 -28.31 -17.83 -17.65
N ALA B 580 -29.26 -16.91 -17.73
CA ALA B 580 -30.16 -16.70 -16.62
C ALA B 580 -31.13 -17.88 -16.54
N PRO B 581 -31.56 -18.26 -15.33
CA PRO B 581 -32.45 -19.44 -15.20
C PRO B 581 -33.66 -19.42 -16.11
N TYR B 582 -34.27 -18.26 -16.38
CA TYR B 582 -35.50 -18.26 -17.18
C TYR B 582 -35.25 -18.68 -18.62
N GLU B 583 -34.00 -18.59 -19.10
CA GLU B 583 -33.67 -18.99 -20.46
C GLU B 583 -33.50 -20.49 -20.64
N PHE B 584 -33.55 -21.27 -19.56
CA PHE B 584 -33.02 -22.63 -19.61
C PHE B 584 -33.65 -23.44 -20.73
N GLU B 585 -34.98 -23.38 -20.87
CA GLU B 585 -35.64 -24.16 -21.90
C GLU B 585 -35.11 -23.81 -23.29
N GLY B 586 -34.71 -22.55 -23.50
CA GLY B 586 -34.12 -22.18 -24.77
C GLY B 586 -32.71 -22.71 -24.96
N MET B 587 -32.04 -23.13 -23.89
CA MET B 587 -30.69 -23.66 -24.01
C MET B 587 -30.64 -25.11 -24.49
N ARG B 588 -31.72 -25.89 -24.30
CA ARG B 588 -31.67 -27.33 -24.57
C ARG B 588 -31.14 -27.69 -25.96
N PRO B 589 -31.59 -27.08 -27.07
CA PRO B 589 -31.05 -27.48 -28.38
C PRO B 589 -29.55 -27.29 -28.52
N MET B 590 -29.00 -26.22 -27.97
CA MET B 590 -27.55 -26.01 -28.05
C MET B 590 -26.77 -26.93 -27.12
N ILE B 591 -27.32 -27.24 -25.93
CA ILE B 591 -26.65 -28.21 -25.07
C ILE B 591 -26.56 -29.57 -25.77
N GLU B 592 -27.63 -29.95 -26.47
CA GLU B 592 -27.66 -31.23 -27.18
C GLU B 592 -26.65 -31.26 -28.33
N MET B 593 -26.61 -30.19 -29.14
CA MET B 593 -25.66 -30.16 -30.25
C MET B 593 -24.22 -30.13 -29.74
N ALA B 594 -23.97 -29.38 -28.66
CA ALA B 594 -22.65 -29.40 -28.03
C ALA B 594 -22.30 -30.80 -27.55
N ARG B 595 -23.21 -31.44 -26.82
CA ARG B 595 -23.03 -32.81 -26.37
C ARG B 595 -22.71 -33.75 -27.53
N ASP B 596 -23.43 -33.62 -28.64
CA ASP B 596 -23.27 -34.57 -29.74
C ASP B 596 -21.99 -34.31 -30.54
N LEU B 597 -21.63 -33.05 -30.75
CA LEU B 597 -20.55 -32.73 -31.67
C LEU B 597 -19.25 -32.36 -30.96
N VAL B 598 -19.30 -31.36 -30.07
CA VAL B 598 -18.09 -30.79 -29.49
C VAL B 598 -17.54 -31.67 -28.37
N SER B 599 -18.39 -32.14 -27.46
CA SER B 599 -17.92 -32.83 -26.26
C SER B 599 -17.04 -34.03 -26.58
N PRO B 600 -17.41 -34.95 -27.49
CA PRO B 600 -16.49 -36.05 -27.80
C PRO B 600 -15.14 -35.60 -28.33
N VAL B 601 -15.09 -34.52 -29.13
CA VAL B 601 -13.81 -34.05 -29.66
C VAL B 601 -13.00 -33.38 -28.58
N HIS B 602 -13.64 -32.50 -27.78
CA HIS B 602 -13.01 -31.93 -26.60
C HIS B 602 -12.45 -33.03 -25.70
N LYS B 603 -13.20 -34.11 -25.52
CA LYS B 603 -12.73 -35.17 -24.64
C LYS B 603 -11.45 -35.80 -25.19
N GLU B 604 -11.45 -36.13 -26.49
CA GLU B 604 -10.31 -36.84 -27.07
C GLU B 604 -9.05 -35.97 -27.10
N THR B 605 -9.21 -34.67 -27.36
CA THR B 605 -8.07 -33.76 -27.57
C THR B 605 -7.61 -33.04 -26.31
N PHE B 606 -8.31 -33.24 -25.18
CA PHE B 606 -8.15 -32.39 -23.99
C PHE B 606 -6.70 -32.22 -23.55
N TYR B 607 -5.96 -33.31 -23.39
CA TYR B 607 -4.60 -33.31 -22.85
C TYR B 607 -3.54 -33.11 -23.93
N SER B 608 -3.95 -33.03 -25.19
N SER B 608 -3.92 -33.09 -25.20
CA SER B 608 -3.05 -33.09 -26.33
CA SER B 608 -2.92 -33.18 -26.25
C SER B 608 -2.29 -31.78 -26.52
C SER B 608 -2.35 -31.81 -26.59
N GLU B 609 -1.33 -31.82 -27.43
CA GLU B 609 -0.76 -30.63 -28.02
C GLU B 609 -1.55 -30.28 -29.27
N LEU B 610 -1.87 -28.99 -29.42
CA LEU B 610 -2.37 -28.50 -30.71
C LEU B 610 -1.14 -28.34 -31.59
N LYS B 611 -0.87 -29.38 -32.39
CA LYS B 611 0.38 -29.42 -33.14
C LYS B 611 0.40 -28.41 -34.26
N SER B 612 -0.72 -28.26 -34.97
CA SER B 612 -0.76 -27.40 -36.14
C SER B 612 -2.16 -26.87 -36.32
N HIS B 613 -2.23 -25.65 -36.83
CA HIS B 613 -3.44 -25.05 -37.35
C HIS B 613 -3.11 -24.49 -38.72
N GLU B 614 -4.03 -24.66 -39.68
CA GLU B 614 -3.85 -24.15 -41.03
C GLU B 614 -5.12 -23.48 -41.50
N TYR B 615 -4.95 -22.45 -42.33
CA TYR B 615 -6.05 -21.92 -43.13
C TYR B 615 -6.00 -22.56 -44.51
N LEU B 616 -7.13 -23.11 -44.94
CA LEU B 616 -7.19 -23.94 -46.14
C LEU B 616 -7.96 -23.31 -47.30
N SER B 617 -8.55 -22.14 -47.10
CA SER B 617 -9.27 -21.46 -48.17
C SER B 617 -8.78 -20.02 -48.30
N ALA B 618 -8.94 -19.46 -49.49
CA ALA B 618 -8.48 -18.10 -49.75
C ALA B 618 -9.15 -17.08 -48.82
N ASP B 619 -10.37 -17.35 -48.35
CA ASP B 619 -11.07 -16.43 -47.46
C ASP B 619 -10.84 -16.74 -45.98
N TYR B 620 -9.96 -17.69 -45.65
CA TYR B 620 -9.57 -18.06 -44.28
C TYR B 620 -10.71 -18.67 -43.46
N LYS B 621 -11.83 -19.01 -44.09
CA LYS B 621 -12.95 -19.60 -43.35
C LYS B 621 -12.82 -21.11 -43.17
N VAL B 622 -12.09 -21.81 -44.06
CA VAL B 622 -11.88 -23.25 -43.93
C VAL B 622 -10.53 -23.47 -43.25
N GLN B 623 -10.54 -24.19 -42.13
CA GLN B 623 -9.36 -24.37 -41.32
C GLN B 623 -9.19 -25.83 -40.93
N ARG B 624 -7.94 -26.19 -40.60
CA ARG B 624 -7.60 -27.56 -40.22
C ARG B 624 -6.69 -27.54 -39.01
N SER B 625 -7.07 -28.24 -37.96
CA SER B 625 -6.25 -28.35 -36.76
C SER B 625 -5.87 -29.80 -36.54
N ARG B 626 -4.64 -30.04 -36.05
CA ARG B 626 -4.16 -31.38 -35.77
C ARG B 626 -3.65 -31.45 -34.35
N PHE B 627 -4.16 -32.41 -33.58
CA PHE B 627 -3.81 -32.59 -32.18
C PHE B 627 -2.96 -33.85 -32.00
N SER B 628 -2.04 -33.81 -31.02
CA SER B 628 -1.14 -34.94 -30.81
C SER B 628 -1.85 -36.20 -30.30
N SER B 629 -3.14 -36.12 -29.97
CA SER B 629 -3.93 -37.34 -29.75
C SER B 629 -4.17 -38.14 -31.02
N GLY B 630 -3.78 -37.61 -32.18
CA GLY B 630 -4.14 -38.18 -33.46
C GLY B 630 -5.47 -37.72 -34.01
N THR B 631 -6.02 -36.64 -33.47
CA THR B 631 -7.30 -36.10 -33.93
C THR B 631 -7.07 -34.96 -34.91
N GLU B 632 -7.83 -34.95 -36.01
CA GLU B 632 -7.78 -33.87 -36.98
C GLU B 632 -9.17 -33.26 -37.12
N VAL B 633 -9.26 -31.95 -36.95
CA VAL B 633 -10.52 -31.20 -37.13
C VAL B 633 -10.36 -30.32 -38.36
N ILE B 634 -11.21 -30.53 -39.36
CA ILE B 634 -11.39 -29.58 -40.45
C ILE B 634 -12.77 -28.97 -40.28
N ALA B 635 -12.88 -27.66 -40.40
CA ALA B 635 -14.18 -27.02 -40.27
C ALA B 635 -14.23 -25.80 -41.19
N ASN B 636 -15.45 -25.44 -41.58
CA ASN B 636 -15.71 -24.34 -42.51
C ASN B 636 -16.63 -23.38 -41.78
N LEU B 637 -16.10 -22.22 -41.38
CA LEU B 637 -16.83 -21.25 -40.58
C LEU B 637 -17.60 -20.25 -41.41
N GLY B 638 -17.71 -20.48 -42.71
CA GLY B 638 -18.46 -19.58 -43.57
C GLY B 638 -19.65 -20.29 -44.19
N PRO B 639 -20.48 -19.55 -44.92
CA PRO B 639 -21.77 -20.12 -45.35
C PRO B 639 -21.72 -21.02 -46.57
N VAL B 640 -20.68 -20.98 -47.39
CA VAL B 640 -20.67 -21.67 -48.67
C VAL B 640 -19.73 -22.87 -48.61
N ALA B 641 -20.14 -23.99 -49.21
CA ALA B 641 -19.26 -25.15 -49.30
C ALA B 641 -18.01 -24.80 -50.09
N GLN B 642 -16.85 -25.28 -49.62
CA GLN B 642 -15.59 -25.02 -50.29
C GLN B 642 -14.76 -26.31 -50.35
N LYS B 643 -13.96 -26.43 -51.40
CA LYS B 643 -13.15 -27.62 -51.63
C LYS B 643 -11.72 -27.38 -51.15
N ILE B 644 -11.12 -28.43 -50.59
CA ILE B 644 -9.72 -28.42 -50.16
C ILE B 644 -8.94 -29.42 -51.00
N GLU B 645 -7.69 -29.69 -50.60
CA GLU B 645 -6.82 -30.54 -51.40
C GLU B 645 -7.43 -31.92 -51.57
N GLY B 646 -7.27 -32.48 -52.77
CA GLY B 646 -7.93 -33.72 -53.10
C GLY B 646 -9.36 -33.55 -53.56
N GLY B 647 -9.84 -32.31 -53.65
CA GLY B 647 -11.22 -32.08 -54.01
C GLY B 647 -12.24 -32.47 -52.96
N ILE B 648 -11.81 -32.62 -51.71
CA ILE B 648 -12.77 -32.86 -50.64
C ILE B 648 -13.54 -31.57 -50.38
N SER B 649 -14.86 -31.68 -50.31
CA SER B 649 -15.73 -30.55 -50.07
C SER B 649 -16.12 -30.48 -48.59
N ILE B 650 -15.97 -29.31 -47.98
CA ILE B 650 -16.39 -29.06 -46.62
C ILE B 650 -17.62 -28.16 -46.67
N PRO B 651 -18.79 -28.61 -46.22
CA PRO B 651 -20.00 -27.79 -46.37
C PRO B 651 -19.91 -26.53 -45.53
N GLY B 652 -20.69 -25.52 -45.93
CA GLY B 652 -20.82 -24.34 -45.11
C GLY B 652 -21.24 -24.70 -43.69
N TYR B 653 -20.63 -24.05 -42.70
CA TYR B 653 -20.84 -24.38 -41.30
C TYR B 653 -20.74 -25.90 -41.07
N GLY B 654 -19.74 -26.52 -41.69
CA GLY B 654 -19.60 -27.96 -41.69
C GLY B 654 -18.22 -28.38 -41.22
N TYR B 655 -18.05 -29.70 -41.14
CA TYR B 655 -16.85 -30.20 -40.49
C TYR B 655 -16.50 -31.55 -41.08
N ARG B 656 -15.23 -31.90 -40.92
CA ARG B 656 -14.71 -33.21 -41.33
C ARG B 656 -13.65 -33.57 -40.28
N ILE B 657 -13.99 -34.50 -39.40
CA ILE B 657 -13.19 -34.79 -38.22
C ILE B 657 -12.70 -36.24 -38.29
N GLN B 658 -11.39 -36.41 -38.28
CA GLN B 658 -10.77 -37.73 -38.19
C GLN B 658 -10.41 -37.99 -36.72
N MET B 659 -11.05 -38.99 -36.11
CA MET B 659 -10.80 -39.33 -34.72
C MET B 659 -9.58 -40.25 -34.60
N LYS B 660 -9.10 -40.38 -33.36
CA LYS B 660 -7.88 -41.14 -33.09
C LYS B 660 -7.98 -42.59 -33.56
N ASP B 661 -9.16 -43.18 -33.46
CA ASP B 661 -9.33 -44.55 -33.94
C ASP B 661 -9.52 -44.63 -35.45
N GLY B 662 -9.30 -43.54 -36.19
CA GLY B 662 -9.43 -43.55 -37.63
C GLY B 662 -10.83 -43.36 -38.18
N SER B 663 -11.86 -43.36 -37.32
CA SER B 663 -13.20 -43.12 -37.82
C SER B 663 -13.36 -41.64 -38.21
N LEU B 664 -14.30 -41.40 -39.11
CA LEU B 664 -14.45 -40.09 -39.76
C LEU B 664 -15.83 -39.55 -39.45
N LYS B 665 -15.89 -38.34 -38.89
CA LYS B 665 -17.14 -37.64 -38.61
C LYS B 665 -17.29 -36.50 -39.61
N THR B 666 -18.39 -36.48 -40.36
CA THR B 666 -18.69 -35.36 -41.24
C THR B 666 -20.10 -34.88 -40.97
N GLY B 667 -20.32 -33.59 -41.18
CA GLY B 667 -21.62 -33.03 -40.90
C GLY B 667 -21.64 -31.54 -41.11
N HIS B 668 -22.78 -30.94 -40.76
CA HIS B 668 -22.91 -29.50 -40.91
C HIS B 668 -24.12 -29.05 -40.12
N PHE B 669 -24.09 -27.77 -39.73
CA PHE B 669 -25.23 -27.08 -39.14
C PHE B 669 -26.13 -26.51 -40.22
N GLN B 670 -27.43 -26.49 -39.93
CA GLN B 670 -28.41 -25.90 -40.85
C GLN B 670 -29.36 -25.01 -40.06
N VAL B 671 -29.65 -23.83 -40.59
CA VAL B 671 -30.69 -22.97 -40.05
C VAL B 671 -31.91 -23.11 -40.95
N SER B 672 -33.06 -23.36 -40.35
CA SER B 672 -34.24 -23.49 -41.17
C SER B 672 -35.39 -22.75 -40.51
N LEU B 673 -36.44 -22.57 -41.28
CA LEU B 673 -37.63 -21.82 -40.88
C LEU B 673 -38.80 -22.78 -40.84
N HIS B 674 -39.35 -23.00 -39.65
CA HIS B 674 -40.58 -23.75 -39.53
C HIS B 674 -41.76 -22.78 -39.63
N MET B 675 -42.72 -23.11 -40.48
CA MET B 675 -43.94 -22.32 -40.62
C MET B 675 -45.14 -23.22 -40.36
N ASP B 676 -45.99 -22.82 -39.43
CA ASP B 676 -47.19 -23.58 -39.12
C ASP B 676 -48.18 -23.57 -40.27
N PRO C 18 -30.29 6.14 40.87
CA PRO C 18 -28.96 6.58 41.31
C PRO C 18 -28.85 6.70 42.83
N ILE C 19 -27.98 5.88 43.43
CA ILE C 19 -27.80 5.90 44.88
C ILE C 19 -26.81 7.00 45.24
N VAL C 20 -27.06 7.69 46.34
CA VAL C 20 -26.22 8.80 46.77
C VAL C 20 -25.73 8.52 48.18
N LEU C 21 -24.43 8.73 48.39
CA LEU C 21 -23.85 8.88 49.71
C LEU C 21 -23.34 10.30 49.82
N GLU C 22 -23.63 10.96 50.94
CA GLU C 22 -23.28 12.37 51.05
C GLU C 22 -23.03 12.75 52.50
N ASN C 23 -21.98 13.51 52.73
CA ASN C 23 -21.79 14.20 54.00
C ASN C 23 -21.54 15.68 53.68
N GLY C 24 -20.95 16.39 54.63
CA GLY C 24 -20.68 17.80 54.39
C GLY C 24 -19.53 18.06 53.43
N LYS C 25 -18.70 17.06 53.16
CA LYS C 25 -17.53 17.26 52.33
C LYS C 25 -17.54 16.53 50.98
N LEU C 26 -18.32 15.46 50.83
CA LEU C 26 -18.31 14.66 49.61
C LEU C 26 -19.73 14.28 49.21
N ASN C 27 -19.94 14.16 47.91
CA ASN C 27 -21.15 13.59 47.34
C ASN C 27 -20.75 12.44 46.43
N ILE C 28 -21.24 11.24 46.74
CA ILE C 28 -20.93 10.03 45.99
C ILE C 28 -22.19 9.66 45.21
N ASN C 29 -22.14 9.86 43.89
CA ASN C 29 -23.21 9.44 42.98
C ASN C 29 -22.86 8.07 42.42
N ILE C 30 -23.73 7.08 42.65
CA ILE C 30 -23.49 5.71 42.19
C ILE C 30 -24.56 5.32 41.19
N ASP C 31 -24.13 4.92 39.99
CA ASP C 31 -25.04 4.47 38.94
C ASP C 31 -25.52 3.05 39.25
N SER C 32 -26.84 2.87 39.35
CA SER C 32 -27.37 1.55 39.68
C SER C 32 -27.39 0.59 38.48
N LYS C 33 -27.13 1.08 37.27
CA LYS C 33 -27.10 0.17 36.12
C LYS C 33 -25.70 -0.40 35.91
N THR C 34 -24.66 0.41 36.13
CA THR C 34 -23.29 0.00 35.87
C THR C 34 -22.45 -0.21 37.12
N GLY C 35 -22.81 0.42 38.25
CA GLY C 35 -21.97 0.39 39.42
C GLY C 35 -20.90 1.47 39.45
N CYS C 36 -20.74 2.22 38.36
CA CYS C 36 -19.75 3.29 38.35
C CYS C 36 -20.18 4.40 39.30
N PHE C 37 -19.21 5.02 39.95
CA PHE C 37 -19.53 6.13 40.85
C PHE C 37 -18.66 7.33 40.52
N SER C 38 -19.23 8.51 40.76
CA SER C 38 -18.50 9.77 40.75
C SER C 38 -18.39 10.27 42.19
N VAL C 39 -17.39 11.12 42.42
CA VAL C 39 -17.21 11.77 43.71
C VAL C 39 -17.15 13.26 43.49
N THR C 40 -18.06 14.01 44.09
CA THR C 40 -18.02 15.46 44.07
C THR C 40 -17.35 15.93 45.36
N GLU C 41 -16.24 16.64 45.22
CA GLU C 41 -15.55 17.24 46.36
C GLU C 41 -16.14 18.64 46.55
N LYS C 42 -17.01 18.80 47.56
CA LYS C 42 -17.92 19.95 47.64
C LYS C 42 -17.23 21.27 47.97
N THR C 43 -16.07 21.27 48.61
CA THR C 43 -15.41 22.53 48.91
C THR C 43 -14.93 23.22 47.64
N SER C 44 -14.28 22.46 46.74
CA SER C 44 -13.84 23.03 45.47
C SER C 44 -14.86 22.87 44.36
N GLY C 45 -15.87 22.02 44.53
CA GLY C 45 -16.82 21.71 43.48
C GLY C 45 -16.31 20.74 42.42
N HIS C 46 -15.08 20.24 42.55
CA HIS C 46 -14.55 19.34 41.53
C HIS C 46 -15.23 17.98 41.57
N VAL C 47 -15.50 17.41 40.39
CA VAL C 47 -16.16 16.12 40.28
C VAL C 47 -15.17 15.10 39.71
N TRP C 48 -14.90 14.06 40.49
CA TRP C 48 -14.10 12.94 40.01
C TRP C 48 -15.03 11.98 39.29
N LYS C 49 -14.76 11.75 38.01
CA LYS C 49 -15.64 10.94 37.19
C LYS C 49 -15.24 9.48 37.25
N SER C 50 -16.18 8.61 36.85
CA SER C 50 -15.86 7.21 36.66
C SER C 50 -15.16 7.02 35.32
N ASP C 51 -14.83 5.77 35.00
CA ASP C 51 -14.08 5.40 33.79
C ASP C 51 -14.54 6.19 32.58
N PRO C 52 -13.74 7.15 32.12
CA PRO C 52 -14.14 7.96 30.95
C PRO C 52 -14.13 7.18 29.64
N TRP C 53 -13.46 6.04 29.59
CA TRP C 53 -13.30 5.32 28.32
C TRP C 53 -14.50 4.42 28.03
N GLU C 54 -14.74 3.43 28.89
CA GLU C 54 -15.72 2.39 28.62
C GLU C 54 -16.83 2.34 29.67
N ASN C 55 -16.85 3.26 30.62
CA ASN C 55 -17.82 3.23 31.72
C ASN C 55 -17.74 1.90 32.48
N ALA C 56 -16.51 1.40 32.66
CA ALA C 56 -16.27 0.17 33.40
C ALA C 56 -16.09 0.48 34.89
N ALA C 57 -16.93 -0.13 35.73
CA ALA C 57 -16.72 -0.02 37.17
C ALA C 57 -15.48 -0.77 37.62
N GLY C 58 -15.19 -1.90 36.97
CA GLY C 58 -14.01 -2.69 37.24
C GLY C 58 -13.65 -3.54 36.04
N LEU C 59 -12.38 -3.94 35.98
CA LEU C 59 -11.85 -4.74 34.88
C LEU C 59 -11.35 -6.06 35.43
N LEU C 60 -11.97 -7.16 35.02
CA LEU C 60 -11.70 -8.47 35.57
C LEU C 60 -11.04 -9.35 34.51
N THR C 61 -9.88 -9.90 34.86
CA THR C 61 -9.18 -10.88 34.03
C THR C 61 -9.47 -12.28 34.55
N LEU C 62 -9.96 -13.15 33.66
CA LEU C 62 -10.33 -14.52 34.02
C LEU C 62 -10.19 -15.41 32.79
N THR C 63 -10.14 -16.72 33.04
CA THR C 63 -10.17 -17.68 31.93
C THR C 63 -11.61 -17.90 31.48
N ASP C 64 -11.79 -18.15 30.19
CA ASP C 64 -13.10 -18.42 29.65
C ASP C 64 -13.31 -19.94 29.58
N SER C 65 -14.41 -20.35 28.93
CA SER C 65 -14.76 -21.77 28.86
C SER C 65 -13.68 -22.58 28.15
N LYS C 66 -13.03 -22.00 27.14
CA LYS C 66 -11.99 -22.69 26.39
C LYS C 66 -10.59 -22.38 26.92
N GLY C 67 -10.48 -21.99 28.20
CA GLY C 67 -9.20 -21.90 28.88
C GLY C 67 -8.37 -20.65 28.62
N LYS C 68 -8.83 -19.72 27.78
CA LYS C 68 -8.04 -18.55 27.43
C LYS C 68 -8.32 -17.41 28.39
N LYS C 69 -7.27 -16.67 28.75
CA LYS C 69 -7.43 -15.47 29.55
C LYS C 69 -8.17 -14.39 28.77
N GLN C 70 -9.02 -13.65 29.48
CA GLN C 70 -9.75 -12.54 28.90
C GLN C 70 -9.96 -11.50 29.99
N THR C 71 -10.10 -10.25 29.57
CA THR C 71 -10.40 -9.15 30.48
C THR C 71 -11.76 -8.58 30.11
N VAL C 72 -12.65 -8.49 31.10
CA VAL C 72 -14.05 -8.13 30.88
C VAL C 72 -14.44 -6.92 31.70
N ASN C 73 -15.38 -6.14 31.17
CA ASN C 73 -15.97 -5.03 31.88
C ASN C 73 -17.10 -5.58 32.76
N ILE C 74 -16.86 -5.62 34.08
CA ILE C 74 -17.85 -6.22 34.98
C ILE C 74 -19.17 -5.45 34.99
N SER C 75 -19.18 -4.21 34.47
CA SER C 75 -20.45 -3.51 34.35
C SER C 75 -21.31 -4.06 33.21
N LYS C 76 -20.73 -4.90 32.35
CA LYS C 76 -21.46 -5.60 31.32
C LYS C 76 -22.03 -6.92 31.81
N SER C 77 -21.97 -7.18 33.11
CA SER C 77 -22.42 -8.45 33.66
C SER C 77 -23.93 -8.60 33.51
N LYS C 78 -24.41 -9.84 33.67
CA LYS C 78 -25.84 -10.11 33.49
C LYS C 78 -26.67 -9.41 34.56
N LYS C 79 -26.23 -9.46 35.81
CA LYS C 79 -26.96 -8.84 36.92
C LYS C 79 -26.02 -7.95 37.73
N ILE C 80 -26.47 -6.74 38.01
CA ILE C 80 -25.74 -5.78 38.83
C ILE C 80 -26.68 -5.30 39.93
N GLU C 81 -26.39 -5.69 41.18
CA GLU C 81 -27.20 -5.32 42.33
C GLU C 81 -26.50 -4.20 43.09
N VAL C 82 -27.11 -3.03 43.15
CA VAL C 82 -26.54 -1.86 43.81
C VAL C 82 -27.58 -1.31 44.77
N SER C 83 -27.33 -1.44 46.07
CA SER C 83 -28.29 -0.97 47.06
C SER C 83 -27.57 -0.38 48.26
N LYS C 84 -28.22 0.58 48.90
CA LYS C 84 -27.72 1.20 50.12
C LYS C 84 -28.07 0.31 51.30
N THR C 85 -27.06 -0.27 51.93
CA THR C 85 -27.27 -1.25 52.99
C THR C 85 -27.05 -0.70 54.39
N ALA C 86 -26.44 0.48 54.52
CA ALA C 86 -26.35 1.19 55.79
C ALA C 86 -26.36 2.68 55.51
N LYS C 87 -26.38 3.48 56.57
CA LYS C 87 -26.46 4.93 56.43
C LYS C 87 -25.42 5.46 55.46
N ASN C 88 -24.20 4.94 55.53
CA ASN C 88 -23.10 5.44 54.72
C ASN C 88 -22.38 4.31 54.00
N THR C 89 -23.10 3.24 53.66
CA THR C 89 -22.56 2.10 52.90
C THR C 89 -23.48 1.77 51.74
N VAL C 90 -22.91 1.68 50.54
CA VAL C 90 -23.58 1.11 49.38
C VAL C 90 -22.91 -0.22 49.07
N SER C 91 -23.71 -1.24 48.80
N SER C 91 -23.71 -1.25 48.82
CA SER C 91 -23.22 -2.58 48.50
CA SER C 91 -23.21 -2.57 48.49
C SER C 91 -23.47 -2.90 47.03
C SER C 91 -23.46 -2.87 47.02
N LEU C 92 -22.44 -3.42 46.35
CA LEU C 92 -22.52 -3.74 44.94
C LEU C 92 -22.24 -5.23 44.71
N LYS C 93 -22.97 -5.81 43.76
CA LYS C 93 -22.71 -7.18 43.36
C LYS C 93 -22.79 -7.27 41.84
N PHE C 94 -21.74 -7.80 41.23
CA PHE C 94 -21.63 -7.99 39.78
C PHE C 94 -21.67 -9.48 39.53
N ILE C 95 -22.74 -9.95 38.87
CA ILE C 95 -23.02 -11.37 38.76
C ILE C 95 -23.06 -11.77 37.30
N ASP C 96 -22.37 -12.87 36.99
CA ASP C 96 -22.29 -13.48 35.66
C ASP C 96 -21.72 -12.48 34.66
N PRO C 97 -20.41 -12.30 34.65
CA PRO C 97 -19.79 -11.44 33.63
C PRO C 97 -19.92 -12.04 32.25
N VAL C 98 -19.92 -11.16 31.26
CA VAL C 98 -20.15 -11.54 29.86
C VAL C 98 -18.84 -11.39 29.10
N PHE C 99 -18.41 -12.47 28.44
CA PHE C 99 -17.23 -12.45 27.60
C PHE C 99 -17.51 -11.70 26.29
N GLU C 100 -16.44 -11.43 25.55
CA GLU C 100 -16.55 -10.63 24.33
C GLU C 100 -17.30 -11.38 23.22
N ASP C 101 -17.22 -12.71 23.20
CA ASP C 101 -17.93 -13.48 22.19
C ASP C 101 -19.42 -13.64 22.50
N GLY C 102 -19.89 -13.14 23.63
CA GLY C 102 -21.27 -13.24 24.05
C GLY C 102 -21.56 -14.35 25.04
N SER C 103 -20.61 -15.24 25.30
CA SER C 103 -20.82 -16.27 26.30
C SER C 103 -20.72 -15.67 27.70
N VAL C 104 -21.27 -16.39 28.68
CA VAL C 104 -21.41 -15.90 30.04
C VAL C 104 -20.54 -16.73 30.96
N ALA C 105 -19.86 -16.06 31.89
CA ALA C 105 -19.10 -16.73 32.94
C ALA C 105 -20.06 -17.05 34.08
N LYS C 106 -20.85 -18.11 33.87
CA LYS C 106 -21.90 -18.45 34.83
C LYS C 106 -21.29 -18.94 36.14
N GLY C 107 -21.77 -18.36 37.25
CA GLY C 107 -21.27 -18.68 38.56
C GLY C 107 -20.19 -17.75 39.08
N VAL C 108 -19.70 -16.84 38.25
CA VAL C 108 -18.71 -15.85 38.65
C VAL C 108 -19.43 -14.62 39.17
N SER C 109 -18.97 -14.09 40.31
CA SER C 109 -19.54 -12.87 40.86
C SER C 109 -18.47 -12.11 41.65
N ILE C 110 -18.64 -10.79 41.70
CA ILE C 110 -17.80 -9.90 42.50
C ILE C 110 -18.71 -9.06 43.38
N ALA C 111 -18.41 -9.01 44.68
CA ALA C 111 -19.13 -8.15 45.61
C ALA C 111 -18.18 -7.08 46.15
N THR C 112 -18.64 -5.84 46.15
CA THR C 112 -17.84 -4.72 46.64
C THR C 112 -18.70 -3.83 47.52
N GLU C 113 -18.02 -2.94 48.27
CA GLU C 113 -18.68 -1.97 49.12
C GLU C 113 -17.99 -0.61 48.98
N LEU C 114 -18.81 0.44 49.09
CA LEU C 114 -18.36 1.82 49.21
C LEU C 114 -18.86 2.35 50.54
N ARG C 115 -17.96 2.88 51.35
CA ARG C 115 -18.30 3.34 52.71
C ARG C 115 -17.81 4.77 52.88
N LEU C 116 -18.76 5.70 52.95
CA LEU C 116 -18.42 7.10 53.19
C LEU C 116 -18.25 7.34 54.68
N ASP C 117 -17.14 7.95 55.07
CA ASP C 117 -16.99 8.40 56.45
C ASP C 117 -18.07 9.45 56.74
N PRO C 118 -18.67 9.44 57.92
CA PRO C 118 -19.79 10.37 58.16
C PRO C 118 -19.35 11.82 58.34
N ASN C 119 -18.07 12.09 58.56
CA ASN C 119 -17.58 13.44 58.78
C ASN C 119 -16.50 13.86 57.79
N ASN C 120 -15.47 13.03 57.63
CA ASN C 120 -14.31 13.39 56.83
C ASN C 120 -14.53 13.09 55.35
N ALA C 121 -13.69 13.70 54.52
CA ALA C 121 -13.72 13.47 53.08
C ALA C 121 -12.92 12.20 52.78
N GLN C 122 -13.47 11.08 53.24
CA GLN C 122 -12.86 9.77 53.09
C GLN C 122 -13.89 8.77 52.59
N LEU C 123 -13.47 7.93 51.64
CA LEU C 123 -14.31 6.88 51.07
C LEU C 123 -13.52 5.58 51.06
N ASP C 124 -14.03 4.56 51.75
CA ASP C 124 -13.44 3.23 51.71
C ASP C 124 -14.05 2.46 50.56
N VAL C 125 -13.20 1.78 49.78
CA VAL C 125 -13.65 0.92 48.69
C VAL C 125 -13.04 -0.46 48.94
N GLU C 126 -13.89 -1.48 48.96
CA GLU C 126 -13.41 -2.82 49.30
C GLU C 126 -14.04 -3.86 48.40
N VAL C 127 -13.23 -4.81 47.94
CA VAL C 127 -13.72 -6.02 47.28
C VAL C 127 -13.97 -7.04 48.39
N THR C 128 -15.25 -7.30 48.68
CA THR C 128 -15.61 -8.08 49.84
C THR C 128 -15.74 -9.57 49.56
N GLU C 129 -16.09 -9.94 48.32
CA GLU C 129 -16.23 -11.33 47.95
C GLU C 129 -16.08 -11.49 46.45
N HIS C 130 -15.48 -12.59 46.05
CA HIS C 130 -15.47 -13.02 44.66
C HIS C 130 -15.73 -14.53 44.61
N ARG C 131 -16.47 -14.96 43.59
CA ARG C 131 -16.77 -16.36 43.39
C ARG C 131 -16.39 -16.74 41.96
N SER C 132 -15.80 -17.92 41.81
CA SER C 132 -15.17 -18.35 40.56
C SER C 132 -15.98 -19.36 39.76
N GLY C 133 -16.77 -20.22 40.41
CA GLY C 133 -17.39 -21.32 39.69
C GLY C 133 -16.32 -22.21 39.07
N ASN C 134 -16.53 -22.60 37.81
CA ASN C 134 -15.59 -23.43 37.08
C ASN C 134 -14.49 -22.64 36.40
N PHE C 135 -14.46 -21.32 36.57
CA PHE C 135 -13.45 -20.47 35.95
C PHE C 135 -12.35 -20.14 36.96
N THR C 136 -11.29 -19.51 36.46
CA THR C 136 -10.19 -19.06 37.29
C THR C 136 -10.05 -17.55 37.15
N LEU C 137 -10.06 -16.85 38.28
CA LEU C 137 -9.97 -15.40 38.32
C LEU C 137 -8.54 -14.97 38.58
N TYR C 138 -8.10 -13.91 37.91
CA TYR C 138 -6.75 -13.40 38.09
C TYR C 138 -6.73 -11.95 38.59
N ASP C 139 -6.64 -10.99 37.69
CA ASP C 139 -6.54 -9.58 38.07
C ASP C 139 -7.93 -8.95 38.11
N LEU C 140 -8.13 -8.07 39.10
CA LEU C 140 -9.30 -7.20 39.13
C LEU C 140 -8.83 -5.77 39.39
N ARG C 141 -9.01 -4.89 38.42
CA ARG C 141 -8.78 -3.46 38.63
C ARG C 141 -10.08 -2.87 39.16
N TYR C 142 -10.10 -2.50 40.43
CA TYR C 142 -11.32 -1.97 41.02
C TYR C 142 -10.97 -0.97 42.11
N PRO C 143 -11.45 0.29 42.01
CA PRO C 143 -12.21 0.82 40.88
C PRO C 143 -11.35 1.02 39.62
N ALA C 144 -11.97 0.88 38.44
CA ALA C 144 -11.24 0.91 37.17
C ALA C 144 -11.22 2.33 36.61
N ARG C 145 -10.02 2.82 36.31
CA ARG C 145 -9.81 4.12 35.68
C ARG C 145 -10.60 5.21 36.41
N ALA C 146 -10.59 5.16 37.73
CA ALA C 146 -11.23 6.16 38.56
C ALA C 146 -10.27 7.32 38.83
N PHE C 147 -10.83 8.43 39.29
CA PHE C 147 -10.06 9.58 39.78
C PHE C 147 -9.06 10.08 38.74
N SER C 148 -9.46 10.02 37.49
CA SER C 148 -8.56 10.37 36.41
C SER C 148 -8.41 11.89 36.29
N LEU C 149 -7.30 12.30 35.67
CA LEU C 149 -7.10 13.67 35.24
C LEU C 149 -7.20 13.71 33.72
N LYS C 150 -7.85 14.75 33.19
CA LYS C 150 -7.99 14.92 31.76
C LYS C 150 -6.77 15.66 31.23
N THR C 151 -5.97 14.99 30.41
CA THR C 151 -4.71 15.54 29.94
C THR C 151 -4.90 16.89 29.28
N ASP C 152 -4.09 17.86 29.70
CA ASP C 152 -4.10 19.25 29.21
C ASP C 152 -5.38 20.01 29.57
N GLU C 153 -6.28 19.38 30.34
CA GLU C 153 -7.45 20.06 30.88
C GLU C 153 -7.27 20.27 32.38
N ASP C 154 -7.23 19.19 33.15
CA ASP C 154 -6.73 19.24 34.51
C ASP C 154 -5.23 19.54 34.50
N LYS C 155 -4.82 20.56 35.25
CA LYS C 155 -3.41 20.89 35.40
C LYS C 155 -2.99 20.39 36.78
N GLY C 156 -2.34 19.23 36.82
CA GLY C 156 -1.95 18.60 38.06
C GLY C 156 -1.01 17.45 37.78
N ALA C 157 -1.08 16.37 38.56
CA ALA C 157 -0.17 15.25 38.37
C ALA C 157 -0.72 14.01 39.05
N ALA C 158 -0.29 12.85 38.54
CA ALA C 158 -0.32 11.65 39.36
C ALA C 158 0.84 11.70 40.36
N VAL C 159 0.65 11.04 41.49
CA VAL C 159 1.62 11.03 42.57
C VAL C 159 1.92 9.58 42.91
N ILE C 160 3.18 9.15 42.75
CA ILE C 160 3.55 7.75 42.83
C ILE C 160 4.79 7.61 43.71
N PRO C 161 4.71 6.96 44.83
CA PRO C 161 5.92 6.76 45.66
C PRO C 161 6.79 5.62 45.15
N GLN C 162 7.23 5.76 43.89
CA GLN C 162 8.21 4.87 43.29
C GLN C 162 9.59 5.21 43.87
N LYS C 163 10.14 4.28 44.66
CA LYS C 163 11.29 4.57 45.53
C LYS C 163 11.10 5.87 46.29
N GLN C 164 12.03 6.83 46.14
CA GLN C 164 11.87 8.10 46.87
C GLN C 164 10.59 8.81 46.45
N GLY C 165 10.19 8.69 45.19
CA GLY C 165 8.88 9.17 44.74
C GLY C 165 8.94 10.07 43.53
N VAL C 166 7.83 10.10 42.79
CA VAL C 166 7.73 10.94 41.59
C VAL C 166 6.33 11.53 41.50
N ILE C 167 6.23 12.58 40.70
CA ILE C 167 4.93 13.01 40.20
C ILE C 167 4.97 12.97 38.68
N CYS C 168 3.80 12.74 38.09
CA CYS C 168 3.61 12.72 36.64
C CYS C 168 2.60 13.77 36.23
N PRO C 169 3.04 14.93 35.73
CA PRO C 169 2.10 15.98 35.30
C PRO C 169 1.10 15.49 34.26
N SER C 170 -0.13 16.00 34.39
CA SER C 170 -1.24 15.65 33.52
C SER C 170 -1.43 16.65 32.39
N TYR C 171 -0.34 17.30 31.97
CA TYR C 171 -0.38 18.31 30.93
C TYR C 171 1.04 18.49 30.41
N ILE C 172 1.17 19.03 29.19
CA ILE C 172 2.48 19.33 28.63
C ILE C 172 2.89 20.73 29.07
N PHE C 173 4.19 20.92 29.32
CA PHE C 173 4.73 22.14 29.90
C PHE C 173 6.09 22.41 29.25
N PRO C 174 6.63 23.62 29.38
CA PRO C 174 7.95 23.90 28.78
C PRO C 174 9.06 23.14 29.49
N MET C 175 10.02 22.64 28.72
CA MET C 175 11.19 21.97 29.25
C MET C 175 12.25 21.92 28.15
N ASN C 176 13.45 21.47 28.49
CA ASN C 176 14.49 21.32 27.47
C ASN C 176 13.97 20.52 26.28
N GLY C 177 14.27 21.00 25.08
CA GLY C 177 13.78 20.37 23.86
C GLY C 177 13.95 18.85 23.82
N GLY C 178 15.11 18.36 24.24
CA GLY C 178 15.34 16.91 24.19
C GLY C 178 14.44 16.17 25.16
N ARG C 179 14.39 16.64 26.42
CA ARG C 179 13.43 16.08 27.39
C ARG C 179 12.00 16.15 26.86
N PHE C 180 11.63 17.29 26.27
CA PHE C 180 10.27 17.47 25.76
C PHE C 180 9.91 16.39 24.75
N CYS C 181 10.83 16.11 23.81
CA CYS C 181 10.55 15.10 22.80
C CYS C 181 10.34 13.72 23.43
N LYS C 182 11.20 13.35 24.38
CA LYS C 182 11.07 12.04 25.04
C LYS C 182 9.80 11.99 25.90
N TRP C 183 9.50 13.09 26.58
CA TRP C 183 8.33 13.16 27.44
C TRP C 183 7.05 12.99 26.63
N ASP C 184 6.84 13.85 25.64
CA ASP C 184 5.62 13.80 24.85
C ASP C 184 5.48 12.45 24.13
N ASP C 185 6.58 11.91 23.60
CA ASP C 185 6.52 10.66 22.86
C ASP C 185 6.07 9.52 23.75
N ALA C 186 6.53 9.50 25.00
CA ALA C 186 6.22 8.38 25.90
C ALA C 186 4.75 8.36 26.29
N THR C 187 4.10 9.52 26.32
CA THR C 187 2.66 9.56 26.54
C THR C 187 1.87 9.01 25.35
N TYR C 188 2.53 8.73 24.21
CA TYR C 188 1.86 8.12 23.07
C TYR C 188 2.37 6.71 22.77
N ASN C 189 3.06 6.07 23.69
CA ASN C 189 3.46 4.68 23.46
C ASN C 189 3.44 3.95 24.80
N ASN C 190 3.99 2.74 24.82
CA ASN C 190 3.80 1.88 25.97
C ASN C 190 4.60 2.30 27.19
N LYS C 191 5.51 3.28 27.06
CA LYS C 191 6.24 3.75 28.24
C LYS C 191 5.31 4.34 29.28
N SER C 192 4.13 4.82 28.87
CA SER C 192 3.23 5.49 29.80
C SER C 192 2.15 4.58 30.38
N GLN C 193 2.25 3.26 30.18
CA GLN C 193 1.27 2.34 30.76
C GLN C 193 1.97 1.09 31.24
N GLY C 194 1.49 0.53 32.33
CA GLY C 194 2.13 -0.61 32.96
C GLY C 194 1.71 -0.72 34.41
N SER C 195 2.42 -1.56 35.15
CA SER C 195 2.11 -1.71 36.56
C SER C 195 3.38 -1.80 37.39
N LEU C 196 3.22 -1.46 38.67
CA LEU C 196 4.29 -1.48 39.67
C LEU C 196 3.83 -2.31 40.87
N GLU C 197 4.80 -2.83 41.61
CA GLU C 197 4.54 -3.61 42.81
C GLU C 197 4.93 -2.84 44.07
N LEU C 198 4.41 -3.30 45.21
CA LEU C 198 4.69 -2.71 46.51
C LEU C 198 5.93 -3.33 47.16
N PHE C 199 6.82 -2.47 47.68
CA PHE C 199 7.83 -2.84 48.68
C PHE C 199 8.98 -3.66 48.09
N ASN C 200 9.48 -3.26 46.92
CA ASN C 200 10.71 -3.84 46.40
C ASN C 200 11.75 -2.74 46.23
N ASN C 201 12.97 -3.18 45.94
CA ASN C 201 14.09 -2.27 45.72
C ASN C 201 14.36 -2.06 44.24
N GLY C 202 13.46 -2.54 43.39
CA GLY C 202 13.56 -2.28 41.96
C GLY C 202 12.71 -1.10 41.51
N THR C 203 11.74 -1.37 40.64
CA THR C 203 10.94 -0.34 40.00
C THR C 203 9.73 0.06 40.83
N GLY C 204 9.53 -0.55 42.00
CA GLY C 204 8.26 -0.52 42.69
C GLY C 204 8.08 0.60 43.70
N LEU C 205 6.97 0.52 44.43
CA LEU C 205 6.57 1.53 45.39
C LEU C 205 7.14 1.22 46.76
N THR C 206 7.44 2.27 47.52
CA THR C 206 7.89 2.14 48.90
C THR C 206 6.83 2.50 49.91
N MET C 207 5.66 2.98 49.48
CA MET C 207 4.61 3.29 50.44
C MET C 207 3.29 2.87 49.82
N PRO C 208 2.36 2.36 50.60
CA PRO C 208 1.13 1.77 50.05
C PRO C 208 0.05 2.79 49.69
N TRP C 209 0.44 3.84 48.96
CA TRP C 209 -0.54 4.83 48.54
C TRP C 209 -0.13 5.43 47.20
N TRP C 210 -1.07 6.14 46.59
CA TRP C 210 -0.87 6.87 45.34
C TRP C 210 -2.06 7.79 45.16
N GLY C 211 -1.92 8.75 44.26
CA GLY C 211 -3.02 9.69 44.10
C GLY C 211 -2.89 10.53 42.86
N THR C 212 -3.89 11.41 42.70
CA THR C 212 -3.95 12.38 41.61
C THR C 212 -4.44 13.70 42.17
N TYR C 213 -3.99 14.80 41.56
CA TYR C 213 -4.48 16.10 41.99
C TYR C 213 -4.55 17.04 40.78
N ASN C 214 -5.46 17.99 40.86
CA ASN C 214 -5.49 19.06 39.87
C ASN C 214 -5.43 20.41 40.57
N GLU C 215 -5.73 21.48 39.82
CA GLU C 215 -5.69 22.80 40.41
C GLU C 215 -6.75 22.99 41.48
N LYS C 216 -7.79 22.16 41.49
CA LYS C 216 -8.86 22.32 42.47
C LYS C 216 -8.72 21.39 43.65
N SER C 217 -8.32 20.13 43.43
CA SER C 217 -8.55 19.12 44.44
C SER C 217 -7.55 17.99 44.27
N ALA C 218 -7.42 17.19 45.33
CA ALA C 218 -6.48 16.08 45.37
C ALA C 218 -7.17 14.87 45.97
N VAL C 219 -6.85 13.69 45.45
CA VAL C 219 -7.32 12.43 46.02
C VAL C 219 -6.16 11.47 46.09
N MET C 220 -6.07 10.71 47.18
N MET C 220 -6.07 10.74 47.19
CA MET C 220 -5.08 9.66 47.33
CA MET C 220 -5.10 9.67 47.38
C MET C 220 -5.73 8.47 48.00
C MET C 220 -5.83 8.44 47.92
N GLY C 221 -5.27 7.27 47.64
CA GLY C 221 -5.80 6.05 48.20
C GLY C 221 -4.73 5.29 48.96
N ILE C 222 -5.05 4.85 50.18
CA ILE C 222 -4.12 4.11 51.04
C ILE C 222 -4.56 2.65 51.06
N VAL C 223 -3.66 1.75 50.66
CA VAL C 223 -3.97 0.32 50.58
C VAL C 223 -3.95 -0.31 51.96
N ASP C 224 -4.94 -1.16 52.24
CA ASP C 224 -5.01 -1.85 53.52
C ASP C 224 -3.70 -2.55 53.83
N VAL C 225 -3.34 -2.56 55.11
CA VAL C 225 -2.05 -3.08 55.54
C VAL C 225 -1.91 -4.57 55.24
N SER C 226 -3.01 -5.29 55.11
CA SER C 226 -2.96 -6.73 54.91
C SER C 226 -2.86 -7.15 53.45
N ALA C 227 -2.95 -6.22 52.51
CA ALA C 227 -3.10 -6.57 51.11
C ALA C 227 -1.88 -6.18 50.30
N ARG C 228 -1.71 -6.84 49.16
CA ARG C 228 -0.61 -6.56 48.24
C ARG C 228 -1.10 -6.44 46.80
N PRO C 229 -1.91 -5.42 46.50
CA PRO C 229 -2.25 -5.15 45.11
C PRO C 229 -1.05 -4.59 44.35
N HIS C 230 -1.13 -4.68 43.03
CA HIS C 230 -0.23 -3.89 42.20
C HIS C 230 -0.95 -2.59 41.83
N MET C 231 -0.20 -1.69 41.20
CA MET C 231 -0.73 -0.39 40.81
C MET C 231 -0.56 -0.26 39.30
N GLN C 232 -1.67 -0.22 38.58
CA GLN C 232 -1.65 0.09 37.16
C GLN C 232 -1.49 1.60 36.99
N TYR C 233 -0.63 2.01 36.06
CA TYR C 233 -0.51 3.43 35.76
C TYR C 233 -0.81 3.70 34.28
N ASN C 234 -1.28 4.92 34.02
CA ASN C 234 -1.60 5.37 32.67
C ASN C 234 -1.34 6.88 32.66
N ILE C 235 -0.23 7.29 32.05
CA ILE C 235 0.23 8.67 32.21
C ILE C 235 -0.01 9.42 30.90
N ASN C 236 -1.18 10.02 30.78
CA ASN C 236 -1.61 10.82 29.64
C ASN C 236 -1.81 9.98 28.37
N ASN C 237 -1.91 8.66 28.50
CA ASN C 237 -2.12 7.76 27.37
C ASN C 237 -3.60 7.68 27.02
N ASN C 238 -3.91 7.61 25.73
CA ASN C 238 -5.30 7.48 25.29
C ASN C 238 -5.75 6.04 25.12
N GLY C 239 -4.99 5.07 25.63
CA GLY C 239 -5.42 3.69 25.55
C GLY C 239 -5.11 3.02 24.23
N GLN C 240 -4.22 3.60 23.43
CA GLN C 240 -3.85 2.99 22.15
C GLN C 240 -3.32 1.58 22.35
N TYR C 241 -2.68 1.31 23.49
CA TYR C 241 -2.18 -0.03 23.77
C TYR C 241 -3.30 -1.07 23.76
N LEU C 242 -4.53 -0.65 24.03
CA LEU C 242 -5.67 -1.56 23.97
C LEU C 242 -6.11 -1.86 22.53
N PHE C 243 -5.58 -1.15 21.54
CA PHE C 243 -6.05 -1.29 20.18
C PHE C 243 -4.95 -1.65 19.19
N ASN C 244 -3.68 -1.69 19.62
CA ASN C 244 -2.61 -1.96 18.66
C ASN C 244 -2.76 -3.35 18.03
N ALA C 245 -3.17 -4.34 18.82
CA ALA C 245 -3.31 -5.70 18.27
C ALA C 245 -4.43 -5.78 17.24
N LYS C 246 -5.52 -5.05 17.45
CA LYS C 246 -6.59 -5.00 16.47
C LYS C 246 -6.28 -4.09 15.29
N GLY C 247 -5.20 -3.32 15.33
CA GLY C 247 -4.87 -2.42 14.23
C GLY C 247 -5.88 -1.33 13.96
N VAL C 248 -6.44 -0.71 15.02
CA VAL C 248 -7.31 0.43 14.89
C VAL C 248 -6.81 1.53 15.81
N MET C 249 -7.27 2.76 15.54
CA MET C 249 -6.93 3.90 16.36
C MET C 249 -7.83 3.97 17.58
N SER C 250 -7.28 4.35 18.72
CA SER C 250 -8.07 4.46 19.94
C SER C 250 -9.08 5.60 19.82
N PRO C 251 -10.35 5.38 20.17
CA PRO C 251 -11.31 6.48 20.23
C PRO C 251 -11.37 7.19 21.58
N TYR C 252 -10.46 6.87 22.50
CA TYR C 252 -10.50 7.39 23.86
C TYR C 252 -9.68 8.66 24.02
N GLN C 253 -9.93 9.35 25.12
CA GLN C 253 -9.30 10.61 25.47
C GLN C 253 -8.03 10.35 26.28
N ARG C 254 -7.01 11.19 26.06
CA ARG C 254 -5.79 11.14 26.86
C ARG C 254 -6.11 11.49 28.32
N ILE C 255 -5.78 10.59 29.25
CA ILE C 255 -6.05 10.79 30.67
C ILE C 255 -4.91 10.21 31.51
N VAL C 256 -4.87 10.65 32.77
CA VAL C 256 -3.96 10.09 33.77
C VAL C 256 -4.80 9.30 34.77
N PHE C 257 -4.45 8.04 35.00
CA PHE C 257 -5.11 7.32 36.08
C PHE C 257 -4.17 6.31 36.72
N LEU C 258 -4.51 5.93 37.96
CA LEU C 258 -3.77 4.93 38.73
C LEU C 258 -4.78 3.98 39.36
N ASP C 259 -4.68 2.69 39.05
CA ASP C 259 -5.64 1.70 39.52
C ASP C 259 -5.00 0.67 40.43
N PRO C 260 -5.69 0.24 41.48
CA PRO C 260 -5.26 -0.96 42.19
C PRO C 260 -5.54 -2.20 41.36
N ILE C 261 -4.57 -3.12 41.35
CA ILE C 261 -4.74 -4.43 40.72
C ILE C 261 -4.81 -5.43 41.87
N TRP C 262 -6.01 -5.92 42.14
CA TRP C 262 -6.19 -6.96 43.13
C TRP C 262 -5.90 -8.31 42.48
N LYS C 263 -4.96 -9.07 43.03
CA LYS C 263 -4.55 -10.35 42.47
C LYS C 263 -5.42 -11.44 43.07
N LEU C 264 -6.60 -11.67 42.47
CA LEU C 264 -7.58 -12.57 43.07
C LEU C 264 -7.06 -13.99 43.20
N ASP C 265 -6.12 -14.40 42.35
CA ASP C 265 -5.52 -15.71 42.48
C ASP C 265 -4.51 -15.80 43.62
N GLN C 266 -4.17 -14.67 44.26
CA GLN C 266 -3.09 -14.67 45.24
C GLN C 266 -3.49 -14.07 46.59
N GLU C 267 -4.42 -13.11 46.57
CA GLU C 267 -4.57 -12.20 47.69
C GLU C 267 -5.35 -12.85 48.83
N LYS C 268 -4.74 -12.94 50.01
CA LYS C 268 -5.41 -13.41 51.21
C LYS C 268 -5.85 -12.27 52.13
N GLY C 269 -5.36 -11.06 51.92
CA GLY C 269 -5.70 -9.96 52.79
C GLY C 269 -7.03 -9.32 52.44
N LYS C 270 -7.33 -8.26 53.18
CA LYS C 270 -8.56 -7.50 52.95
C LYS C 270 -8.32 -6.53 51.80
N MET C 271 -9.10 -6.69 50.72
CA MET C 271 -8.92 -5.91 49.50
C MET C 271 -9.63 -4.57 49.64
N ARG C 272 -9.05 -3.71 50.47
CA ARG C 272 -9.62 -2.41 50.82
C ARG C 272 -8.62 -1.32 50.49
N ILE C 273 -9.12 -0.22 49.95
CA ILE C 273 -8.32 0.98 49.73
C ILE C 273 -9.11 2.16 50.28
N SER C 274 -8.43 3.03 51.03
CA SER C 274 -9.06 4.16 51.70
C SER C 274 -8.72 5.42 50.94
N TYR C 275 -9.71 6.02 50.29
CA TYR C 275 -9.48 7.24 49.54
C TYR C 275 -9.69 8.46 50.42
N HIS C 276 -8.74 9.39 50.37
CA HIS C 276 -8.83 10.66 51.09
C HIS C 276 -8.82 11.81 50.08
N PHE C 277 -9.74 12.75 50.26
CA PHE C 277 -9.93 13.85 49.33
C PHE C 277 -9.50 15.14 50.02
N ILE C 278 -8.71 15.96 49.32
CA ILE C 278 -8.12 17.15 49.93
C ILE C 278 -8.33 18.36 49.01
N PRO C 279 -9.22 19.29 49.37
CA PRO C 279 -9.40 20.50 48.55
C PRO C 279 -8.11 21.32 48.47
N GLY C 280 -7.73 21.70 47.26
CA GLY C 280 -6.52 22.49 47.08
C GLY C 280 -5.21 21.81 47.44
N GLY C 281 -5.20 20.48 47.59
CA GLY C 281 -4.01 19.78 48.02
C GLY C 281 -3.18 19.25 46.86
N ASP C 282 -1.98 18.79 47.19
CA ASP C 282 -1.09 18.16 46.21
C ASP C 282 -0.33 17.03 46.91
N TYR C 283 0.83 16.67 46.38
CA TYR C 283 1.56 15.51 46.91
C TYR C 283 2.02 15.74 48.34
N VAL C 284 2.29 17.00 48.71
CA VAL C 284 2.68 17.30 50.08
C VAL C 284 1.56 16.91 51.04
N ASP C 285 0.35 17.35 50.73
CA ASP C 285 -0.80 17.03 51.58
C ASP C 285 -1.04 15.52 51.62
N MET C 286 -0.92 14.85 50.48
CA MET C 286 -1.07 13.39 50.46
C MET C 286 -0.07 12.74 51.40
N ALA C 287 1.20 13.17 51.34
CA ALA C 287 2.23 12.56 52.16
C ALA C 287 1.93 12.75 53.64
N LYS C 288 1.43 13.92 54.02
CA LYS C 288 1.14 14.15 55.43
C LYS C 288 -0.06 13.33 55.91
N VAL C 289 -1.00 13.03 55.03
CA VAL C 289 -2.08 12.12 55.37
C VAL C 289 -1.52 10.72 55.63
N TYR C 290 -0.68 10.22 54.72
CA TYR C 290 -0.12 8.89 54.96
C TYR C 290 0.76 8.87 56.20
N GLN C 291 1.43 9.99 56.52
CA GLN C 291 2.31 10.02 57.68
C GLN C 291 1.57 9.66 58.97
N LYS C 292 0.31 10.09 59.10
CA LYS C 292 -0.45 9.68 60.28
C LYS C 292 -0.71 8.17 60.27
N GLU C 293 -1.04 7.63 59.09
CA GLU C 293 -1.21 6.17 58.98
C GLU C 293 0.09 5.43 59.23
N ALA C 294 1.22 5.99 58.78
CA ALA C 294 2.52 5.36 59.03
C ALA C 294 2.83 5.28 60.51
N LYS C 295 2.52 6.34 61.27
CA LYS C 295 2.68 6.27 62.72
C LYS C 295 1.73 5.25 63.33
N ALA C 296 0.50 5.19 62.81
CA ALA C 296 -0.46 4.22 63.31
C ALA C 296 0.00 2.79 63.06
N ARG C 297 0.73 2.57 61.97
CA ARG C 297 1.16 1.21 61.65
C ARG C 297 2.42 0.78 62.39
N GLY C 298 3.08 1.70 63.10
CA GLY C 298 4.25 1.34 63.86
C GLY C 298 5.57 1.55 63.16
N HIS C 299 5.55 2.08 61.93
CA HIS C 299 6.79 2.22 61.18
C HIS C 299 7.61 3.40 61.68
N PHE C 300 6.97 4.38 62.32
CA PHE C 300 7.57 5.69 62.53
C PHE C 300 8.22 5.70 63.91
N VAL C 301 9.54 5.56 63.94
CA VAL C 301 10.33 5.71 65.16
C VAL C 301 11.35 6.82 64.89
N SER C 302 11.22 7.91 65.62
CA SER C 302 11.90 9.15 65.27
C SER C 302 13.40 9.06 65.52
N LEU C 303 14.16 9.83 64.74
CA LEU C 303 15.59 9.94 64.96
C LEU C 303 15.90 10.50 66.34
N GLN C 304 15.01 11.32 66.91
CA GLN C 304 15.27 11.85 68.26
C GLN C 304 15.15 10.75 69.30
N GLU C 305 14.17 9.86 69.16
CA GLU C 305 14.10 8.69 70.03
C GLU C 305 15.33 7.79 69.85
N LYS C 306 15.77 7.60 68.60
CA LYS C 306 16.96 6.80 68.36
C LYS C 306 18.21 7.47 68.92
N LEU C 307 18.25 8.81 68.89
CA LEU C 307 19.37 9.54 69.50
C LEU C 307 19.34 9.38 71.01
N LYS C 308 18.15 9.39 71.61
CA LYS C 308 18.02 9.20 73.05
C LYS C 308 18.59 7.86 73.47
N ARG C 309 18.37 6.82 72.66
CA ARG C 309 18.88 5.50 72.97
C ARG C 309 20.37 5.39 72.66
N ASN C 310 20.86 6.14 71.68
CA ASN C 310 22.26 6.06 71.29
C ASN C 310 22.78 7.45 70.94
N PRO C 311 23.55 8.09 71.82
CA PRO C 311 24.10 9.42 71.52
C PRO C 311 25.03 9.42 70.32
N ASN C 312 25.60 8.27 69.93
CA ASN C 312 26.45 8.24 68.76
C ASN C 312 25.69 8.50 67.47
N VAL C 313 24.36 8.49 67.52
CA VAL C 313 23.57 8.86 66.35
C VAL C 313 23.94 10.26 65.88
N ASN C 314 24.37 11.12 66.80
CA ASN C 314 24.68 12.51 66.43
C ASN C 314 26.01 12.62 65.68
N LYS C 315 26.67 11.51 65.39
CA LYS C 315 27.80 11.53 64.48
C LYS C 315 27.37 11.55 63.02
N LEU C 316 26.08 11.37 62.72
CA LEU C 316 25.53 11.31 61.36
C LEU C 316 25.18 12.68 60.76
N PRO C 317 24.59 13.62 61.51
CA PRO C 317 24.27 14.94 60.92
C PRO C 317 25.52 15.63 60.39
N GLY C 318 25.48 16.01 59.12
CA GLY C 318 26.64 16.62 58.48
C GLY C 318 27.70 15.65 57.99
N ALA C 319 27.49 14.34 58.15
CA ALA C 319 28.51 13.38 57.77
C ALA C 319 28.40 13.02 56.30
N ILE C 320 29.55 12.94 55.63
CA ILE C 320 29.59 12.39 54.28
C ILE C 320 29.78 10.88 54.39
N TYR C 321 29.01 10.15 53.60
CA TYR C 321 29.08 8.69 53.58
C TYR C 321 30.13 8.28 52.53
N PHE C 322 31.22 7.64 52.98
CA PHE C 322 32.33 7.24 52.14
C PHE C 322 32.34 5.73 51.97
N GLY C 323 32.14 5.27 50.74
CA GLY C 323 32.27 3.86 50.47
C GLY C 323 33.56 3.61 49.72
N ILE C 324 34.50 2.96 50.37
CA ILE C 324 35.76 2.59 49.74
C ILE C 324 35.59 1.17 49.20
N TYR C 325 35.46 1.05 47.89
CA TYR C 325 35.05 -0.21 47.27
C TYR C 325 36.29 -0.97 46.82
N GLY C 326 36.63 -2.06 47.51
CA GLY C 326 37.80 -2.82 47.17
C GLY C 326 37.53 -4.03 46.30
N GLY C 327 36.45 -4.02 45.53
CA GLY C 327 36.08 -5.14 44.68
C GLY C 327 35.39 -6.29 45.39
N TYR C 328 35.11 -6.13 46.65
CA TYR C 328 34.45 -7.01 47.59
C TYR C 328 33.08 -6.46 47.89
N PRO C 329 32.04 -7.29 48.00
CA PRO C 329 32.01 -8.75 48.12
C PRO C 329 32.15 -9.56 46.83
N HIS C 330 32.23 -8.88 45.70
CA HIS C 330 32.23 -9.58 44.42
C HIS C 330 33.46 -10.45 44.24
N TYR C 331 34.60 -10.01 44.76
CA TYR C 331 35.86 -10.76 44.68
C TYR C 331 36.61 -10.57 45.98
N VAL C 332 37.44 -11.57 46.30
CA VAL C 332 38.32 -11.51 47.47
C VAL C 332 39.69 -11.05 46.98
N ASN C 333 40.15 -9.93 47.53
CA ASN C 333 41.48 -9.38 47.28
C ASN C 333 41.76 -9.24 45.77
N MET C 334 40.86 -8.54 45.10
CA MET C 334 41.03 -8.42 43.66
C MET C 334 42.14 -7.43 43.32
N PRO C 335 43.09 -7.82 42.47
CA PRO C 335 44.17 -6.89 42.11
C PRO C 335 43.62 -5.67 41.38
N GLY C 336 44.15 -4.50 41.72
CA GLY C 336 43.71 -3.26 41.12
C GLY C 336 42.48 -2.66 41.76
N MET C 337 41.84 -3.36 42.69
CA MET C 337 40.69 -2.82 43.40
C MET C 337 40.84 -2.92 44.92
N ALA C 338 41.33 -4.04 45.42
CA ALA C 338 41.44 -4.24 46.87
C ALA C 338 42.38 -3.21 47.48
N PHE C 339 42.01 -2.69 48.63
CA PHE C 339 42.86 -1.83 49.44
C PHE C 339 43.47 -2.65 50.57
N THR C 340 44.71 -2.33 50.93
CA THR C 340 45.23 -2.80 52.20
C THR C 340 44.72 -1.91 53.33
N PHE C 341 44.92 -2.38 54.56
CA PHE C 341 44.45 -1.61 55.70
C PHE C 341 45.32 -0.38 55.96
N ASP C 342 46.58 -0.42 55.56
CA ASP C 342 47.39 0.80 55.59
C ASP C 342 46.89 1.81 54.57
N GLU C 343 46.47 1.34 53.40
CA GLU C 343 45.88 2.24 52.42
C GLU C 343 44.54 2.78 52.91
N LEU C 344 43.72 1.92 53.51
CA LEU C 344 42.48 2.37 54.13
C LEU C 344 42.74 3.46 55.17
N LYS C 345 43.69 3.20 56.07
CA LYS C 345 44.02 4.18 57.12
C LYS C 345 44.47 5.50 56.51
N ASN C 346 45.25 5.43 55.43
CA ASN C 346 45.76 6.67 54.84
C ASN C 346 44.68 7.44 54.09
N ILE C 347 43.66 6.74 53.58
CA ILE C 347 42.49 7.44 53.01
C ILE C 347 41.71 8.16 54.10
N ILE C 348 41.49 7.49 55.23
CA ILE C 348 40.79 8.12 56.35
C ILE C 348 41.56 9.34 56.83
N LYS C 349 42.88 9.21 56.97
CA LYS C 349 43.70 10.31 57.44
C LYS C 349 43.61 11.51 56.49
N THR C 350 43.62 11.25 55.18
CA THR C 350 43.54 12.36 54.20
C THR C 350 42.18 13.03 54.23
N ILE C 351 41.11 12.26 54.43
CA ILE C 351 39.77 12.85 54.48
C ILE C 351 39.68 13.83 55.64
N HIS C 352 40.29 13.47 56.78
CA HIS C 352 40.27 14.35 57.95
C HIS C 352 41.30 15.47 57.86
N ASP C 353 42.57 15.13 57.62
CA ASP C 353 43.64 16.12 57.79
C ASP C 353 43.73 17.09 56.62
N ASP C 354 43.53 16.59 55.39
CA ASP C 354 43.68 17.41 54.18
C ASP C 354 42.37 17.97 53.66
N LEU C 355 41.32 17.14 53.60
CA LEU C 355 40.02 17.59 53.14
C LEU C 355 39.19 18.20 54.27
N ARG C 356 39.62 18.02 55.51
CA ARG C 356 39.02 18.66 56.68
C ARG C 356 37.52 18.40 56.74
N VAL C 357 37.13 17.15 56.51
CA VAL C 357 35.76 16.71 56.73
C VAL C 357 35.59 16.48 58.23
N ASP C 358 34.62 17.15 58.83
CA ASP C 358 34.48 17.04 60.28
C ASP C 358 33.75 15.76 60.69
N LYS C 359 32.79 15.31 59.89
CA LYS C 359 32.00 14.13 60.23
C LYS C 359 31.88 13.24 59.01
N ALA C 360 31.95 11.92 59.25
CA ALA C 360 32.02 10.97 58.16
C ALA C 360 31.54 9.62 58.64
N PHE C 361 30.99 8.84 57.71
CA PHE C 361 30.69 7.43 57.92
C PHE C 361 31.56 6.68 56.91
N VAL C 362 32.62 6.04 57.39
CA VAL C 362 33.56 5.33 56.54
C VAL C 362 33.10 3.88 56.43
N HIS C 363 32.86 3.43 55.21
CA HIS C 363 32.33 2.09 54.94
C HIS C 363 33.33 1.38 54.05
N ALA C 364 34.02 0.37 54.59
CA ALA C 364 35.13 -0.27 53.88
C ALA C 364 34.65 -1.57 53.27
N TRP C 365 34.64 -1.64 51.93
CA TRP C 365 34.14 -2.82 51.24
C TRP C 365 35.33 -3.71 50.91
N GLY C 366 35.63 -4.64 51.81
CA GLY C 366 36.72 -5.55 51.56
C GLY C 366 37.68 -5.62 52.71
N THR C 367 37.27 -6.31 53.77
CA THR C 367 38.10 -6.49 54.94
C THR C 367 38.26 -7.95 55.36
N PHE C 368 37.59 -8.89 54.69
CA PHE C 368 37.63 -10.31 55.06
C PHE C 368 38.18 -11.15 53.92
N SER C 369 38.79 -12.28 54.27
CA SER C 369 39.40 -13.15 53.28
C SER C 369 38.51 -14.31 52.88
N ASN C 370 37.29 -14.39 53.41
CA ASN C 370 36.28 -15.29 52.89
C ASN C 370 35.21 -14.48 52.16
N PHE C 371 34.49 -15.17 51.29
CA PHE C 371 33.30 -14.59 50.69
C PHE C 371 32.18 -14.52 51.72
N VAL C 372 31.37 -13.46 51.63
CA VAL C 372 30.10 -13.44 52.34
C VAL C 372 29.28 -14.64 51.85
N PRO C 373 28.44 -15.26 52.68
CA PRO C 373 28.00 -14.78 53.99
C PRO C 373 28.89 -15.18 55.17
N HIS C 374 30.16 -15.53 54.93
CA HIS C 374 31.09 -15.81 56.04
C HIS C 374 32.01 -14.60 56.18
N ASN C 375 31.60 -13.68 57.05
CA ASN C 375 32.19 -12.36 57.17
C ASN C 375 33.39 -12.37 58.13
N TYR C 376 34.37 -13.19 57.79
CA TYR C 376 35.51 -13.46 58.66
C TYR C 376 36.48 -14.35 57.90
N PRO C 377 37.74 -14.44 58.34
CA PRO C 377 38.35 -13.58 59.35
C PRO C 377 38.76 -12.24 58.75
N ILE C 378 39.20 -11.28 59.57
CA ILE C 378 39.83 -10.09 59.03
C ILE C 378 41.06 -10.51 58.23
N SER C 379 41.18 -9.97 57.02
CA SER C 379 42.08 -10.53 56.02
C SER C 379 43.54 -10.35 56.40
N GLU C 380 44.28 -11.46 56.44
CA GLU C 380 45.73 -11.38 56.62
C GLU C 380 46.42 -10.77 55.41
N ALA C 381 45.92 -11.08 54.20
CA ALA C 381 46.56 -10.56 52.99
C ALA C 381 46.51 -9.04 52.93
N LEU C 382 45.51 -8.42 53.56
CA LEU C 382 45.39 -6.97 53.57
C LEU C 382 46.12 -6.32 54.73
N GLY C 383 46.74 -7.09 55.62
CA GLY C 383 47.47 -6.50 56.72
C GLY C 383 47.19 -7.10 58.08
N GLY C 384 46.08 -7.81 58.21
CA GLY C 384 45.74 -8.46 59.46
C GLY C 384 44.92 -7.62 60.40
N PRO C 385 44.44 -8.25 61.47
CA PRO C 385 43.52 -7.55 62.39
C PRO C 385 44.11 -6.30 63.02
N GLU C 386 45.40 -6.32 63.38
CA GLU C 386 45.99 -5.16 64.05
C GLU C 386 46.02 -3.94 63.13
N LYS C 387 46.29 -4.17 61.84
CA LYS C 387 46.33 -3.03 60.92
C LYS C 387 44.93 -2.51 60.59
N LEU C 388 43.91 -3.39 60.57
CA LEU C 388 42.55 -2.89 60.44
C LEU C 388 42.16 -2.09 61.67
N LYS C 389 42.48 -2.61 62.85
CA LYS C 389 42.18 -1.92 64.10
C LYS C 389 42.84 -0.55 64.15
N ALA C 390 44.05 -0.42 63.58
CA ALA C 390 44.70 0.87 63.52
C ALA C 390 43.94 1.86 62.64
N ALA C 391 43.36 1.37 61.54
CA ALA C 391 42.52 2.23 60.71
C ALA C 391 41.25 2.64 61.44
N VAL C 392 40.59 1.68 62.10
CA VAL C 392 39.34 1.98 62.81
C VAL C 392 39.60 2.91 63.97
N ASP C 393 40.68 2.68 64.73
CA ASP C 393 41.01 3.55 65.85
C ASP C 393 41.26 4.99 65.38
N LEU C 394 41.90 5.15 64.22
CA LEU C 394 42.10 6.49 63.68
C LEU C 394 40.77 7.14 63.33
N ALA C 395 39.86 6.38 62.70
CA ALA C 395 38.54 6.93 62.40
C ALA C 395 37.80 7.32 63.68
N LYS C 396 37.90 6.49 64.72
CA LYS C 396 37.22 6.79 65.98
C LYS C 396 37.82 7.99 66.69
N SER C 397 39.14 8.21 66.54
CA SER C 397 39.77 9.39 67.12
C SER C 397 39.28 10.69 66.48
N TYR C 398 38.77 10.61 65.25
CA TYR C 398 38.17 11.74 64.57
C TYR C 398 36.69 11.90 64.88
N GLY C 399 36.09 10.95 65.58
CA GLY C 399 34.65 10.99 65.73
C GLY C 399 33.88 10.41 64.57
N TYR C 400 34.57 9.82 63.59
CA TYR C 400 33.91 9.21 62.44
C TYR C 400 33.24 7.90 62.84
N LEU C 401 32.18 7.56 62.09
CA LEU C 401 31.61 6.22 62.14
C LEU C 401 32.36 5.31 61.18
N TYR C 402 32.44 4.02 61.52
CA TYR C 402 33.10 3.04 60.69
C TYR C 402 32.27 1.76 60.62
N SER C 403 32.21 1.16 59.44
CA SER C 403 31.71 -0.20 59.33
C SER C 403 32.47 -0.91 58.21
N SER C 404 32.60 -2.23 58.35
CA SER C 404 32.97 -3.05 57.21
C SER C 404 31.72 -3.34 56.36
N TYR C 405 31.94 -3.85 55.15
CA TYR C 405 30.83 -4.45 54.42
C TYR C 405 30.46 -5.77 55.08
N HIS C 406 29.17 -5.95 55.38
CA HIS C 406 28.65 -7.24 55.82
C HIS C 406 27.46 -7.64 54.96
N ALA C 407 27.31 -8.94 54.71
CA ALA C 407 26.07 -9.46 54.13
C ALA C 407 25.89 -10.89 54.59
N TYR C 408 24.64 -11.26 54.91
CA TYR C 408 24.35 -12.61 55.36
C TYR C 408 23.41 -13.38 54.45
N SER C 409 23.03 -12.78 53.32
CA SER C 409 22.11 -13.29 52.31
C SER C 409 22.75 -13.87 51.04
N PRO C 410 23.96 -13.49 50.63
CA PRO C 410 24.48 -14.01 49.36
C PRO C 410 24.94 -15.46 49.46
N MET C 411 25.01 -16.11 48.29
CA MET C 411 25.59 -17.43 48.11
C MET C 411 26.15 -17.46 46.69
N LEU C 412 27.47 -17.25 46.56
CA LEU C 412 28.09 -16.84 45.31
C LEU C 412 28.75 -18.00 44.58
N GLU C 413 28.52 -18.07 43.25
CA GLU C 413 29.07 -19.12 42.41
C GLU C 413 30.59 -19.22 42.52
N ASN C 414 31.28 -18.09 42.63
CA ASN C 414 32.73 -18.09 42.67
C ASN C 414 33.29 -18.28 44.08
N ASP C 415 32.44 -18.46 45.08
CA ASP C 415 32.92 -18.74 46.43
C ASP C 415 33.30 -20.22 46.54
N PRO C 416 34.54 -20.53 46.95
CA PRO C 416 34.92 -21.95 47.16
C PRO C 416 34.03 -22.68 48.15
N ASN C 417 33.38 -21.97 49.06
CA ASN C 417 32.48 -22.57 50.03
C ASN C 417 31.04 -22.61 49.57
N PHE C 418 30.77 -22.35 48.29
CA PHE C 418 29.40 -22.30 47.80
C PHE C 418 28.70 -23.62 48.05
N THR C 419 27.50 -23.56 48.62
CA THR C 419 26.66 -24.74 48.73
C THR C 419 25.21 -24.31 48.59
N THR C 420 24.39 -25.22 48.08
CA THR C 420 22.96 -24.94 48.04
C THR C 420 22.27 -25.25 49.34
N ASP C 421 23.01 -25.74 50.35
CA ASP C 421 22.42 -26.15 51.64
C ASP C 421 21.53 -25.07 52.24
N LEU C 422 21.94 -23.82 52.17
CA LEU C 422 21.25 -22.73 52.85
C LEU C 422 20.31 -21.96 51.93
N MET C 423 20.17 -22.39 50.69
CA MET C 423 19.22 -21.77 49.78
C MET C 423 17.84 -22.35 49.99
N GLN C 424 16.82 -21.53 49.79
CA GLN C 424 15.44 -21.97 49.96
C GLN C 424 14.94 -22.71 48.72
N ARG C 425 14.10 -23.72 48.93
CA ARG C 425 13.46 -24.40 47.82
C ARG C 425 11.95 -24.21 47.90
N ASP C 426 11.31 -24.24 46.73
CA ASP C 426 9.87 -24.08 46.64
C ASP C 426 9.18 -25.43 46.76
N ALA C 427 7.86 -25.46 46.56
CA ALA C 427 7.08 -26.69 46.74
C ALA C 427 7.47 -27.79 45.75
N GLU C 428 8.11 -27.46 44.63
CA GLU C 428 8.59 -28.49 43.72
C GLU C 428 10.00 -28.97 44.04
N GLY C 429 10.56 -28.55 45.17
CA GLY C 429 11.94 -28.86 45.45
C GLY C 429 12.94 -28.10 44.60
N LYS C 430 12.49 -27.04 43.93
CA LYS C 430 13.36 -26.25 43.07
C LYS C 430 14.02 -25.14 43.85
N LEU C 431 15.29 -24.88 43.56
CA LEU C 431 15.98 -23.78 44.20
C LEU C 431 15.31 -22.45 43.86
N MET C 432 15.23 -21.59 44.86
CA MET C 432 14.73 -20.24 44.69
C MET C 432 15.92 -19.28 44.61
N ASN C 433 15.72 -18.18 43.89
CA ASN C 433 16.73 -17.15 43.75
C ASN C 433 17.99 -17.65 43.05
N THR C 434 17.86 -18.64 42.15
CA THR C 434 18.99 -18.94 41.27
C THR C 434 19.33 -17.73 40.38
N GLY C 435 18.36 -16.86 40.13
CA GLY C 435 18.59 -15.69 39.33
C GLY C 435 19.02 -14.45 40.10
N SER C 436 19.36 -14.60 41.39
CA SER C 436 19.53 -13.43 42.25
C SER C 436 20.56 -13.77 43.35
N ARG C 437 21.84 -13.72 42.97
CA ARG C 437 22.90 -14.33 43.77
C ARG C 437 23.09 -13.62 45.11
N TRP C 438 22.76 -12.33 45.21
CA TRP C 438 22.96 -11.63 46.46
C TRP C 438 21.90 -11.96 47.51
N ALA C 439 20.79 -12.59 47.12
CA ALA C 439 19.71 -12.89 48.06
C ALA C 439 19.31 -14.36 47.95
N ARG C 440 20.26 -15.26 48.20
CA ARG C 440 20.03 -16.70 48.07
C ARG C 440 19.88 -17.42 49.40
N VAL C 441 20.48 -16.92 50.48
CA VAL C 441 20.39 -17.60 51.76
C VAL C 441 19.00 -17.36 52.34
N ASP C 442 18.32 -18.44 52.69
CA ASP C 442 17.01 -18.37 53.33
C ASP C 442 17.11 -17.49 54.57
N PRO C 443 16.29 -16.43 54.68
CA PRO C 443 16.35 -15.58 55.88
C PRO C 443 16.32 -16.33 57.21
N LYS C 444 15.75 -17.52 57.26
CA LYS C 444 15.67 -18.21 58.55
C LYS C 444 17.06 -18.61 59.06
N PHE C 445 18.07 -18.58 58.20
CA PHE C 445 19.44 -18.89 58.60
C PHE C 445 20.28 -17.66 58.89
N GLN C 446 19.80 -16.45 58.58
CA GLN C 446 20.73 -15.33 58.49
C GLN C 446 21.16 -14.80 59.87
N LYS C 447 20.30 -14.85 60.89
CA LYS C 447 20.77 -14.50 62.22
C LYS C 447 21.90 -15.41 62.66
N GLY C 448 21.74 -16.73 62.47
CA GLY C 448 22.82 -17.64 62.80
C GLY C 448 24.12 -17.31 62.08
N LEU C 449 24.02 -16.83 60.84
CA LEU C 449 25.23 -16.46 60.12
C LEU C 449 25.84 -15.18 60.70
N ALA C 450 25.00 -14.23 61.12
CA ALA C 450 25.52 -13.03 61.75
C ALA C 450 26.20 -13.34 63.08
N GLN C 451 25.65 -14.30 63.84
CA GLN C 451 26.19 -14.64 65.14
C GLN C 451 27.60 -15.25 65.05
N LYS C 452 27.99 -15.78 63.89
CA LYS C 452 29.28 -16.45 63.81
C LYS C 452 30.44 -15.53 64.19
N ASN C 453 30.39 -14.26 63.76
CA ASN C 453 31.54 -13.39 64.01
C ASN C 453 31.21 -11.93 64.34
N ILE C 454 29.96 -11.47 64.22
CA ILE C 454 29.74 -10.03 64.35
C ILE C 454 30.06 -9.54 65.76
N GLU C 455 29.85 -10.38 66.78
CA GLU C 455 30.20 -9.97 68.14
C GLU C 455 31.71 -9.99 68.35
N LYS C 456 32.41 -10.92 67.71
CA LYS C 456 33.87 -10.87 67.74
C LYS C 456 34.39 -9.61 67.08
N GLU C 457 33.77 -9.20 65.96
CA GLU C 457 34.25 -8.00 65.28
C GLU C 457 33.96 -6.76 66.11
N ILE C 458 32.76 -6.68 66.68
CA ILE C 458 32.40 -5.54 67.51
C ILE C 458 33.36 -5.40 68.68
N SER C 459 33.62 -6.52 69.35
CA SER C 459 34.45 -6.49 70.55
C SER C 459 35.90 -6.18 70.21
N TYR C 460 36.42 -6.76 69.12
CA TYR C 460 37.83 -6.56 68.79
C TYR C 460 38.08 -5.15 68.26
N LEU C 461 37.28 -4.69 67.30
CA LEU C 461 37.51 -3.39 66.71
C LEU C 461 36.94 -2.25 67.54
N GLY C 462 36.12 -2.55 68.55
CA GLY C 462 35.45 -1.50 69.31
C GLY C 462 34.47 -0.73 68.46
N LEU C 463 33.58 -1.46 67.78
CA LEU C 463 32.71 -0.83 66.80
C LEU C 463 31.62 -0.01 67.46
N GLU C 464 31.33 1.13 66.85
CA GLU C 464 30.20 1.96 67.20
C GLU C 464 29.11 1.93 66.15
N ALA C 465 29.35 1.25 65.02
CA ALA C 465 28.43 1.31 63.90
C ALA C 465 28.47 0.01 63.11
N ASP C 466 27.46 -0.16 62.26
CA ASP C 466 27.34 -1.33 61.40
C ASP C 466 26.43 -0.99 60.24
N ILE C 467 26.79 -1.49 59.07
CA ILE C 467 25.93 -1.46 57.89
C ILE C 467 25.81 -2.89 57.38
N THR C 468 24.57 -3.30 57.08
CA THR C 468 24.28 -4.63 56.58
C THR C 468 23.63 -4.54 55.21
N ASP C 469 24.18 -5.26 54.23
CA ASP C 469 23.73 -5.18 52.85
C ASP C 469 22.51 -6.08 52.61
N ILE C 470 21.72 -5.71 51.58
CA ILE C 470 20.78 -6.58 50.86
C ILE C 470 19.51 -6.98 51.62
N THR C 471 19.66 -7.53 52.82
CA THR C 471 18.56 -8.29 53.43
C THR C 471 17.32 -7.44 53.66
N PHE C 472 17.48 -6.12 53.83
CA PHE C 472 16.35 -5.27 54.16
C PHE C 472 16.02 -4.29 53.04
N ALA C 473 16.39 -4.63 51.81
CA ALA C 473 16.11 -3.78 50.65
C ALA C 473 14.67 -3.90 50.18
N ALA C 474 13.95 -4.95 50.58
CA ALA C 474 12.57 -5.15 50.18
C ALA C 474 11.76 -5.55 51.40
N TYR C 475 10.44 -5.69 51.23
CA TYR C 475 9.57 -6.21 52.30
C TYR C 475 8.56 -7.16 51.66
N ARG C 476 8.99 -8.40 51.46
CA ARG C 476 8.14 -9.46 50.96
C ARG C 476 7.70 -10.38 52.10
N GLU C 477 6.57 -11.07 51.88
CA GLU C 477 6.05 -11.99 52.89
C GLU C 477 6.98 -13.19 53.09
N ASN C 478 7.44 -13.81 52.00
CA ASN C 478 8.31 -14.97 52.14
C ASN C 478 9.60 -14.66 52.87
N GLY C 479 9.78 -15.23 54.06
CA GLY C 479 11.00 -15.06 54.82
C GLY C 479 11.05 -13.84 55.71
N LYS C 480 9.95 -13.10 55.88
CA LYS C 480 10.06 -11.88 56.65
C LYS C 480 10.31 -12.16 58.14
N GLU C 481 9.87 -13.32 58.65
CA GLU C 481 10.14 -13.67 60.03
C GLU C 481 11.63 -13.79 60.30
N GLY C 482 12.34 -14.50 59.41
CA GLY C 482 13.78 -14.60 59.54
C GLY C 482 14.47 -13.25 59.39
N ARG C 483 13.92 -12.38 58.55
CA ARG C 483 14.48 -11.04 58.41
C ARG C 483 14.25 -10.23 59.67
N ILE C 484 13.04 -10.28 60.23
CA ILE C 484 12.76 -9.62 61.51
C ILE C 484 13.72 -10.12 62.58
N GLU C 485 13.99 -11.43 62.59
CA GLU C 485 14.91 -12.00 63.57
C GLU C 485 16.30 -11.41 63.44
N LEU C 486 16.80 -11.29 62.21
CA LEU C 486 18.09 -10.64 62.00
C LEU C 486 18.07 -9.19 62.43
N ALA C 487 17.01 -8.46 62.07
CA ALA C 487 16.95 -7.03 62.40
C ALA C 487 16.98 -6.81 63.90
N LYS C 488 16.20 -7.60 64.65
CA LYS C 488 16.19 -7.46 66.10
C LYS C 488 17.55 -7.80 66.71
N TYR C 489 18.23 -8.80 66.15
CA TYR C 489 19.56 -9.16 66.63
C TYR C 489 20.55 -8.02 66.42
N ILE C 490 20.64 -7.51 65.19
CA ILE C 490 21.52 -6.38 64.90
C ILE C 490 21.15 -5.19 65.78
N ASP C 491 19.85 -4.89 65.86
CA ASP C 491 19.38 -3.77 66.66
C ASP C 491 19.75 -3.92 68.13
N SER C 492 19.91 -5.16 68.61
CA SER C 492 20.16 -5.36 70.03
C SER C 492 21.55 -4.88 70.43
N PHE C 493 22.45 -4.62 69.48
CA PHE C 493 23.78 -4.16 69.83
C PHE C 493 23.84 -2.66 70.09
N ASN C 494 22.76 -1.93 69.77
CA ASN C 494 22.70 -0.49 69.94
C ASN C 494 23.89 0.20 69.29
N LEU C 495 24.19 -0.22 68.06
CA LEU C 495 25.12 0.50 67.20
C LEU C 495 24.36 1.51 66.35
N VAL C 496 25.06 2.55 65.92
CA VAL C 496 24.53 3.38 64.85
C VAL C 496 24.54 2.50 63.60
N ASN C 497 23.37 2.12 63.11
CA ASN C 497 23.37 1.09 62.10
C ASN C 497 22.54 1.50 60.89
N GLY C 498 23.01 1.03 59.73
CA GLY C 498 22.35 1.32 58.48
C GLY C 498 22.21 0.04 57.66
N THR C 499 21.52 0.18 56.54
CA THR C 499 21.27 -0.96 55.68
C THR C 499 21.04 -0.47 54.27
N GLU C 500 21.24 -1.37 53.31
CA GLU C 500 20.98 -1.03 51.92
C GLU C 500 19.50 -0.78 51.66
N HIS C 501 19.22 0.37 51.06
CA HIS C 501 17.93 0.78 50.50
C HIS C 501 16.86 0.97 51.57
N GLY C 502 16.52 -0.10 52.29
CA GLY C 502 15.52 -0.04 53.33
C GLY C 502 14.10 -0.11 52.80
N GLN C 503 13.16 -0.23 53.73
CA GLN C 503 11.72 -0.09 53.50
C GLN C 503 11.10 0.46 54.77
N GLU C 504 9.89 1.03 54.64
CA GLU C 504 9.25 1.64 55.82
C GLU C 504 9.11 0.65 56.97
N GLN C 505 8.94 -0.63 56.65
CA GLN C 505 8.78 -1.64 57.70
C GLN C 505 10.05 -1.84 58.52
N TRP C 506 11.22 -1.53 57.97
CA TRP C 506 12.47 -1.68 58.70
C TRP C 506 12.91 -0.42 59.43
N ILE C 507 12.17 0.69 59.30
CA ILE C 507 12.56 1.94 59.99
C ILE C 507 12.80 1.76 61.48
N PRO C 508 11.99 1.00 62.23
CA PRO C 508 12.25 0.92 63.69
C PRO C 508 13.62 0.33 64.06
N TYR C 509 14.28 -0.41 63.16
CA TYR C 509 15.48 -1.14 63.52
C TYR C 509 16.78 -0.50 63.04
N PHE C 510 16.72 0.57 62.25
CA PHE C 510 17.93 1.17 61.70
C PHE C 510 17.91 2.68 61.90
N ASP C 511 19.10 3.26 61.86
CA ASP C 511 19.26 4.69 61.88
C ASP C 511 19.36 5.29 60.48
N MET C 512 19.87 4.55 59.50
CA MET C 512 20.06 5.13 58.18
C MET C 512 19.85 4.09 57.09
N PHE C 513 19.34 4.57 55.95
CA PHE C 513 19.20 3.79 54.72
C PHE C 513 20.20 4.31 53.67
N GLU C 514 20.95 3.38 53.08
CA GLU C 514 21.80 3.69 51.93
C GLU C 514 20.97 3.51 50.67
N GLY C 515 20.45 4.61 50.15
CA GLY C 515 19.56 4.52 49.00
C GLY C 515 18.24 5.20 49.28
N MET C 516 17.15 4.52 48.91
CA MET C 516 15.82 5.13 48.93
C MET C 516 15.84 6.44 48.14
N THR C 517 16.46 6.38 46.94
CA THR C 517 16.51 7.51 46.02
C THR C 517 15.84 7.07 44.72
N TYR C 518 16.60 6.83 43.65
CA TYR C 518 16.05 6.53 42.33
C TYR C 518 16.93 5.49 41.63
N LEU C 519 16.30 4.54 40.94
CA LEU C 519 17.00 3.76 39.94
C LEU C 519 17.46 4.67 38.80
N GLU C 520 18.49 4.23 38.07
CA GLU C 520 18.92 5.01 36.90
C GLU C 520 17.97 4.80 35.71
N ASP C 521 17.73 3.54 35.33
CA ASP C 521 16.77 3.20 34.29
C ASP C 521 15.51 2.69 34.98
N ARG C 522 14.36 3.30 34.68
CA ARG C 522 13.18 2.92 35.43
C ARG C 522 11.94 3.32 34.64
N PRO C 523 10.84 2.57 34.77
CA PRO C 523 9.58 3.03 34.21
C PRO C 523 9.26 4.41 34.73
N LEU C 524 8.69 5.25 33.84
CA LEU C 524 8.22 6.60 34.09
C LEU C 524 9.36 7.61 34.06
N SER C 525 10.60 7.19 33.84
CA SER C 525 11.73 8.10 34.00
C SER C 525 11.64 9.32 33.09
N VAL C 526 11.12 9.19 31.86
CA VAL C 526 11.05 10.33 30.95
C VAL C 526 9.73 11.11 31.07
N ILE C 527 8.81 10.68 31.94
CA ILE C 527 7.53 11.35 32.10
C ILE C 527 7.22 11.61 33.57
N SER C 528 8.24 11.82 34.39
CA SER C 528 8.04 12.12 35.79
C SER C 528 9.13 13.06 36.29
N HIS C 529 8.83 13.74 37.40
CA HIS C 529 9.81 14.53 38.15
C HIS C 529 10.04 13.91 39.52
N PRO C 530 11.28 13.72 39.94
CA PRO C 530 11.54 13.30 41.32
C PRO C 530 10.88 14.26 42.31
N ALA C 531 10.29 13.68 43.36
CA ALA C 531 9.63 14.41 44.43
C ALA C 531 9.96 13.68 45.73
N PRO C 532 10.21 14.39 46.82
CA PRO C 532 10.66 13.71 48.05
C PRO C 532 9.49 13.13 48.85
N LEU C 533 8.72 12.25 48.21
CA LEU C 533 7.52 11.73 48.85
C LEU C 533 7.84 10.91 50.08
N PHE C 534 8.86 10.05 50.00
CA PHE C 534 9.21 9.21 51.14
C PHE C 534 9.73 10.06 52.29
N ASN C 535 10.59 11.04 51.97
CA ASN C 535 11.14 11.85 53.04
C ASN C 535 10.13 12.85 53.56
N LEU C 536 9.14 13.23 52.74
CA LEU C 536 8.04 14.03 53.26
C LEU C 536 7.28 13.27 54.35
N VAL C 537 7.29 11.94 54.28
CA VAL C 537 6.69 11.13 55.34
C VAL C 537 7.67 10.89 56.47
N TYR C 538 8.88 10.45 56.14
CA TYR C 538 9.74 9.74 57.09
C TYR C 538 11.05 10.44 57.42
N HIS C 539 11.30 11.67 56.93
CA HIS C 539 12.62 12.26 57.16
C HIS C 539 12.98 12.34 58.65
N GLU C 540 11.99 12.51 59.53
CA GLU C 540 12.26 12.56 60.97
C GLU C 540 12.63 11.21 61.56
N ALA C 541 12.37 10.12 60.84
CA ALA C 541 12.49 8.78 61.41
C ALA C 541 13.67 7.99 60.86
N ILE C 542 14.09 8.27 59.64
CA ILE C 542 15.22 7.54 59.05
C ILE C 542 16.04 8.51 58.22
N ALA C 543 17.35 8.49 58.42
CA ALA C 543 18.27 9.24 57.57
C ALA C 543 18.56 8.43 56.33
N ASN C 544 18.61 9.09 55.17
CA ASN C 544 19.04 8.33 54.01
C ASN C 544 20.17 9.06 53.30
N PHE C 545 20.90 8.26 52.53
CA PHE C 545 22.06 8.69 51.76
C PHE C 545 21.90 8.18 50.34
N GLY C 546 22.68 8.75 49.43
CA GLY C 546 22.68 8.27 48.06
C GLY C 546 23.04 6.80 47.94
N LYS C 547 22.60 6.20 46.84
CA LYS C 547 22.81 4.78 46.59
C LYS C 547 24.22 4.54 46.03
N ILE C 548 24.86 3.46 46.50
CA ILE C 548 26.27 3.26 46.16
C ILE C 548 26.46 3.03 44.66
N GLN C 549 25.49 2.45 43.96
CA GLN C 549 25.68 2.26 42.52
C GLN C 549 25.49 3.56 41.75
N ASP C 550 24.80 4.53 42.33
CA ASP C 550 24.53 5.81 41.68
C ASP C 550 24.98 6.93 42.60
N PRO C 551 26.28 6.98 42.91
CA PRO C 551 26.76 7.91 43.95
C PRO C 551 26.90 9.33 43.39
N ASP C 552 27.12 10.27 44.30
CA ASP C 552 27.17 11.66 43.90
C ASP C 552 28.39 11.98 43.04
N ASN C 553 29.39 11.09 43.03
CA ASN C 553 30.59 11.31 42.24
C ASN C 553 30.48 10.74 40.82
N GLU C 554 29.39 10.07 40.49
CA GLU C 554 29.21 9.48 39.17
C GLU C 554 28.18 10.27 38.36
N VAL C 555 28.39 10.36 37.05
CA VAL C 555 27.44 11.04 36.17
C VAL C 555 26.51 9.99 35.58
N THR C 556 25.22 10.09 35.89
CA THR C 556 24.24 9.08 35.45
C THR C 556 22.98 9.76 34.94
N ALA C 557 21.98 8.92 34.66
CA ALA C 557 20.68 9.43 34.27
C ALA C 557 20.08 10.30 35.37
N ASN C 558 20.50 10.10 36.62
CA ASN C 558 19.99 10.91 37.71
C ASN C 558 20.80 12.16 37.98
N GLY C 559 21.82 12.44 37.17
CA GLY C 559 22.48 13.72 37.20
C GLY C 559 23.98 13.62 37.42
N ASP C 560 24.61 14.79 37.47
CA ASP C 560 26.00 14.90 37.83
C ASP C 560 26.09 15.40 39.27
N PHE C 561 27.30 15.78 39.71
CA PHE C 561 27.44 16.22 41.09
C PHE C 561 26.65 17.50 41.36
N ARG C 562 26.62 18.42 40.38
CA ARG C 562 25.82 19.65 40.53
C ARG C 562 24.37 19.32 40.86
N ILE C 563 23.73 18.50 40.02
CA ILE C 563 22.32 18.15 40.22
C ILE C 563 22.15 17.38 41.52
N LYS C 564 23.01 16.40 41.77
CA LYS C 564 22.78 15.53 42.92
C LYS C 564 23.00 16.28 44.23
N ALA C 565 24.00 17.17 44.27
CA ALA C 565 24.25 17.90 45.51
C ALA C 565 23.07 18.81 45.85
N LEU C 566 22.49 19.46 44.84
CA LEU C 566 21.34 20.34 45.09
C LEU C 566 20.12 19.53 45.48
N ARG C 567 19.84 18.43 44.76
CA ARG C 567 18.69 17.62 45.13
C ARG C 567 18.85 17.04 46.54
N SER C 568 20.09 16.71 46.93
CA SER C 568 20.38 16.24 48.28
C SER C 568 19.81 17.19 49.33
N MET C 569 20.15 18.46 49.21
CA MET C 569 19.67 19.44 50.18
C MET C 569 18.16 19.62 50.09
N LEU C 570 17.59 19.60 48.87
CA LEU C 570 16.15 19.74 48.72
C LEU C 570 15.41 18.58 49.36
N PHE C 571 15.92 17.36 49.15
CA PHE C 571 15.23 16.17 49.60
C PHE C 571 15.61 15.77 51.03
N GLY C 572 16.64 16.38 51.61
CA GLY C 572 17.05 16.00 52.95
C GLY C 572 17.87 14.73 53.05
N ARG C 573 18.60 14.36 52.01
CA ARG C 573 19.48 13.21 52.14
C ARG C 573 20.95 13.65 52.28
N GLY C 574 21.79 12.70 52.71
CA GLY C 574 23.21 12.97 52.86
C GLY C 574 24.02 12.55 51.63
N THR C 575 25.25 13.04 51.57
CA THR C 575 26.14 12.80 50.43
C THR C 575 26.72 11.40 50.47
N THR C 576 26.78 10.76 49.30
CA THR C 576 27.44 9.47 49.13
C THR C 576 28.56 9.61 48.13
N ILE C 577 29.78 9.28 48.57
CA ILE C 577 30.96 9.25 47.72
C ILE C 577 31.44 7.81 47.72
N PHE C 578 31.27 7.13 46.59
CA PHE C 578 31.52 5.69 46.48
C PHE C 578 32.52 5.48 45.35
N PHE C 579 33.69 4.94 45.67
CA PHE C 579 34.79 4.95 44.73
C PHE C 579 35.70 3.73 44.92
N ALA C 580 36.31 3.31 43.82
CA ALA C 580 37.47 2.43 43.92
C ALA C 580 38.67 3.23 44.46
N PRO C 581 39.57 2.60 45.22
CA PRO C 581 40.71 3.33 45.79
C PRO C 581 41.53 4.12 44.78
N TYR C 582 41.71 3.62 43.54
CA TYR C 582 42.55 4.33 42.57
C TYR C 582 41.93 5.66 42.15
N GLU C 583 40.63 5.84 42.35
CA GLU C 583 39.94 7.06 41.99
C GLU C 583 40.08 8.17 43.01
N PHE C 584 40.69 7.90 44.18
CA PHE C 584 40.51 8.80 45.32
C PHE C 584 40.91 10.24 45.01
N GLU C 585 42.07 10.43 44.35
CA GLU C 585 42.51 11.80 44.04
C GLU C 585 41.48 12.55 43.22
N GLY C 586 40.78 11.86 42.32
CA GLY C 586 39.71 12.46 41.54
C GLY C 586 38.46 12.80 42.33
N MET C 587 38.31 12.25 43.54
CA MET C 587 37.17 12.58 44.39
C MET C 587 37.35 13.87 45.17
N ARG C 588 38.59 14.33 45.37
CA ARG C 588 38.81 15.48 46.24
C ARG C 588 37.94 16.69 45.93
N PRO C 589 37.80 17.15 44.68
CA PRO C 589 37.00 18.38 44.48
C PRO C 589 35.55 18.21 44.89
N MET C 590 34.98 17.01 44.68
CA MET C 590 33.59 16.78 45.04
C MET C 590 33.43 16.65 46.56
N ILE C 591 34.38 15.98 47.21
CA ILE C 591 34.39 15.97 48.67
C ILE C 591 34.41 17.40 49.23
N GLU C 592 35.27 18.25 48.67
CA GLU C 592 35.34 19.64 49.13
C GLU C 592 34.01 20.36 48.94
N MET C 593 33.37 20.18 47.78
CA MET C 593 32.13 20.89 47.52
C MET C 593 30.99 20.35 48.37
N ALA C 594 30.93 19.03 48.56
CA ALA C 594 29.94 18.46 49.45
C ALA C 594 30.14 18.96 50.88
N ARG C 595 31.39 19.02 51.32
CA ARG C 595 31.70 19.51 52.66
C ARG C 595 31.22 20.95 52.85
N ASP C 596 31.45 21.81 51.85
CA ASP C 596 31.15 23.24 51.98
C ASP C 596 29.65 23.51 51.86
N LEU C 597 28.97 22.83 50.94
CA LEU C 597 27.59 23.16 50.60
C LEU C 597 26.56 22.24 51.27
N VAL C 598 26.70 20.93 51.10
CA VAL C 598 25.67 20.00 51.52
C VAL C 598 25.73 19.74 53.03
N SER C 599 26.93 19.44 53.54
CA SER C 599 27.08 19.00 54.93
C SER C 599 26.46 19.96 55.95
N PRO C 600 26.66 21.29 55.87
CA PRO C 600 26.01 22.17 56.86
C PRO C 600 24.49 22.16 56.79
N VAL C 601 23.92 22.05 55.58
CA VAL C 601 22.47 21.99 55.46
C VAL C 601 21.95 20.66 55.99
N HIS C 602 22.60 19.57 55.59
CA HIS C 602 22.29 18.22 56.10
C HIS C 602 22.36 18.19 57.62
N LYS C 603 23.42 18.76 58.19
CA LYS C 603 23.57 18.76 59.64
C LYS C 603 22.43 19.51 60.32
N GLU C 604 22.04 20.66 59.77
CA GLU C 604 21.01 21.47 60.42
C GLU C 604 19.63 20.86 60.25
N THR C 605 19.36 20.18 59.13
CA THR C 605 18.03 19.66 58.86
C THR C 605 17.84 18.21 59.31
N PHE C 606 18.92 17.55 59.75
CA PHE C 606 18.96 16.10 59.90
C PHE C 606 17.76 15.54 60.67
N TYR C 607 17.45 16.11 61.84
CA TYR C 607 16.44 15.55 62.72
C TYR C 607 15.04 16.06 62.42
N SER C 608 14.89 16.99 61.48
CA SER C 608 13.67 17.76 61.37
C SER C 608 12.69 17.11 60.40
N GLU C 609 11.49 17.65 60.38
CA GLU C 609 10.54 17.26 59.36
C GLU C 609 10.76 18.07 58.09
N LEU C 610 10.72 17.39 56.95
CA LEU C 610 10.58 18.10 55.67
C LEU C 610 9.13 18.54 55.58
N LYS C 611 8.88 19.80 55.92
CA LYS C 611 7.50 20.25 56.05
C LYS C 611 6.81 20.36 54.71
N SER C 612 7.53 20.79 53.68
CA SER C 612 6.92 21.06 52.40
C SER C 612 7.99 21.07 51.33
N HIS C 613 7.57 20.72 50.13
CA HIS C 613 8.39 20.80 48.94
C HIS C 613 7.50 21.37 47.85
N GLU C 614 8.09 22.21 47.01
CA GLU C 614 7.35 22.91 45.97
C GLU C 614 8.18 22.95 44.71
N TYR C 615 7.50 22.95 43.57
CA TYR C 615 8.11 23.31 42.30
C TYR C 615 7.78 24.78 42.03
N LEU C 616 8.81 25.59 41.80
CA LEU C 616 8.66 27.04 41.67
C LEU C 616 8.76 27.54 40.23
N SER C 617 9.02 26.66 39.27
CA SER C 617 9.14 27.05 37.87
C SER C 617 8.29 26.12 37.01
N ALA C 618 7.96 26.61 35.81
CA ALA C 618 7.07 25.86 34.92
C ALA C 618 7.71 24.56 34.44
N ASP C 619 9.04 24.50 34.38
CA ASP C 619 9.72 23.28 33.95
C ASP C 619 10.09 22.37 35.11
N TYR C 620 9.62 22.66 36.32
CA TYR C 620 9.85 21.87 37.53
C TYR C 620 11.33 21.80 37.93
N LYS C 621 12.19 22.65 37.36
CA LYS C 621 13.59 22.58 37.72
C LYS C 621 13.96 23.44 38.93
N VAL C 622 13.18 24.49 39.22
CA VAL C 622 13.41 25.30 40.41
C VAL C 622 12.47 24.80 41.50
N GLN C 623 13.02 24.56 42.68
CA GLN C 623 12.27 23.91 43.75
C GLN C 623 12.60 24.55 45.08
N ARG C 624 11.68 24.39 46.03
CA ARG C 624 11.84 24.94 47.38
C ARG C 624 11.40 23.91 48.39
N SER C 625 12.24 23.67 49.39
CA SER C 625 11.93 22.80 50.51
C SER C 625 12.06 23.57 51.82
N ARG C 626 11.18 23.26 52.76
CA ARG C 626 11.18 23.90 54.07
C ARG C 626 11.20 22.86 55.15
N PHE C 627 12.17 22.96 56.05
CA PHE C 627 12.36 22.01 57.12
C PHE C 627 11.99 22.64 58.45
N SER C 628 11.44 21.82 59.35
CA SER C 628 10.98 22.29 60.66
C SER C 628 12.12 22.79 61.54
N SER C 629 13.37 22.55 61.14
CA SER C 629 14.50 23.18 61.82
C SER C 629 14.55 24.68 61.56
N GLY C 630 13.69 25.21 60.69
CA GLY C 630 13.77 26.60 60.27
C GLY C 630 14.66 26.84 59.07
N THR C 631 14.98 25.80 58.30
CA THR C 631 15.85 25.92 57.13
C THR C 631 15.00 25.88 55.87
N GLU C 632 15.26 26.81 54.95
CA GLU C 632 14.60 26.81 53.65
C GLU C 632 15.66 26.65 52.57
N VAL C 633 15.41 25.74 51.63
CA VAL C 633 16.34 25.44 50.54
C VAL C 633 15.63 25.68 49.23
N ILE C 634 16.15 26.61 48.43
CA ILE C 634 15.71 26.82 47.06
C ILE C 634 16.87 26.44 46.17
N ALA C 635 16.59 25.67 45.11
CA ALA C 635 17.65 25.25 44.22
C ALA C 635 17.09 25.11 42.82
N ASN C 636 17.95 25.36 41.84
CA ASN C 636 17.61 25.36 40.42
C ASN C 636 18.42 24.24 39.78
N LEU C 637 17.73 23.15 39.38
CA LEU C 637 18.38 21.95 38.88
C LEU C 637 18.61 21.97 37.37
N GLY C 638 18.38 23.12 36.73
CA GLY C 638 18.60 23.25 35.31
C GLY C 638 19.66 24.30 34.99
N PRO C 639 20.00 24.46 33.71
CA PRO C 639 21.19 25.25 33.37
C PRO C 639 20.97 26.75 33.33
N VAL C 640 19.73 27.23 33.23
CA VAL C 640 19.44 28.64 32.97
C VAL C 640 18.86 29.28 34.23
N ALA C 641 19.33 30.48 34.57
CA ALA C 641 18.78 31.21 35.70
C ALA C 641 17.29 31.45 35.47
N GLN C 642 16.51 31.37 36.56
CA GLN C 642 15.07 31.57 36.46
C GLN C 642 14.55 32.38 37.63
N LYS C 643 13.58 33.25 37.35
CA LYS C 643 12.93 34.05 38.39
C LYS C 643 11.84 33.25 39.08
N ILE C 644 11.71 33.45 40.38
CA ILE C 644 10.65 32.78 41.14
C ILE C 644 9.72 33.84 41.72
N GLU C 645 8.66 33.39 42.40
CA GLU C 645 7.69 34.31 42.98
C GLU C 645 8.38 35.30 43.91
N GLY C 646 8.13 36.59 43.68
CA GLY C 646 8.78 37.66 44.41
C GLY C 646 9.89 38.37 43.65
N GLY C 647 10.29 37.86 42.48
CA GLY C 647 11.29 38.52 41.66
C GLY C 647 12.72 38.03 41.85
N ILE C 648 12.97 37.15 42.82
CA ILE C 648 14.33 36.68 43.06
C ILE C 648 14.75 35.74 41.93
N SER C 649 15.96 35.93 41.43
CA SER C 649 16.51 35.07 40.38
C SER C 649 17.41 34.00 41.00
N ILE C 650 17.17 32.76 40.62
CA ILE C 650 17.97 31.62 41.09
C ILE C 650 18.85 31.17 39.93
N PRO C 651 20.17 31.23 40.05
CA PRO C 651 21.03 30.88 38.92
C PRO C 651 20.91 29.41 38.54
N GLY C 652 21.26 29.10 37.29
CA GLY C 652 21.35 27.73 36.86
C GLY C 652 22.29 26.95 37.76
N TYR C 653 21.86 25.76 38.19
CA TYR C 653 22.61 24.96 39.15
C TYR C 653 23.02 25.80 40.36
N GLY C 654 22.10 26.66 40.79
CA GLY C 654 22.31 27.54 41.91
C GLY C 654 21.33 27.27 43.03
N TYR C 655 21.52 28.02 44.11
CA TYR C 655 20.79 27.79 45.34
C TYR C 655 20.64 29.10 46.10
N ARG C 656 19.56 29.17 46.87
CA ARG C 656 19.33 30.24 47.83
C ARG C 656 18.85 29.55 49.10
N ILE C 657 19.67 29.59 50.14
CA ILE C 657 19.42 28.81 51.35
C ILE C 657 19.33 29.77 52.53
N GLN C 658 18.21 29.71 53.23
CA GLN C 658 17.99 30.48 54.45
C GLN C 658 18.14 29.55 55.65
N MET C 659 19.14 29.84 56.49
CA MET C 659 19.47 28.99 57.63
C MET C 659 18.64 29.36 58.85
N LYS C 660 18.69 28.48 59.85
CA LYS C 660 17.95 28.63 61.10
C LYS C 660 18.24 29.96 61.79
N ASP C 661 19.51 30.37 61.79
CA ASP C 661 19.89 31.62 62.44
C ASP C 661 19.56 32.85 61.60
N GLY C 662 19.00 32.68 60.41
CA GLY C 662 18.62 33.80 59.57
C GLY C 662 19.60 34.15 58.48
N SER C 663 20.82 33.62 58.51
CA SER C 663 21.79 33.98 57.47
C SER C 663 21.39 33.36 56.13
N LEU C 664 21.86 33.99 55.06
CA LEU C 664 21.52 33.60 53.70
C LEU C 664 22.76 33.07 52.99
N LYS C 665 22.65 31.90 52.36
CA LYS C 665 23.69 31.33 51.52
C LYS C 665 23.19 31.32 50.08
N THR C 666 23.90 32.00 49.20
CA THR C 666 23.61 31.94 47.78
C THR C 666 24.84 31.50 47.02
N GLY C 667 24.62 30.87 45.87
CA GLY C 667 25.73 30.43 45.06
C GLY C 667 25.26 29.58 43.89
N HIS C 668 26.24 28.99 43.19
CA HIS C 668 25.94 28.17 42.02
C HIS C 668 27.20 27.41 41.63
N PHE C 669 26.99 26.33 40.90
CA PHE C 669 28.08 25.55 40.37
C PHE C 669 28.47 26.08 38.99
N GLN C 670 29.75 25.92 38.65
CA GLN C 670 30.25 26.34 37.35
C GLN C 670 31.07 25.20 36.75
N VAL C 671 30.86 24.93 35.47
CA VAL C 671 31.72 24.04 34.69
C VAL C 671 32.57 24.90 33.77
N SER C 672 33.89 24.79 33.90
CA SER C 672 34.77 25.60 33.08
C SER C 672 35.87 24.72 32.49
N LEU C 673 36.53 25.28 31.48
CA LEU C 673 37.56 24.59 30.72
C LEU C 673 38.88 25.28 31.04
N HIS C 674 39.86 24.52 31.49
CA HIS C 674 41.17 25.07 31.78
C HIS C 674 42.10 24.64 30.65
N MET C 675 42.36 25.56 29.73
CA MET C 675 43.23 25.30 28.59
C MET C 675 44.66 25.73 28.94
N ASP C 676 45.59 24.77 28.95
CA ASP C 676 47.00 25.04 29.28
C ASP C 676 47.65 25.93 28.23
N PRO D 18 37.68 -36.83 11.91
CA PRO D 18 36.99 -35.58 11.54
C PRO D 18 37.27 -35.18 10.08
N ILE D 19 36.37 -34.39 9.50
CA ILE D 19 36.58 -33.80 8.18
C ILE D 19 37.35 -32.50 8.35
N VAL D 20 38.37 -32.29 7.54
CA VAL D 20 39.28 -31.16 7.70
C VAL D 20 39.28 -30.33 6.42
N LEU D 21 38.93 -29.06 6.55
CA LEU D 21 39.19 -28.07 5.52
C LEU D 21 40.40 -27.26 5.95
N GLU D 22 41.33 -27.02 5.03
CA GLU D 22 42.54 -26.30 5.39
C GLU D 22 43.08 -25.55 4.19
N ASN D 23 43.59 -24.35 4.45
CA ASN D 23 44.43 -23.64 3.49
C ASN D 23 45.65 -23.16 4.28
N GLY D 24 46.39 -22.20 3.72
CA GLY D 24 47.60 -21.72 4.37
C GLY D 24 47.35 -21.03 5.71
N LYS D 25 46.14 -20.52 5.93
CA LYS D 25 45.91 -19.66 7.09
C LYS D 25 44.96 -20.27 8.13
N LEU D 26 44.12 -21.23 7.74
CA LEU D 26 43.09 -21.77 8.61
C LEU D 26 43.02 -23.28 8.48
N ASN D 27 42.82 -23.95 9.61
CA ASN D 27 42.42 -25.34 9.65
C ASN D 27 41.01 -25.42 10.25
N ILE D 28 40.08 -25.99 9.49
CA ILE D 28 38.71 -26.18 9.94
C ILE D 28 38.51 -27.65 10.29
N ASN D 29 38.14 -27.93 11.53
CA ASN D 29 38.01 -29.28 12.06
C ASN D 29 36.54 -29.56 12.34
N ILE D 30 35.93 -30.44 11.54
CA ILE D 30 34.50 -30.72 11.67
C ILE D 30 34.31 -32.11 12.26
N ASP D 31 33.58 -32.20 13.38
CA ASP D 31 33.22 -33.48 13.96
C ASP D 31 32.14 -34.15 13.12
N SER D 32 32.41 -35.39 12.71
CA SER D 32 31.43 -36.12 11.92
C SER D 32 30.22 -36.55 12.74
N LYS D 33 30.34 -36.64 14.05
CA LYS D 33 29.24 -37.14 14.88
C LYS D 33 28.26 -36.04 15.28
N THR D 34 28.71 -34.80 15.42
CA THR D 34 27.89 -33.69 15.87
C THR D 34 27.73 -32.57 14.85
N GLY D 35 28.60 -32.48 13.87
CA GLY D 35 28.63 -31.33 12.99
C GLY D 35 29.33 -30.12 13.56
N CYS D 36 29.71 -30.14 14.84
CA CYS D 36 30.48 -29.04 15.41
C CYS D 36 31.82 -28.90 14.70
N PHE D 37 32.32 -27.67 14.67
CA PHE D 37 33.62 -27.42 14.06
C PHE D 37 34.41 -26.44 14.92
N SER D 38 35.73 -26.61 14.89
CA SER D 38 36.65 -25.64 15.45
C SER D 38 37.48 -25.03 14.32
N VAL D 39 38.04 -23.85 14.59
CA VAL D 39 38.87 -23.16 13.61
C VAL D 39 40.22 -22.87 14.26
N THR D 40 41.27 -23.42 13.67
CA THR D 40 42.64 -23.11 14.07
C THR D 40 43.13 -22.00 13.16
N GLU D 41 43.40 -20.85 13.75
CA GLU D 41 43.93 -19.69 13.05
C GLU D 41 45.44 -19.84 13.13
N LYS D 42 46.07 -20.24 12.02
CA LYS D 42 47.42 -20.82 12.09
C LYS D 42 48.52 -19.79 12.27
N THR D 43 48.26 -18.52 11.98
CA THR D 43 49.28 -17.49 12.16
C THR D 43 49.56 -17.26 13.64
N SER D 44 48.53 -16.94 14.41
CA SER D 44 48.70 -16.76 15.84
C SER D 44 48.70 -18.09 16.58
N GLY D 45 48.06 -19.11 16.00
CA GLY D 45 47.91 -20.40 16.65
C GLY D 45 46.64 -20.55 17.47
N HIS D 46 45.82 -19.52 17.54
CA HIS D 46 44.61 -19.59 18.34
C HIS D 46 43.62 -20.59 17.75
N VAL D 47 42.92 -21.30 18.64
CA VAL D 47 41.90 -22.26 18.25
C VAL D 47 40.57 -21.76 18.76
N TRP D 48 39.66 -21.48 17.84
CA TRP D 48 38.28 -21.17 18.18
C TRP D 48 37.53 -22.48 18.39
N LYS D 49 36.92 -22.64 19.56
CA LYS D 49 36.26 -23.89 19.91
C LYS D 49 34.79 -23.86 19.51
N SER D 50 34.22 -25.06 19.36
CA SER D 50 32.77 -25.16 19.23
C SER D 50 32.12 -25.00 20.60
N ASP D 51 30.78 -24.95 20.60
CA ASP D 51 29.97 -24.75 21.81
C ASP D 51 30.57 -25.38 23.05
N PRO D 52 31.10 -24.56 23.98
CA PRO D 52 31.69 -25.12 25.20
C PRO D 52 30.68 -25.67 26.20
N TRP D 53 29.39 -25.41 26.04
CA TRP D 53 28.41 -25.84 27.03
C TRP D 53 27.86 -27.23 26.76
N GLU D 54 27.30 -27.44 25.56
CA GLU D 54 26.53 -28.65 25.28
C GLU D 54 26.98 -29.36 24.01
N ASN D 55 28.03 -28.87 23.34
CA ASN D 55 28.50 -29.44 22.08
C ASN D 55 27.42 -29.39 21.01
N ALA D 56 26.69 -28.29 20.97
CA ALA D 56 25.60 -28.12 20.01
C ALA D 56 26.14 -27.41 18.78
N ALA D 57 26.02 -28.06 17.63
CA ALA D 57 26.34 -27.36 16.38
C ALA D 57 25.36 -26.22 16.13
N GLY D 58 24.09 -26.41 16.49
CA GLY D 58 23.05 -25.42 16.27
C GLY D 58 21.92 -25.63 17.24
N LEU D 59 21.11 -24.59 17.43
CA LEU D 59 19.98 -24.61 18.36
C LEU D 59 18.71 -24.22 17.59
N LEU D 60 17.79 -25.17 17.46
CA LEU D 60 16.60 -25.01 16.63
C LEU D 60 15.36 -24.89 17.52
N THR D 61 14.60 -23.82 17.33
CA THR D 61 13.33 -23.64 18.03
C THR D 61 12.19 -24.06 17.10
N LEU D 62 11.37 -25.01 17.55
CA LEU D 62 10.28 -25.54 16.73
C LEU D 62 9.19 -26.09 17.64
N THR D 63 7.99 -26.25 17.07
CA THR D 63 6.87 -26.84 17.79
C THR D 63 7.01 -28.35 17.84
N ASP D 64 6.56 -28.94 18.95
CA ASP D 64 6.58 -30.38 19.11
C ASP D 64 5.27 -30.97 18.56
N SER D 65 5.07 -32.28 18.73
CA SER D 65 3.84 -32.91 18.23
C SER D 65 2.59 -32.27 18.82
N LYS D 66 2.66 -31.84 20.08
CA LYS D 66 1.55 -31.17 20.74
C LYS D 66 1.53 -29.67 20.47
N GLY D 67 2.44 -29.17 19.64
CA GLY D 67 2.47 -27.74 19.32
C GLY D 67 3.02 -26.84 20.40
N LYS D 68 3.86 -27.36 21.29
CA LYS D 68 4.59 -26.54 22.27
C LYS D 68 5.97 -26.20 21.70
N LYS D 69 6.33 -24.91 21.75
CA LYS D 69 7.63 -24.48 21.26
C LYS D 69 8.75 -25.07 22.12
N GLN D 70 9.74 -25.64 21.46
CA GLN D 70 10.92 -26.18 22.14
C GLN D 70 12.16 -25.81 21.36
N THR D 71 13.26 -25.64 22.08
CA THR D 71 14.58 -25.44 21.51
C THR D 71 15.38 -26.73 21.65
N VAL D 72 15.89 -27.26 20.54
CA VAL D 72 16.61 -28.52 20.56
C VAL D 72 18.03 -28.33 20.04
N ASN D 73 18.94 -29.17 20.54
CA ASN D 73 20.30 -29.27 20.03
C ASN D 73 20.29 -30.13 18.77
N ILE D 74 20.53 -29.52 17.61
CA ILE D 74 20.46 -30.26 16.36
C ILE D 74 21.52 -31.35 16.27
N SER D 75 22.57 -31.28 17.10
CA SER D 75 23.56 -32.36 17.11
C SER D 75 23.05 -33.61 17.83
N LYS D 76 21.83 -33.57 18.36
CA LYS D 76 21.20 -34.77 18.92
C LYS D 76 20.21 -35.41 17.95
N SER D 77 20.17 -34.94 16.70
CA SER D 77 19.26 -35.49 15.71
C SER D 77 19.53 -36.97 15.48
N LYS D 78 18.53 -37.66 14.93
CA LYS D 78 18.65 -39.10 14.70
C LYS D 78 19.76 -39.42 13.71
N LYS D 79 19.88 -38.62 12.65
CA LYS D 79 20.92 -38.81 11.64
C LYS D 79 21.62 -37.48 11.39
N ILE D 80 22.95 -37.53 11.36
CA ILE D 80 23.80 -36.38 11.04
C ILE D 80 24.74 -36.81 9.93
N GLU D 81 24.70 -36.11 8.80
CA GLU D 81 25.49 -36.44 7.63
C GLU D 81 26.49 -35.32 7.38
N VAL D 82 27.77 -35.64 7.42
CA VAL D 82 28.86 -34.70 7.20
C VAL D 82 29.74 -35.27 6.10
N SER D 83 29.79 -34.59 4.96
CA SER D 83 30.64 -35.05 3.87
C SER D 83 31.25 -33.87 3.13
N LYS D 84 32.44 -34.11 2.60
CA LYS D 84 33.21 -33.11 1.86
C LYS D 84 32.79 -33.22 0.39
N THR D 85 31.98 -32.25 -0.07
CA THR D 85 31.38 -32.32 -1.40
C THR D 85 32.20 -31.61 -2.47
N ALA D 86 33.17 -30.80 -2.08
CA ALA D 86 34.12 -30.21 -3.01
C ALA D 86 35.41 -29.96 -2.23
N LYS D 87 36.44 -29.48 -2.92
CA LYS D 87 37.75 -29.40 -2.29
C LYS D 87 37.72 -28.53 -1.04
N ASN D 88 36.96 -27.44 -1.05
CA ASN D 88 36.90 -26.53 0.10
C ASN D 88 35.48 -26.37 0.63
N THR D 89 34.65 -27.40 0.48
CA THR D 89 33.26 -27.33 0.90
C THR D 89 32.88 -28.59 1.67
N VAL D 90 32.25 -28.40 2.83
CA VAL D 90 31.68 -29.48 3.61
C VAL D 90 30.18 -29.25 3.70
N SER D 91 29.41 -30.30 3.42
CA SER D 91 27.97 -30.29 3.55
C SER D 91 27.56 -31.04 4.81
N LEU D 92 26.66 -30.45 5.57
CA LEU D 92 26.14 -31.06 6.78
C LEU D 92 24.62 -31.15 6.68
N LYS D 93 24.07 -32.26 7.16
CA LYS D 93 22.61 -32.42 7.20
C LYS D 93 22.22 -32.97 8.56
N PHE D 94 21.29 -32.29 9.21
CA PHE D 94 20.79 -32.67 10.53
C PHE D 94 19.35 -33.14 10.34
N ILE D 95 19.11 -34.43 10.60
CA ILE D 95 17.87 -35.09 10.19
C ILE D 95 17.16 -35.64 11.41
N ASP D 96 15.92 -35.20 11.62
CA ASP D 96 15.01 -35.68 12.66
C ASP D 96 15.56 -35.34 14.05
N PRO D 97 15.41 -34.09 14.47
CA PRO D 97 15.79 -33.71 15.84
C PRO D 97 15.01 -34.51 16.88
N VAL D 98 15.61 -34.66 18.05
CA VAL D 98 15.01 -35.34 19.18
C VAL D 98 14.62 -34.29 20.21
N PHE D 99 13.38 -34.36 20.70
CA PHE D 99 12.89 -33.42 21.68
C PHE D 99 13.38 -33.79 23.08
N GLU D 100 12.90 -33.04 24.08
CA GLU D 100 13.34 -33.26 25.45
C GLU D 100 12.84 -34.60 25.98
N ASP D 101 11.60 -34.97 25.66
CA ASP D 101 10.99 -36.19 26.13
C ASP D 101 11.38 -37.43 25.34
N GLY D 102 12.36 -37.32 24.44
CA GLY D 102 12.80 -38.44 23.63
C GLY D 102 12.06 -38.63 22.32
N SER D 103 10.95 -37.95 22.10
CA SER D 103 10.22 -38.10 20.86
C SER D 103 10.94 -37.35 19.73
N VAL D 104 10.59 -37.69 18.50
CA VAL D 104 11.35 -37.30 17.32
C VAL D 104 10.51 -36.38 16.44
N ALA D 105 11.15 -35.36 15.87
CA ALA D 105 10.52 -34.50 14.86
C ALA D 105 10.82 -35.08 13.47
N LYS D 106 10.07 -36.12 13.12
CA LYS D 106 10.29 -36.82 11.86
C LYS D 106 9.93 -35.93 10.68
N GLY D 107 10.79 -35.93 9.67
CA GLY D 107 10.62 -35.09 8.51
C GLY D 107 11.24 -33.73 8.64
N VAL D 108 11.73 -33.36 9.82
CA VAL D 108 12.41 -32.08 10.02
C VAL D 108 13.89 -32.27 9.70
N SER D 109 14.44 -31.36 8.89
CA SER D 109 15.86 -31.43 8.58
C SER D 109 16.41 -30.03 8.36
N ILE D 110 17.70 -29.89 8.66
CA ILE D 110 18.47 -28.67 8.43
C ILE D 110 19.70 -29.07 7.61
N ALA D 111 19.92 -28.39 6.49
CA ALA D 111 21.13 -28.59 5.70
C ALA D 111 21.97 -27.33 5.73
N THR D 112 23.27 -27.48 6.00
CA THR D 112 24.19 -26.35 6.04
C THR D 112 25.43 -26.67 5.24
N GLU D 113 26.22 -25.64 4.98
CA GLU D 113 27.45 -25.72 4.21
C GLU D 113 28.49 -24.81 4.82
N LEU D 114 29.70 -25.33 4.92
CA LEU D 114 30.90 -24.59 5.28
C LEU D 114 31.81 -24.53 4.06
N ARG D 115 32.22 -23.33 3.69
CA ARG D 115 33.07 -23.11 2.51
C ARG D 115 34.26 -22.28 2.96
N LEU D 116 35.44 -22.88 2.91
CA LEU D 116 36.69 -22.20 3.21
C LEU D 116 37.21 -21.55 1.94
N ASP D 117 37.58 -20.29 2.02
CA ASP D 117 38.17 -19.63 0.87
C ASP D 117 39.51 -20.29 0.54
N PRO D 118 39.80 -20.50 -0.75
CA PRO D 118 41.03 -21.25 -1.10
C PRO D 118 42.31 -20.56 -0.66
N ASN D 119 42.31 -19.23 -0.55
CA ASN D 119 43.52 -18.48 -0.22
C ASN D 119 43.44 -17.75 1.11
N ASN D 120 42.34 -17.06 1.37
CA ASN D 120 42.26 -16.15 2.50
C ASN D 120 41.73 -16.84 3.76
N ALA D 121 41.82 -16.13 4.89
CA ALA D 121 41.29 -16.60 6.16
C ALA D 121 39.82 -16.18 6.26
N GLN D 122 39.00 -16.84 5.44
CA GLN D 122 37.58 -16.57 5.38
C GLN D 122 36.82 -17.88 5.29
N LEU D 123 35.79 -18.02 6.12
CA LEU D 123 34.93 -19.20 6.14
C LEU D 123 33.49 -18.74 5.97
N ASP D 124 32.87 -19.09 4.84
CA ASP D 124 31.44 -18.88 4.64
C ASP D 124 30.65 -20.02 5.30
N VAL D 125 29.66 -19.65 6.10
CA VAL D 125 28.76 -20.59 6.76
C VAL D 125 27.34 -20.28 6.29
N GLU D 126 26.62 -21.30 5.82
CA GLU D 126 25.31 -21.05 5.22
C GLU D 126 24.32 -22.15 5.58
N VAL D 127 23.12 -21.74 5.99
CA VAL D 127 21.98 -22.65 6.10
C VAL D 127 21.34 -22.71 4.72
N THR D 128 21.48 -23.85 4.05
CA THR D 128 21.09 -23.98 2.66
C THR D 128 19.69 -24.54 2.47
N GLU D 129 19.18 -25.28 3.45
CA GLU D 129 17.90 -25.94 3.33
C GLU D 129 17.31 -26.12 4.71
N HIS D 130 15.99 -26.02 4.81
CA HIS D 130 15.31 -26.52 5.99
C HIS D 130 13.96 -27.08 5.59
N ARG D 131 13.63 -28.24 6.15
CA ARG D 131 12.36 -28.90 5.92
C ARG D 131 11.64 -29.02 7.24
N SER D 132 10.37 -28.62 7.28
CA SER D 132 9.64 -28.57 8.52
C SER D 132 8.70 -29.75 8.73
N GLY D 133 8.48 -30.58 7.71
CA GLY D 133 7.50 -31.64 7.79
C GLY D 133 6.15 -31.15 8.28
N ASN D 134 5.67 -31.75 9.36
CA ASN D 134 4.40 -31.35 9.96
C ASN D 134 4.58 -30.54 11.23
N PHE D 135 5.77 -30.01 11.47
CA PHE D 135 6.04 -29.08 12.55
C PHE D 135 6.28 -27.70 11.96
N THR D 136 6.41 -26.71 12.84
CA THR D 136 6.74 -25.34 12.45
C THR D 136 8.09 -24.97 13.05
N LEU D 137 9.00 -24.48 12.21
CA LEU D 137 10.33 -24.05 12.62
C LEU D 137 10.35 -22.53 12.79
N TYR D 138 11.02 -22.07 13.85
CA TYR D 138 11.18 -20.64 14.10
C TYR D 138 12.66 -20.32 14.08
N ASP D 139 13.30 -20.22 15.23
CA ASP D 139 14.67 -19.70 15.30
C ASP D 139 15.69 -20.81 15.11
N LEU D 140 16.75 -20.51 14.37
CA LEU D 140 17.92 -21.37 14.33
C LEU D 140 19.14 -20.54 14.67
N ARG D 141 19.77 -20.81 15.82
CA ARG D 141 21.09 -20.29 16.14
C ARG D 141 22.12 -21.19 15.46
N TYR D 142 22.82 -20.65 14.47
CA TYR D 142 23.77 -21.48 13.75
C TYR D 142 24.83 -20.57 13.12
N PRO D 143 26.12 -20.77 13.42
CA PRO D 143 26.62 -21.74 14.40
C PRO D 143 26.30 -21.36 15.84
N ALA D 144 26.05 -22.35 16.70
CA ALA D 144 25.62 -22.09 18.05
C ALA D 144 26.84 -21.91 18.96
N ARG D 145 26.84 -20.80 19.70
CA ARG D 145 27.83 -20.52 20.74
C ARG D 145 29.25 -20.74 20.23
N ALA D 146 29.48 -20.30 19.00
CA ALA D 146 30.78 -20.43 18.35
C ALA D 146 31.63 -19.19 18.61
N PHE D 147 32.94 -19.35 18.40
CA PHE D 147 33.91 -18.27 18.50
C PHE D 147 33.83 -17.57 19.86
N SER D 148 33.66 -18.35 20.92
CA SER D 148 33.47 -17.79 22.24
C SER D 148 34.80 -17.41 22.89
N LEU D 149 34.70 -16.53 23.88
CA LEU D 149 35.79 -16.17 24.77
C LEU D 149 35.51 -16.74 26.15
N LYS D 150 36.52 -17.28 26.79
CA LYS D 150 36.38 -17.80 28.14
C LYS D 150 36.59 -16.66 29.13
N THR D 151 35.55 -16.34 29.90
CA THR D 151 35.63 -15.21 30.81
C THR D 151 36.80 -15.37 31.78
N ASP D 152 37.55 -14.27 31.96
CA ASP D 152 38.70 -14.15 32.84
C ASP D 152 39.85 -15.08 32.46
N GLU D 153 39.83 -15.65 31.26
CA GLU D 153 41.00 -16.32 30.70
C GLU D 153 41.41 -15.65 29.40
N ASP D 154 40.52 -15.58 28.42
CA ASP D 154 40.74 -14.70 27.29
C ASP D 154 40.64 -13.25 27.74
N LYS D 155 41.64 -12.45 27.43
CA LYS D 155 41.59 -11.00 27.68
C LYS D 155 41.23 -10.35 26.35
N GLY D 156 39.95 -10.09 26.14
CA GLY D 156 39.50 -9.47 24.92
C GLY D 156 38.09 -8.96 25.05
N ALA D 157 37.30 -9.05 23.98
CA ALA D 157 35.98 -8.46 24.01
C ALA D 157 35.14 -9.00 22.87
N ALA D 158 33.82 -8.99 23.09
CA ALA D 158 32.87 -9.01 22.00
C ALA D 158 32.80 -7.63 21.38
N VAL D 159 32.52 -7.56 20.09
CA VAL D 159 32.49 -6.31 19.34
C VAL D 159 31.13 -6.26 18.67
N ILE D 160 30.31 -5.27 19.05
CA ILE D 160 28.92 -5.20 18.67
C ILE D 160 28.63 -3.80 18.14
N PRO D 161 28.29 -3.64 16.88
CA PRO D 161 27.97 -2.30 16.35
C PRO D 161 26.57 -1.86 16.70
N GLN D 162 26.30 -1.82 18.00
CA GLN D 162 25.04 -1.30 18.53
C GLN D 162 25.07 0.22 18.44
N LYS D 163 24.30 0.75 17.49
CA LYS D 163 24.33 2.16 17.08
C LYS D 163 25.76 2.56 16.71
N GLN D 164 26.36 3.53 17.41
CA GLN D 164 27.74 3.87 17.09
C GLN D 164 28.68 2.72 17.39
N GLY D 165 28.35 1.89 18.37
CA GLY D 165 29.13 0.69 18.63
C GLY D 165 29.66 0.56 20.03
N VAL D 166 29.87 -0.68 20.48
CA VAL D 166 30.40 -0.96 21.80
C VAL D 166 31.31 -2.17 21.72
N ILE D 167 32.14 -2.32 22.75
CA ILE D 167 32.83 -3.57 23.01
C ILE D 167 32.45 -4.03 24.40
N CYS D 168 32.48 -5.34 24.60
CA CYS D 168 32.14 -5.95 25.89
C CYS D 168 33.32 -6.80 26.34
N PRO D 169 34.14 -6.30 27.26
CA PRO D 169 35.31 -7.08 27.72
C PRO D 169 34.93 -8.44 28.28
N SER D 170 35.83 -9.41 28.06
CA SER D 170 35.67 -10.80 28.47
C SER D 170 36.30 -11.10 29.82
N TYR D 171 36.46 -10.09 30.68
CA TYR D 171 37.17 -10.27 31.93
C TYR D 171 36.83 -9.07 32.80
N ILE D 172 36.96 -9.24 34.11
CA ILE D 172 36.64 -8.19 35.05
C ILE D 172 37.89 -7.34 35.26
N PHE D 173 37.70 -6.04 35.40
CA PHE D 173 38.80 -5.07 35.39
C PHE D 173 38.45 -3.96 36.38
N PRO D 174 39.44 -3.18 36.81
CA PRO D 174 39.16 -2.11 37.77
C PRO D 174 38.29 -1.03 37.14
N MET D 175 37.34 -0.53 37.92
CA MET D 175 36.51 0.59 37.50
C MET D 175 35.90 1.20 38.75
N ASN D 176 35.20 2.32 38.59
CA ASN D 176 34.51 2.92 39.72
C ASN D 176 33.64 1.89 40.44
N GLY D 177 33.64 1.95 41.77
CA GLY D 177 32.92 0.97 42.57
C GLY D 177 31.47 0.75 42.15
N GLY D 178 30.73 1.85 41.95
CA GLY D 178 29.33 1.71 41.57
C GLY D 178 29.14 1.07 40.21
N ARG D 179 29.95 1.48 39.24
CA ARG D 179 29.93 0.83 37.93
C ARG D 179 30.32 -0.64 38.05
N PHE D 180 31.31 -0.93 38.90
CA PHE D 180 31.82 -2.29 39.05
C PHE D 180 30.71 -3.23 39.53
N CYS D 181 29.99 -2.82 40.58
CA CYS D 181 28.89 -3.63 41.08
C CYS D 181 27.83 -3.88 40.01
N LYS D 182 27.41 -2.82 39.30
CA LYS D 182 26.41 -3.01 38.24
C LYS D 182 26.96 -3.91 37.13
N TRP D 183 28.21 -3.71 36.74
CA TRP D 183 28.84 -4.50 35.68
C TRP D 183 28.87 -5.98 36.05
N ASP D 184 29.52 -6.31 37.16
CA ASP D 184 29.65 -7.70 37.58
C ASP D 184 28.29 -8.35 37.76
N ASP D 185 27.36 -7.66 38.45
CA ASP D 185 26.03 -8.23 38.68
C ASP D 185 25.33 -8.56 37.37
N ALA D 186 25.51 -7.71 36.36
CA ALA D 186 24.86 -7.94 35.09
C ALA D 186 25.35 -9.21 34.41
N THR D 187 26.62 -9.59 34.63
CA THR D 187 27.15 -10.81 34.02
C THR D 187 26.54 -12.06 34.63
N TYR D 188 25.84 -11.95 35.76
CA TYR D 188 25.21 -13.10 36.38
C TYR D 188 23.71 -13.16 36.20
N ASN D 189 23.05 -12.08 35.80
CA ASN D 189 21.61 -12.11 35.64
C ASN D 189 21.27 -11.91 34.17
N ASN D 190 19.99 -11.66 33.88
CA ASN D 190 19.51 -11.66 32.50
C ASN D 190 19.90 -10.43 31.71
N LYS D 191 20.57 -9.46 32.31
CA LYS D 191 21.03 -8.30 31.55
C LYS D 191 22.10 -8.67 30.53
N SER D 192 22.81 -9.78 30.72
CA SER D 192 23.93 -10.12 29.85
C SER D 192 23.56 -11.11 28.75
N GLN D 193 22.28 -11.40 28.57
CA GLN D 193 21.86 -12.31 27.51
C GLN D 193 20.63 -11.74 26.84
N GLY D 194 20.52 -11.97 25.55
CA GLY D 194 19.38 -11.46 24.79
C GLY D 194 19.75 -11.39 23.32
N SER D 195 18.93 -10.66 22.56
CA SER D 195 19.15 -10.52 21.12
C SER D 195 18.91 -9.10 20.67
N LEU D 196 19.57 -8.73 19.58
CA LEU D 196 19.40 -7.43 18.92
C LEU D 196 19.06 -7.64 17.45
N GLU D 197 18.47 -6.62 16.82
CA GLU D 197 18.11 -6.65 15.41
C GLU D 197 19.00 -5.72 14.60
N LEU D 198 18.92 -5.88 13.28
CA LEU D 198 19.73 -5.08 12.35
C LEU D 198 18.97 -3.88 11.83
N PHE D 199 19.62 -2.72 11.86
CA PHE D 199 19.24 -1.55 11.07
C PHE D 199 17.99 -0.85 11.61
N ASN D 200 17.86 -0.76 12.92
CA ASN D 200 16.83 0.08 13.50
C ASN D 200 17.49 1.25 14.23
N ASN D 201 16.66 2.21 14.65
CA ASN D 201 17.14 3.36 15.40
C ASN D 201 16.95 3.19 16.90
N GLY D 202 16.59 1.99 17.34
CA GLY D 202 16.43 1.69 18.74
C GLY D 202 17.66 1.02 19.35
N THR D 203 17.49 -0.20 19.87
CA THR D 203 18.54 -0.89 20.58
C THR D 203 19.50 -1.65 19.66
N GLY D 204 19.27 -1.64 18.35
CA GLY D 204 19.85 -2.62 17.46
C GLY D 204 21.12 -2.16 16.74
N LEU D 205 21.52 -2.97 15.77
CA LEU D 205 22.81 -2.86 15.11
C LEU D 205 22.73 -1.97 13.88
N THR D 206 23.80 -1.23 13.62
CA THR D 206 23.88 -0.38 12.45
C THR D 206 24.79 -0.93 11.38
N MET D 207 25.49 -2.03 11.64
CA MET D 207 26.24 -2.67 10.57
C MET D 207 26.03 -4.16 10.67
N PRO D 208 26.03 -4.90 9.52
CA PRO D 208 25.71 -6.33 9.52
C PRO D 208 26.90 -7.22 9.86
N TRP D 209 27.51 -6.95 11.01
CA TRP D 209 28.65 -7.74 11.44
C TRP D 209 28.80 -7.65 12.95
N TRP D 210 29.54 -8.60 13.50
CA TRP D 210 29.89 -8.63 14.92
C TRP D 210 31.06 -9.58 15.09
N GLY D 211 31.73 -9.49 16.23
CA GLY D 211 32.95 -10.27 16.35
C GLY D 211 33.42 -10.45 17.77
N THR D 212 34.45 -11.29 17.91
CA THR D 212 35.15 -11.48 19.17
C THR D 212 36.65 -11.49 18.91
N TYR D 213 37.40 -11.06 19.92
CA TYR D 213 38.86 -11.11 19.84
C TYR D 213 39.42 -11.34 21.24
N ASN D 214 40.62 -11.94 21.25
CA ASN D 214 41.43 -12.03 22.46
C ASN D 214 42.79 -11.44 22.14
N GLU D 215 43.80 -11.71 22.97
CA GLU D 215 45.14 -11.18 22.74
C GLU D 215 45.81 -11.78 21.50
N LYS D 216 45.30 -12.88 20.97
CA LYS D 216 45.93 -13.55 19.84
C LYS D 216 45.23 -13.33 18.51
N SER D 217 43.90 -13.23 18.51
CA SER D 217 43.20 -13.40 17.25
C SER D 217 41.81 -12.78 17.32
N ALA D 218 41.34 -12.29 16.18
CA ALA D 218 39.99 -11.77 16.02
C ALA D 218 39.24 -12.56 14.97
N VAL D 219 37.94 -12.73 15.19
CA VAL D 219 37.03 -13.22 14.17
C VAL D 219 35.80 -12.33 14.15
N MET D 220 35.33 -12.03 12.95
N MET D 220 35.35 -12.01 12.95
CA MET D 220 34.08 -11.31 12.79
CA MET D 220 34.11 -11.28 12.72
C MET D 220 33.31 -11.95 11.65
C MET D 220 33.30 -12.02 11.67
N GLY D 221 31.98 -11.90 11.74
CA GLY D 221 31.11 -12.48 10.75
C GLY D 221 30.31 -11.38 10.08
N ILE D 222 30.29 -11.38 8.76
CA ILE D 222 29.53 -10.40 7.99
C ILE D 222 28.31 -11.10 7.42
N VAL D 223 27.14 -10.59 7.77
CA VAL D 223 25.87 -11.15 7.32
C VAL D 223 25.64 -10.83 5.85
N ASP D 224 25.27 -11.85 5.06
CA ASP D 224 24.90 -11.65 3.66
C ASP D 224 23.90 -10.51 3.51
N VAL D 225 24.08 -9.70 2.46
CA VAL D 225 23.27 -8.49 2.27
C VAL D 225 21.78 -8.81 2.13
N SER D 226 21.43 -10.03 1.71
CA SER D 226 20.04 -10.40 1.50
C SER D 226 19.32 -10.87 2.75
N ALA D 227 19.99 -10.95 3.90
CA ALA D 227 19.45 -11.66 5.05
C ALA D 227 19.30 -10.72 6.24
N ARG D 228 18.33 -11.01 7.10
CA ARG D 228 18.14 -10.26 8.35
C ARG D 228 18.05 -11.21 9.54
N PRO D 229 19.15 -11.85 9.90
CA PRO D 229 19.19 -12.56 11.17
C PRO D 229 19.18 -11.56 12.32
N HIS D 230 18.80 -12.06 13.49
CA HIS D 230 19.06 -11.32 14.70
C HIS D 230 20.41 -11.78 15.26
N MET D 231 20.90 -11.07 16.27
CA MET D 231 22.16 -11.42 16.92
C MET D 231 21.89 -11.73 18.38
N GLN D 232 22.14 -12.97 18.78
CA GLN D 232 22.12 -13.34 20.19
C GLN D 232 23.43 -12.92 20.85
N TYR D 233 23.34 -12.39 22.05
CA TYR D 233 24.55 -12.09 22.81
C TYR D 233 24.52 -12.79 24.15
N ASN D 234 25.71 -13.05 24.68
CA ASN D 234 25.91 -13.67 25.99
C ASN D 234 27.22 -13.09 26.52
N ILE D 235 27.14 -12.17 27.48
CA ILE D 235 28.32 -11.40 27.90
C ILE D 235 28.79 -11.86 29.28
N ASN D 236 29.70 -12.84 29.30
CA ASN D 236 30.29 -13.42 30.52
C ASN D 236 29.27 -14.17 31.38
N ASN D 237 28.13 -14.54 30.80
CA ASN D 237 27.10 -15.25 31.52
C ASN D 237 27.35 -16.74 31.41
N ASN D 238 27.14 -17.46 32.51
CA ASN D 238 27.36 -18.91 32.53
C ASN D 238 26.12 -19.69 32.10
N GLY D 239 25.11 -19.02 31.56
CA GLY D 239 23.90 -19.71 31.12
C GLY D 239 22.88 -20.01 32.20
N GLN D 240 23.00 -19.39 33.38
CA GLN D 240 22.00 -19.58 34.43
C GLN D 240 20.58 -19.34 33.92
N TYR D 241 20.42 -18.46 32.93
CA TYR D 241 19.09 -18.19 32.39
C TYR D 241 18.44 -19.42 31.78
N LEU D 242 19.25 -20.39 31.36
CA LEU D 242 18.74 -21.65 30.84
C LEU D 242 18.19 -22.55 31.95
N PHE D 243 18.57 -22.30 33.20
CA PHE D 243 18.26 -23.21 34.29
C PHE D 243 17.34 -22.63 35.36
N ASN D 244 17.02 -21.34 35.28
CA ASN D 244 16.25 -20.71 36.35
C ASN D 244 14.87 -21.35 36.50
N ALA D 245 14.22 -21.70 35.39
CA ALA D 245 12.87 -22.26 35.47
C ALA D 245 12.90 -23.68 36.01
N LYS D 246 14.00 -24.39 35.85
CA LYS D 246 14.20 -25.67 36.51
C LYS D 246 14.65 -25.55 37.96
N GLY D 247 15.04 -24.35 38.42
CA GLY D 247 15.54 -24.23 39.78
C GLY D 247 16.80 -25.03 40.08
N VAL D 248 17.74 -25.06 39.14
CA VAL D 248 19.04 -25.68 39.38
C VAL D 248 20.12 -24.65 39.03
N MET D 249 21.31 -24.88 39.59
CA MET D 249 22.47 -24.04 39.28
C MET D 249 23.11 -24.48 37.97
N SER D 250 23.50 -23.52 37.16
CA SER D 250 24.15 -23.83 35.89
C SER D 250 25.44 -24.62 36.11
N PRO D 251 25.67 -25.69 35.35
CA PRO D 251 26.97 -26.35 35.37
C PRO D 251 27.95 -25.79 34.35
N TYR D 252 27.59 -24.74 33.63
CA TYR D 252 28.39 -24.25 32.52
C TYR D 252 29.34 -23.14 32.99
N GLN D 253 30.34 -22.88 32.14
CA GLN D 253 31.37 -21.88 32.39
C GLN D 253 30.98 -20.53 31.83
N ARG D 254 31.40 -19.47 32.53
CA ARG D 254 31.21 -18.11 32.05
C ARG D 254 31.98 -17.88 30.75
N ILE D 255 31.27 -17.47 29.70
CA ILE D 255 31.86 -17.24 28.39
C ILE D 255 31.20 -16.03 27.74
N VAL D 256 31.83 -15.55 26.66
CA VAL D 256 31.29 -14.50 25.81
C VAL D 256 31.03 -15.11 24.44
N PHE D 257 29.83 -14.91 23.89
CA PHE D 257 29.61 -15.31 22.51
C PHE D 257 28.52 -14.46 21.88
N LEU D 258 28.55 -14.44 20.54
CA LEU D 258 27.55 -13.80 19.70
C LEU D 258 27.17 -14.77 18.60
N ASP D 259 25.87 -15.02 18.44
CA ASP D 259 25.35 -16.04 17.52
C ASP D 259 24.39 -15.40 16.54
N PRO D 260 24.41 -15.81 15.26
CA PRO D 260 23.32 -15.46 14.36
C PRO D 260 22.04 -16.21 14.74
N ILE D 261 20.91 -15.52 14.65
CA ILE D 261 19.59 -16.14 14.84
C ILE D 261 18.88 -16.02 13.50
N TRP D 262 18.79 -17.12 12.77
CA TRP D 262 18.08 -17.14 11.51
C TRP D 262 16.59 -17.36 11.81
N LYS D 263 15.75 -16.48 11.28
CA LYS D 263 14.30 -16.54 11.50
C LYS D 263 13.70 -17.38 10.38
N LEU D 264 13.69 -18.70 10.59
CA LEU D 264 13.32 -19.61 9.51
C LEU D 264 11.89 -19.41 9.05
N ASP D 265 11.01 -18.94 9.94
CA ASP D 265 9.62 -18.65 9.57
C ASP D 265 9.48 -17.38 8.75
N GLN D 266 10.53 -16.57 8.63
CA GLN D 266 10.40 -15.26 7.99
C GLN D 266 11.43 -15.05 6.89
N GLU D 267 12.63 -15.59 7.06
CA GLU D 267 13.76 -15.23 6.22
C GLU D 267 13.53 -15.70 4.78
N LYS D 268 13.56 -14.75 3.84
CA LYS D 268 13.53 -15.06 2.41
C LYS D 268 14.91 -15.02 1.75
N GLY D 269 15.94 -14.53 2.45
CA GLY D 269 17.23 -14.33 1.83
C GLY D 269 18.18 -15.51 1.98
N LYS D 270 19.38 -15.31 1.45
CA LYS D 270 20.43 -16.30 1.59
C LYS D 270 20.99 -16.26 3.01
N MET D 271 20.83 -17.37 3.73
CA MET D 271 21.20 -17.39 5.15
C MET D 271 22.68 -17.70 5.30
N ARG D 272 23.49 -16.73 4.88
CA ARG D 272 24.95 -16.87 4.84
C ARG D 272 25.58 -15.81 5.73
N ILE D 273 26.59 -16.23 6.48
CA ILE D 273 27.46 -15.30 7.19
C ILE D 273 28.91 -15.64 6.82
N SER D 274 29.70 -14.61 6.57
CA SER D 274 31.08 -14.74 6.13
C SER D 274 31.99 -14.39 7.30
N TYR D 275 32.68 -15.39 7.83
CA TYR D 275 33.61 -15.19 8.94
C TYR D 275 34.98 -14.84 8.39
N HIS D 276 35.53 -13.73 8.88
CA HIS D 276 36.88 -13.29 8.57
C HIS D 276 37.74 -13.38 9.81
N PHE D 277 38.94 -13.94 9.67
CA PHE D 277 39.83 -14.18 10.80
C PHE D 277 41.06 -13.28 10.67
N ILE D 278 41.37 -12.56 11.73
CA ILE D 278 42.39 -11.52 11.70
C ILE D 278 43.42 -11.81 12.79
N PRO D 279 44.55 -12.41 12.45
CA PRO D 279 45.62 -12.65 13.44
C PRO D 279 46.03 -11.34 14.11
N GLY D 280 45.96 -11.33 15.45
CA GLY D 280 46.31 -10.15 16.22
C GLY D 280 45.32 -9.00 16.15
N GLY D 281 44.16 -9.18 15.50
CA GLY D 281 43.26 -8.06 15.29
C GLY D 281 42.39 -7.73 16.51
N ASP D 282 41.78 -6.55 16.47
CA ASP D 282 40.75 -6.19 17.43
C ASP D 282 39.63 -5.45 16.69
N TYR D 283 38.83 -4.69 17.42
CA TYR D 283 37.66 -4.07 16.79
C TYR D 283 38.05 -3.12 15.66
N VAL D 284 39.21 -2.49 15.76
CA VAL D 284 39.64 -1.59 14.69
C VAL D 284 39.81 -2.37 13.38
N ASP D 285 40.54 -3.48 13.45
CA ASP D 285 40.76 -4.30 12.26
C ASP D 285 39.45 -4.84 11.73
N MET D 286 38.56 -5.30 12.61
CA MET D 286 37.24 -5.72 12.18
C MET D 286 36.55 -4.62 11.37
N ALA D 287 36.54 -3.41 11.92
CA ALA D 287 35.89 -2.30 11.24
C ALA D 287 36.48 -2.06 9.86
N LYS D 288 37.81 -2.15 9.73
CA LYS D 288 38.43 -1.90 8.43
C LYS D 288 38.13 -3.03 7.44
N VAL D 289 38.00 -4.26 7.91
CA VAL D 289 37.56 -5.34 7.03
C VAL D 289 36.16 -5.06 6.52
N TYR D 290 35.24 -4.64 7.41
CA TYR D 290 33.91 -4.34 6.93
C TYR D 290 33.91 -3.16 5.96
N GLN D 291 34.79 -2.19 6.18
CA GLN D 291 34.85 -1.02 5.32
C GLN D 291 35.05 -1.41 3.85
N LYS D 292 35.85 -2.45 3.59
CA LYS D 292 36.00 -2.91 2.22
C LYS D 292 34.68 -3.43 1.68
N GLU D 293 33.96 -4.19 2.51
CA GLU D 293 32.64 -4.66 2.12
C GLU D 293 31.66 -3.50 1.97
N ALA D 294 31.78 -2.48 2.82
CA ALA D 294 30.86 -1.34 2.72
C ALA D 294 31.04 -0.59 1.41
N LYS D 295 32.27 -0.55 0.90
CA LYS D 295 32.48 0.04 -0.42
C LYS D 295 31.91 -0.84 -1.51
N ALA D 296 32.09 -2.16 -1.40
CA ALA D 296 31.57 -3.06 -2.43
C ALA D 296 30.05 -3.07 -2.44
N ARG D 297 29.41 -2.74 -1.31
CA ARG D 297 27.96 -2.70 -1.27
C ARG D 297 27.39 -1.37 -1.74
N GLY D 298 28.23 -0.37 -1.97
CA GLY D 298 27.79 0.89 -2.50
C GLY D 298 27.40 1.94 -1.48
N HIS D 299 27.53 1.65 -0.18
CA HIS D 299 27.15 2.64 0.82
C HIS D 299 28.15 3.80 0.91
N PHE D 300 29.40 3.60 0.51
CA PHE D 300 30.50 4.50 0.85
C PHE D 300 30.66 5.54 -0.26
N VAL D 301 30.05 6.71 -0.07
CA VAL D 301 30.30 7.90 -0.89
C VAL D 301 31.01 8.90 0.00
N SER D 302 32.24 9.27 -0.37
CA SER D 302 33.06 10.02 0.57
C SER D 302 32.62 11.48 0.64
N LEU D 303 32.91 12.09 1.79
CA LEU D 303 32.65 13.52 1.97
C LEU D 303 33.42 14.39 0.97
N GLN D 304 34.55 13.90 0.46
CA GLN D 304 35.25 14.69 -0.56
C GLN D 304 34.54 14.62 -1.90
N GLU D 305 33.92 13.48 -2.23
CA GLU D 305 33.05 13.46 -3.40
C GLU D 305 31.84 14.37 -3.19
N LYS D 306 31.27 14.35 -1.99
CA LYS D 306 30.12 15.22 -1.71
C LYS D 306 30.53 16.69 -1.72
N LEU D 307 31.74 16.99 -1.26
CA LEU D 307 32.24 18.36 -1.32
C LEU D 307 32.44 18.78 -2.76
N LYS D 308 32.95 17.87 -3.59
CA LYS D 308 33.11 18.15 -5.02
C LYS D 308 31.78 18.56 -5.65
N ARG D 309 30.70 17.88 -5.27
CA ARG D 309 29.41 18.17 -5.86
C ARG D 309 28.77 19.41 -5.26
N ASN D 310 29.08 19.73 -4.01
CA ASN D 310 28.52 20.90 -3.36
C ASN D 310 29.54 21.55 -2.44
N PRO D 311 30.13 22.68 -2.84
CA PRO D 311 31.15 23.30 -1.99
C PRO D 311 30.63 23.81 -0.66
N ASN D 312 29.32 23.97 -0.49
CA ASN D 312 28.78 24.37 0.81
C ASN D 312 28.92 23.27 1.85
N VAL D 313 29.29 22.06 1.45
CA VAL D 313 29.62 21.04 2.45
C VAL D 313 30.71 21.55 3.39
N ASN D 314 31.59 22.42 2.89
CA ASN D 314 32.66 22.94 3.73
C ASN D 314 32.19 23.97 4.75
N LYS D 315 30.88 24.24 4.84
CA LYS D 315 30.35 24.99 5.99
C LYS D 315 30.14 24.12 7.21
N LEU D 316 30.32 22.80 7.09
CA LEU D 316 30.10 21.87 8.18
C LEU D 316 31.31 21.66 9.10
N PRO D 317 32.54 21.57 8.59
CA PRO D 317 33.68 21.34 9.49
C PRO D 317 33.84 22.47 10.48
N GLY D 318 33.89 22.11 11.76
CA GLY D 318 34.00 23.11 12.82
C GLY D 318 32.69 23.78 13.19
N ALA D 319 31.56 23.29 12.68
CA ALA D 319 30.25 23.88 12.93
C ALA D 319 29.58 23.22 14.12
N ILE D 320 28.98 24.02 14.97
CA ILE D 320 28.13 23.51 16.02
C ILE D 320 26.72 23.37 15.47
N TYR D 321 26.12 22.20 15.70
CA TYR D 321 24.74 21.96 15.31
C TYR D 321 23.82 22.50 16.41
N PHE D 322 23.05 23.54 16.07
CA PHE D 322 22.13 24.19 17.01
C PHE D 322 20.69 23.82 16.67
N GLY D 323 20.01 23.15 17.58
CA GLY D 323 18.60 22.90 17.44
C GLY D 323 17.82 23.82 18.35
N ILE D 324 17.09 24.76 17.77
CA ILE D 324 16.25 25.66 18.54
C ILE D 324 14.86 25.04 18.55
N TYR D 325 14.50 24.44 19.69
CA TYR D 325 13.34 23.58 19.76
C TYR D 325 12.16 24.37 20.31
N GLY D 326 11.18 24.64 19.45
CA GLY D 326 10.01 25.44 19.81
C GLY D 326 8.73 24.65 20.07
N GLY D 327 8.85 23.37 20.43
CA GLY D 327 7.66 22.57 20.71
C GLY D 327 7.00 21.95 19.50
N TYR D 328 7.53 22.17 18.32
CA TYR D 328 7.16 21.64 17.02
C TYR D 328 8.14 20.53 16.65
N PRO D 329 7.72 19.42 16.02
CA PRO D 329 6.40 19.15 15.44
C PRO D 329 5.33 18.72 16.42
N HIS D 330 5.68 18.60 17.69
CA HIS D 330 4.76 18.02 18.66
C HIS D 330 3.52 18.90 18.86
N TYR D 331 3.66 20.22 18.78
CA TYR D 331 2.56 21.14 18.95
C TYR D 331 2.79 22.37 18.05
N VAL D 332 1.70 22.99 17.62
CA VAL D 332 1.77 24.19 16.81
C VAL D 332 1.66 25.40 17.74
N ASN D 333 2.64 26.29 17.67
CA ASN D 333 2.66 27.52 18.47
C ASN D 333 2.41 27.21 19.95
N MET D 334 3.30 26.40 20.51
CA MET D 334 3.17 25.97 21.90
C MET D 334 3.59 27.10 22.84
N PRO D 335 2.71 27.58 23.73
CA PRO D 335 3.07 28.69 24.61
C PRO D 335 4.17 28.29 25.59
N GLY D 336 5.17 29.17 25.72
CA GLY D 336 6.32 28.89 26.54
C GLY D 336 7.44 28.15 25.81
N MET D 337 7.20 27.72 24.57
CA MET D 337 8.19 26.98 23.81
C MET D 337 8.40 27.61 22.44
N ALA D 338 7.31 27.87 21.73
CA ALA D 338 7.42 28.39 20.37
C ALA D 338 8.20 29.70 20.37
N PHE D 339 9.06 29.86 19.38
CA PHE D 339 9.79 31.09 19.16
C PHE D 339 9.15 31.86 18.01
N THR D 340 9.19 33.20 18.07
CA THR D 340 8.91 34.00 16.90
C THR D 340 10.12 34.03 15.98
N PHE D 341 9.89 34.44 14.73
CA PHE D 341 11.00 34.56 13.79
C PHE D 341 11.95 35.68 14.18
N ASP D 342 11.45 36.71 14.86
CA ASP D 342 12.33 37.75 15.38
C ASP D 342 13.20 37.21 16.50
N GLU D 343 12.61 36.44 17.43
CA GLU D 343 13.42 35.77 18.46
C GLU D 343 14.43 34.83 17.83
N LEU D 344 14.04 34.10 16.78
CA LEU D 344 14.99 33.22 16.11
C LEU D 344 16.17 34.03 15.58
N LYS D 345 15.90 35.14 14.90
CA LYS D 345 16.98 35.97 14.37
C LYS D 345 17.92 36.44 15.47
N ASN D 346 17.37 36.82 16.63
CA ASN D 346 18.21 37.34 17.71
C ASN D 346 19.10 36.25 18.31
N ILE D 347 18.63 35.01 18.34
CA ILE D 347 19.46 33.91 18.80
C ILE D 347 20.62 33.69 17.83
N ILE D 348 20.32 33.66 16.53
CA ILE D 348 21.36 33.54 15.51
C ILE D 348 22.38 34.67 15.65
N LYS D 349 21.88 35.89 15.84
CA LYS D 349 22.78 37.04 15.96
C LYS D 349 23.69 36.91 17.17
N THR D 350 23.14 36.47 18.30
CA THR D 350 23.93 36.36 19.52
C THR D 350 24.98 35.27 19.42
N ILE D 351 24.62 34.14 18.80
CA ILE D 351 25.59 33.07 18.61
C ILE D 351 26.80 33.56 17.83
N HIS D 352 26.56 34.40 16.81
CA HIS D 352 27.65 34.92 15.99
C HIS D 352 28.35 36.10 16.65
N ASP D 353 27.60 37.16 16.97
CA ASP D 353 28.17 38.42 17.46
C ASP D 353 28.72 38.32 18.88
N ASP D 354 28.00 37.65 19.80
CA ASP D 354 28.42 37.59 21.20
C ASP D 354 29.29 36.38 21.50
N LEU D 355 28.88 35.20 21.06
CA LEU D 355 29.62 33.97 21.35
C LEU D 355 30.71 33.67 20.32
N ARG D 356 30.80 34.46 19.24
CA ARG D 356 31.91 34.33 18.28
C ARG D 356 31.99 32.92 17.67
N VAL D 357 30.84 32.31 17.41
CA VAL D 357 30.80 31.02 16.75
C VAL D 357 31.05 31.24 15.26
N ASP D 358 32.15 30.69 14.74
CA ASP D 358 32.51 30.96 13.35
C ASP D 358 31.63 30.21 12.38
N LYS D 359 31.20 28.99 12.73
CA LYS D 359 30.50 28.11 11.81
C LYS D 359 29.40 27.38 12.58
N ALA D 360 28.25 27.21 11.94
CA ALA D 360 27.07 26.73 12.65
C ALA D 360 26.06 26.14 11.66
N PHE D 361 25.38 25.09 12.09
CA PHE D 361 24.19 24.57 11.42
C PHE D 361 23.01 24.92 12.32
N VAL D 362 22.16 25.84 11.86
CA VAL D 362 21.01 26.30 12.64
C VAL D 362 19.78 25.54 12.15
N HIS D 363 19.13 24.83 13.06
CA HIS D 363 17.99 23.97 12.76
C HIS D 363 16.83 24.46 13.61
N ALA D 364 15.86 25.13 12.97
CA ALA D 364 14.75 25.78 13.68
C ALA D 364 13.54 24.85 13.69
N TRP D 365 13.15 24.40 14.88
CA TRP D 365 12.03 23.46 15.05
C TRP D 365 10.75 24.26 15.34
N GLY D 366 10.00 24.60 14.29
CA GLY D 366 8.76 25.33 14.46
C GLY D 366 8.65 26.56 13.58
N THR D 367 8.40 26.34 12.28
CA THR D 367 8.26 27.44 11.35
C THR D 367 6.95 27.41 10.59
N PHE D 368 6.13 26.38 10.76
CA PHE D 368 4.90 26.23 9.99
C PHE D 368 3.69 26.20 10.91
N SER D 369 2.54 26.56 10.36
CA SER D 369 1.29 26.65 11.12
C SER D 369 0.39 25.43 10.95
N ASN D 370 0.84 24.42 10.22
CA ASN D 370 0.21 23.10 10.16
C ASN D 370 1.14 22.05 10.75
N PHE D 371 0.55 20.95 11.19
CA PHE D 371 1.33 19.81 11.63
C PHE D 371 1.96 19.10 10.44
N VAL D 372 3.16 18.56 10.65
CA VAL D 372 3.73 17.59 9.72
C VAL D 372 2.67 16.51 9.59
N PRO D 373 2.48 15.91 8.40
CA PRO D 373 3.35 15.99 7.23
C PRO D 373 3.05 17.11 6.25
N HIS D 374 2.24 18.09 6.64
CA HIS D 374 1.97 19.27 5.82
C HIS D 374 2.86 20.40 6.33
N ASN D 375 4.07 20.46 5.77
CA ASN D 375 5.13 21.35 6.23
C ASN D 375 4.99 22.75 5.62
N TYR D 376 3.85 23.37 5.88
CA TYR D 376 3.51 24.67 5.31
C TYR D 376 2.21 25.16 5.96
N PRO D 377 1.90 26.46 5.84
CA PRO D 377 2.74 27.52 5.28
C PRO D 377 3.69 28.02 6.34
N ILE D 378 4.63 28.89 5.99
CA ILE D 378 5.38 29.60 7.02
C ILE D 378 4.38 30.31 7.92
N SER D 379 4.57 30.20 9.24
CA SER D 379 3.54 30.60 10.18
C SER D 379 3.38 32.12 10.21
N GLU D 380 2.17 32.60 9.95
CA GLU D 380 1.88 34.01 10.18
C GLU D 380 1.97 34.34 11.66
N ALA D 381 1.51 33.43 12.52
CA ALA D 381 1.49 33.71 13.96
C ALA D 381 2.89 33.97 14.50
N LEU D 382 3.91 33.37 13.91
CA LEU D 382 5.27 33.58 14.36
C LEU D 382 5.95 34.75 13.67
N GLY D 383 5.28 35.42 12.73
CA GLY D 383 5.86 36.58 12.09
C GLY D 383 5.78 36.63 10.57
N GLY D 384 5.46 35.49 9.94
CA GLY D 384 5.26 35.44 8.50
C GLY D 384 6.56 35.24 7.73
N PRO D 385 6.44 35.00 6.42
CA PRO D 385 7.63 34.58 5.64
C PRO D 385 8.76 35.60 5.60
N GLU D 386 8.44 36.88 5.54
CA GLU D 386 9.49 37.90 5.45
C GLU D 386 10.35 37.90 6.70
N LYS D 387 9.73 37.74 7.87
CA LYS D 387 10.49 37.73 9.11
C LYS D 387 11.33 36.46 9.23
N LEU D 388 10.83 35.33 8.71
CA LEU D 388 11.66 34.13 8.67
C LEU D 388 12.81 34.29 7.70
N LYS D 389 12.54 34.88 6.53
CA LYS D 389 13.60 35.11 5.55
C LYS D 389 14.69 36.04 6.10
N ALA D 390 14.29 37.04 6.88
CA ALA D 390 15.28 37.91 7.52
C ALA D 390 16.19 37.12 8.47
N ALA D 391 15.64 36.17 9.22
CA ALA D 391 16.48 35.33 10.06
C ALA D 391 17.40 34.45 9.22
N VAL D 392 16.85 33.83 8.17
CA VAL D 392 17.65 32.97 7.31
C VAL D 392 18.74 33.78 6.61
N ASP D 393 18.39 35.00 6.17
CA ASP D 393 19.37 35.86 5.51
C ASP D 393 20.49 36.25 6.46
N LEU D 394 20.16 36.52 7.73
CA LEU D 394 21.22 36.83 8.68
C LEU D 394 22.16 35.64 8.86
N ALA D 395 21.60 34.43 8.95
CA ALA D 395 22.45 33.25 9.08
C ALA D 395 23.34 33.07 7.86
N LYS D 396 22.79 33.28 6.67
CA LYS D 396 23.58 33.10 5.46
C LYS D 396 24.64 34.18 5.32
N SER D 397 24.37 35.38 5.83
CA SER D 397 25.39 36.43 5.85
C SER D 397 26.60 36.02 6.69
N TYR D 398 26.38 35.14 7.68
CA TYR D 398 27.43 34.61 8.54
C TYR D 398 28.15 33.40 7.95
N GLY D 399 27.66 32.85 6.84
CA GLY D 399 28.16 31.57 6.38
C GLY D 399 27.60 30.37 7.11
N TYR D 400 26.56 30.55 7.92
CA TYR D 400 25.90 29.47 8.62
C TYR D 400 25.01 28.65 7.69
N LEU D 401 24.92 27.35 7.94
CA LEU D 401 23.86 26.56 7.33
C LEU D 401 22.57 26.77 8.12
N TYR D 402 21.43 26.73 7.40
CA TYR D 402 20.11 26.84 8.03
C TYR D 402 19.16 25.79 7.48
N SER D 403 18.35 25.19 8.35
CA SER D 403 17.20 24.40 7.91
C SER D 403 16.05 24.55 8.90
N SER D 404 14.83 24.50 8.38
CA SER D 404 13.65 24.32 9.23
C SER D 404 13.50 22.83 9.57
N TYR D 405 12.61 22.53 10.53
CA TYR D 405 12.23 21.14 10.78
C TYR D 405 11.26 20.66 9.70
N HIS D 406 11.55 19.49 9.13
CA HIS D 406 10.65 18.87 8.16
C HIS D 406 10.45 17.40 8.50
N ALA D 407 9.23 16.91 8.27
CA ALA D 407 8.98 15.47 8.36
C ALA D 407 7.77 15.13 7.50
N TYR D 408 7.84 14.00 6.79
CA TYR D 408 6.78 13.60 5.89
C TYR D 408 6.15 12.27 6.27
N SER D 409 6.61 11.66 7.36
CA SER D 409 6.16 10.38 7.89
C SER D 409 5.14 10.47 9.03
N PRO D 410 5.05 11.54 9.80
CA PRO D 410 4.12 11.52 10.95
C PRO D 410 2.67 11.64 10.53
N MET D 411 1.81 11.14 11.41
CA MET D 411 0.37 11.35 11.28
C MET D 411 -0.15 11.43 12.72
N LEU D 412 -0.39 12.65 13.20
CA LEU D 412 -0.50 12.89 14.63
C LEU D 412 -1.96 12.98 15.08
N GLU D 413 -2.25 12.36 16.23
CA GLU D 413 -3.61 12.35 16.76
C GLU D 413 -4.15 13.76 16.96
N ASN D 414 -3.29 14.69 17.37
CA ASN D 414 -3.72 16.06 17.69
C ASN D 414 -3.73 16.97 16.48
N ASP D 415 -3.40 16.43 15.30
CA ASP D 415 -3.49 17.18 14.05
C ASP D 415 -4.94 17.20 13.58
N PRO D 416 -5.56 18.36 13.39
CA PRO D 416 -6.90 18.38 12.79
C PRO D 416 -6.95 17.69 11.44
N ASN D 417 -5.84 17.61 10.72
CA ASN D 417 -5.83 16.96 9.41
C ASN D 417 -5.61 15.45 9.50
N PHE D 418 -5.71 14.87 10.69
CA PHE D 418 -5.40 13.46 10.88
C PHE D 418 -6.30 12.58 10.00
N THR D 419 -5.70 11.62 9.29
CA THR D 419 -6.49 10.66 8.55
C THR D 419 -5.76 9.33 8.49
N THR D 420 -6.52 8.24 8.54
CA THR D 420 -5.90 6.93 8.34
C THR D 420 -5.71 6.61 6.86
N ASP D 421 -6.17 7.49 5.96
CA ASP D 421 -6.01 7.25 4.53
C ASP D 421 -4.55 7.20 4.11
N LEU D 422 -3.67 7.93 4.80
CA LEU D 422 -2.24 7.96 4.48
C LEU D 422 -1.44 6.91 5.24
N MET D 423 -2.09 6.09 6.06
CA MET D 423 -1.40 5.04 6.79
C MET D 423 -1.35 3.76 5.96
N GLN D 424 -0.49 2.84 6.37
CA GLN D 424 -0.36 1.55 5.71
C GLN D 424 -1.15 0.49 6.46
N ARG D 425 -1.67 -0.48 5.72
CA ARG D 425 -2.38 -1.62 6.29
C ARG D 425 -1.69 -2.92 5.94
N ASP D 426 -1.77 -3.89 6.84
CA ASP D 426 -1.11 -5.19 6.68
C ASP D 426 -2.02 -6.14 5.90
N ALA D 427 -1.57 -7.38 5.74
CA ALA D 427 -2.33 -8.36 4.96
C ALA D 427 -3.73 -8.59 5.52
N GLU D 428 -3.95 -8.34 6.81
CA GLU D 428 -5.26 -8.54 7.38
C GLU D 428 -6.17 -7.33 7.21
N GLY D 429 -5.69 -6.26 6.57
CA GLY D 429 -6.43 -5.04 6.52
C GLY D 429 -6.31 -4.17 7.76
N LYS D 430 -5.47 -4.57 8.72
CA LYS D 430 -5.27 -3.82 9.94
C LYS D 430 -4.23 -2.72 9.74
N LEU D 431 -4.46 -1.58 10.38
CA LEU D 431 -3.51 -0.46 10.30
C LEU D 431 -2.17 -0.84 10.91
N MET D 432 -1.11 -0.36 10.29
CA MET D 432 0.23 -0.52 10.79
C MET D 432 0.69 0.76 11.48
N ASN D 433 1.58 0.58 12.46
CA ASN D 433 2.19 1.67 13.22
C ASN D 433 1.17 2.50 14.02
N THR D 434 0.09 1.86 14.48
CA THR D 434 -0.82 2.57 15.39
C THR D 434 -0.10 2.98 16.66
N GLY D 435 0.94 2.26 17.06
CA GLY D 435 1.71 2.58 18.23
C GLY D 435 2.93 3.45 18.00
N SER D 436 3.12 4.02 16.79
CA SER D 436 4.34 4.74 16.43
C SER D 436 3.98 5.97 15.58
N ARG D 437 3.57 7.04 16.26
CA ARG D 437 2.92 8.16 15.60
C ARG D 437 3.86 8.88 14.63
N TRP D 438 5.16 8.82 14.84
CA TRP D 438 6.08 9.56 13.97
C TRP D 438 6.36 8.86 12.66
N ALA D 439 5.95 7.61 12.49
CA ALA D 439 6.21 6.84 11.27
C ALA D 439 4.93 6.14 10.80
N ARG D 440 3.86 6.90 10.66
CA ARG D 440 2.59 6.30 10.25
C ARG D 440 2.29 6.46 8.77
N VAL D 441 2.85 7.46 8.11
CA VAL D 441 2.55 7.69 6.70
C VAL D 441 3.32 6.68 5.87
N ASP D 442 2.61 5.93 5.04
CA ASP D 442 3.23 4.95 4.16
C ASP D 442 4.32 5.62 3.33
N PRO D 443 5.55 5.10 3.33
CA PRO D 443 6.62 5.70 2.51
C PRO D 443 6.22 5.97 1.07
N LYS D 444 5.32 5.18 0.49
CA LYS D 444 4.96 5.42 -0.91
C LYS D 444 4.19 6.72 -1.12
N PHE D 445 3.75 7.38 -0.04
CA PHE D 445 3.12 8.69 -0.14
C PHE D 445 4.07 9.85 0.14
N GLN D 446 5.30 9.58 0.60
CA GLN D 446 6.04 10.64 1.28
C GLN D 446 6.73 11.61 0.32
N LYS D 447 7.19 11.14 -0.85
CA LYS D 447 7.68 12.08 -1.84
C LYS D 447 6.60 13.07 -2.25
N GLY D 448 5.36 12.59 -2.44
CA GLY D 448 4.28 13.49 -2.81
C GLY D 448 4.01 14.56 -1.77
N LEU D 449 4.14 14.21 -0.50
CA LEU D 449 3.96 15.20 0.56
C LEU D 449 5.10 16.21 0.57
N ALA D 450 6.33 15.74 0.35
CA ALA D 450 7.46 16.68 0.29
C ALA D 450 7.33 17.62 -0.90
N GLN D 451 6.81 17.12 -2.03
CA GLN D 451 6.64 17.95 -3.22
C GLN D 451 5.68 19.11 -3.02
N LYS D 452 4.81 19.05 -2.00
CA LYS D 452 3.80 20.09 -1.85
C LYS D 452 4.44 21.46 -1.66
N ASN D 453 5.56 21.55 -0.94
CA ASN D 453 6.10 22.86 -0.59
C ASN D 453 7.62 22.98 -0.45
N ILE D 454 8.37 21.88 -0.51
CA ILE D 454 9.81 22.00 -0.25
C ILE D 454 10.48 22.86 -1.34
N GLU D 455 10.04 22.75 -2.59
CA GLU D 455 10.65 23.55 -3.65
C GLU D 455 10.29 25.02 -3.49
N LYS D 456 9.08 25.33 -3.00
CA LYS D 456 8.70 26.71 -2.76
C LYS D 456 9.53 27.31 -1.63
N GLU D 457 9.70 26.55 -0.53
CA GLU D 457 10.48 27.03 0.60
C GLU D 457 11.93 27.25 0.21
N ILE D 458 12.53 26.26 -0.48
CA ILE D 458 13.89 26.42 -0.97
C ILE D 458 14.01 27.70 -1.79
N SER D 459 13.08 27.91 -2.71
CA SER D 459 13.14 29.08 -3.59
C SER D 459 12.93 30.38 -2.81
N TYR D 460 11.95 30.40 -1.91
CA TYR D 460 11.63 31.67 -1.25
C TYR D 460 12.69 32.08 -0.25
N LEU D 461 13.22 31.13 0.52
CA LEU D 461 14.24 31.43 1.52
C LEU D 461 15.66 31.34 0.98
N GLY D 462 15.85 30.87 -0.25
CA GLY D 462 17.18 30.68 -0.77
C GLY D 462 17.96 29.68 0.07
N LEU D 463 17.39 28.50 0.26
CA LEU D 463 17.97 27.56 1.21
C LEU D 463 19.22 26.93 0.63
N GLU D 464 20.22 26.73 1.49
CA GLU D 464 21.45 26.03 1.14
C GLU D 464 21.52 24.65 1.78
N ALA D 465 20.53 24.31 2.60
CA ALA D 465 20.60 23.09 3.40
C ALA D 465 19.19 22.65 3.74
N ASP D 466 19.09 21.37 4.12
CA ASP D 466 17.85 20.75 4.55
C ASP D 466 18.17 19.65 5.55
N ILE D 467 17.31 19.50 6.56
CA ILE D 467 17.29 18.34 7.43
C ILE D 467 15.89 17.75 7.41
N THR D 468 15.79 16.44 7.23
CA THR D 468 14.52 15.73 7.20
C THR D 468 14.49 14.69 8.31
N ASP D 469 13.42 14.69 9.08
CA ASP D 469 13.29 13.88 10.28
C ASP D 469 12.73 12.49 9.96
N ILE D 470 13.08 11.53 10.82
CA ILE D 470 12.42 10.22 10.99
C ILE D 470 12.62 9.21 9.86
N THR D 471 12.36 9.59 8.61
CA THR D 471 12.13 8.60 7.56
C THR D 471 13.36 7.74 7.30
N PHE D 472 14.55 8.23 7.57
CA PHE D 472 15.76 7.50 7.26
C PHE D 472 16.54 7.09 8.50
N ALA D 473 15.83 6.97 9.64
CA ALA D 473 16.45 6.52 10.87
C ALA D 473 16.66 5.01 10.93
N ALA D 474 16.01 4.27 10.04
CA ALA D 474 16.07 2.81 10.02
C ALA D 474 16.21 2.36 8.58
N TYR D 475 16.43 1.03 8.40
CA TYR D 475 16.44 0.45 7.05
C TYR D 475 15.72 -0.89 7.07
N ARG D 476 14.39 -0.83 6.96
CA ARG D 476 13.57 -2.03 6.87
C ARG D 476 13.16 -2.26 5.42
N GLU D 477 12.87 -3.52 5.10
CA GLU D 477 12.46 -3.84 3.73
C GLU D 477 11.11 -3.21 3.42
N ASN D 478 10.18 -3.25 4.36
CA ASN D 478 8.82 -2.77 4.11
C ASN D 478 8.84 -1.26 3.90
N GLY D 479 8.47 -0.83 2.70
CA GLY D 479 8.45 0.58 2.35
C GLY D 479 9.76 1.17 1.87
N LYS D 480 10.80 0.36 1.62
CA LYS D 480 12.10 0.94 1.28
C LYS D 480 12.06 1.68 -0.06
N GLU D 481 11.25 1.20 -1.01
CA GLU D 481 11.17 1.84 -2.32
C GLU D 481 10.65 3.28 -2.20
N GLY D 482 9.64 3.50 -1.36
CA GLY D 482 9.15 4.84 -1.15
C GLY D 482 10.18 5.72 -0.46
N ARG D 483 10.92 5.14 0.50
CA ARG D 483 11.97 5.91 1.17
C ARG D 483 13.08 6.28 0.19
N ILE D 484 13.51 5.33 -0.64
CA ILE D 484 14.52 5.63 -1.64
C ILE D 484 14.03 6.70 -2.61
N GLU D 485 12.75 6.60 -3.00
CA GLU D 485 12.14 7.64 -3.83
C GLU D 485 12.25 9.02 -3.18
N LEU D 486 11.97 9.10 -1.87
CA LEU D 486 12.05 10.39 -1.18
C LEU D 486 13.50 10.83 -1.04
N ALA D 487 14.40 9.91 -0.71
CA ALA D 487 15.82 10.23 -0.60
C ALA D 487 16.38 10.78 -1.91
N LYS D 488 16.02 10.16 -3.04
CA LYS D 488 16.47 10.66 -4.34
C LYS D 488 15.93 12.05 -4.62
N TYR D 489 14.67 12.29 -4.27
CA TYR D 489 14.07 13.60 -4.50
C TYR D 489 14.80 14.69 -3.73
N ILE D 490 14.98 14.47 -2.42
CA ILE D 490 15.72 15.42 -1.60
C ILE D 490 17.14 15.60 -2.11
N ASP D 491 17.81 14.49 -2.46
CA ASP D 491 19.18 14.58 -2.92
C ASP D 491 19.30 15.38 -4.22
N SER D 492 18.27 15.34 -5.06
CA SER D 492 18.32 16.03 -6.35
C SER D 492 18.46 17.54 -6.22
N PHE D 493 18.06 18.13 -5.09
CA PHE D 493 18.22 19.57 -4.91
C PHE D 493 19.66 19.99 -4.66
N ASN D 494 20.56 19.04 -4.36
CA ASN D 494 21.96 19.34 -4.07
C ASN D 494 22.11 20.40 -2.98
N LEU D 495 21.37 20.23 -1.91
CA LEU D 495 21.62 21.01 -0.71
C LEU D 495 22.56 20.24 0.20
N VAL D 496 23.20 20.97 1.11
CA VAL D 496 23.86 20.33 2.24
C VAL D 496 22.77 19.75 3.11
N ASN D 497 22.61 18.43 3.12
CA ASN D 497 21.42 17.88 3.74
C ASN D 497 21.76 16.84 4.80
N GLY D 498 20.93 16.81 5.85
CA GLY D 498 21.10 15.87 6.95
C GLY D 498 19.80 15.17 7.24
N THR D 499 19.89 14.16 8.10
CA THR D 499 18.68 13.44 8.47
C THR D 499 18.86 12.85 9.86
N GLU D 500 17.74 12.49 10.47
CA GLU D 500 17.76 11.95 11.82
C GLU D 500 18.37 10.56 11.81
N HIS D 501 19.39 10.35 12.65
CA HIS D 501 19.99 9.06 12.97
C HIS D 501 20.72 8.45 11.79
N GLY D 502 20.00 8.12 10.70
CA GLY D 502 20.62 7.54 9.53
C GLY D 502 20.85 6.04 9.65
N GLN D 503 21.21 5.45 8.52
CA GLN D 503 21.74 4.09 8.40
C GLN D 503 22.75 4.10 7.26
N GLU D 504 23.61 3.07 7.23
CA GLU D 504 24.63 3.00 6.18
C GLU D 504 24.03 3.05 4.77
N GLN D 505 22.85 2.44 4.58
CA GLN D 505 22.23 2.44 3.25
C GLN D 505 21.87 3.84 2.76
N TRP D 506 21.72 4.81 3.68
CA TRP D 506 21.35 6.18 3.31
C TRP D 506 22.55 7.10 3.14
N ILE D 507 23.77 6.61 3.44
CA ILE D 507 24.96 7.46 3.32
C ILE D 507 25.08 8.10 1.95
N PRO D 508 24.73 7.45 0.83
CA PRO D 508 24.88 8.14 -0.46
C PRO D 508 24.06 9.40 -0.64
N TYR D 509 22.98 9.58 0.10
CA TYR D 509 22.06 10.68 -0.14
C TYR D 509 22.23 11.87 0.80
N PHE D 510 23.05 11.75 1.84
CA PHE D 510 23.11 12.79 2.86
C PHE D 510 24.55 13.18 3.15
N ASP D 511 24.71 14.39 3.67
CA ASP D 511 26.00 14.88 4.13
C ASP D 511 26.20 14.67 5.62
N MET D 512 25.14 14.53 6.39
CA MET D 512 25.30 14.40 7.83
C MET D 512 24.12 13.66 8.44
N PHE D 513 24.41 12.94 9.52
CA PHE D 513 23.40 12.28 10.33
C PHE D 513 23.35 12.97 11.68
N GLU D 514 22.15 13.35 12.12
CA GLU D 514 21.93 13.81 13.49
C GLU D 514 21.67 12.58 14.35
N GLY D 515 22.69 12.15 15.09
CA GLY D 515 22.63 10.92 15.86
C GLY D 515 23.71 9.95 15.41
N MET D 516 23.36 8.66 15.37
CA MET D 516 24.33 7.57 15.25
C MET D 516 25.33 7.64 16.41
N THR D 517 24.80 7.82 17.61
CA THR D 517 25.58 7.79 18.84
C THR D 517 25.08 6.66 19.74
N TYR D 518 24.37 6.97 20.83
CA TYR D 518 23.96 5.95 21.81
C TYR D 518 22.59 6.32 22.37
N LEU D 519 21.72 5.32 22.51
CA LEU D 519 20.55 5.54 23.36
C LEU D 519 21.01 5.77 24.80
N GLU D 520 20.12 6.31 25.62
CA GLU D 520 20.46 6.46 27.04
C GLU D 520 20.18 5.17 27.81
N ASP D 521 19.00 4.62 27.62
CA ASP D 521 18.60 3.36 28.22
C ASP D 521 18.73 2.30 27.13
N ARG D 522 19.62 1.33 27.32
CA ARG D 522 19.86 0.38 26.25
C ARG D 522 20.34 -0.93 26.84
N PRO D 523 20.00 -2.05 26.22
CA PRO D 523 20.64 -3.32 26.59
C PRO D 523 22.15 -3.15 26.48
N LEU D 524 22.86 -3.73 27.45
CA LEU D 524 24.31 -3.84 27.53
C LEU D 524 24.98 -2.59 28.09
N SER D 525 24.23 -1.54 28.45
CA SER D 525 24.88 -0.30 28.86
C SER D 525 25.78 -0.50 30.08
N VAL D 526 25.43 -1.40 31.00
CA VAL D 526 26.26 -1.52 32.20
C VAL D 526 27.40 -2.51 32.03
N ILE D 527 27.55 -3.13 30.87
CA ILE D 527 28.62 -4.11 30.65
C ILE D 527 29.26 -3.91 29.28
N SER D 528 29.36 -2.67 28.84
CA SER D 528 29.99 -2.38 27.56
C SER D 528 30.65 -1.01 27.64
N HIS D 529 31.60 -0.78 26.74
CA HIS D 529 32.19 0.52 26.58
C HIS D 529 31.89 1.05 25.20
N PRO D 530 31.46 2.30 25.05
CA PRO D 530 31.33 2.86 23.70
C PRO D 530 32.65 2.74 22.94
N ALA D 531 32.53 2.41 21.65
CA ALA D 531 33.64 2.35 20.74
C ALA D 531 33.16 2.93 19.41
N PRO D 532 34.02 3.66 18.70
CA PRO D 532 33.56 4.34 17.47
C PRO D 532 33.57 3.40 16.27
N LEU D 533 32.82 2.30 16.38
CA LEU D 533 32.82 1.27 15.35
C LEU D 533 32.25 1.80 14.03
N PHE D 534 31.11 2.49 14.09
CA PHE D 534 30.52 3.04 12.87
C PHE D 534 31.43 4.07 12.23
N ASN D 535 32.02 4.96 13.05
CA ASN D 535 32.89 5.98 12.49
C ASN D 535 34.22 5.41 12.03
N LEU D 536 34.65 4.30 12.61
CA LEU D 536 35.85 3.62 12.11
C LEU D 536 35.62 3.14 10.68
N VAL D 537 34.37 2.88 10.30
CA VAL D 537 34.05 2.52 8.93
C VAL D 537 33.76 3.76 8.09
N TYR D 538 32.87 4.64 8.56
CA TYR D 538 32.20 5.58 7.67
C TYR D 538 32.55 7.05 7.91
N HIS D 539 33.51 7.37 8.78
CA HIS D 539 33.75 8.78 9.09
C HIS D 539 34.09 9.60 7.85
N GLU D 540 34.78 9.01 6.87
CA GLU D 540 35.14 9.74 5.65
C GLU D 540 33.94 10.03 4.76
N ALA D 541 32.83 9.34 4.98
CA ALA D 541 31.69 9.30 4.07
C ALA D 541 30.46 10.00 4.61
N ILE D 542 30.30 10.08 5.93
CA ILE D 542 29.14 10.75 6.50
C ILE D 542 29.57 11.44 7.79
N ALA D 543 29.21 12.71 7.92
CA ALA D 543 29.42 13.41 9.18
C ALA D 543 28.29 13.08 10.14
N ASN D 544 28.59 13.05 11.44
CA ASN D 544 27.51 12.90 12.40
C ASN D 544 27.64 13.92 13.52
N PHE D 545 26.51 14.13 14.19
CA PHE D 545 26.38 15.04 15.31
C PHE D 545 25.60 14.33 16.41
N GLY D 546 25.66 14.90 17.62
CA GLY D 546 24.92 14.33 18.72
C GLY D 546 23.42 14.32 18.47
N LYS D 547 22.74 13.36 19.11
CA LYS D 547 21.29 13.18 18.96
C LYS D 547 20.54 14.25 19.73
N ILE D 548 19.46 14.76 19.13
CA ILE D 548 18.75 15.90 19.75
C ILE D 548 18.15 15.53 21.11
N GLN D 549 17.70 14.29 21.31
CA GLN D 549 17.14 13.92 22.61
C GLN D 549 18.20 13.83 23.69
N ASP D 550 19.45 13.63 23.32
CA ASP D 550 20.54 13.45 24.28
C ASP D 550 21.69 14.39 23.93
N PRO D 551 21.44 15.70 23.91
CA PRO D 551 22.43 16.61 23.34
C PRO D 551 23.56 16.89 24.33
N ASP D 552 24.57 17.60 23.83
CA ASP D 552 25.72 17.86 24.67
C ASP D 552 25.42 18.79 25.84
N ASN D 553 24.30 19.52 25.82
CA ASN D 553 23.92 20.38 26.93
C ASN D 553 23.06 19.69 27.99
N GLU D 554 22.76 18.40 27.85
CA GLU D 554 21.95 17.67 28.81
C GLU D 554 22.79 16.66 29.59
N VAL D 555 22.44 16.45 30.86
CA VAL D 555 23.13 15.49 31.71
C VAL D 555 22.33 14.20 31.67
N THR D 556 22.90 13.13 31.11
CA THR D 556 22.17 11.88 30.90
C THR D 556 23.05 10.69 31.24
N ALA D 557 22.50 9.49 31.03
CA ALA D 557 23.29 8.29 31.24
C ALA D 557 24.55 8.30 30.40
N ASN D 558 24.55 9.02 29.28
CA ASN D 558 25.72 9.06 28.41
C ASN D 558 26.70 10.17 28.76
N GLY D 559 26.44 10.92 29.82
CA GLY D 559 27.43 11.83 30.39
C GLY D 559 26.91 13.25 30.47
N ASP D 560 27.78 14.12 30.98
CA ASP D 560 27.58 15.55 31.03
C ASP D 560 28.37 16.19 29.89
N PHE D 561 28.52 17.53 29.94
CA PHE D 561 29.23 18.20 28.86
C PHE D 561 30.70 17.78 28.82
N ARG D 562 31.34 17.67 29.98
CA ARG D 562 32.72 17.23 30.05
C ARG D 562 32.93 15.94 29.27
N ILE D 563 32.13 14.92 29.59
CA ILE D 563 32.30 13.61 28.96
C ILE D 563 31.96 13.65 27.48
N LYS D 564 30.82 14.28 27.14
CA LYS D 564 30.35 14.27 25.76
C LYS D 564 31.27 15.07 24.84
N ALA D 565 31.81 16.19 25.33
CA ALA D 565 32.76 16.95 24.56
C ALA D 565 34.01 16.13 24.25
N LEU D 566 34.55 15.45 25.27
CA LEU D 566 35.76 14.67 25.05
C LEU D 566 35.49 13.49 24.11
N ARG D 567 34.35 12.84 24.28
CA ARG D 567 34.02 11.71 23.40
C ARG D 567 33.80 12.18 21.96
N SER D 568 33.20 13.37 21.77
CA SER D 568 33.03 13.93 20.42
C SER D 568 34.34 13.95 19.65
N MET D 569 35.41 14.44 20.30
CA MET D 569 36.69 14.54 19.63
C MET D 569 37.30 13.17 19.39
N LEU D 570 37.19 12.27 20.37
CA LEU D 570 37.68 10.91 20.19
C LEU D 570 36.96 10.21 19.04
N PHE D 571 35.65 10.37 18.94
CA PHE D 571 34.85 9.63 17.99
C PHE D 571 34.69 10.36 16.67
N GLY D 572 35.07 11.63 16.61
CA GLY D 572 35.00 12.36 15.37
C GLY D 572 33.61 12.81 14.99
N ARG D 573 32.77 13.16 15.98
CA ARG D 573 31.46 13.72 15.72
C ARG D 573 31.44 15.20 16.11
N GLY D 574 30.42 15.91 15.63
CA GLY D 574 30.26 17.31 15.93
C GLY D 574 29.33 17.55 17.12
N THR D 575 29.42 18.78 17.64
CA THR D 575 28.68 19.20 18.82
C THR D 575 27.21 19.46 18.49
N THR D 576 26.33 18.99 19.36
CA THR D 576 24.89 19.26 19.26
C THR D 576 24.46 20.01 20.50
N ILE D 577 23.92 21.21 20.30
CA ILE D 577 23.30 22.01 21.35
C ILE D 577 21.81 22.09 21.00
N PHE D 578 20.99 21.39 21.76
CA PHE D 578 19.56 21.30 21.48
C PHE D 578 18.80 21.83 22.69
N PHE D 579 18.04 22.91 22.50
CA PHE D 579 17.48 23.63 23.63
C PHE D 579 16.14 24.25 23.28
N ALA D 580 15.29 24.40 24.30
CA ALA D 580 14.14 25.29 24.20
C ALA D 580 14.63 26.74 24.26
N PRO D 581 13.94 27.67 23.60
CA PRO D 581 14.42 29.06 23.60
C PRO D 581 14.67 29.64 24.98
N TYR D 582 13.80 29.39 25.96
CA TYR D 582 13.99 30.00 27.29
C TYR D 582 15.32 29.57 27.94
N GLU D 583 15.90 28.46 27.50
CA GLU D 583 17.15 27.98 28.08
C GLU D 583 18.38 28.71 27.56
N PHE D 584 18.24 29.64 26.60
CA PHE D 584 19.40 30.04 25.82
C PHE D 584 20.54 30.56 26.68
N GLU D 585 20.24 31.40 27.67
CA GLU D 585 21.31 31.99 28.46
C GLU D 585 22.11 30.94 29.21
N GLY D 586 21.49 29.80 29.55
CA GLY D 586 22.21 28.72 30.19
C GLY D 586 23.10 27.93 29.25
N MET D 587 22.91 28.11 27.94
CA MET D 587 23.73 27.42 26.95
C MET D 587 25.07 28.11 26.68
N ARG D 588 25.19 29.39 27.01
CA ARG D 588 26.38 30.16 26.64
C ARG D 588 27.69 29.51 27.08
N PRO D 589 27.89 29.13 28.33
CA PRO D 589 29.21 28.57 28.70
C PRO D 589 29.53 27.29 27.96
N MET D 590 28.52 26.47 27.65
CA MET D 590 28.80 25.26 26.89
C MET D 590 29.10 25.58 25.43
N ILE D 591 28.43 26.59 24.87
CA ILE D 591 28.75 26.99 23.50
C ILE D 591 30.18 27.52 23.42
N GLU D 592 30.61 28.26 24.44
CA GLU D 592 31.97 28.79 24.45
C GLU D 592 33.01 27.68 24.58
N MET D 593 32.79 26.70 25.48
CA MET D 593 33.75 25.62 25.61
C MET D 593 33.80 24.77 24.34
N ALA D 594 32.64 24.51 23.72
CA ALA D 594 32.61 23.79 22.46
C ALA D 594 33.37 24.54 21.37
N ARG D 595 33.11 25.84 21.26
CA ARG D 595 33.83 26.68 20.32
C ARG D 595 35.35 26.55 20.50
N ASP D 596 35.82 26.66 21.75
CA ASP D 596 37.26 26.71 21.98
C ASP D 596 37.93 25.35 21.91
N LEU D 597 37.23 24.26 22.22
CA LEU D 597 37.85 22.95 22.33
C LEU D 597 37.48 22.01 21.19
N VAL D 598 36.19 21.77 20.98
CA VAL D 598 35.78 20.73 20.03
C VAL D 598 35.85 21.22 18.61
N SER D 599 35.36 22.44 18.35
CA SER D 599 35.22 22.90 16.97
C SER D 599 36.52 22.89 16.18
N PRO D 600 37.67 23.33 16.71
CA PRO D 600 38.89 23.28 15.89
C PRO D 600 39.34 21.86 15.59
N VAL D 601 39.07 20.92 16.49
CA VAL D 601 39.42 19.52 16.24
C VAL D 601 38.45 18.92 15.23
N HIS D 602 37.16 19.19 15.42
CA HIS D 602 36.14 18.76 14.46
C HIS D 602 36.47 19.28 13.06
N LYS D 603 36.84 20.56 12.96
CA LYS D 603 37.17 21.15 11.67
C LYS D 603 38.34 20.42 11.02
N GLU D 604 39.39 20.14 11.79
CA GLU D 604 40.60 19.57 11.19
C GLU D 604 40.42 18.11 10.79
N THR D 605 39.56 17.36 11.50
CA THR D 605 39.41 15.93 11.24
C THR D 605 38.22 15.59 10.37
N PHE D 606 37.41 16.58 10.00
CA PHE D 606 36.10 16.36 9.40
C PHE D 606 36.13 15.37 8.23
N TYR D 607 37.06 15.56 7.28
CA TYR D 607 37.05 14.76 6.06
C TYR D 607 37.89 13.51 6.15
N SER D 608 38.58 13.32 7.27
CA SER D 608 39.63 12.31 7.35
C SER D 608 39.07 10.96 7.75
N GLU D 609 39.91 9.94 7.63
CA GLU D 609 39.58 8.64 8.17
C GLU D 609 39.96 8.59 9.64
N LEU D 610 39.05 8.09 10.47
CA LEU D 610 39.40 7.69 11.83
C LEU D 610 40.25 6.43 11.70
N LYS D 611 41.57 6.60 11.77
CA LYS D 611 42.44 5.48 11.46
C LYS D 611 42.44 4.43 12.55
N SER D 612 42.44 4.85 13.82
CA SER D 612 42.54 3.93 14.92
C SER D 612 41.93 4.54 16.17
N HIS D 613 41.47 3.66 17.04
CA HIS D 613 41.03 4.00 18.39
C HIS D 613 41.60 2.95 19.34
N GLU D 614 42.07 3.39 20.49
CA GLU D 614 42.62 2.48 21.50
C GLU D 614 42.16 2.90 22.89
N TYR D 615 41.91 1.91 23.74
CA TYR D 615 41.79 2.15 25.17
C TYR D 615 43.17 2.00 25.80
N LEU D 616 43.59 3.02 26.56
CA LEU D 616 44.94 3.08 27.09
C LEU D 616 45.04 2.83 28.59
N SER D 617 43.92 2.83 29.31
CA SER D 617 43.94 2.56 30.74
C SER D 617 43.17 1.29 31.05
N ALA D 618 43.48 0.69 32.20
CA ALA D 618 42.84 -0.56 32.61
C ALA D 618 41.32 -0.40 32.74
N ASP D 619 40.83 0.79 33.10
CA ASP D 619 39.40 0.99 33.29
C ASP D 619 38.70 1.50 32.02
N TYR D 620 39.41 1.56 30.89
CA TYR D 620 38.87 1.95 29.58
C TYR D 620 38.47 3.42 29.50
N LYS D 621 38.77 4.22 30.51
CA LYS D 621 38.38 5.62 30.52
C LYS D 621 39.37 6.52 29.77
N VAL D 622 40.62 6.10 29.58
CA VAL D 622 41.60 6.89 28.84
C VAL D 622 41.75 6.29 27.45
N GLN D 623 41.58 7.11 26.42
CA GLN D 623 41.49 6.62 25.05
C GLN D 623 42.26 7.50 24.09
N ARG D 624 42.66 6.91 22.96
CA ARG D 624 43.41 7.63 21.93
C ARG D 624 42.82 7.32 20.56
N SER D 625 42.59 8.36 19.77
CA SER D 625 42.12 8.24 18.41
C SER D 625 43.08 8.97 17.47
N ARG D 626 43.36 8.37 16.33
CA ARG D 626 44.24 8.96 15.33
C ARG D 626 43.50 9.08 14.01
N PHE D 627 43.48 10.29 13.47
CA PHE D 627 42.82 10.60 12.22
C PHE D 627 43.86 10.81 11.12
N SER D 628 43.46 10.51 9.88
CA SER D 628 44.39 10.59 8.76
C SER D 628 44.70 12.04 8.37
N SER D 629 44.04 13.02 8.96
CA SER D 629 44.49 14.39 8.81
C SER D 629 45.81 14.65 9.53
N GLY D 630 46.28 13.70 10.34
CA GLY D 630 47.43 13.93 11.18
C GLY D 630 47.11 14.39 12.58
N THR D 631 45.87 14.22 13.03
CA THR D 631 45.43 14.64 14.35
C THR D 631 45.34 13.45 15.29
N GLU D 632 45.86 13.62 16.50
CA GLU D 632 45.74 12.62 17.54
C GLU D 632 45.01 13.22 18.73
N VAL D 633 43.98 12.52 19.20
CA VAL D 633 43.18 12.94 20.36
C VAL D 633 43.37 11.91 21.46
N ILE D 634 43.94 12.32 22.58
CA ILE D 634 43.94 11.53 23.81
C ILE D 634 43.00 12.23 24.79
N ALA D 635 42.07 11.46 25.37
CA ALA D 635 41.14 12.03 26.35
C ALA D 635 40.91 11.04 27.47
N ASN D 636 40.62 11.59 28.64
CA ASN D 636 40.41 10.83 29.88
C ASN D 636 38.99 11.11 30.34
N LEU D 637 38.09 10.13 30.19
CA LEU D 637 36.68 10.34 30.45
C LEU D 637 36.29 10.04 31.90
N GLY D 638 37.27 9.84 32.78
CA GLY D 638 37.01 9.59 34.18
C GLY D 638 37.52 10.71 35.05
N PRO D 639 37.21 10.66 36.35
CA PRO D 639 37.55 11.79 37.24
C PRO D 639 39.00 11.86 37.71
N VAL D 640 39.77 10.77 37.71
CA VAL D 640 41.12 10.79 38.29
C VAL D 640 42.16 10.85 37.17
N ALA D 641 43.24 11.59 37.40
CA ALA D 641 44.34 11.61 36.45
C ALA D 641 44.93 10.22 36.33
N GLN D 642 45.33 9.84 35.12
CA GLN D 642 45.93 8.53 34.87
C GLN D 642 47.10 8.69 33.93
N LYS D 643 48.11 7.83 34.12
CA LYS D 643 49.28 7.81 33.25
C LYS D 643 49.08 6.79 32.14
N ILE D 644 49.59 7.11 30.96
CA ILE D 644 49.48 6.21 29.81
C ILE D 644 50.89 5.81 29.37
N GLU D 645 50.94 4.83 28.46
CA GLU D 645 52.19 4.30 27.91
C GLU D 645 53.20 5.40 27.63
N GLY D 646 54.43 5.20 28.08
CA GLY D 646 55.43 6.23 27.86
C GLY D 646 55.28 7.47 28.74
N GLY D 647 54.75 7.30 29.96
CA GLY D 647 54.91 8.25 31.06
C GLY D 647 53.87 9.36 31.18
N ILE D 648 53.22 9.74 30.08
CA ILE D 648 52.37 10.94 30.09
C ILE D 648 51.19 10.75 31.04
N SER D 649 50.86 11.80 31.78
CA SER D 649 49.69 11.82 32.64
C SER D 649 48.58 12.65 32.00
N ILE D 650 47.36 12.11 31.98
CA ILE D 650 46.20 12.81 31.44
C ILE D 650 45.27 13.14 32.61
N PRO D 651 44.93 14.41 32.83
CA PRO D 651 44.06 14.75 33.96
C PRO D 651 42.67 14.14 33.81
N GLY D 652 42.01 13.95 34.96
CA GLY D 652 40.60 13.59 34.94
C GLY D 652 39.85 14.58 34.08
N TYR D 653 38.94 14.09 33.22
CA TYR D 653 38.20 14.93 32.27
C TYR D 653 39.14 15.86 31.49
N GLY D 654 40.31 15.33 31.14
CA GLY D 654 41.34 16.09 30.48
C GLY D 654 41.66 15.52 29.10
N TYR D 655 42.53 16.24 28.39
CA TYR D 655 42.82 15.92 27.00
C TYR D 655 44.26 16.27 26.67
N ARG D 656 44.76 15.60 25.65
CA ARG D 656 46.10 15.86 25.10
C ARG D 656 45.96 15.62 23.60
N ILE D 657 45.95 16.72 22.84
CA ILE D 657 45.60 16.74 21.43
C ILE D 657 46.82 17.21 20.64
N GLN D 658 47.21 16.43 19.64
CA GLN D 658 48.28 16.81 18.73
C GLN D 658 47.65 17.12 17.38
N MET D 659 47.74 18.40 16.98
CA MET D 659 47.20 18.86 15.71
C MET D 659 48.16 18.54 14.57
N LYS D 660 47.67 18.68 13.34
CA LYS D 660 48.49 18.28 12.20
C LYS D 660 49.70 19.20 11.98
N ASP D 661 49.70 20.40 12.55
CA ASP D 661 50.89 21.24 12.47
C ASP D 661 51.90 20.91 13.55
N GLY D 662 51.67 19.85 14.32
CA GLY D 662 52.60 19.43 15.34
C GLY D 662 52.39 20.04 16.70
N SER D 663 51.52 21.06 16.81
CA SER D 663 51.33 21.73 18.09
C SER D 663 50.54 20.85 19.05
N LEU D 664 50.79 21.05 20.34
CA LEU D 664 50.22 20.25 21.41
C LEU D 664 49.21 21.10 22.17
N LYS D 665 48.00 20.56 22.35
CA LYS D 665 46.94 21.20 23.13
C LYS D 665 46.61 20.29 24.30
N THR D 666 46.72 20.81 25.52
CA THR D 666 46.44 20.07 26.74
C THR D 666 45.53 20.88 27.65
N GLY D 667 44.69 20.19 28.40
CA GLY D 667 43.82 20.85 29.35
C GLY D 667 42.86 19.88 30.00
N HIS D 668 41.88 20.45 30.71
CA HIS D 668 40.93 19.62 31.43
C HIS D 668 39.74 20.47 31.86
N PHE D 669 38.60 19.79 32.02
CA PHE D 669 37.40 20.42 32.53
C PHE D 669 37.43 20.48 34.04
N GLN D 670 36.75 21.48 34.59
CA GLN D 670 36.70 21.66 36.03
C GLN D 670 35.28 22.03 36.45
N VAL D 671 34.79 21.38 37.50
CA VAL D 671 33.54 21.77 38.15
C VAL D 671 33.91 22.45 39.45
N SER D 672 33.36 23.64 39.69
CA SER D 672 33.67 24.37 40.90
C SER D 672 32.39 24.96 41.48
N LEU D 673 32.46 25.27 42.77
CA LEU D 673 31.36 25.83 43.53
C LEU D 673 31.67 27.28 43.85
N HIS D 674 30.81 28.19 43.38
N HIS D 674 30.80 28.18 43.40
CA HIS D 674 30.94 29.61 43.68
CA HIS D 674 30.92 29.61 43.68
C HIS D 674 29.97 29.95 44.80
C HIS D 674 29.96 29.96 44.81
N MET D 675 30.49 30.14 46.01
CA MET D 675 29.67 30.51 47.16
C MET D 675 29.59 32.04 47.27
N ASP D 676 28.35 32.55 47.18
CA ASP D 676 27.87 33.97 47.12
C ASP D 676 27.19 34.27 45.74
C01 A1H36 E . -18.81 3.46 -48.76
C02 A1H36 E . -20.02 1.35 -48.75
C03 A1H36 E . -18.74 0.71 -49.15
C04 A1H36 E . -17.73 1.27 -48.27
C05 A1H36 E . -17.59 2.59 -49.00
C06 A1H36 E . -17.61 2.17 -50.38
N01 A1H36 E . -20.06 2.78 -49.00
O03 A1H36 E . -18.41 1.07 -50.45
O04 A1H36 E . -16.59 0.48 -48.24
CL CL F . -33.27 -2.93 -38.36
C1 EDO G . -1.56 5.60 -58.25
O1 EDO G . -1.74 6.99 -58.58
C2 EDO G . -2.03 4.69 -59.38
O2 EDO G . -1.31 3.44 -59.36
C1 EDO H . -33.05 -4.52 -8.28
O1 EDO H . -32.38 -5.67 -7.76
C2 EDO H . -32.92 -3.33 -7.34
O2 EDO H . -31.76 -2.54 -7.69
C1 PGE I . -18.41 5.14 -37.51
O1 PGE I . -17.62 6.28 -37.15
C2 PGE I . -18.17 4.72 -38.96
O2 PGE I . -19.32 4.89 -39.80
C3 PGE I . -19.04 4.92 -41.19
C4 PGE I . -18.52 6.31 -41.56
O4 PGE I . -18.58 8.43 -45.42
C6 PGE I . -17.76 7.37 -44.92
C5 PGE I . -17.58 7.49 -43.42
O3 PGE I . -17.79 6.23 -42.79
O1 TLA J . -16.35 1.68 -39.77
O11 TLA J . -17.36 0.27 -41.13
C1 TLA J . -17.28 0.86 -40.01
C2 TLA J . -18.30 0.59 -38.91
O2 TLA J . -18.01 1.32 -37.75
C3 TLA J . -18.29 -0.89 -38.54
O3 TLA J . -17.01 -1.28 -38.10
C4 TLA J . -19.33 -1.06 -37.43
O4 TLA J . -18.99 -1.16 -36.22
O41 TLA J . -20.54 -1.09 -37.75
NA NA K . -37.19 8.29 -57.27
NA NA L . -17.87 6.92 -23.01
O1 TLA M . -14.23 -0.46 -21.30
O11 TLA M . -14.86 0.85 -22.95
C1 TLA M . -14.60 0.67 -21.73
C2 TLA M . -14.73 1.83 -20.74
O2 TLA M . -14.90 3.02 -21.48
C3 TLA M . -13.42 1.87 -19.92
O3 TLA M . -12.37 2.15 -20.80
C4 TLA M . -13.49 2.94 -18.84
O4 TLA M . -12.67 3.90 -18.89
O41 TLA M . -14.34 2.87 -17.92
C1 EDO N . -28.44 18.65 -4.14
O1 EDO N . -27.37 19.55 -4.43
C2 EDO N . -29.50 18.70 -5.24
O2 EDO N . -30.80 18.44 -4.69
C1 EDO O . -15.33 17.51 -43.68
O1 EDO O . -14.10 16.78 -43.77
C2 EDO O . -15.94 17.77 -45.05
O2 EDO O . -17.12 18.55 -44.75
C1 EDO P . -41.29 -2.70 -20.93
O1 EDO P . -41.27 -1.81 -19.82
C2 EDO P . -40.97 -4.12 -20.46
O2 EDO P . -42.19 -4.78 -20.18
C1 PGE Q . -25.33 -20.42 -59.75
O1 PGE Q . -26.06 -20.88 -60.89
C2 PGE Q . -24.89 -18.98 -59.94
O2 PGE Q . -24.07 -18.87 -61.08
C3 PGE Q . -23.23 -17.72 -61.07
C4 PGE Q . -22.73 -17.45 -62.47
O4 PGE Q . -21.14 -18.83 -66.50
C6 PGE Q . -21.21 -19.27 -65.15
C5 PGE Q . -22.43 -18.62 -64.50
O3 PGE Q . -22.32 -18.66 -63.09
C1 EDO R . -5.70 -6.29 -55.80
O1 EDO R . -4.44 -5.61 -55.70
C2 EDO R . -5.56 -7.62 -56.52
O2 EDO R . -5.20 -8.68 -55.60
C1 EDO S . -14.82 -20.90 -53.25
O1 EDO S . -13.53 -20.58 -53.82
C2 EDO S . -15.81 -21.34 -54.34
O2 EDO S . -17.17 -21.48 -53.86
C01 A1H36 T . -16.15 -9.80 -13.79
C02 A1H36 T . -17.35 -11.47 -15.00
C03 A1H36 T . -18.64 -10.72 -14.64
C04 A1H36 T . -18.36 -9.28 -14.81
C05 A1H36 T . -17.49 -9.12 -13.59
C06 A1H36 T . -18.24 -9.91 -12.63
N01 A1H36 T . -16.24 -11.20 -14.12
O03 A1H36 T . -18.91 -10.86 -13.33
O04 A1H36 T . -19.55 -8.53 -14.79
CL CL U . -12.21 -19.57 -29.30
C1 EDO V . -20.07 -8.20 6.82
O1 EDO V . -20.30 -9.62 6.95
C2 EDO V . -18.59 -7.82 6.72
O2 EDO V . -18.37 -6.44 7.04
C1 EDO W . -24.81 1.40 -0.07
O1 EDO W . -23.53 1.36 0.58
C2 EDO W . -25.64 0.19 0.38
O2 EDO W . -27.03 0.44 0.11
C1 EDO X . -40.01 -16.61 -19.27
O1 EDO X . -39.77 -15.55 -18.33
C2 EDO X . -39.09 -17.81 -18.99
O2 EDO X . -39.50 -18.96 -19.74
C1 EDO Y . 9.70 -7.96 -13.37
O1 EDO Y . 10.31 -9.25 -13.46
C2 EDO Y . 10.76 -6.94 -12.96
O2 EDO Y . 10.53 -5.70 -13.66
C1 PGE Z . -11.68 -5.26 -15.95
O1 PGE Z . -11.71 -6.30 -14.97
C2 PGE Z . -12.76 -5.52 -16.98
O2 PGE Z . -12.19 -5.55 -18.29
C3 PGE Z . -13.09 -6.03 -19.28
C4 PGE Z . -12.36 -6.27 -20.59
O4 PGE Z . -11.10 -2.12 -22.43
C6 PGE Z . -11.78 -3.36 -22.69
C5 PGE Z . -12.01 -4.04 -21.35
O3 PGE Z . -12.69 -5.26 -21.54
C1 PGE AA . -1.75 -17.10 -48.22
O1 PGE AA . -0.90 -17.31 -49.36
C2 PGE AA . -1.98 -18.40 -47.47
O2 PGE AA . -3.19 -18.33 -46.73
C3 PGE AA . -3.96 -19.53 -46.80
C4 PGE AA . -4.80 -19.47 -48.06
O4 PGE AA . -5.26 -20.59 -51.31
C6 PGE AA . -5.39 -21.77 -50.50
C5 PGE AA . -4.62 -21.59 -49.21
O3 PGE AA . -5.36 -20.75 -48.33
O1 TLA BA . -16.65 -6.11 -26.36
O11 TLA BA . -16.18 -8.08 -25.48
C1 TLA BA . -16.64 -6.92 -25.39
C2 TLA BA . -17.25 -6.44 -24.07
O2 TLA BA . -18.09 -5.33 -24.32
C3 TLA BA . -16.07 -6.11 -23.16
O3 TLA BA . -15.29 -5.09 -23.74
C4 TLA BA . -16.63 -5.60 -21.85
O4 TLA BA . -16.43 -4.38 -21.57
O41 TLA BA . -17.28 -6.36 -21.08
C1 PEG CA . -35.99 -27.35 -15.65
O1 PEG CA . -37.17 -28.10 -15.63
C2 PEG CA . -36.14 -26.06 -14.83
O2 PEG CA . -35.59 -26.23 -13.54
C3 PEG CA . -35.96 -25.27 -12.59
C4 PEG CA . -37.44 -25.41 -12.26
O4 PEG CA . -37.64 -25.95 -10.98
NA NA DA . -6.22 -27.51 -9.30
NA NA EA . -6.30 3.10 -34.06
C1 EDO FA . -21.30 -33.48 -45.57
O1 EDO FA . -19.88 -33.30 -45.56
C2 EDO FA . -21.82 -32.93 -44.26
O2 EDO FA . -23.26 -32.94 -44.28
C01 A1H36 GA . 23.97 -5.69 46.49
C02 A1H36 GA . 25.12 -3.58 46.67
C03 A1H36 GA . 26.19 -4.19 45.76
C04 A1H36 GA . 25.51 -4.95 44.73
C05 A1H36 GA . 25.11 -6.10 45.60
C06 A1H36 GA . 26.32 -6.29 46.39
N01 A1H36 GA . 24.26 -4.54 47.31
O03 A1H36 GA . 26.95 -5.10 46.42
O04 A1H36 GA . 26.40 -5.35 43.75
CL CL HA . 17.72 12.07 46.21
C1 PGE IA . 18.23 -6.81 44.61
O1 PGE IA . 18.83 -8.00 45.10
C2 PGE IA . 18.15 -6.83 43.10
O2 PGE IA . 18.49 -5.57 42.54
C3 PGE IA . 17.49 -4.58 42.59
C4 PGE IA . 17.59 -3.62 41.41
O4 PGE IA . 14.53 -4.57 38.71
C6 PGE IA . 15.06 -3.25 38.70
C5 PGE IA . 16.47 -3.23 39.29
O3 PGE IA . 16.47 -3.87 40.57
C1 EDO JA . 34.79 -22.54 43.53
O1 EDO JA . 35.38 -21.49 42.76
C2 EDO JA . 33.28 -22.64 43.30
O2 EDO JA . 32.76 -23.83 43.95
C1 EDO KA . 39.55 -11.88 41.63
O1 EDO KA . 40.56 -11.86 42.67
C2 EDO KA . 40.08 -11.47 40.25
O2 EDO KA . 39.19 -11.93 39.22
C1 PGE LA . 1.71 24.98 41.63
O1 PGE LA . 0.70 24.04 41.94
C2 PGE LA . 2.15 24.77 40.19
O2 PGE LA . 2.77 23.50 40.07
C3 PGE LA . 4.12 23.52 39.66
C4 PGE LA . 4.25 24.16 38.29
O4 PGE LA . 5.65 28.51 37.71
C6 PGE LA . 5.50 27.62 38.80
C5 PGE LA . 4.51 26.54 38.41
O3 PGE LA . 5.13 25.27 38.44
O1 TLA MA . 10.48 -13.02 43.94
O11 TLA MA . 12.02 -11.47 44.04
C1 TLA MA . 11.44 -12.47 44.55
C2 TLA MA . 11.89 -12.99 45.91
O2 TLA MA . 13.26 -12.73 46.09
C3 TLA MA . 11.62 -14.50 45.98
O3 TLA MA . 12.46 -15.23 45.13
C4 TLA MA . 11.87 -14.97 47.41
O4 TLA MA . 12.96 -15.55 47.70
O41 TLA MA . 10.99 -14.75 48.29
O1 TLA NA . 19.25 1.32 36.33
O11 TLA NA . 19.44 1.78 38.46
C1 TLA NA . 19.72 1.05 37.47
C2 TLA NA . 20.62 -0.15 37.68
O2 TLA NA . 20.92 -0.73 36.44
C3 TLA NA . 19.87 -1.12 38.58
O3 TLA NA . 18.67 -1.39 37.93
C4 TLA NA . 20.68 -2.40 38.74
O4 TLA NA . 21.79 -2.41 39.34
O41 TLA NA . 20.20 -3.45 38.24
NA NA OA . 20.95 1.86 65.82
NA NA PA . 5.06 -0.07 29.68
C1 EDO QA . 38.60 -11.30 65.57
O1 EDO QA . 39.92 -10.74 65.52
C2 EDO QA . 37.55 -10.31 65.02
O2 EDO QA . 36.86 -10.82 63.87
O1 TLA RA . 5.50 1.53 22.53
O11 TLA RA . 5.98 -0.59 22.50
C1 TLA RA . 6.34 0.61 22.63
C2 TLA RA . 7.81 0.90 22.90
O2 TLA RA . 8.49 -0.33 22.95
C3 TLA RA . 7.98 1.61 24.24
O3 TLA RA . 7.51 0.80 25.29
C4 TLA RA . 9.46 1.87 24.46
O4 TLA RA . 10.05 1.31 25.43
O41 TLA RA . 10.10 2.65 23.69
C1 EDO SA . 34.99 -17.59 63.50
O1 EDO SA . 34.53 -16.35 64.03
C2 EDO SA . 33.77 -18.42 63.11
O2 EDO SA . 33.90 -19.73 63.68
C1 EDO TA . -0.93 22.60 24.40
O1 EDO TA . -0.19 23.43 23.49
C2 EDO TA . -2.07 21.94 23.64
O2 EDO TA . -2.59 20.83 24.39
C01 A1H36 UA . 11.10 11.73 16.09
C02 A1H36 UA . 12.83 13.34 16.63
C03 A1H36 UA . 11.80 13.94 17.64
C04 A1H36 UA . 10.99 12.87 18.19
C05 A1H36 UA . 10.23 12.56 16.98
C06 A1H36 UA . 10.08 13.90 16.39
N01 A1H36 UA . 12.28 12.44 15.66
O03 A1H36 UA . 10.91 14.72 17.01
O04 A1H36 UA . 10.16 13.35 19.21
CL CL VA . 29.54 9.92 20.44
C1 PGE WA . 14.05 1.72 21.61
O1 PGE WA . 12.82 1.12 21.21
C2 PGE WA . 13.89 3.24 21.63
O2 PGE WA . 14.10 3.79 20.34
C3 PGE WA . 13.77 5.16 20.21
C4 PGE WA . 13.44 5.49 18.76
O4 PGE WA . 10.36 6.11 15.64
C6 PGE WA . 11.14 5.12 16.28
C5 PGE WA . 11.25 5.45 17.76
O3 PGE WA . 12.32 4.74 18.35
C1 EDO XA . -8.12 16.79 16.89
O1 EDO XA . -7.98 18.23 16.97
C2 EDO XA . -7.91 16.34 15.44
O2 EDO XA . -8.49 15.05 15.17
C1 EDO YA . -3.60 20.53 4.60
O1 EDO YA . -3.74 21.94 4.87
C2 EDO YA . -4.97 19.94 4.30
O2 EDO YA . -4.85 18.52 4.18
C1 PGE ZA . 43.94 -5.75 27.22
O1 PGE ZA . 43.97 -6.62 28.35
C2 PGE ZA . 42.68 -4.89 27.22
O2 PGE ZA . 42.89 -3.49 27.03
C3 PGE ZA . 42.33 -2.76 28.09
C4 PGE ZA . 43.15 -1.50 28.32
O4 PGE ZA . 47.19 -1.83 27.25
C6 PGE ZA . 46.82 -1.18 28.47
C5 PGE ZA . 45.38 -0.71 28.39
O3 PGE ZA . 44.52 -1.84 28.45
O1 TLA AB . 12.41 6.35 23.48
O11 TLA AB . 13.23 8.33 23.06
C1 TLA AB . 13.39 7.13 23.43
C2 TLA AB . 14.77 6.59 23.84
O2 TLA AB . 14.69 5.23 24.14
C3 TLA AB . 15.28 7.33 25.08
O3 TLA AB . 14.33 7.24 26.11
C4 TLA AB . 16.61 6.68 25.51
O4 TLA AB . 16.67 5.93 26.52
O41 TLA AB . 17.64 6.92 24.83
NA NA BB . 23.77 16.94 0.23
NA NA CB . 18.36 -9.65 28.67
C1 EDO DB . 35.59 -30.69 17.42
O1 EDO DB . 34.53 -29.73 17.50
C2 EDO DB . 36.13 -30.84 15.99
O2 EDO DB . 36.97 -32.02 15.90
#